data_7LEZ
#
_entry.id   7LEZ
#
_cell.length_a   1.00
_cell.length_b   1.00
_cell.length_c   1.00
_cell.angle_alpha   90.00
_cell.angle_beta   90.00
_cell.angle_gamma   90.00
#
_symmetry.space_group_name_H-M   'P 1'
#
loop_
_entity.id
_entity.type
_entity.pdbx_description
1 polymer 'mAb1 heavy chain'
2 polymer 'mAb1 light chain'
3 polymer Arginase-1
4 non-polymer 'MANGANESE (II) ION'
#
loop_
_entity_poly.entity_id
_entity_poly.type
_entity_poly.pdbx_seq_one_letter_code
_entity_poly.pdbx_strand_id
1 'polypeptide(L)'
;QVQLVQSGAEVKKPGASVKVSCKASGYTFTNYGISWVRQAPGQGLEWMGWISAYNGNTNYAQKLQGRVTMTTDTSTSTAY
MELRSLRSDDTAVYYCAREGAYGYRSPYHNWFDPWGQGTLVTVSSAKTTAPSVYPLAPVCGDTTGSSVTLGCLVKGYFPE
PVTLTWNSGSLSSGVHTFPAVLQSDLYTLSSSVTVTSSTWPSQSITCNVAHPASSTKVDKKIEPRGPTIKPCPPCKCPAP
NLLGGPSVFIFPPKIKDVLMISLSPIVTCVVVDVSEDDPDVQISWFVNNVEVHTAQTQTHREDYNSTLRVVSALPIQHQD
WMSGKEFKCKVNNKDLPAPIERTISKPKGSVRAPQVYVLPPPEEEMTKKQVTLTCMVTDFMPEDIYVEWTNNGKTELNYK
NTEPVLDSDGSYFMYSKLRVEKKNWVERNSYSCSVVHEGLHNHHTTKSFSRTPGK
;
D,G,R,Q
2 'polypeptide(L)'
;EIVMTQSPATLSLSPGERATLSCRASQSVSSYLAWYQQKPGQAPRLLIYDASNRATGIPARFSGSGSGTDFTLTISSLEP
EDFAVYYCQQHSLLPRTFGGGTKVEIKRADAAPTVSIFPPSSEQLTSGGASVVCFLNNFYPKDINVKWKIDGSERQNGVL
NSWTDQDSKDSTYSMSSTLTLTKDEYERHNSYTCEATHKTSTSPIVKSFNRNEC
;
E,I,P,O
3 'polypeptide(L)'
;MSAKSRTIGIIGAPFSKGQPRGGVEEGPTVLRKAGLLEKLKEQECDVKDYGDLPFADIPNDSPFQIVKNPRSVGKASEQL
AGKVAEVKKNGRISLVLGGDHSLAIGSISGHARVHPDLGVIWVDAHTDINTPLTTTSGNLHGQPVSFLLKELKGKIPDVP
GFSWVTPCISAKDIVYIGLRDVDPGEHYILKTLGIKYFSMTEVDRLGIGKVMEETLSYLLGRKKRPIHLSFDVDGLDPSF
TPATGTPVVGGLTYREGLYITEEIYKTGLLSGLDIMEVNPSLGKTPEEVTRTVNTAVAITLACFGLAREGNHKPIDYLNP
PK
;
A,B,C,M,N,J
#
loop_
_chem_comp.id
_chem_comp.type
_chem_comp.name
_chem_comp.formula
MN non-polymer 'MANGANESE (II) ION' 'Mn 2'
#
# COMPACT_ATOMS: atom_id res chain seq x y z
N GLN A 1 -28.79 28.51 -5.47
CA GLN A 1 -27.54 28.41 -6.22
C GLN A 1 -27.37 27.02 -6.79
N VAL A 2 -26.10 26.63 -6.98
CA VAL A 2 -25.77 25.29 -7.44
C VAL A 2 -26.00 24.32 -6.30
N GLN A 3 -26.97 23.42 -6.46
CA GLN A 3 -27.30 22.44 -5.44
C GLN A 3 -27.49 21.07 -6.04
N LEU A 4 -27.76 20.11 -5.17
CA LEU A 4 -28.43 18.86 -5.54
C LEU A 4 -29.40 18.50 -4.43
N VAL A 5 -30.69 18.53 -4.74
CA VAL A 5 -31.70 18.03 -3.83
C VAL A 5 -31.85 16.55 -4.09
N GLN A 6 -31.44 15.73 -3.13
CA GLN A 6 -31.57 14.29 -3.28
C GLN A 6 -32.90 13.82 -2.73
N SER A 7 -33.20 12.56 -3.02
CA SER A 7 -34.33 11.83 -2.43
C SER A 7 -34.10 10.36 -2.70
N GLY A 8 -34.24 9.51 -1.68
CA GLY A 8 -34.54 9.89 -0.31
C GLY A 8 -34.22 8.69 0.56
N ALA A 9 -34.13 8.90 1.88
CA ALA A 9 -33.68 7.88 2.82
C ALA A 9 -34.65 6.69 2.84
N GLU A 10 -34.13 5.51 2.54
CA GLU A 10 -34.93 4.33 2.28
C GLU A 10 -34.11 3.08 2.54
N VAL A 11 -34.75 2.06 3.10
CA VAL A 11 -34.08 0.81 3.46
C VAL A 11 -34.70 -0.34 2.67
N LYS A 12 -33.85 -1.25 2.19
CA LYS A 12 -34.28 -2.40 1.40
C LYS A 12 -33.57 -3.65 1.89
N LYS A 13 -34.22 -4.81 1.70
CA LYS A 13 -33.90 -5.95 2.55
C LYS A 13 -32.59 -6.68 2.22
N PRO A 14 -32.49 -7.70 1.28
CA PRO A 14 -31.44 -7.64 0.26
C PRO A 14 -31.99 -7.39 -1.12
N GLY A 15 -33.27 -7.04 -1.23
CA GLY A 15 -34.00 -7.27 -2.45
C GLY A 15 -33.85 -6.19 -3.50
N ALA A 16 -34.96 -5.57 -3.89
CA ALA A 16 -34.96 -4.54 -4.91
C ALA A 16 -34.22 -3.30 -4.41
N SER A 17 -33.96 -2.38 -5.34
CA SER A 17 -32.93 -1.38 -5.13
C SER A 17 -33.57 -0.08 -4.68
N VAL A 18 -32.73 0.95 -4.53
CA VAL A 18 -33.16 2.30 -4.26
C VAL A 18 -32.70 3.15 -5.43
N LYS A 19 -33.61 3.38 -6.39
CA LYS A 19 -33.37 4.41 -7.39
C LYS A 19 -33.34 5.76 -6.67
N VAL A 20 -32.15 6.32 -6.52
CA VAL A 20 -31.99 7.53 -5.73
C VAL A 20 -32.21 8.72 -6.64
N SER A 21 -33.25 9.50 -6.35
CA SER A 21 -33.47 10.74 -7.07
C SER A 21 -32.38 11.74 -6.69
N CYS A 22 -31.77 12.34 -7.69
CA CYS A 22 -30.69 13.31 -7.50
C CYS A 22 -31.04 14.53 -8.36
N LYS A 23 -31.87 15.42 -7.83
CA LYS A 23 -32.42 16.51 -8.62
C LYS A 23 -31.43 17.67 -8.66
N ALA A 24 -31.17 18.17 -9.86
CA ALA A 24 -30.25 19.28 -10.05
C ALA A 24 -31.02 20.56 -10.39
N SER A 25 -30.36 21.69 -10.15
CA SER A 25 -30.88 23.00 -10.45
C SER A 25 -29.73 23.98 -10.45
N GLY A 26 -30.04 25.26 -10.62
CA GLY A 26 -29.03 26.30 -10.58
C GLY A 26 -28.15 26.33 -11.81
N TYR A 27 -27.29 25.34 -11.97
CA TYR A 27 -26.42 25.26 -13.13
C TYR A 27 -27.16 24.61 -14.29
N THR A 28 -26.74 24.96 -15.49
CA THR A 28 -27.32 24.37 -16.70
C THR A 28 -26.94 22.89 -16.79
N PHE A 29 -27.94 22.06 -17.03
CA PHE A 29 -27.70 20.63 -17.03
C PHE A 29 -27.29 20.18 -18.43
N THR A 30 -26.63 19.00 -18.50
CA THR A 30 -25.93 18.45 -19.67
C THR A 30 -24.79 19.34 -20.16
N ASN A 31 -24.41 20.33 -19.36
CA ASN A 31 -23.14 21.01 -19.53
C ASN A 31 -22.18 20.43 -18.51
N TYR A 32 -22.65 19.49 -17.69
CA TYR A 32 -21.87 18.88 -16.63
C TYR A 32 -22.32 17.42 -16.49
N GLY A 33 -21.74 16.73 -15.51
CA GLY A 33 -22.03 15.32 -15.33
C GLY A 33 -22.06 14.89 -13.88
N ILE A 34 -23.04 14.06 -13.53
CA ILE A 34 -23.28 13.67 -12.15
C ILE A 34 -22.75 12.27 -11.89
N SER A 35 -22.06 12.09 -10.75
CA SER A 35 -21.55 10.82 -10.29
C SER A 35 -22.22 10.39 -9.00
N TRP A 36 -21.66 9.33 -8.40
CA TRP A 36 -22.20 8.73 -7.18
C TRP A 36 -21.08 8.23 -6.30
N VAL A 37 -21.31 8.28 -4.99
CA VAL A 37 -20.34 7.83 -3.99
C VAL A 37 -21.08 7.28 -2.77
N ARG A 38 -20.70 6.07 -2.36
CA ARG A 38 -21.17 5.44 -1.13
C ARG A 38 -20.30 5.87 0.05
N GLN A 39 -20.92 5.91 1.23
CA GLN A 39 -20.16 6.07 2.46
C GLN A 39 -20.84 5.26 3.56
N ALA A 40 -20.21 4.17 3.96
CA ALA A 40 -20.61 3.51 5.18
C ALA A 40 -20.19 4.37 6.37
N PRO A 41 -21.00 4.40 7.43
CA PRO A 41 -20.64 5.23 8.60
C PRO A 41 -19.42 4.67 9.32
N GLY A 42 -18.56 5.57 9.79
CA GLY A 42 -17.32 5.16 10.41
C GLY A 42 -16.30 4.61 9.44
N GLN A 43 -16.45 4.90 8.14
CA GLN A 43 -15.59 4.37 7.10
C GLN A 43 -15.13 5.49 6.19
N GLY A 44 -14.33 5.13 5.19
CA GLY A 44 -14.02 6.01 4.09
C GLY A 44 -15.16 6.04 3.09
N LEU A 45 -14.86 6.57 1.91
CA LEU A 45 -15.86 6.76 0.87
C LEU A 45 -15.36 6.13 -0.43
N GLU A 46 -16.28 5.53 -1.17
CA GLU A 46 -15.96 4.98 -2.49
C GLU A 46 -16.90 5.59 -3.52
N TRP A 47 -16.32 6.32 -4.47
CA TRP A 47 -17.01 6.62 -5.72
C TRP A 47 -17.41 5.32 -6.42
N MET A 48 -18.55 5.35 -7.10
CA MET A 48 -19.10 4.10 -7.59
C MET A 48 -19.71 4.20 -8.99
N GLY A 49 -19.49 5.28 -9.70
CA GLY A 49 -20.03 5.42 -11.04
C GLY A 49 -20.25 6.87 -11.38
N TRP A 50 -19.97 7.22 -12.63
CA TRP A 50 -20.15 8.57 -13.15
C TRP A 50 -20.73 8.49 -14.54
N ILE A 51 -21.84 9.18 -14.77
CA ILE A 51 -22.34 9.38 -16.12
C ILE A 51 -22.10 10.82 -16.55
N SER A 52 -21.80 10.99 -17.84
CA SER A 52 -21.95 12.29 -18.47
C SER A 52 -23.42 12.46 -18.80
N ALA A 53 -23.97 13.62 -18.46
CA ALA A 53 -25.31 13.94 -18.91
C ALA A 53 -25.34 14.34 -20.37
N TYR A 54 -24.16 14.59 -20.96
CA TYR A 54 -24.04 14.99 -22.35
C TYR A 54 -24.57 13.91 -23.28
N ASN A 55 -23.97 12.71 -23.25
CA ASN A 55 -24.51 11.59 -24.01
C ASN A 55 -24.20 10.27 -23.28
N GLY A 56 -25.12 9.89 -22.39
CA GLY A 56 -25.30 8.54 -21.85
C GLY A 56 -24.11 7.66 -21.54
N ASN A 57 -22.97 8.24 -21.22
CA ASN A 57 -21.72 7.50 -21.10
C ASN A 57 -21.71 6.88 -19.70
N THR A 58 -21.85 5.56 -19.64
CA THR A 58 -22.21 4.89 -18.40
C THR A 58 -21.07 4.91 -17.38
N ASN A 59 -19.95 4.26 -17.72
CA ASN A 59 -18.65 4.41 -17.06
C ASN A 59 -18.71 4.07 -15.56
N TYR A 60 -18.98 2.81 -15.26
CA TYR A 60 -19.16 2.41 -13.87
C TYR A 60 -17.81 2.11 -13.22
N ALA A 61 -17.85 1.57 -12.01
CA ALA A 61 -16.65 1.34 -11.20
C ALA A 61 -16.38 -0.15 -11.05
N GLN A 62 -15.32 -0.45 -10.30
CA GLN A 62 -14.93 -1.82 -10.03
C GLN A 62 -15.72 -2.37 -8.85
N LYS A 63 -15.93 -3.70 -8.86
CA LYS A 63 -16.62 -4.58 -7.90
C LYS A 63 -18.13 -4.48 -8.04
N LEU A 64 -18.63 -3.63 -8.95
CA LEU A 64 -20.07 -3.51 -9.20
C LEU A 64 -20.19 -2.88 -10.59
N GLN A 65 -20.69 -3.66 -11.54
CA GLN A 65 -20.49 -3.36 -12.96
C GLN A 65 -21.77 -3.06 -13.75
N GLY A 66 -22.81 -3.93 -13.83
CA GLY A 66 -23.10 -5.12 -13.07
C GLY A 66 -24.18 -4.82 -12.06
N ARG A 67 -23.77 -4.59 -10.82
CA ARG A 67 -24.73 -4.26 -9.77
C ARG A 67 -25.35 -2.88 -10.00
N VAL A 68 -24.55 -1.91 -10.41
CA VAL A 68 -25.04 -0.54 -10.62
C VAL A 68 -25.71 -0.38 -11.97
N THR A 69 -26.73 0.48 -12.01
CA THR A 69 -27.25 1.09 -13.22
C THR A 69 -27.38 2.59 -12.96
N MET A 70 -27.06 3.41 -13.96
CA MET A 70 -27.12 4.86 -13.86
C MET A 70 -27.58 5.45 -15.19
N THR A 71 -28.67 6.20 -15.16
CA THR A 71 -29.21 6.85 -16.34
C THR A 71 -29.38 8.33 -16.09
N THR A 72 -29.83 9.05 -17.11
CA THR A 72 -30.21 10.44 -17.01
C THR A 72 -31.73 10.56 -17.18
N ASP A 73 -32.24 11.73 -16.85
CA ASP A 73 -33.65 12.04 -17.01
C ASP A 73 -33.80 13.47 -17.50
N THR A 74 -32.93 13.89 -18.41
CA THR A 74 -32.58 15.29 -18.58
C THR A 74 -33.67 16.24 -19.12
N SER A 75 -34.92 15.78 -19.17
CA SER A 75 -36.03 16.73 -19.14
C SER A 75 -35.96 17.58 -17.89
N THR A 76 -36.11 16.97 -16.73
CA THR A 76 -35.80 17.60 -15.45
C THR A 76 -34.40 17.17 -15.09
N SER A 77 -33.60 18.08 -14.58
CA SER A 77 -32.13 17.93 -14.45
C SER A 77 -31.68 16.76 -13.49
N THR A 78 -32.62 15.98 -12.97
CA THR A 78 -32.36 14.80 -12.14
C THR A 78 -31.47 13.78 -12.87
N ALA A 79 -30.77 13.00 -12.06
CA ALA A 79 -30.08 11.81 -12.52
C ALA A 79 -30.37 10.69 -11.52
N TYR A 80 -30.17 9.44 -11.91
CA TYR A 80 -30.59 8.33 -11.08
C TYR A 80 -29.52 7.26 -10.98
N MET A 81 -29.60 6.49 -9.89
CA MET A 81 -28.75 5.34 -9.65
C MET A 81 -29.55 4.27 -8.94
N GLU A 82 -29.71 3.12 -9.58
CA GLU A 82 -30.23 1.95 -8.90
C GLU A 82 -29.08 1.06 -8.44
N LEU A 83 -29.42 -0.15 -8.04
CA LEU A 83 -28.45 -1.16 -7.69
C LEU A 83 -29.07 -2.50 -8.08
N ARG A 84 -28.30 -3.57 -7.96
CA ARG A 84 -28.79 -4.91 -8.22
C ARG A 84 -28.01 -5.88 -7.34
N SER A 85 -28.72 -6.93 -6.89
CA SER A 85 -28.22 -7.93 -5.95
C SER A 85 -27.67 -7.26 -4.69
N LEU A 86 -28.59 -6.64 -3.96
CA LEU A 86 -28.24 -5.81 -2.82
C LEU A 86 -27.76 -6.68 -1.66
N ARG A 87 -27.09 -6.05 -0.71
CA ARG A 87 -26.24 -6.78 0.23
C ARG A 87 -25.97 -5.88 1.43
N SER A 88 -25.79 -6.52 2.60
CA SER A 88 -25.65 -5.81 3.86
C SER A 88 -24.30 -5.11 4.02
N ASP A 89 -23.40 -5.17 3.04
CA ASP A 89 -22.26 -4.27 3.01
C ASP A 89 -22.65 -2.88 2.54
N ASP A 90 -23.77 -2.77 1.84
CA ASP A 90 -24.25 -1.50 1.29
C ASP A 90 -25.16 -0.78 2.27
N THR A 91 -24.71 -0.68 3.52
CA THR A 91 -25.38 0.11 4.54
C THR A 91 -24.66 1.45 4.53
N ALA A 92 -24.94 2.24 3.50
CA ALA A 92 -24.10 3.39 3.20
C ALA A 92 -24.96 4.59 2.86
N VAL A 93 -24.41 5.76 3.13
CA VAL A 93 -25.02 7.03 2.70
C VAL A 93 -24.59 7.22 1.26
N TYR A 94 -25.56 7.42 0.37
CA TYR A 94 -25.26 7.57 -1.03
C TYR A 94 -25.32 9.04 -1.40
N TYR A 95 -24.19 9.59 -1.81
CA TYR A 95 -24.12 10.96 -2.25
C TYR A 95 -23.96 11.00 -3.76
N CYS A 96 -24.63 11.95 -4.39
CA CYS A 96 -24.36 12.30 -5.77
C CYS A 96 -23.74 13.68 -5.84
N ALA A 97 -22.84 13.87 -6.80
CA ALA A 97 -22.22 15.15 -7.04
C ALA A 97 -21.82 15.25 -8.50
N ARG A 98 -21.29 16.42 -8.87
CA ARG A 98 -21.17 16.85 -10.26
C ARG A 98 -19.69 16.85 -10.64
N GLU A 99 -19.27 15.82 -11.36
CA GLU A 99 -17.89 15.73 -11.79
C GLU A 99 -17.62 16.56 -13.03
N GLY A 100 -18.66 17.11 -13.65
CA GLY A 100 -18.51 17.74 -14.93
C GLY A 100 -18.50 16.72 -16.04
N ALA A 101 -19.18 17.01 -17.13
CA ALA A 101 -19.21 16.10 -18.26
C ALA A 101 -17.84 16.09 -18.91
N TYR A 102 -17.30 14.89 -19.11
CA TYR A 102 -15.99 14.77 -19.74
C TYR A 102 -16.15 14.48 -21.23
N GLY A 103 -16.95 15.31 -21.86
CA GLY A 103 -17.16 15.27 -23.27
C GLY A 103 -16.32 16.30 -23.96
N TYR A 104 -16.93 17.00 -24.91
CA TYR A 104 -16.17 17.93 -25.72
C TYR A 104 -16.61 19.37 -25.56
N ARG A 105 -17.90 19.63 -25.37
CA ARG A 105 -18.39 20.98 -25.17
C ARG A 105 -18.50 21.37 -23.71
N SER A 106 -17.92 20.58 -22.82
CA SER A 106 -18.24 20.75 -21.42
C SER A 106 -17.03 21.29 -20.65
N PRO A 107 -17.22 22.29 -19.80
CA PRO A 107 -16.10 22.99 -19.19
C PRO A 107 -15.31 22.11 -18.24
N TYR A 108 -14.05 22.52 -18.09
CA TYR A 108 -13.06 21.82 -17.27
C TYR A 108 -13.53 21.75 -15.84
N HIS A 109 -13.57 20.53 -15.31
CA HIS A 109 -14.19 20.28 -14.02
C HIS A 109 -13.59 18.99 -13.52
N ASN A 110 -13.15 18.96 -12.26
CA ASN A 110 -12.53 17.76 -11.71
C ASN A 110 -13.00 17.50 -10.28
N TRP A 111 -13.99 18.25 -9.81
CA TRP A 111 -13.92 18.60 -8.41
C TRP A 111 -15.20 18.57 -7.58
N PHE A 112 -16.33 18.09 -8.11
CA PHE A 112 -17.54 17.80 -7.33
C PHE A 112 -18.09 19.05 -6.62
N ASP A 113 -18.63 19.98 -7.42
CA ASP A 113 -19.17 21.20 -6.76
C ASP A 113 -20.71 21.38 -6.78
N PRO A 114 -21.55 20.39 -6.40
CA PRO A 114 -22.90 20.75 -5.95
C PRO A 114 -23.31 20.36 -4.52
N TRP A 115 -22.49 19.55 -3.84
CA TRP A 115 -22.90 18.29 -3.19
C TRP A 115 -24.31 18.15 -2.61
N GLY A 116 -24.98 17.06 -3.02
CA GLY A 116 -26.26 16.70 -2.45
C GLY A 116 -26.16 16.31 -0.98
N GLN A 117 -27.32 16.31 -0.34
CA GLN A 117 -27.42 16.19 1.10
C GLN A 117 -27.30 14.77 1.61
N GLY A 118 -27.44 13.77 0.74
CA GLY A 118 -27.27 12.39 1.15
C GLY A 118 -28.56 11.60 1.18
N THR A 119 -28.39 10.28 1.35
CA THR A 119 -29.48 9.33 1.25
C THR A 119 -29.14 8.15 2.16
N LEU A 120 -29.87 8.02 3.27
CA LEU A 120 -29.60 6.97 4.25
C LEU A 120 -30.16 5.65 3.76
N VAL A 121 -29.29 4.75 3.31
CA VAL A 121 -29.69 3.44 2.82
C VAL A 121 -28.91 2.38 3.59
N THR A 122 -29.64 1.52 4.29
CA THR A 122 -28.99 0.39 4.97
C THR A 122 -29.63 -0.88 4.43
N VAL A 123 -28.82 -1.81 3.92
CA VAL A 123 -29.48 -2.97 3.29
C VAL A 123 -29.66 -4.05 4.36
N SER A 124 -30.83 -4.03 5.00
CA SER A 124 -31.12 -4.97 6.11
C SER A 124 -32.52 -5.56 5.91
N SER A 125 -32.68 -6.84 6.19
CA SER A 125 -33.99 -7.50 5.94
C SER A 125 -34.79 -7.62 7.23
N ALA A 126 -34.41 -6.86 8.27
CA ALA A 126 -35.13 -6.92 9.53
C ALA A 126 -36.51 -6.27 9.38
N LYS A 127 -37.33 -6.46 10.41
CA LYS A 127 -38.66 -5.89 10.41
C LYS A 127 -38.68 -4.59 11.21
N THR A 128 -39.45 -3.63 10.70
CA THR A 128 -39.61 -2.33 11.35
C THR A 128 -40.34 -2.51 12.68
N THR A 129 -39.68 -2.16 13.77
CA THR A 129 -40.19 -2.50 15.10
C THR A 129 -39.99 -1.33 16.05
N ALA A 130 -40.79 -1.35 17.10
CA ALA A 130 -40.67 -0.42 18.21
C ALA A 130 -39.40 -0.71 19.01
N PRO A 131 -38.85 0.28 19.70
CA PRO A 131 -37.74 0.01 20.62
C PRO A 131 -38.24 -0.63 21.90
N SER A 132 -37.27 -0.94 22.76
CA SER A 132 -37.56 -1.55 24.07
C SER A 132 -36.65 -0.86 25.08
N VAL A 133 -37.23 0.04 25.87
CA VAL A 133 -36.45 0.93 26.72
C VAL A 133 -36.13 0.23 28.04
N TYR A 134 -34.84 0.15 28.37
CA TYR A 134 -34.40 -0.62 29.54
C TYR A 134 -33.40 0.13 30.42
N PRO A 135 -33.87 1.04 31.28
CA PRO A 135 -32.97 1.72 32.22
C PRO A 135 -32.92 1.15 33.63
N LEU A 136 -32.00 1.71 34.42
CA LEU A 136 -32.38 2.30 35.70
C LEU A 136 -31.70 3.63 35.89
N ALA A 137 -32.12 4.29 36.94
CA ALA A 137 -31.68 5.57 37.44
C ALA A 137 -32.16 5.62 38.88
N PRO A 138 -31.30 5.26 39.84
CA PRO A 138 -31.37 5.90 41.15
C PRO A 138 -31.63 7.39 41.04
N THR A 143 -21.45 3.50 44.67
CA THR A 143 -22.50 3.89 45.61
C THR A 143 -21.91 4.74 46.73
N THR A 144 -20.75 5.33 46.47
CA THR A 144 -20.17 6.36 47.34
C THR A 144 -19.74 7.60 46.58
N GLY A 145 -19.80 7.58 45.24
CA GLY A 145 -19.37 8.73 44.48
C GLY A 145 -20.34 9.88 44.54
N SER A 146 -19.79 11.09 44.65
CA SER A 146 -20.62 12.30 44.66
C SER A 146 -21.24 12.54 43.29
N SER A 147 -20.55 12.16 42.23
CA SER A 147 -21.10 12.29 40.88
C SER A 147 -21.98 11.09 40.56
N VAL A 148 -23.27 11.35 40.33
CA VAL A 148 -24.21 10.32 39.91
C VAL A 148 -24.84 10.79 38.62
N THR A 149 -24.55 10.08 37.53
CA THR A 149 -25.17 10.35 36.24
C THR A 149 -26.57 9.74 36.21
N LEU A 150 -27.12 9.56 35.00
CA LEU A 150 -28.10 8.50 34.72
C LEU A 150 -28.27 8.32 33.22
N GLY A 151 -29.14 7.39 32.88
CA GLY A 151 -29.56 7.24 31.50
C GLY A 151 -30.46 6.04 31.30
N CYS A 152 -30.87 5.86 30.05
CA CYS A 152 -31.63 4.70 29.62
C CYS A 152 -30.81 3.85 28.66
N LEU A 153 -31.33 2.66 28.36
CA LEU A 153 -30.91 1.86 27.22
C LEU A 153 -32.09 1.75 26.27
N VAL A 154 -31.80 1.71 24.97
CA VAL A 154 -32.80 1.56 23.93
C VAL A 154 -32.49 0.28 23.17
N LYS A 155 -33.35 -0.73 23.30
CA LYS A 155 -33.07 -2.04 22.76
C LYS A 155 -34.01 -2.37 21.60
N GLY A 156 -33.41 -2.91 20.53
CA GLY A 156 -34.13 -3.64 19.51
C GLY A 156 -35.13 -2.85 18.69
N TYR A 157 -34.67 -1.79 18.04
CA TYR A 157 -35.53 -1.04 17.14
C TYR A 157 -34.97 -1.13 15.74
N PHE A 158 -35.85 -0.90 14.77
CA PHE A 158 -35.50 -0.94 13.37
C PHE A 158 -36.54 -0.11 12.64
N PRO A 159 -36.15 0.73 11.67
CA PRO A 159 -34.76 1.06 11.34
C PRO A 159 -34.24 2.22 12.17
N GLU A 160 -33.21 2.88 11.66
CA GLU A 160 -32.76 4.14 12.21
C GLU A 160 -33.81 5.23 11.98
N PRO A 161 -33.82 6.28 12.81
CA PRO A 161 -33.23 6.44 14.15
C PRO A 161 -34.29 6.57 15.23
N VAL A 162 -33.86 6.69 16.48
CA VAL A 162 -34.70 7.11 17.59
C VAL A 162 -34.38 8.55 17.95
N THR A 163 -35.22 9.13 18.80
CA THR A 163 -34.98 10.43 19.39
C THR A 163 -35.05 10.28 20.90
N LEU A 164 -34.04 10.80 21.60
CA LEU A 164 -33.95 10.65 23.05
C LEU A 164 -33.83 12.03 23.68
N THR A 165 -34.90 12.48 24.32
CA THR A 165 -34.88 13.72 25.08
C THR A 165 -35.11 13.40 26.55
N TRP A 166 -34.82 14.38 27.40
CA TRP A 166 -34.62 14.14 28.82
C TRP A 166 -35.38 15.19 29.62
N ASN A 167 -36.34 14.74 30.42
CA ASN A 167 -37.40 15.56 31.01
C ASN A 167 -38.06 16.40 29.93
N SER A 168 -38.44 15.71 28.84
CA SER A 168 -38.90 16.29 27.58
C SER A 168 -37.89 17.29 27.02
N GLY A 169 -36.60 16.98 27.15
CA GLY A 169 -35.56 17.85 26.64
C GLY A 169 -35.16 18.99 27.54
N SER A 170 -35.91 19.25 28.62
CA SER A 170 -35.62 20.39 29.48
C SER A 170 -34.33 20.20 30.26
N LEU A 171 -34.09 19.00 30.77
CA LEU A 171 -32.75 18.61 31.18
C LEU A 171 -31.89 18.57 29.92
N SER A 172 -30.91 19.46 29.83
CA SER A 172 -30.12 19.63 28.61
C SER A 172 -28.62 19.55 28.82
N SER A 173 -28.09 20.07 29.93
CA SER A 173 -26.69 19.89 30.27
C SER A 173 -26.47 18.45 30.70
N GLY A 174 -25.41 17.85 30.17
CA GLY A 174 -25.17 16.44 30.38
C GLY A 174 -25.86 15.53 29.38
N VAL A 175 -26.75 16.06 28.54
CA VAL A 175 -27.38 15.22 27.53
C VAL A 175 -26.38 14.89 26.44
N HIS A 176 -26.17 13.60 26.21
CA HIS A 176 -25.30 13.10 25.16
C HIS A 176 -26.04 11.88 24.59
N THR A 177 -26.49 12.01 23.33
CA THR A 177 -27.48 11.09 22.77
C THR A 177 -26.86 10.38 21.57
N PHE A 178 -26.98 9.05 21.54
CA PHE A 178 -25.91 8.29 20.94
C PHE A 178 -26.30 7.65 19.62
N PRO A 179 -25.41 7.64 18.64
CA PRO A 179 -25.59 6.82 17.45
C PRO A 179 -25.63 5.35 17.80
N ALA A 180 -26.39 4.60 17.01
CA ALA A 180 -26.65 3.22 17.36
C ALA A 180 -25.55 2.30 16.85
N VAL A 181 -25.84 1.01 16.93
CA VAL A 181 -25.01 -0.04 16.37
C VAL A 181 -25.96 -1.14 15.90
N LEU A 182 -25.60 -1.79 14.80
CA LEU A 182 -26.44 -2.79 14.17
C LEU A 182 -26.14 -4.14 14.82
N GLN A 183 -27.18 -4.86 15.23
CA GLN A 183 -27.02 -6.11 15.96
C GLN A 183 -26.43 -7.21 15.09
N SER A 184 -26.11 -8.33 15.74
CA SER A 184 -25.95 -9.58 15.02
C SER A 184 -27.28 -10.05 14.44
N ASP A 185 -28.40 -9.71 15.09
CA ASP A 185 -29.73 -10.04 14.63
C ASP A 185 -30.34 -8.96 13.75
N LEU A 186 -29.51 -8.07 13.19
CA LEU A 186 -29.87 -7.00 12.25
C LEU A 186 -30.82 -5.96 12.85
N TYR A 187 -30.79 -5.75 14.17
CA TYR A 187 -31.55 -4.66 14.77
C TYR A 187 -30.59 -3.64 15.36
N THR A 188 -31.13 -2.57 15.91
CA THR A 188 -30.32 -1.45 16.36
C THR A 188 -30.55 -1.14 17.84
N LEU A 189 -29.49 -0.61 18.46
CA LEU A 189 -29.36 -0.50 19.91
C LEU A 189 -28.72 0.83 20.27
N SER A 190 -29.31 1.55 21.22
CA SER A 190 -28.72 2.84 21.60
C SER A 190 -28.98 3.14 23.07
N SER A 191 -28.56 4.34 23.47
CA SER A 191 -28.63 4.82 24.85
C SER A 191 -28.38 6.32 24.83
N SER A 192 -28.41 6.93 26.02
CA SER A 192 -28.05 8.33 26.20
C SER A 192 -27.75 8.60 27.67
N VAL A 193 -26.86 9.56 27.93
CA VAL A 193 -26.48 9.91 29.30
C VAL A 193 -27.11 11.24 29.68
N THR A 194 -27.26 11.44 30.99
CA THR A 194 -27.46 12.73 31.63
C THR A 194 -26.65 12.74 32.92
N VAL A 195 -26.58 13.90 33.57
CA VAL A 195 -25.80 14.06 34.81
C VAL A 195 -26.64 14.72 35.88
N THR A 196 -26.58 14.15 37.08
CA THR A 196 -26.95 14.76 38.35
C THR A 196 -25.73 14.71 39.26
N SER A 197 -25.94 14.96 40.54
CA SER A 197 -24.96 14.53 41.53
C SER A 197 -25.61 13.52 42.47
N SER A 198 -24.88 13.14 43.52
CA SER A 198 -25.45 12.41 44.65
C SER A 198 -26.42 13.25 45.47
N THR A 199 -26.39 14.57 45.28
CA THR A 199 -27.22 15.51 46.04
C THR A 199 -28.52 15.86 45.33
N TRP A 200 -29.01 15.00 44.43
CA TRP A 200 -30.28 15.25 43.74
C TRP A 200 -31.22 14.06 43.83
N PRO A 201 -31.71 13.72 45.03
CA PRO A 201 -32.68 12.61 45.10
C PRO A 201 -34.06 13.00 44.57
N SER A 202 -34.38 14.29 44.55
CA SER A 202 -35.64 14.78 43.99
C SER A 202 -35.48 15.30 42.58
N GLN A 203 -34.90 14.49 41.68
CA GLN A 203 -34.86 14.80 40.26
C GLN A 203 -35.44 13.59 39.52
N SER A 204 -36.76 13.57 39.40
CA SER A 204 -37.44 12.56 38.61
C SER A 204 -37.17 12.81 37.12
N ILE A 205 -36.39 11.93 36.52
CA ILE A 205 -35.86 12.16 35.17
C ILE A 205 -36.28 11.01 34.28
N THR A 206 -36.87 11.33 33.14
CA THR A 206 -37.34 10.37 32.16
C THR A 206 -36.53 10.52 30.88
N CYS A 207 -36.18 9.39 30.25
CA CYS A 207 -35.89 9.41 28.83
C CYS A 207 -37.19 9.41 28.06
N ASN A 208 -37.26 10.25 27.04
CA ASN A 208 -38.48 10.45 26.29
C ASN A 208 -38.17 9.97 24.87
N VAL A 209 -38.51 8.71 24.62
CA VAL A 209 -38.05 7.99 23.44
C VAL A 209 -39.14 8.09 22.37
N ALA A 210 -38.72 8.28 21.13
CA ALA A 210 -39.64 8.23 20.00
C ALA A 210 -38.93 7.70 18.78
N HIS A 211 -39.39 6.55 18.28
CA HIS A 211 -38.92 5.96 17.03
C HIS A 211 -39.99 6.21 15.98
N PRO A 212 -39.84 7.25 15.16
CA PRO A 212 -40.93 7.65 14.26
C PRO A 212 -41.15 6.71 13.10
N ALA A 213 -40.16 5.88 12.74
CA ALA A 213 -40.38 4.92 11.66
C ALA A 213 -41.31 3.79 12.10
N SER A 214 -41.34 3.49 13.39
CA SER A 214 -42.40 2.67 13.97
C SER A 214 -43.50 3.51 14.58
N SER A 215 -43.29 4.83 14.70
CA SER A 215 -44.24 5.80 15.29
C SER A 215 -44.61 5.42 16.72
N THR A 216 -43.64 4.92 17.46
CA THR A 216 -43.85 4.47 18.83
C THR A 216 -43.06 5.36 19.79
N LYS A 217 -43.69 5.66 20.93
CA LYS A 217 -43.15 6.59 21.91
C LYS A 217 -43.18 5.96 23.30
N VAL A 218 -42.04 5.99 23.98
CA VAL A 218 -41.94 5.56 25.37
C VAL A 218 -41.35 6.71 26.17
N ASP A 219 -42.06 7.13 27.21
CA ASP A 219 -41.56 8.12 28.15
C ASP A 219 -41.33 7.42 29.48
N LYS A 220 -40.12 6.91 29.68
CA LYS A 220 -39.83 5.93 30.73
C LYS A 220 -39.59 6.66 32.05
N LYS A 221 -40.57 6.61 32.94
CA LYS A 221 -40.36 7.09 34.30
C LYS A 221 -39.52 6.10 35.07
N ILE A 222 -38.44 6.57 35.69
CA ILE A 222 -37.43 5.70 36.26
C ILE A 222 -37.36 5.95 37.77
N GLU A 223 -37.23 4.88 38.54
CA GLU A 223 -37.19 4.94 40.00
C GLU A 223 -36.28 3.83 40.52
N PRO A 224 -35.44 4.14 41.53
CA PRO A 224 -34.70 3.06 42.21
C PRO A 224 -35.60 2.20 43.08
N ARG A 225 -35.07 1.12 43.61
CA ARG A 225 -35.81 0.23 44.49
C ARG A 225 -35.38 0.49 45.93
N GLY A 226 -35.87 -0.34 46.85
CA GLY A 226 -35.66 -0.15 48.26
C GLY A 226 -34.25 -0.46 48.71
N PRO A 227 -33.59 0.50 49.36
CA PRO A 227 -32.30 0.23 49.99
C PRO A 227 -32.48 -0.25 51.42
N THR A 228 -31.34 -0.58 52.04
CA THR A 228 -31.22 -1.05 53.43
C THR A 228 -32.14 -2.23 53.76
N GLU B 1 -6.07 1.69 -10.13
CA GLU B 1 -6.74 2.13 -8.88
C GLU B 1 -5.73 2.91 -8.04
N ILE B 2 -5.18 4.01 -8.56
CA ILE B 2 -4.11 4.66 -7.81
C ILE B 2 -4.60 4.86 -6.40
N VAL B 3 -3.84 4.39 -5.43
CA VAL B 3 -4.21 4.57 -4.02
C VAL B 3 -3.72 5.93 -3.56
N MET B 4 -4.62 6.75 -3.04
CA MET B 4 -4.27 8.03 -2.43
C MET B 4 -4.09 7.83 -0.94
N THR B 5 -2.91 8.14 -0.43
CA THR B 5 -2.58 7.92 0.97
C THR B 5 -2.41 9.26 1.68
N GLN B 6 -3.20 9.45 2.74
CA GLN B 6 -3.12 10.64 3.56
C GLN B 6 -2.20 10.34 4.74
N SER B 7 -1.07 11.01 4.80
CA SER B 7 -0.05 10.71 5.79
C SER B 7 -0.48 11.14 7.21
N PRO B 8 -1.13 12.31 7.45
CA PRO B 8 -1.80 12.47 8.75
C PRO B 8 -3.14 11.75 8.75
N ALA B 9 -3.20 10.62 9.46
CA ALA B 9 -4.46 9.91 9.60
C ALA B 9 -5.40 10.69 10.52
N THR B 10 -4.98 10.95 11.74
CA THR B 10 -5.72 11.79 12.65
C THR B 10 -4.97 13.10 12.83
N LEU B 11 -5.66 14.08 13.40
CA LEU B 11 -5.04 15.38 13.66
C LEU B 11 -5.79 16.02 14.83
N SER B 12 -5.03 16.58 15.75
CA SER B 12 -5.61 17.29 16.90
C SER B 12 -4.73 18.50 17.16
N LEU B 13 -5.16 19.67 16.67
CA LEU B 13 -4.40 20.89 16.81
C LEU B 13 -5.34 21.97 17.34
N SER B 14 -4.83 22.82 18.23
CA SER B 14 -5.65 23.82 18.90
C SER B 14 -6.09 24.91 17.93
N PRO B 15 -7.11 25.72 18.29
CA PRO B 15 -7.35 26.95 17.50
C PRO B 15 -6.13 27.86 17.49
N GLY B 16 -5.52 28.00 16.32
CA GLY B 16 -4.18 28.54 16.26
C GLY B 16 -3.48 28.40 14.92
N GLU B 17 -2.29 27.80 14.96
CA GLU B 17 -1.31 27.87 13.88
C GLU B 17 -1.63 26.97 12.70
N ARG B 18 -0.63 26.77 11.83
CA ARG B 18 -0.79 26.01 10.60
C ARG B 18 -1.09 24.55 10.89
N ALA B 19 -1.94 23.97 10.06
CA ALA B 19 -2.35 22.57 10.16
C ALA B 19 -2.10 21.88 8.83
N THR B 20 -0.85 22.00 8.36
CA THR B 20 -0.43 21.42 7.08
C THR B 20 -0.63 19.92 7.04
N LEU B 21 -1.39 19.45 6.05
CA LEU B 21 -1.74 18.06 5.92
C LEU B 21 -1.10 17.49 4.65
N SER B 22 -1.00 16.16 4.58
CA SER B 22 -0.28 15.53 3.50
C SER B 22 -1.15 14.48 2.83
N CYS B 23 -1.06 14.41 1.51
CA CYS B 23 -1.75 13.40 0.70
C CYS B 23 -0.82 13.01 -0.43
N ARG B 24 -0.58 11.71 -0.58
CA ARG B 24 0.39 11.20 -1.52
C ARG B 24 -0.30 10.34 -2.57
N ALA B 25 0.26 10.32 -3.76
CA ALA B 25 -0.25 9.50 -4.85
C ALA B 25 0.69 8.34 -5.14
N SER B 26 0.14 7.28 -5.71
CA SER B 26 0.95 6.17 -6.22
C SER B 26 1.44 6.40 -7.64
N GLN B 27 0.98 7.46 -8.30
CA GLN B 27 1.47 7.85 -9.61
C GLN B 27 1.63 9.36 -9.63
N SER B 28 1.72 9.93 -10.83
CA SER B 28 1.77 11.38 -11.00
C SER B 28 0.37 11.87 -11.34
N VAL B 29 -0.36 12.32 -10.32
CA VAL B 29 -1.66 12.95 -10.58
C VAL B 29 -1.45 14.31 -11.23
N SER B 30 -0.36 14.99 -10.88
CA SER B 30 0.17 16.20 -11.57
C SER B 30 -0.84 17.34 -11.55
N SER B 31 -1.06 17.86 -10.32
CA SER B 31 -1.82 19.10 -10.07
C SER B 31 -3.28 18.95 -10.47
N TYR B 32 -3.81 17.75 -10.29
CA TYR B 32 -5.15 17.42 -10.76
C TYR B 32 -6.01 16.85 -9.65
N LEU B 33 -5.99 17.46 -8.46
CA LEU B 33 -6.79 16.93 -7.37
C LEU B 33 -7.21 18.05 -6.43
N ALA B 34 -8.05 17.68 -5.45
CA ALA B 34 -8.85 18.64 -4.70
C ALA B 34 -8.79 18.31 -3.20
N TRP B 35 -9.56 19.08 -2.41
CA TRP B 35 -9.54 18.99 -0.95
C TRP B 35 -10.93 19.27 -0.40
N TYR B 36 -11.34 18.49 0.60
CA TYR B 36 -12.73 18.55 1.04
C TYR B 36 -12.85 18.71 2.55
N GLN B 37 -14.08 19.02 2.97
CA GLN B 37 -14.44 19.52 4.29
C GLN B 37 -15.64 18.74 4.83
N GLN B 38 -15.55 17.41 4.86
CA GLN B 38 -16.69 16.63 5.30
C GLN B 38 -16.90 16.78 6.80
N LYS B 39 -17.79 17.71 7.15
CA LYS B 39 -18.37 17.74 8.49
C LYS B 39 -19.21 16.48 8.70
N PRO B 40 -19.37 16.05 9.95
CA PRO B 40 -20.14 14.81 10.21
C PRO B 40 -21.60 14.93 9.82
N GLY B 41 -22.02 14.03 8.92
CA GLY B 41 -23.37 14.02 8.40
C GLY B 41 -23.72 15.17 7.48
N GLN B 42 -22.75 15.71 6.75
CA GLN B 42 -22.95 16.90 5.94
C GLN B 42 -22.44 16.70 4.52
N ALA B 43 -22.40 17.80 3.79
CA ALA B 43 -21.92 17.87 2.43
C ALA B 43 -20.41 18.09 2.42
N PRO B 44 -19.63 17.16 1.88
CA PRO B 44 -18.17 17.29 1.88
C PRO B 44 -17.71 18.36 0.90
N ARG B 45 -17.93 19.61 1.27
CA ARG B 45 -17.72 20.79 0.44
C ARG B 45 -16.26 20.93 0.00
N LEU B 46 -16.07 21.50 -1.19
CA LEU B 46 -14.74 21.72 -1.74
C LEU B 46 -13.97 22.79 -0.96
N LEU B 47 -12.73 22.49 -0.59
CA LEU B 47 -11.80 23.49 -0.09
C LEU B 47 -10.94 24.11 -1.19
N ILE B 48 -10.13 23.29 -1.85
CA ILE B 48 -9.10 23.74 -2.78
C ILE B 48 -9.32 23.06 -4.11
N TYR B 49 -9.35 23.83 -5.20
CA TYR B 49 -9.86 23.16 -6.39
C TYR B 49 -8.78 22.36 -7.14
N ASP B 50 -7.81 22.99 -7.80
CA ASP B 50 -6.86 22.16 -8.57
C ASP B 50 -5.45 22.31 -7.99
N ALA B 51 -5.23 21.60 -6.87
CA ALA B 51 -4.03 21.60 -6.04
C ALA B 51 -3.63 22.97 -5.50
N SER B 52 -4.47 23.98 -5.71
CA SER B 52 -4.24 25.38 -5.36
C SER B 52 -5.54 26.12 -5.59
N ASN B 53 -5.48 27.45 -5.43
CA ASN B 53 -6.30 28.48 -6.05
C ASN B 53 -7.69 28.70 -5.44
N ARG B 54 -8.10 27.94 -4.41
CA ARG B 54 -9.05 28.40 -3.41
C ARG B 54 -10.47 28.77 -3.86
N ALA B 55 -11.28 27.79 -4.25
CA ALA B 55 -12.59 28.01 -4.89
C ALA B 55 -13.69 28.70 -4.08
N THR B 56 -14.14 29.85 -4.60
CA THR B 56 -15.54 30.29 -4.69
C THR B 56 -16.34 30.10 -3.39
N GLY B 57 -15.96 30.87 -2.38
CA GLY B 57 -16.67 30.85 -1.12
C GLY B 57 -15.79 30.29 -0.03
N ILE B 58 -14.49 30.28 -0.30
CA ILE B 58 -13.50 29.77 0.63
C ILE B 58 -13.12 31.00 1.47
N PRO B 59 -12.92 30.86 2.80
CA PRO B 59 -12.75 32.08 3.60
C PRO B 59 -11.46 32.88 3.39
N ALA B 60 -10.32 32.42 3.93
CA ALA B 60 -9.07 33.16 3.74
C ALA B 60 -7.80 32.30 3.78
N ARG B 61 -7.84 31.10 4.35
CA ARG B 61 -6.65 30.49 4.94
C ARG B 61 -6.37 29.10 4.40
N PHE B 62 -6.89 28.78 3.23
CA PHE B 62 -6.94 27.42 2.75
C PHE B 62 -6.08 27.32 1.51
N SER B 63 -4.83 27.77 1.63
CA SER B 63 -3.84 27.52 0.59
C SER B 63 -3.41 26.06 0.60
N GLY B 64 -2.86 25.62 -0.53
CA GLY B 64 -2.32 24.29 -0.65
C GLY B 64 -1.52 24.16 -1.93
N SER B 65 -0.72 23.11 -1.99
CA SER B 65 0.22 22.94 -3.09
C SER B 65 0.38 21.46 -3.41
N GLY B 66 1.16 21.19 -4.45
CA GLY B 66 1.30 19.85 -5.00
C GLY B 66 2.19 19.78 -6.21
N SER B 67 1.71 19.15 -7.29
CA SER B 67 2.37 19.10 -8.60
C SER B 67 3.75 18.44 -8.54
N GLY B 68 3.82 17.11 -8.45
CA GLY B 68 2.69 16.24 -8.76
C GLY B 68 2.49 14.90 -8.09
N THR B 69 3.08 14.67 -6.92
CA THR B 69 2.88 13.33 -6.34
C THR B 69 2.41 13.37 -4.89
N ASP B 70 2.96 14.26 -4.07
CA ASP B 70 2.67 14.30 -2.64
C ASP B 70 2.24 15.72 -2.28
N PHE B 71 0.97 15.90 -1.91
CA PHE B 71 0.40 17.23 -1.92
C PHE B 71 0.19 17.74 -0.50
N THR B 72 -0.11 19.02 -0.41
CA THR B 72 -0.21 19.73 0.87
C THR B 72 -1.57 20.41 1.01
N LEU B 73 -2.09 20.39 2.24
CA LEU B 73 -3.29 21.12 2.62
C LEU B 73 -2.96 21.96 3.84
N THR B 74 -2.77 23.26 3.66
CA THR B 74 -2.37 24.14 4.76
C THR B 74 -3.59 24.84 5.34
N ILE B 75 -3.75 24.76 6.66
CA ILE B 75 -4.82 25.46 7.37
C ILE B 75 -4.12 26.45 8.29
N SER B 76 -3.86 27.66 7.80
CA SER B 76 -2.90 28.54 8.45
C SER B 76 -3.49 29.31 9.62
N SER B 77 -4.80 29.56 9.59
CA SER B 77 -5.47 30.47 10.52
C SER B 77 -6.61 29.73 11.21
N LEU B 78 -6.25 28.60 11.84
CA LEU B 78 -6.97 27.34 11.98
C LEU B 78 -8.49 27.41 12.05
N GLU B 79 -9.06 28.39 12.80
CA GLU B 79 -10.49 28.69 12.83
C GLU B 79 -11.37 27.52 13.23
N PRO B 80 -11.60 27.33 14.55
CA PRO B 80 -12.16 26.07 15.08
C PRO B 80 -13.53 25.60 14.57
N GLU B 81 -14.15 26.30 13.62
CA GLU B 81 -15.29 25.75 12.90
C GLU B 81 -14.88 24.63 11.93
N ASP B 82 -13.60 24.50 11.63
CA ASP B 82 -13.07 23.67 10.55
C ASP B 82 -12.76 22.24 10.98
N PHE B 83 -13.25 21.82 12.13
CA PHE B 83 -12.94 20.50 12.69
C PHE B 83 -13.79 19.46 11.97
N ALA B 84 -13.22 18.89 10.92
CA ALA B 84 -13.95 17.95 10.10
C ALA B 84 -12.99 16.92 9.52
N VAL B 85 -13.55 15.78 9.12
CA VAL B 85 -12.77 14.76 8.45
C VAL B 85 -12.45 15.26 7.04
N TYR B 86 -11.18 15.44 6.75
CA TYR B 86 -10.76 16.03 5.50
C TYR B 86 -10.39 14.94 4.50
N TYR B 87 -10.60 15.24 3.23
CA TYR B 87 -10.27 14.32 2.17
C TYR B 87 -9.59 15.04 1.02
N CYS B 88 -8.40 14.56 0.66
CA CYS B 88 -7.89 14.74 -0.68
C CYS B 88 -8.57 13.72 -1.57
N GLN B 89 -8.54 13.96 -2.87
CA GLN B 89 -9.10 13.04 -3.83
C GLN B 89 -8.44 13.27 -5.17
N GLN B 90 -7.72 12.28 -5.66
CA GLN B 90 -7.17 12.37 -7.01
C GLN B 90 -8.28 12.40 -8.03
N HIS B 91 -7.98 12.95 -9.17
CA HIS B 91 -9.03 12.95 -10.16
C HIS B 91 -8.64 12.39 -11.52
N SER B 92 -7.49 12.74 -12.06
CA SER B 92 -7.26 12.53 -13.48
C SER B 92 -6.61 11.17 -13.74
N LEU B 93 -7.28 10.14 -13.26
CA LEU B 93 -7.07 8.76 -13.63
C LEU B 93 -8.29 7.99 -13.17
N LEU B 94 -8.67 7.02 -13.94
CA LEU B 94 -9.88 6.27 -13.61
C LEU B 94 -9.52 4.90 -13.04
N PRO B 95 -10.23 4.44 -11.99
CA PRO B 95 -11.27 5.20 -11.30
C PRO B 95 -10.83 6.04 -10.09
N ARG B 96 -10.57 7.34 -10.31
CA ARG B 96 -10.84 8.49 -9.43
C ARG B 96 -10.86 8.24 -7.91
N THR B 97 -9.81 7.65 -7.35
CA THR B 97 -9.87 7.23 -5.95
C THR B 97 -9.78 8.40 -4.98
N PHE B 98 -9.94 8.07 -3.71
CA PHE B 98 -9.98 9.04 -2.62
C PHE B 98 -8.84 8.81 -1.63
N GLY B 99 -8.72 9.73 -0.69
CA GLY B 99 -7.85 9.56 0.45
C GLY B 99 -8.49 8.72 1.53
N GLY B 100 -7.85 8.70 2.70
CA GLY B 100 -8.29 7.78 3.73
C GLY B 100 -9.14 8.40 4.82
N GLY B 101 -8.82 9.62 5.21
CA GLY B 101 -9.49 10.25 6.34
C GLY B 101 -8.51 11.07 7.14
N THR B 102 -8.90 12.31 7.45
CA THR B 102 -8.01 13.28 8.06
C THR B 102 -8.78 13.98 9.19
N LYS B 103 -9.22 13.19 10.17
CA LYS B 103 -10.04 13.67 11.28
C LYS B 103 -9.30 14.74 12.06
N VAL B 104 -9.73 15.99 11.90
CA VAL B 104 -9.11 17.13 12.58
C VAL B 104 -9.86 17.36 13.88
N GLU B 105 -9.27 16.90 14.98
CA GLU B 105 -9.90 16.97 16.28
C GLU B 105 -9.59 18.32 16.94
N ILE B 106 -9.87 18.43 18.23
CA ILE B 106 -9.46 19.57 19.03
C ILE B 106 -8.33 19.11 19.93
N LYS B 107 -7.26 19.89 19.98
CA LYS B 107 -6.17 19.62 20.91
C LYS B 107 -6.50 20.26 22.25
N ARG B 108 -6.59 19.44 23.29
CA ARG B 108 -6.81 19.98 24.63
C ARG B 108 -6.05 19.13 25.65
N ALA B 109 -6.25 19.45 26.92
CA ALA B 109 -5.57 18.75 28.00
C ALA B 109 -6.26 17.44 28.30
N ASP B 110 -5.48 16.35 28.31
CA ASP B 110 -5.98 14.98 28.25
C ASP B 110 -6.93 14.65 29.40
N ALA B 111 -8.17 14.34 29.05
CA ALA B 111 -9.23 14.12 30.02
C ALA B 111 -9.33 12.65 30.37
N ALA B 112 -9.65 12.38 31.63
CA ALA B 112 -9.73 11.01 32.12
C ALA B 112 -11.17 10.49 32.04
N PRO B 113 -11.38 9.25 31.62
CA PRO B 113 -12.75 8.73 31.51
C PRO B 113 -13.37 8.43 32.85
N THR B 114 -14.66 8.73 32.94
CA THR B 114 -15.48 8.37 34.09
C THR B 114 -16.23 7.09 33.73
N VAL B 115 -15.93 6.03 34.46
CA VAL B 115 -16.20 4.67 34.01
C VAL B 115 -16.99 3.95 35.10
N SER B 116 -18.16 3.42 34.74
CA SER B 116 -18.85 2.42 35.56
C SER B 116 -19.78 1.56 34.71
N ILE B 117 -20.29 0.50 35.33
CA ILE B 117 -20.78 -0.71 34.67
C ILE B 117 -22.21 -1.00 35.11
N PHE B 118 -23.06 -1.39 34.14
CA PHE B 118 -24.50 -1.40 34.43
C PHE B 118 -25.33 -2.60 33.99
N PRO B 119 -26.20 -3.09 34.88
CA PRO B 119 -26.80 -4.42 34.74
C PRO B 119 -27.94 -4.45 33.73
N PRO B 120 -28.59 -5.60 33.56
CA PRO B 120 -29.90 -5.65 32.94
C PRO B 120 -31.02 -5.39 33.95
N SER B 121 -32.09 -4.77 33.45
CA SER B 121 -33.23 -4.45 34.31
C SER B 121 -34.11 -5.67 34.54
N SER B 122 -34.93 -5.61 35.58
CA SER B 122 -35.99 -6.60 35.77
C SER B 122 -37.01 -6.51 34.65
N GLU B 123 -37.24 -5.30 34.14
CA GLU B 123 -38.07 -5.11 32.95
C GLU B 123 -37.45 -5.81 31.75
N GLN B 124 -36.12 -5.83 31.67
CA GLN B 124 -35.45 -6.68 30.70
C GLN B 124 -35.58 -8.16 31.06
N LEU B 125 -35.46 -8.50 32.35
CA LEU B 125 -35.54 -9.90 32.74
C LEU B 125 -36.93 -10.50 32.56
N THR B 126 -37.97 -9.67 32.63
CA THR B 126 -39.31 -10.09 32.23
C THR B 126 -39.41 -10.29 30.72
N SER B 127 -38.61 -9.59 29.93
CA SER B 127 -38.51 -9.86 28.50
C SER B 127 -37.57 -11.00 28.18
N GLY B 128 -36.60 -11.28 29.05
CA GLY B 128 -35.77 -12.47 28.92
C GLY B 128 -34.38 -12.25 28.37
N GLY B 129 -33.93 -11.00 28.34
CA GLY B 129 -32.61 -10.71 27.81
C GLY B 129 -31.60 -10.35 28.88
N ALA B 130 -30.33 -10.22 28.49
CA ALA B 130 -29.31 -9.64 29.36
C ALA B 130 -28.46 -8.69 28.54
N SER B 131 -28.29 -7.47 29.05
CA SER B 131 -27.50 -6.44 28.38
C SER B 131 -26.71 -5.70 29.44
N VAL B 132 -25.49 -6.17 29.69
CA VAL B 132 -24.62 -5.60 30.71
C VAL B 132 -23.67 -4.65 29.97
N VAL B 133 -23.87 -3.35 30.14
CA VAL B 133 -23.10 -2.37 29.40
C VAL B 133 -22.36 -1.49 30.39
N CYS B 134 -21.10 -1.20 30.10
CA CYS B 134 -20.28 -0.28 30.87
C CYS B 134 -20.31 1.04 30.11
N PHE B 135 -20.18 2.14 30.82
CA PHE B 135 -20.45 3.44 30.23
C PHE B 135 -19.30 4.39 30.50
N LEU B 136 -18.62 4.80 29.43
CA LEU B 136 -17.38 5.56 29.51
C LEU B 136 -17.64 6.93 28.92
N ASN B 137 -16.98 7.94 29.47
CA ASN B 137 -17.56 9.26 29.53
C ASN B 137 -16.48 10.29 29.81
N ASN B 138 -16.46 11.32 28.95
CA ASN B 138 -15.65 12.54 29.11
C ASN B 138 -14.16 12.26 29.20
N PHE B 139 -13.60 11.76 28.11
CA PHE B 139 -12.16 11.51 28.06
C PHE B 139 -11.56 12.08 26.77
N TYR B 140 -10.23 12.15 26.78
CA TYR B 140 -9.44 12.65 25.67
C TYR B 140 -8.01 12.14 25.77
N PRO B 141 -7.46 11.51 24.71
CA PRO B 141 -8.04 11.26 23.39
C PRO B 141 -8.94 10.04 23.30
N LYS B 142 -9.17 9.56 22.07
CA LYS B 142 -10.28 8.65 21.80
C LYS B 142 -10.05 7.24 22.34
N ASP B 143 -8.80 6.79 22.41
CA ASP B 143 -8.51 5.36 22.39
C ASP B 143 -8.69 4.73 23.78
N ILE B 144 -9.74 3.94 23.94
CA ILE B 144 -9.92 3.08 25.12
C ILE B 144 -10.33 1.69 24.65
N ASN B 145 -9.70 0.66 25.18
CA ASN B 145 -10.19 -0.70 25.09
C ASN B 145 -10.82 -1.09 26.42
N VAL B 146 -12.01 -1.69 26.37
CA VAL B 146 -12.70 -2.16 27.56
C VAL B 146 -12.86 -3.67 27.47
N LYS B 147 -12.42 -4.37 28.51
CA LYS B 147 -12.56 -5.81 28.60
C LYS B 147 -13.70 -6.15 29.55
N TRP B 148 -14.36 -7.26 29.27
CA TRP B 148 -15.41 -7.83 30.10
C TRP B 148 -14.93 -9.18 30.58
N LYS B 149 -15.57 -9.72 31.62
CA LYS B 149 -15.24 -11.04 32.17
C LYS B 149 -16.48 -11.71 32.75
N ILE B 150 -16.59 -13.03 32.53
CA ILE B 150 -17.64 -13.85 33.16
C ILE B 150 -17.08 -14.23 34.53
N ASP B 151 -17.30 -13.35 35.51
CA ASP B 151 -16.77 -13.46 36.88
C ASP B 151 -15.25 -13.66 36.92
N GLY B 152 -14.54 -13.14 35.93
CA GLY B 152 -13.12 -13.35 35.83
C GLY B 152 -12.63 -13.97 34.53
N SER B 153 -13.53 -14.32 33.61
CA SER B 153 -13.18 -14.99 32.35
C SER B 153 -13.84 -14.26 31.19
N GLU B 154 -13.04 -13.87 30.20
CA GLU B 154 -13.35 -12.76 29.32
C GLU B 154 -14.52 -13.04 28.37
N ARG B 155 -15.03 -11.96 27.76
CA ARG B 155 -16.27 -11.95 27.00
C ARG B 155 -16.10 -11.27 25.65
N GLN B 156 -16.75 -11.85 24.64
CA GLN B 156 -16.99 -11.19 23.36
C GLN B 156 -18.30 -11.68 22.75
N ASN B 157 -18.51 -11.28 21.49
CA ASN B 157 -19.70 -11.51 20.64
C ASN B 157 -20.97 -10.84 21.14
N GLY B 158 -20.91 -10.13 22.25
CA GLY B 158 -21.98 -9.22 22.60
C GLY B 158 -21.38 -7.84 22.60
N VAL B 159 -20.08 -7.78 22.91
CA VAL B 159 -19.35 -6.56 23.23
C VAL B 159 -19.23 -5.67 22.00
N LEU B 160 -19.72 -4.43 22.10
CA LEU B 160 -19.69 -3.47 21.01
C LEU B 160 -19.22 -2.14 21.56
N ASN B 161 -18.30 -1.50 20.84
CA ASN B 161 -17.78 -0.20 21.23
C ASN B 161 -18.18 0.82 20.18
N SER B 162 -18.67 1.97 20.64
CA SER B 162 -19.21 2.97 19.72
C SER B 162 -18.89 4.35 20.28
N TRP B 163 -18.31 5.20 19.45
CA TRP B 163 -17.77 6.49 19.88
C TRP B 163 -18.47 7.61 19.12
N THR B 164 -18.66 8.73 19.79
CA THR B 164 -19.21 9.90 19.12
C THR B 164 -18.09 10.72 18.50
N ASP B 165 -18.43 11.94 18.10
CA ASP B 165 -17.42 12.91 17.75
C ASP B 165 -16.88 13.56 19.02
N GLN B 166 -16.04 14.58 18.83
CA GLN B 166 -15.58 15.36 19.96
C GLN B 166 -16.65 16.37 20.32
N ASP B 167 -16.78 16.66 21.61
CA ASP B 167 -17.86 17.52 22.06
C ASP B 167 -17.61 18.96 21.65
N SER B 168 -18.70 19.72 21.57
CA SER B 168 -18.60 21.15 21.26
C SER B 168 -17.95 21.91 22.42
N LYS B 169 -18.45 21.72 23.63
CA LYS B 169 -18.04 22.60 24.72
C LYS B 169 -16.82 22.09 25.47
N ASP B 170 -16.93 20.94 26.15
CA ASP B 170 -15.77 20.48 26.90
C ASP B 170 -14.79 19.69 26.05
N SER B 171 -15.20 19.32 24.82
CA SER B 171 -14.35 18.72 23.79
C SER B 171 -13.78 17.37 24.25
N THR B 172 -14.66 16.43 24.55
CA THR B 172 -14.30 15.14 25.12
C THR B 172 -14.84 14.02 24.24
N TYR B 173 -14.75 12.79 24.73
CA TYR B 173 -15.12 11.63 23.92
C TYR B 173 -15.98 10.64 24.71
N SER B 174 -16.14 9.47 24.12
CA SER B 174 -17.35 8.68 24.23
C SER B 174 -17.02 7.21 24.04
N MET B 175 -17.64 6.36 24.85
CA MET B 175 -17.80 4.93 24.52
C MET B 175 -18.79 4.28 25.47
N SER B 176 -19.69 3.47 24.92
CA SER B 176 -20.30 2.40 25.67
C SER B 176 -19.68 1.08 25.23
N SER B 177 -19.48 0.20 26.20
CA SER B 177 -19.05 -1.17 25.92
C SER B 177 -20.34 -1.98 25.82
N THR B 178 -21.02 -1.82 24.69
CA THR B 178 -22.36 -2.36 24.47
C THR B 178 -22.27 -3.87 24.37
N LEU B 179 -22.63 -4.58 25.45
CA LEU B 179 -22.59 -6.03 25.53
C LEU B 179 -23.98 -6.58 25.80
N THR B 180 -24.34 -7.65 25.10
CA THR B 180 -25.63 -8.31 25.24
C THR B 180 -25.40 -9.79 25.54
N LEU B 181 -26.14 -10.32 26.52
CA LEU B 181 -26.09 -11.73 26.91
C LEU B 181 -27.50 -12.29 26.94
N THR B 182 -27.65 -13.48 27.53
CA THR B 182 -28.97 -14.04 27.77
C THR B 182 -29.27 -14.01 29.26
N LYS B 183 -30.57 -14.00 29.58
CA LYS B 183 -31.06 -14.04 30.96
C LYS B 183 -30.53 -15.25 31.72
N ASP B 184 -30.42 -16.39 31.04
CA ASP B 184 -29.85 -17.59 31.64
C ASP B 184 -28.38 -17.37 31.99
N GLU B 185 -27.59 -16.85 31.04
CA GLU B 185 -26.20 -16.50 31.31
C GLU B 185 -26.07 -15.40 32.36
N TYR B 186 -27.06 -14.52 32.45
CA TYR B 186 -27.08 -13.51 33.50
C TYR B 186 -27.21 -14.14 34.88
N GLU B 187 -28.18 -15.04 35.04
CA GLU B 187 -28.48 -15.59 36.36
C GLU B 187 -27.42 -16.56 36.87
N ARG B 188 -26.53 -17.05 36.01
CA ARG B 188 -25.55 -18.03 36.47
C ARG B 188 -24.33 -17.38 37.11
N HIS B 189 -24.21 -16.06 37.07
CA HIS B 189 -22.99 -15.40 37.49
C HIS B 189 -23.32 -14.08 38.18
N ASN B 190 -22.39 -13.61 39.03
CA ASN B 190 -22.60 -12.36 39.75
C ASN B 190 -21.60 -11.27 39.38
N SER B 191 -20.30 -11.48 39.58
CA SER B 191 -19.32 -10.40 39.61
C SER B 191 -18.98 -9.97 38.19
N TYR B 192 -19.70 -8.98 37.68
CA TYR B 192 -19.59 -8.56 36.29
C TYR B 192 -18.63 -7.38 36.27
N THR B 193 -17.61 -7.44 35.41
CA THR B 193 -16.50 -6.49 35.49
C THR B 193 -16.31 -5.73 34.18
N CYS B 194 -15.91 -4.47 34.33
CA CYS B 194 -15.60 -3.56 33.22
C CYS B 194 -14.21 -2.99 33.43
N GLU B 195 -13.27 -3.35 32.56
CA GLU B 195 -11.89 -2.91 32.68
C GLU B 195 -11.57 -1.88 31.59
N ALA B 196 -11.65 -0.60 31.93
CA ALA B 196 -11.28 0.47 31.03
C ALA B 196 -9.76 0.57 30.93
N THR B 197 -9.28 1.24 29.87
CA THR B 197 -7.86 1.52 29.72
C THR B 197 -7.68 2.74 28.83
N HIS B 198 -7.32 3.88 29.43
CA HIS B 198 -7.09 5.12 28.71
C HIS B 198 -5.64 5.52 28.95
N LYS B 199 -5.14 6.46 28.14
CA LYS B 199 -3.81 7.00 28.32
C LYS B 199 -3.65 7.71 29.66
N THR B 200 -4.65 8.48 30.07
CA THR B 200 -4.72 9.07 31.40
C THR B 200 -4.80 8.02 32.50
N SER B 201 -5.35 6.84 32.23
CA SER B 201 -5.44 5.77 33.21
C SER B 201 -4.10 5.03 33.24
N THR B 202 -3.30 5.32 34.28
CA THR B 202 -2.06 4.58 34.46
C THR B 202 -2.32 3.12 34.80
N SER B 203 -3.28 2.87 35.68
CA SER B 203 -3.81 1.55 35.94
C SER B 203 -5.08 1.36 35.12
N PRO B 204 -5.33 0.14 34.61
CA PRO B 204 -6.58 -0.09 33.88
C PRO B 204 -7.80 0.00 34.80
N ILE B 205 -8.70 0.92 34.50
CA ILE B 205 -9.80 1.26 35.39
C ILE B 205 -10.82 0.14 35.40
N VAL B 206 -10.89 -0.60 36.51
CA VAL B 206 -11.81 -1.70 36.68
C VAL B 206 -12.97 -1.20 37.54
N LYS B 207 -14.18 -1.34 37.03
CA LYS B 207 -15.38 -1.15 37.82
C LYS B 207 -16.25 -2.39 37.68
N SER B 208 -16.82 -2.84 38.79
CA SER B 208 -17.51 -4.13 38.81
C SER B 208 -18.81 -4.02 39.58
N PHE B 209 -19.61 -5.09 39.50
CA PHE B 209 -20.76 -5.28 40.36
C PHE B 209 -21.09 -6.76 40.41
N ASN B 210 -21.63 -7.20 41.55
CA ASN B 210 -22.28 -8.50 41.63
C ASN B 210 -23.72 -8.38 41.15
N ARG B 211 -24.21 -9.47 40.55
CA ARG B 211 -25.65 -9.62 40.37
C ARG B 211 -26.28 -9.78 41.75
N ASN B 212 -27.46 -9.16 41.92
CA ASN B 212 -28.20 -9.06 43.19
C ASN B 212 -27.40 -8.30 44.26
N GLU B 213 -26.49 -7.43 43.83
CA GLU B 213 -25.85 -6.51 44.76
C GLU B 213 -26.53 -5.15 44.72
N CYS B 214 -26.76 -4.61 43.53
CA CYS B 214 -27.48 -3.36 43.37
C CYS B 214 -28.98 -3.61 43.38
N GLU C 1 -38.78 -6.76 -13.62
CA GLU C 1 -39.28 -8.07 -13.15
C GLU C 1 -40.69 -7.88 -12.63
N ILE C 2 -41.63 -7.43 -13.47
CA ILE C 2 -42.95 -7.11 -12.93
C ILE C 2 -43.41 -8.31 -12.13
N VAL C 3 -43.78 -8.09 -10.87
CA VAL C 3 -44.28 -9.19 -10.05
C VAL C 3 -45.77 -9.36 -10.30
N MET C 4 -46.18 -10.57 -10.68
CA MET C 4 -47.59 -10.89 -10.84
C MET C 4 -48.09 -11.51 -9.53
N THR C 5 -49.10 -10.89 -8.94
CA THR C 5 -49.62 -11.32 -7.65
C THR C 5 -51.03 -11.88 -7.82
N GLN C 6 -51.21 -13.12 -7.39
CA GLN C 6 -52.51 -13.78 -7.42
C GLN C 6 -53.16 -13.59 -6.06
N SER C 7 -54.26 -12.86 -6.03
CA SER C 7 -54.90 -12.50 -4.77
C SER C 7 -55.57 -13.70 -4.08
N PRO C 8 -56.27 -14.63 -4.79
CA PRO C 8 -56.57 -15.91 -4.13
C PRO C 8 -55.36 -16.82 -4.15
N ALA C 9 -54.71 -16.98 -2.99
CA ALA C 9 -53.61 -17.92 -2.89
C ALA C 9 -54.11 -19.35 -2.96
N THR C 10 -55.00 -19.73 -2.04
CA THR C 10 -55.66 -21.01 -2.08
C THR C 10 -57.13 -20.80 -2.43
N LEU C 11 -57.78 -21.89 -2.80
CA LEU C 11 -59.20 -21.85 -3.14
C LEU C 11 -59.78 -23.22 -2.86
N SER C 12 -60.96 -23.24 -2.25
CA SER C 12 -61.67 -24.48 -1.98
C SER C 12 -63.15 -24.21 -2.18
N LEU C 13 -63.66 -24.57 -3.35
CA LEU C 13 -65.06 -24.30 -3.69
C LEU C 13 -65.65 -25.61 -4.22
N SER C 14 -66.91 -25.86 -3.86
CA SER C 14 -67.56 -27.12 -4.18
C SER C 14 -67.83 -27.22 -5.69
N PRO C 15 -68.13 -28.43 -6.22
CA PRO C 15 -68.67 -28.51 -7.58
C PRO C 15 -69.97 -27.72 -7.71
N GLY C 16 -69.92 -26.64 -8.48
CA GLY C 16 -70.97 -25.64 -8.38
C GLY C 16 -70.69 -24.33 -9.08
N GLU C 17 -70.80 -23.24 -8.32
CA GLU C 17 -70.91 -21.89 -8.85
C GLU C 17 -69.59 -21.30 -9.34
N ARG C 18 -69.59 -19.99 -9.55
CA ARG C 18 -68.44 -19.29 -10.10
C ARG C 18 -67.25 -19.32 -9.14
N ALA C 19 -66.07 -19.44 -9.72
CA ALA C 19 -64.81 -19.50 -8.98
C ALA C 19 -63.88 -18.42 -9.52
N THR C 20 -64.38 -17.18 -9.53
CA THR C 20 -63.65 -16.02 -10.02
C THR C 20 -62.35 -15.81 -9.26
N LEU C 21 -61.24 -15.79 -9.99
CA LEU C 21 -59.92 -15.67 -9.42
C LEU C 21 -59.29 -14.34 -9.84
N SER C 22 -58.27 -13.91 -9.10
CA SER C 22 -57.70 -12.59 -9.32
C SER C 22 -56.20 -12.69 -9.51
N CYS C 23 -55.68 -11.90 -10.44
CA CYS C 23 -54.25 -11.80 -10.70
C CYS C 23 -53.95 -10.34 -11.02
N ARG C 24 -52.98 -9.77 -10.31
CA ARG C 24 -52.67 -8.35 -10.42
C ARG C 24 -51.26 -8.16 -10.95
N ALA C 25 -51.06 -7.05 -11.66
CA ALA C 25 -49.75 -6.70 -12.17
C ALA C 25 -49.19 -5.50 -11.42
N SER C 26 -47.87 -5.39 -11.44
CA SER C 26 -47.19 -4.21 -10.92
C SER C 26 -47.05 -3.11 -11.96
N GLN C 27 -47.41 -3.38 -13.21
CA GLN C 27 -47.45 -2.37 -14.26
C GLN C 27 -48.71 -2.60 -15.08
N SER C 28 -48.75 -2.01 -16.27
CA SER C 28 -49.85 -2.23 -17.21
C SER C 28 -49.43 -3.30 -18.22
N VAL C 29 -49.81 -4.55 -17.94
CA VAL C 29 -49.60 -5.60 -18.92
C VAL C 29 -50.51 -5.40 -20.11
N SER C 30 -51.71 -4.87 -19.89
CA SER C 30 -52.65 -4.36 -20.90
C SER C 30 -53.08 -5.46 -21.88
N SER C 31 -53.84 -6.42 -21.33
CA SER C 31 -54.55 -7.46 -22.08
C SER C 31 -53.58 -8.41 -22.79
N TYR C 32 -52.44 -8.65 -22.15
CA TYR C 32 -51.35 -9.41 -22.75
C TYR C 32 -50.92 -10.56 -21.86
N LEU C 33 -51.87 -11.32 -21.31
CA LEU C 33 -51.49 -12.43 -20.44
C LEU C 33 -52.53 -13.54 -20.52
N ALA C 34 -52.22 -14.65 -19.85
CA ALA C 34 -52.88 -15.92 -20.07
C ALA C 34 -53.21 -16.61 -18.75
N TRP C 35 -53.76 -17.82 -18.85
CA TRP C 35 -54.26 -18.57 -17.69
C TRP C 35 -54.02 -20.05 -17.89
N TYR C 36 -53.59 -20.75 -16.83
CA TYR C 36 -53.14 -22.12 -16.99
C TYR C 36 -53.78 -23.06 -15.97
N GLN C 37 -53.60 -24.35 -16.23
CA GLN C 37 -54.33 -25.46 -15.64
C GLN C 37 -53.35 -26.54 -15.19
N GLN C 38 -52.35 -26.17 -14.38
CA GLN C 38 -51.35 -27.15 -13.98
C GLN C 38 -51.95 -28.16 -13.00
N LYS C 39 -52.39 -29.29 -13.55
CA LYS C 39 -52.65 -30.47 -12.76
C LYS C 39 -51.34 -30.97 -12.17
N PRO C 40 -51.39 -31.67 -11.03
CA PRO C 40 -50.16 -32.14 -10.38
C PRO C 40 -49.38 -33.15 -11.23
N GLY C 41 -48.13 -32.80 -11.52
CA GLY C 41 -47.28 -33.62 -12.36
C GLY C 41 -47.66 -33.68 -13.81
N GLN C 42 -48.27 -32.63 -14.35
CA GLN C 42 -48.80 -32.64 -15.70
C GLN C 42 -48.34 -31.43 -16.50
N ALA C 43 -48.95 -31.27 -17.66
CA ALA C 43 -48.72 -30.16 -18.57
C ALA C 43 -49.62 -28.98 -18.20
N PRO C 44 -49.04 -27.84 -17.82
CA PRO C 44 -49.85 -26.68 -17.41
C PRO C 44 -50.54 -26.04 -18.62
N ARG C 45 -51.56 -26.71 -19.12
CA ARG C 45 -52.27 -26.38 -20.36
C ARG C 45 -52.91 -25.00 -20.28
N LEU C 46 -53.00 -24.34 -21.44
CA LEU C 46 -53.60 -23.02 -21.54
C LEU C 46 -55.10 -23.06 -21.31
N LEU C 47 -55.61 -22.17 -20.46
CA LEU C 47 -57.04 -21.94 -20.34
C LEU C 47 -57.52 -20.79 -21.23
N ILE C 48 -57.01 -19.59 -21.00
CA ILE C 48 -57.51 -18.36 -21.62
C ILE C 48 -56.35 -17.67 -22.30
N TYR C 49 -56.52 -17.30 -23.58
CA TYR C 49 -55.30 -16.92 -24.26
C TYR C 49 -54.89 -15.45 -24.03
N ASP C 50 -55.60 -14.46 -24.56
CA ASP C 50 -55.11 -13.09 -24.35
C ASP C 50 -56.13 -12.29 -23.54
N ALA C 51 -56.11 -12.54 -22.21
CA ALA C 51 -57.01 -12.00 -21.20
C ALA C 51 -58.49 -12.29 -21.43
N SER C 52 -58.80 -13.09 -22.45
CA SER C 52 -60.14 -13.42 -22.89
C SER C 52 -60.01 -14.54 -23.93
N ASN C 53 -61.15 -14.89 -24.54
CA ASN C 53 -61.33 -15.47 -25.87
C ASN C 53 -61.06 -16.97 -25.98
N ARG C 54 -60.66 -17.67 -24.92
CA ARG C 54 -60.95 -19.10 -24.73
C ARG C 54 -60.39 -20.09 -25.75
N ALA C 55 -59.07 -20.31 -25.75
CA ALA C 55 -58.38 -21.08 -26.79
C ALA C 55 -58.71 -22.57 -26.92
N THR C 56 -59.19 -22.93 -28.12
CA THR C 56 -58.82 -24.13 -28.90
C THR C 56 -58.79 -25.43 -28.08
N GLY C 57 -59.98 -25.83 -27.63
CA GLY C 57 -60.10 -27.08 -26.90
C GLY C 57 -60.50 -26.81 -25.48
N ILE C 58 -61.01 -25.61 -25.24
CA ILE C 58 -61.45 -25.18 -23.93
C ILE C 58 -62.92 -25.61 -23.86
N PRO C 59 -63.42 -26.13 -22.72
CA PRO C 59 -64.77 -26.70 -22.76
C PRO C 59 -65.94 -25.74 -22.95
N ALA C 60 -66.34 -24.98 -21.90
CA ALA C 60 -67.44 -24.04 -22.04
C ALA C 60 -67.40 -22.83 -21.13
N ARG C 61 -66.65 -22.87 -20.02
CA ARG C 61 -66.97 -22.08 -18.84
C ARG C 61 -65.80 -21.24 -18.36
N PHE C 62 -64.85 -20.97 -19.24
CA PHE C 62 -63.57 -20.42 -18.83
C PHE C 62 -63.44 -19.03 -19.42
N SER C 63 -64.43 -18.20 -19.19
CA SER C 63 -64.30 -16.78 -19.51
C SER C 63 -63.37 -16.09 -18.53
N GLY C 64 -62.86 -14.94 -18.95
CA GLY C 64 -62.02 -14.11 -18.09
C GLY C 64 -61.81 -12.76 -18.73
N SER C 65 -61.35 -11.82 -17.91
CA SER C 65 -61.25 -10.43 -18.34
C SER C 65 -60.03 -9.78 -17.69
N GLY C 66 -59.80 -8.53 -18.07
CA GLY C 66 -58.60 -7.81 -17.67
C GLY C 66 -58.51 -6.42 -18.25
N SER C 67 -57.36 -6.09 -18.87
CA SER C 67 -57.14 -4.85 -19.61
C SER C 67 -57.31 -3.60 -18.73
N GLY C 68 -56.32 -3.28 -17.88
CA GLY C 68 -54.98 -3.82 -18.00
C GLY C 68 -54.08 -4.03 -16.79
N THR C 69 -54.63 -4.11 -15.59
CA THR C 69 -53.71 -4.27 -14.45
C THR C 69 -54.07 -5.42 -13.53
N ASP C 70 -55.35 -5.62 -13.23
CA ASP C 70 -55.80 -6.63 -12.28
C ASP C 70 -56.85 -7.51 -12.95
N PHE C 71 -56.51 -8.78 -13.19
CA PHE C 71 -57.28 -9.56 -14.15
C PHE C 71 -58.13 -10.61 -13.43
N THR C 72 -59.04 -11.21 -14.20
CA THR C 72 -60.03 -12.14 -13.67
C THR C 72 -59.96 -13.47 -14.39
N LEU C 73 -60.16 -14.55 -13.63
CA LEU C 73 -60.32 -15.90 -14.16
C LEU C 73 -61.61 -16.48 -13.60
N THR C 74 -62.65 -16.54 -14.41
CA THR C 74 -63.95 -17.00 -13.95
C THR C 74 -64.14 -18.46 -14.32
N ILE C 75 -64.52 -19.29 -13.33
CA ILE C 75 -64.82 -20.69 -13.54
C ILE C 75 -66.30 -20.86 -13.18
N SER C 76 -67.18 -20.67 -14.16
CA SER C 76 -68.59 -20.44 -13.85
C SER C 76 -69.35 -21.73 -13.59
N SER C 77 -68.91 -22.84 -14.19
CA SER C 77 -69.67 -24.09 -14.24
C SER C 77 -68.79 -25.21 -13.67
N LEU C 78 -68.32 -24.98 -12.43
CA LEU C 78 -67.04 -25.34 -11.84
C LEU C 78 -66.40 -26.64 -12.33
N GLU C 79 -67.18 -27.73 -12.50
CA GLU C 79 -66.74 -28.98 -13.13
C GLU C 79 -65.55 -29.63 -12.44
N PRO C 80 -65.78 -30.48 -11.42
CA PRO C 80 -64.73 -30.92 -10.49
C PRO C 80 -63.50 -31.65 -11.06
N GLU C 81 -63.39 -31.81 -12.37
CA GLU C 81 -62.14 -32.21 -12.98
C GLU C 81 -61.08 -31.11 -12.95
N ASP C 82 -61.48 -29.87 -12.66
CA ASP C 82 -60.67 -28.68 -12.85
C ASP C 82 -59.86 -28.31 -11.60
N PHE C 83 -59.73 -29.22 -10.65
CA PHE C 83 -59.06 -28.96 -9.38
C PHE C 83 -57.55 -29.02 -9.61
N ALA C 84 -56.97 -27.86 -9.89
CA ALA C 84 -55.56 -27.80 -10.21
C ALA C 84 -55.00 -26.46 -9.74
N VAL C 85 -53.67 -26.44 -9.58
CA VAL C 85 -52.98 -25.20 -9.26
C VAL C 85 -52.99 -24.31 -10.49
N TYR C 86 -53.64 -23.16 -10.40
CA TYR C 86 -53.81 -22.29 -11.55
C TYR C 86 -52.76 -21.20 -11.55
N TYR C 87 -52.40 -20.77 -12.75
CA TYR C 87 -51.42 -19.71 -12.92
C TYR C 87 -51.88 -18.72 -13.96
N CYS C 88 -51.93 -17.46 -13.58
CA CYS C 88 -51.81 -16.36 -14.52
C CYS C 88 -50.33 -16.21 -14.84
N GLN C 89 -50.04 -15.55 -15.94
CA GLN C 89 -48.66 -15.28 -16.33
C GLN C 89 -48.66 -14.08 -17.25
N GLN C 90 -48.03 -12.98 -16.82
CA GLN C 90 -47.85 -11.85 -17.70
C GLN C 90 -46.95 -12.21 -18.86
N HIS C 91 -47.10 -11.49 -19.94
CA HIS C 91 -46.19 -11.82 -21.03
C HIS C 91 -45.42 -10.65 -21.61
N SER C 92 -46.05 -9.51 -21.83
CA SER C 92 -45.44 -8.51 -22.71
C SER C 92 -44.59 -7.52 -21.92
N LEU C 93 -43.64 -8.09 -21.19
CA LEU C 93 -42.50 -7.39 -20.62
C LEU C 93 -41.49 -8.45 -20.22
N LEU C 94 -40.24 -8.11 -20.37
CA LEU C 94 -39.21 -9.08 -20.10
C LEU C 94 -38.52 -8.78 -18.79
N PRO C 95 -38.22 -9.79 -17.96
CA PRO C 95 -38.59 -11.19 -18.21
C PRO C 95 -39.93 -11.68 -17.63
N ARG C 96 -40.99 -11.66 -18.44
CA ARG C 96 -42.10 -12.62 -18.53
C ARG C 96 -42.48 -13.38 -17.25
N THR C 97 -42.74 -12.70 -16.14
CA THR C 97 -42.90 -13.39 -14.88
C THR C 97 -44.24 -14.11 -14.77
N PHE C 98 -44.41 -14.84 -13.68
CA PHE C 98 -45.57 -15.67 -13.43
C PHE C 98 -46.30 -15.23 -12.18
N GLY C 99 -47.46 -15.85 -11.95
CA GLY C 99 -48.18 -15.71 -10.71
C GLY C 99 -47.63 -16.61 -9.62
N GLY C 100 -48.37 -16.70 -8.52
CA GLY C 100 -47.83 -17.39 -7.37
C GLY C 100 -48.32 -18.81 -7.18
N GLY C 101 -49.59 -19.05 -7.48
CA GLY C 101 -50.19 -20.34 -7.19
C GLY C 101 -51.62 -20.18 -6.74
N THR C 102 -52.53 -20.93 -7.35
CA THR C 102 -53.96 -20.78 -7.13
C THR C 102 -54.58 -22.17 -6.94
N LYS C 103 -54.12 -22.86 -5.90
CA LYS C 103 -54.52 -24.24 -5.60
C LYS C 103 -56.03 -24.29 -5.38
N VAL C 104 -56.75 -24.86 -6.35
CA VAL C 104 -58.20 -24.99 -6.29
C VAL C 104 -58.52 -26.34 -5.68
N GLU C 105 -58.87 -26.34 -4.40
CA GLU C 105 -59.12 -27.56 -3.66
C GLU C 105 -60.58 -27.98 -3.84
N ILE C 106 -61.03 -28.91 -3.01
CA ILE C 106 -62.43 -29.28 -2.93
C ILE C 106 -62.96 -28.73 -1.62
N LYS C 107 -64.11 -28.08 -1.67
CA LYS C 107 -64.78 -27.63 -0.46
C LYS C 107 -65.64 -28.75 0.08
N ARG C 108 -65.36 -29.19 1.30
CA ARG C 108 -66.18 -30.21 1.94
C ARG C 108 -66.27 -29.93 3.43
N ALA C 109 -66.92 -30.86 4.14
CA ALA C 109 -67.12 -30.70 5.58
C ALA C 109 -65.86 -31.12 6.32
N ASP C 110 -65.39 -30.24 7.21
CA ASP C 110 -64.04 -30.29 7.78
C ASP C 110 -63.76 -31.60 8.52
N ALA C 111 -62.79 -32.34 8.02
CA ALA C 111 -62.47 -33.66 8.53
C ALA C 111 -61.40 -33.59 9.61
N ALA C 112 -61.52 -34.45 10.60
CA ALA C 112 -60.59 -34.45 11.72
C ALA C 112 -59.46 -35.46 11.49
N PRO C 113 -58.22 -35.11 11.81
CA PRO C 113 -57.11 -36.04 11.56
C PRO C 113 -57.09 -37.19 12.55
N THR C 114 -56.73 -38.36 12.02
CA THR C 114 -56.51 -39.55 12.82
C THR C 114 -55.01 -39.67 13.03
N VAL C 115 -54.58 -39.56 14.28
CA VAL C 115 -53.21 -39.21 14.63
C VAL C 115 -52.69 -40.27 15.60
N SER C 116 -51.55 -40.89 15.25
CA SER C 116 -50.76 -41.66 16.20
C SER C 116 -49.31 -41.76 15.75
N ILE C 117 -48.47 -42.26 16.66
CA ILE C 117 -47.03 -42.02 16.68
C ILE C 117 -46.27 -43.34 16.70
N PHE C 118 -45.19 -43.42 15.91
CA PHE C 118 -44.60 -44.74 15.68
C PHE C 118 -43.08 -44.90 15.75
N PRO C 119 -42.63 -45.97 16.40
CA PRO C 119 -41.23 -46.06 16.86
C PRO C 119 -40.27 -46.44 15.75
N PRO C 120 -38.99 -46.61 16.07
CA PRO C 120 -38.07 -47.33 15.19
C PRO C 120 -38.13 -48.84 15.44
N SER C 121 -37.91 -49.60 14.36
CA SER C 121 -37.95 -51.05 14.45
C SER C 121 -36.65 -51.60 15.02
N SER C 122 -36.70 -52.84 15.52
CA SER C 122 -35.48 -53.56 15.86
C SER C 122 -34.63 -53.81 14.64
N GLU C 123 -35.28 -54.02 13.48
CA GLU C 123 -34.57 -54.10 12.22
C GLU C 123 -33.85 -52.79 11.91
N GLN C 124 -34.45 -51.67 12.29
CA GLN C 124 -33.73 -50.41 12.27
C GLN C 124 -32.64 -50.35 13.34
N LEU C 125 -32.93 -50.86 14.55
CA LEU C 125 -31.94 -50.79 15.61
C LEU C 125 -30.73 -51.70 15.37
N THR C 126 -30.90 -52.77 14.59
CA THR C 126 -29.78 -53.54 14.09
C THR C 126 -28.99 -52.78 13.04
N SER C 127 -29.63 -51.87 12.31
CA SER C 127 -28.92 -50.97 11.41
C SER C 127 -28.34 -49.77 12.13
N GLY C 128 -28.92 -49.38 13.26
CA GLY C 128 -28.33 -48.35 14.11
C GLY C 128 -28.96 -46.98 14.03
N GLY C 129 -30.15 -46.89 13.44
CA GLY C 129 -30.82 -45.60 13.33
C GLY C 129 -32.01 -45.44 14.25
N ALA C 130 -32.57 -44.23 14.30
CA ALA C 130 -33.84 -44.00 14.97
C ALA C 130 -34.68 -43.10 14.08
N SER C 131 -35.92 -43.52 13.82
CA SER C 131 -36.85 -42.78 13.00
C SER C 131 -38.23 -42.86 13.63
N VAL C 132 -38.54 -41.90 14.49
CA VAL C 132 -39.80 -41.86 15.21
C VAL C 132 -40.72 -40.93 14.44
N VAL C 133 -41.70 -41.49 13.75
CA VAL C 133 -42.58 -40.69 12.89
C VAL C 133 -44.01 -40.84 13.38
N CYS C 134 -44.73 -39.73 13.41
CA CYS C 134 -46.15 -39.68 13.73
C CYS C 134 -46.88 -39.62 12.40
N PHE C 135 -48.08 -40.16 12.36
CA PHE C 135 -48.75 -40.37 11.09
C PHE C 135 -50.16 -39.80 11.13
N LEU C 136 -50.39 -38.77 10.31
CA LEU C 136 -51.61 -37.99 10.34
C LEU C 136 -52.35 -38.22 9.04
N ASN C 137 -53.66 -38.20 9.10
CA ASN C 137 -54.46 -39.01 8.19
C ASN C 137 -55.90 -38.53 8.17
N ASN C 138 -56.38 -38.31 6.95
CA ASN C 138 -57.79 -38.03 6.64
C ASN C 138 -58.33 -36.79 7.36
N PHE C 139 -57.79 -35.63 7.00
CA PHE C 139 -58.25 -34.38 7.58
C PHE C 139 -58.50 -33.34 6.49
N TYR C 140 -59.20 -32.28 6.88
CA TYR C 140 -59.56 -31.17 6.02
C TYR C 140 -59.87 -29.94 6.86
N PRO C 141 -59.24 -28.78 6.60
CA PRO C 141 -58.25 -28.49 5.56
C PRO C 141 -56.82 -28.88 5.89
N LYS C 142 -55.86 -28.31 5.16
CA LYS C 142 -54.50 -28.83 5.10
C LYS C 142 -53.71 -28.61 6.39
N ASP C 143 -53.99 -27.53 7.11
CA ASP C 143 -53.00 -26.94 8.01
C ASP C 143 -52.95 -27.68 9.35
N ILE C 144 -51.87 -28.44 9.58
CA ILE C 144 -51.57 -29.00 10.90
C ILE C 144 -50.09 -28.76 11.19
N ASN C 145 -49.79 -28.28 12.40
CA ASN C 145 -48.44 -28.31 12.93
C ASN C 145 -48.35 -29.44 13.96
N VAL C 146 -47.29 -30.24 13.87
CA VAL C 146 -47.04 -31.32 14.80
C VAL C 146 -45.74 -31.04 15.54
N LYS C 147 -45.81 -31.07 16.87
CA LYS C 147 -44.64 -30.89 17.72
C LYS C 147 -44.19 -32.24 18.23
N TRP C 148 -42.89 -32.37 18.45
CA TRP C 148 -42.25 -33.53 19.05
C TRP C 148 -41.59 -33.07 20.34
N LYS C 149 -41.26 -34.03 21.22
CA LYS C 149 -40.60 -33.74 22.50
C LYS C 149 -39.69 -34.89 22.91
N ILE C 150 -38.51 -34.55 23.45
CA ILE C 150 -37.61 -35.55 24.05
C ILE C 150 -38.11 -35.73 25.49
N ASP C 151 -39.07 -36.64 25.65
CA ASP C 151 -39.77 -36.92 26.92
C ASP C 151 -40.35 -35.66 27.57
N GLY C 152 -40.73 -34.68 26.75
CA GLY C 152 -41.20 -33.42 27.26
C GLY C 152 -40.44 -32.18 26.80
N SER C 153 -39.39 -32.34 26.00
CA SER C 153 -38.55 -31.23 25.56
C SER C 153 -38.35 -31.31 24.06
N GLU C 154 -38.68 -30.23 23.35
CA GLU C 154 -39.06 -30.27 21.95
C GLU C 154 -37.90 -30.65 21.02
N ARG C 155 -38.28 -31.00 19.78
CA ARG C 155 -37.40 -31.61 18.78
C ARG C 155 -37.49 -30.90 17.43
N GLN C 156 -36.34 -30.75 16.78
CA GLN C 156 -36.24 -30.43 15.36
C GLN C 156 -34.99 -31.06 14.76
N ASN C 157 -34.73 -30.65 13.51
CA ASN C 157 -33.64 -31.11 12.61
C ASN C 157 -33.75 -32.57 12.19
N GLY C 158 -34.77 -33.28 12.63
CA GLY C 158 -35.10 -34.54 12.04
C GLY C 158 -36.48 -34.39 11.44
N VAL C 159 -37.27 -33.50 12.07
CA VAL C 159 -38.71 -33.37 11.86
C VAL C 159 -38.99 -32.83 10.47
N LEU C 160 -39.77 -33.58 9.69
CA LEU C 160 -40.12 -33.20 8.32
C LEU C 160 -41.61 -33.42 8.13
N ASN C 161 -42.28 -32.45 7.52
CA ASN C 161 -43.70 -32.54 7.25
C ASN C 161 -43.91 -32.54 5.74
N SER C 162 -44.76 -33.45 5.28
CA SER C 162 -44.94 -33.64 3.84
C SER C 162 -46.38 -34.02 3.59
N TRP C 163 -47.02 -33.30 2.66
CA TRP C 163 -48.45 -33.39 2.43
C TRP C 163 -48.71 -33.82 0.99
N THR C 164 -49.76 -34.61 0.80
CA THR C 164 -50.16 -34.97 -0.56
C THR C 164 -51.10 -33.92 -1.13
N ASP C 165 -51.74 -34.27 -2.23
CA ASP C 165 -52.87 -33.50 -2.72
C ASP C 165 -54.13 -33.88 -1.95
N GLN C 166 -55.25 -33.34 -2.40
CA GLN C 166 -56.52 -33.75 -1.84
C GLN C 166 -56.94 -35.06 -2.49
N ASP C 167 -57.61 -35.92 -1.73
CA ASP C 167 -57.93 -37.25 -2.23
C ASP C 167 -59.04 -37.16 -3.28
N SER C 168 -59.08 -38.19 -4.13
CA SER C 168 -60.13 -38.27 -5.14
C SER C 168 -61.48 -38.54 -4.50
N LYS C 169 -61.57 -39.55 -3.63
CA LYS C 169 -62.87 -40.01 -3.18
C LYS C 169 -63.35 -39.30 -1.92
N ASP C 170 -62.65 -39.47 -0.78
CA ASP C 170 -63.15 -38.82 0.42
C ASP C 170 -62.66 -37.38 0.54
N SER C 171 -61.70 -36.98 -0.31
CA SER C 171 -61.24 -35.60 -0.46
C SER C 171 -60.64 -35.05 0.84
N THR C 172 -59.58 -35.71 1.31
CA THR C 172 -58.96 -35.42 2.59
C THR C 172 -57.47 -35.12 2.39
N TYR C 173 -56.74 -35.02 3.50
CA TYR C 173 -55.35 -34.61 3.43
C TYR C 173 -54.46 -35.50 4.29
N SER C 174 -53.22 -35.03 4.46
CA SER C 174 -52.06 -35.90 4.60
C SER C 174 -50.99 -35.17 5.39
N MET C 175 -50.32 -35.90 6.29
CA MET C 175 -49.00 -35.52 6.80
C MET C 175 -48.38 -36.68 7.57
N SER C 176 -47.10 -36.93 7.31
CA SER C 176 -46.24 -37.57 8.29
C SER C 176 -45.34 -36.52 8.91
N SER C 177 -45.10 -36.67 10.21
CA SER C 177 -44.14 -35.85 10.92
C SER C 177 -42.84 -36.64 10.89
N THR C 178 -42.20 -36.63 9.71
CA THR C 178 -41.05 -37.48 9.41
C THR C 178 -39.86 -36.99 10.23
N LEU C 179 -39.55 -37.68 11.32
CA LEU C 179 -38.45 -37.35 12.23
C LEU C 179 -37.45 -38.50 12.28
N THR C 180 -36.16 -38.16 12.26
CA THR C 180 -35.08 -39.14 12.31
C THR C 180 -34.13 -38.76 13.45
N LEU C 181 -33.73 -39.75 14.25
CA LEU C 181 -32.81 -39.58 15.36
C LEU C 181 -31.69 -40.62 15.24
N THR C 182 -30.91 -40.77 16.31
CA THR C 182 -29.93 -41.84 16.38
C THR C 182 -30.38 -42.89 17.38
N LYS C 183 -29.88 -44.12 17.19
CA LYS C 183 -30.15 -45.24 18.10
C LYS C 183 -29.74 -44.93 19.53
N ASP C 184 -28.64 -44.21 19.70
CA ASP C 184 -28.20 -43.78 21.02
C ASP C 184 -29.21 -42.81 21.65
N GLU C 185 -29.64 -41.79 20.90
CA GLU C 185 -30.70 -40.89 21.35
C GLU C 185 -32.02 -41.60 21.56
N TYR C 186 -32.27 -42.67 20.81
CA TYR C 186 -33.46 -43.48 21.02
C TYR C 186 -33.43 -44.16 22.38
N GLU C 187 -32.32 -44.83 22.69
CA GLU C 187 -32.26 -45.65 23.90
C GLU C 187 -32.20 -44.83 25.19
N ARG C 188 -31.90 -43.53 25.11
CA ARG C 188 -31.78 -42.75 26.33
C ARG C 188 -33.12 -42.25 26.85
N HIS C 189 -34.21 -42.43 26.10
CA HIS C 189 -35.48 -41.83 26.44
C HIS C 189 -36.62 -42.78 26.10
N ASN C 190 -37.77 -42.59 26.78
CA ASN C 190 -38.93 -43.44 26.55
C ASN C 190 -40.12 -42.70 25.98
N SER C 191 -40.66 -41.70 26.68
CA SER C 191 -42.00 -41.17 26.40
C SER C 191 -41.96 -40.23 25.20
N TYR C 192 -42.20 -40.78 24.02
CA TYR C 192 -42.04 -40.05 22.77
C TYR C 192 -43.42 -39.55 22.40
N THR C 193 -43.54 -38.24 22.12
CA THR C 193 -44.84 -37.60 22.00
C THR C 193 -45.04 -36.93 20.65
N CYS C 194 -46.28 -36.98 20.17
CA CYS C 194 -46.71 -36.36 18.91
C CYS C 194 -47.91 -35.47 19.20
N GLU C 195 -47.75 -34.16 19.06
CA GLU C 195 -48.82 -33.21 19.35
C GLU C 195 -49.35 -32.62 18.05
N ALA C 196 -50.46 -33.15 17.56
CA ALA C 196 -51.14 -32.63 16.39
C ALA C 196 -51.90 -31.37 16.76
N THR C 197 -52.26 -30.58 15.74
CA THR C 197 -53.10 -29.41 15.93
C THR C 197 -53.81 -29.08 14.62
N HIS C 198 -55.10 -29.37 14.55
CA HIS C 198 -55.91 -29.09 13.37
C HIS C 198 -57.03 -28.15 13.80
N LYS C 199 -57.68 -27.53 12.82
CA LYS C 199 -58.83 -26.67 13.09
C LYS C 199 -59.98 -27.42 13.75
N THR C 200 -60.26 -28.64 13.29
CA THR C 200 -61.19 -29.54 13.93
C THR C 200 -60.76 -29.95 15.34
N SER C 201 -59.46 -29.96 15.61
CA SER C 201 -58.95 -30.31 16.94
C SER C 201 -59.04 -29.07 17.82
N THR C 202 -60.04 -29.03 18.70
CA THR C 202 -60.13 -27.95 19.66
C THR C 202 -58.98 -28.00 20.66
N SER C 203 -58.66 -29.18 21.17
CA SER C 203 -57.46 -29.43 21.93
C SER C 203 -56.38 -29.98 21.00
N PRO C 204 -55.12 -29.63 21.23
CA PRO C 204 -54.05 -30.21 20.40
C PRO C 204 -53.88 -31.70 20.65
N ILE C 205 -54.05 -32.49 19.58
CA ILE C 205 -54.14 -33.95 19.72
C ILE C 205 -52.76 -34.51 20.02
N VAL C 206 -52.59 -34.98 21.25
CA VAL C 206 -51.34 -35.56 21.71
C VAL C 206 -51.50 -37.08 21.70
N LYS C 207 -50.61 -37.76 20.98
CA LYS C 207 -50.49 -39.20 21.08
C LYS C 207 -49.03 -39.54 21.39
N SER C 208 -48.83 -40.48 22.31
CA SER C 208 -47.50 -40.74 22.83
C SER C 208 -47.25 -42.25 22.92
N PHE C 209 -46.00 -42.60 23.20
CA PHE C 209 -45.62 -43.95 23.58
C PHE C 209 -44.31 -43.90 24.36
N ASN C 210 -44.14 -44.84 25.28
CA ASN C 210 -42.85 -45.10 25.87
C ASN C 210 -42.06 -46.04 24.97
N ARG C 211 -40.75 -45.87 24.97
CA ARG C 211 -39.87 -46.90 24.46
C ARG C 211 -39.96 -48.11 25.37
N ASN C 212 -39.94 -49.31 24.77
CA ASN C 212 -40.16 -50.61 25.43
C ASN C 212 -41.55 -50.71 26.06
N GLU C 213 -42.50 -49.94 25.53
CA GLU C 213 -43.89 -50.14 25.92
C GLU C 213 -44.63 -50.99 24.90
N CYS C 214 -44.49 -50.67 23.62
CA CYS C 214 -45.06 -51.47 22.54
C CYS C 214 -44.14 -52.63 22.20
N ALA D 3 -37.19 29.71 -37.77
CA ALA D 3 -37.51 30.08 -39.14
C ALA D 3 -38.70 29.26 -39.64
N LYS D 4 -38.76 29.08 -40.96
CA LYS D 4 -39.74 28.17 -41.55
C LYS D 4 -39.51 26.75 -41.07
N SER D 5 -38.34 26.19 -41.40
CA SER D 5 -37.91 24.95 -40.78
C SER D 5 -37.44 25.24 -39.35
N ARG D 6 -37.08 24.16 -38.66
CA ARG D 6 -36.88 24.08 -37.20
C ARG D 6 -37.91 24.91 -36.42
N THR D 7 -39.18 24.60 -36.68
CA THR D 7 -40.32 25.10 -35.92
C THR D 7 -41.15 23.85 -35.63
N ILE D 8 -41.11 23.40 -34.38
CA ILE D 8 -41.42 22.02 -34.04
C ILE D 8 -42.67 21.96 -33.17
N GLY D 9 -43.63 21.12 -33.56
CA GLY D 9 -44.65 20.66 -32.65
C GLY D 9 -44.43 19.21 -32.29
N ILE D 10 -44.12 18.93 -31.03
CA ILE D 10 -43.87 17.57 -30.57
C ILE D 10 -45.19 16.93 -30.21
N ILE D 11 -45.42 15.71 -30.70
CA ILE D 11 -46.57 14.91 -30.33
C ILE D 11 -46.03 13.56 -29.87
N GLY D 12 -46.04 13.33 -28.55
CA GLY D 12 -45.75 12.01 -28.04
C GLY D 12 -46.98 11.12 -28.14
N ALA D 13 -46.77 9.90 -28.60
CA ALA D 13 -47.88 8.96 -28.82
C ALA D 13 -47.51 7.58 -28.30
N PRO D 14 -47.62 7.37 -26.97
CA PRO D 14 -47.31 6.05 -26.41
C PRO D 14 -48.39 4.99 -26.67
N PHE D 15 -48.34 4.40 -27.86
CA PHE D 15 -49.29 3.38 -28.27
C PHE D 15 -48.55 2.13 -28.71
N SER D 16 -49.12 0.96 -28.42
CA SER D 16 -48.43 -0.29 -28.70
C SER D 16 -49.22 -1.29 -29.53
N LYS D 17 -50.54 -1.24 -29.57
CA LYS D 17 -51.34 -2.40 -29.96
C LYS D 17 -51.29 -2.72 -31.45
N GLY D 18 -50.54 -1.98 -32.26
CA GLY D 18 -50.24 -2.42 -33.60
C GLY D 18 -49.16 -3.48 -33.62
N GLN D 19 -48.20 -3.37 -32.70
CA GLN D 19 -47.09 -4.30 -32.61
C GLN D 19 -47.24 -5.21 -31.39
N PRO D 20 -46.74 -6.43 -31.46
CA PRO D 20 -46.99 -7.37 -30.36
C PRO D 20 -46.09 -7.20 -29.14
N ARG D 21 -44.83 -6.80 -29.30
CA ARG D 21 -43.90 -6.71 -28.18
C ARG D 21 -44.22 -5.48 -27.33
N GLY D 22 -44.97 -5.70 -26.25
CA GLY D 22 -45.39 -4.59 -25.41
C GLY D 22 -44.20 -3.98 -24.67
N GLY D 23 -44.13 -2.65 -24.70
CA GLY D 23 -43.00 -1.96 -24.13
C GLY D 23 -42.64 -0.72 -24.93
N VAL D 24 -43.17 -0.60 -26.15
CA VAL D 24 -42.92 0.60 -26.96
C VAL D 24 -43.70 1.80 -26.47
N GLU D 25 -44.62 1.62 -25.52
CA GLU D 25 -45.33 2.74 -24.92
C GLU D 25 -44.44 3.52 -23.97
N GLU D 26 -43.24 3.03 -23.64
CA GLU D 26 -42.22 3.91 -23.10
C GLU D 26 -41.33 4.43 -24.22
N GLY D 27 -41.95 4.88 -25.29
CA GLY D 27 -41.28 5.49 -26.41
C GLY D 27 -41.04 6.98 -26.21
N PRO D 28 -42.12 7.76 -26.10
CA PRO D 28 -41.94 9.20 -25.85
C PRO D 28 -41.38 9.51 -24.49
N THR D 29 -41.57 8.64 -23.50
CA THR D 29 -41.03 8.89 -22.17
C THR D 29 -39.51 8.85 -22.18
N VAL D 30 -38.93 7.88 -22.88
CA VAL D 30 -37.48 7.76 -22.88
C VAL D 30 -36.85 8.80 -23.81
N LEU D 31 -37.48 9.09 -24.94
CA LEU D 31 -36.98 10.14 -25.82
C LEU D 31 -37.09 11.53 -25.19
N ARG D 32 -38.09 11.78 -24.35
CA ARG D 32 -38.12 13.05 -23.64
C ARG D 32 -37.14 13.08 -22.48
N LYS D 33 -36.97 11.98 -21.74
CA LYS D 33 -36.01 11.99 -20.64
C LYS D 33 -34.58 11.93 -21.14
N ALA D 34 -34.35 11.62 -22.41
CA ALA D 34 -33.05 11.83 -23.04
C ALA D 34 -32.86 13.26 -23.50
N GLY D 35 -33.87 14.11 -23.32
CA GLY D 35 -33.71 15.53 -23.51
C GLY D 35 -33.76 15.95 -24.95
N LEU D 36 -34.71 15.40 -25.71
CA LEU D 36 -34.88 15.80 -27.11
C LEU D 36 -35.32 17.25 -27.22
N LEU D 37 -36.15 17.70 -26.26
CA LEU D 37 -36.62 19.08 -26.24
C LEU D 37 -35.46 20.05 -26.06
N GLU D 38 -34.64 19.84 -25.04
CA GLU D 38 -33.54 20.77 -24.76
C GLU D 38 -32.42 20.65 -25.77
N LYS D 39 -32.22 19.45 -26.35
CA LYS D 39 -31.23 19.34 -27.41
C LYS D 39 -31.70 19.98 -28.71
N LEU D 40 -33.00 20.21 -28.87
CA LEU D 40 -33.43 21.08 -29.96
C LEU D 40 -33.12 22.55 -29.65
N LYS D 41 -33.23 22.96 -28.39
CA LYS D 41 -33.31 24.38 -28.03
C LYS D 41 -31.99 25.14 -28.14
N GLU D 42 -30.87 24.50 -28.53
CA GLU D 42 -29.66 25.28 -28.78
C GLU D 42 -29.77 26.06 -30.07
N GLN D 43 -30.03 25.37 -31.18
CA GLN D 43 -30.36 26.06 -32.42
C GLN D 43 -31.80 26.57 -32.36
N GLU D 44 -32.20 27.34 -33.38
CA GLU D 44 -33.42 28.14 -33.33
C GLU D 44 -34.66 27.25 -33.50
N CYS D 45 -34.91 26.41 -32.51
CA CYS D 45 -36.02 25.48 -32.55
C CYS D 45 -37.18 26.04 -31.73
N ASP D 46 -38.23 26.48 -32.42
CA ASP D 46 -39.47 26.86 -31.77
C ASP D 46 -40.18 25.58 -31.33
N VAL D 47 -39.88 25.18 -30.10
CA VAL D 47 -40.39 23.92 -29.56
C VAL D 47 -41.65 24.19 -28.76
N LYS D 48 -42.75 23.56 -29.14
CA LYS D 48 -44.00 23.62 -28.40
C LYS D 48 -44.50 22.20 -28.18
N ASP D 49 -44.35 21.69 -26.96
CA ASP D 49 -44.88 20.39 -26.61
C ASP D 49 -46.39 20.49 -26.49
N TYR D 50 -47.10 19.59 -27.17
CA TYR D 50 -48.54 19.54 -27.12
C TYR D 50 -49.06 18.44 -26.21
N GLY D 51 -48.17 17.83 -25.41
CA GLY D 51 -48.58 16.77 -24.52
C GLY D 51 -48.72 15.43 -25.21
N ASP D 52 -48.91 14.37 -24.43
CA ASP D 52 -49.08 13.05 -25.02
C ASP D 52 -50.55 12.81 -25.36
N LEU D 53 -50.77 11.95 -26.34
CA LEU D 53 -52.17 11.68 -26.63
C LEU D 53 -52.70 10.58 -25.73
N PRO D 54 -53.90 10.76 -25.17
CA PRO D 54 -54.57 9.68 -24.45
C PRO D 54 -54.96 8.55 -25.40
N PHE D 55 -54.58 7.34 -25.05
CA PHE D 55 -55.00 6.16 -25.79
C PHE D 55 -55.95 5.37 -24.91
N ALA D 56 -57.24 5.47 -25.20
CA ALA D 56 -58.23 4.72 -24.47
C ALA D 56 -58.12 3.24 -24.80
N ASP D 57 -58.59 2.40 -23.91
CA ASP D 57 -58.50 0.95 -24.06
C ASP D 57 -59.89 0.43 -24.38
N ILE D 58 -60.10 0.04 -25.62
CA ILE D 58 -61.30 -0.70 -26.00
C ILE D 58 -61.12 -2.10 -25.44
N PRO D 59 -61.94 -2.53 -24.47
CA PRO D 59 -61.72 -3.85 -23.84
C PRO D 59 -62.08 -5.00 -24.76
N ASN D 60 -63.18 -4.86 -25.49
CA ASN D 60 -63.58 -5.85 -26.48
C ASN D 60 -63.17 -5.37 -27.87
N ASP D 61 -61.86 -5.21 -28.03
CA ASP D 61 -61.28 -4.99 -29.36
C ASP D 61 -61.13 -6.38 -29.98
N SER D 62 -62.25 -6.87 -30.51
CA SER D 62 -62.31 -8.23 -31.02
C SER D 62 -61.54 -8.32 -32.33
N PRO D 63 -60.83 -9.43 -32.58
CA PRO D 63 -59.97 -9.49 -33.76
C PRO D 63 -60.77 -9.61 -35.05
N PHE D 64 -60.07 -9.30 -36.14
CA PHE D 64 -60.52 -9.60 -37.49
C PHE D 64 -60.09 -11.03 -37.79
N GLN D 65 -60.15 -11.46 -39.06
CA GLN D 65 -59.68 -12.77 -39.52
C GLN D 65 -58.23 -13.00 -39.16
N ILE D 66 -57.35 -12.10 -39.62
CA ILE D 66 -55.95 -12.13 -39.23
C ILE D 66 -55.58 -10.88 -38.42
N VAL D 67 -56.13 -9.71 -38.75
CA VAL D 67 -55.80 -8.46 -38.08
C VAL D 67 -56.29 -8.49 -36.65
N LYS D 68 -55.38 -8.24 -35.71
CA LYS D 68 -55.70 -8.27 -34.29
C LYS D 68 -55.34 -6.95 -33.64
N ASN D 69 -56.05 -6.64 -32.56
CA ASN D 69 -56.23 -5.27 -32.07
C ASN D 69 -56.49 -4.20 -33.15
N PRO D 70 -57.57 -4.34 -33.96
CA PRO D 70 -57.78 -3.34 -35.01
C PRO D 70 -58.33 -2.00 -34.55
N ARG D 71 -59.33 -2.02 -33.66
CA ARG D 71 -60.08 -0.80 -33.38
C ARG D 71 -59.30 0.17 -32.52
N SER D 72 -58.42 -0.35 -31.65
CA SER D 72 -57.54 0.52 -30.87
C SER D 72 -56.57 1.25 -31.78
N VAL D 73 -56.03 0.55 -32.78
CA VAL D 73 -55.15 1.16 -33.78
C VAL D 73 -55.89 2.22 -34.57
N GLY D 74 -57.11 1.91 -35.01
CA GLY D 74 -57.87 2.86 -35.83
C GLY D 74 -58.29 4.09 -35.06
N LYS D 75 -58.69 3.91 -33.79
CA LYS D 75 -59.04 5.04 -32.94
C LYS D 75 -57.81 5.89 -32.63
N ALA D 76 -56.67 5.25 -32.37
CA ALA D 76 -55.44 5.96 -32.10
C ALA D 76 -54.99 6.77 -33.31
N SER D 77 -55.07 6.18 -34.49
CA SER D 77 -54.62 6.88 -35.69
C SER D 77 -55.62 7.97 -36.10
N GLU D 78 -56.90 7.80 -35.80
CA GLU D 78 -57.85 8.87 -36.08
C GLU D 78 -57.62 10.06 -35.15
N GLN D 79 -57.40 9.77 -33.87
CA GLN D 79 -57.03 10.80 -32.89
C GLN D 79 -55.74 11.50 -33.29
N LEU D 80 -54.75 10.73 -33.74
CA LEU D 80 -53.49 11.32 -34.17
C LEU D 80 -53.67 12.11 -35.45
N ALA D 81 -54.57 11.68 -36.34
CA ALA D 81 -54.83 12.45 -37.56
C ALA D 81 -55.42 13.81 -37.23
N GLY D 82 -56.32 13.87 -36.25
CA GLY D 82 -56.81 15.15 -35.78
C GLY D 82 -55.72 16.00 -35.16
N LYS D 83 -54.84 15.39 -34.38
CA LYS D 83 -53.79 16.15 -33.70
C LYS D 83 -52.70 16.60 -34.68
N VAL D 84 -52.38 15.78 -35.68
CA VAL D 84 -51.42 16.17 -36.72
C VAL D 84 -51.98 17.29 -37.57
N ALA D 85 -53.28 17.21 -37.92
CA ALA D 85 -53.92 18.32 -38.63
C ALA D 85 -53.94 19.59 -37.79
N GLU D 86 -54.08 19.44 -36.47
CA GLU D 86 -54.02 20.59 -35.57
C GLU D 86 -52.64 21.24 -35.58
N VAL D 87 -51.58 20.43 -35.44
CA VAL D 87 -50.24 21.00 -35.36
C VAL D 87 -49.72 21.45 -36.71
N LYS D 88 -50.28 20.94 -37.81
CA LYS D 88 -49.96 21.48 -39.13
C LYS D 88 -50.74 22.74 -39.45
N LYS D 89 -51.91 22.93 -38.83
CA LYS D 89 -52.55 24.24 -38.87
C LYS D 89 -51.86 25.24 -37.95
N ASN D 90 -51.00 24.77 -37.06
CA ASN D 90 -50.13 25.64 -36.27
C ASN D 90 -48.88 26.08 -37.03
N GLY D 91 -48.71 25.61 -38.27
CA GLY D 91 -47.58 26.02 -39.07
C GLY D 91 -46.26 25.40 -38.68
N ARG D 92 -46.26 24.42 -37.79
CA ARG D 92 -45.04 23.79 -37.31
C ARG D 92 -44.75 22.54 -38.13
N ILE D 93 -43.63 21.89 -37.83
CA ILE D 93 -43.27 20.61 -38.41
C ILE D 93 -43.65 19.55 -37.41
N SER D 94 -44.50 18.61 -37.82
CA SER D 94 -45.07 17.63 -36.89
C SER D 94 -44.02 16.62 -36.50
N LEU D 95 -43.54 16.72 -35.27
CA LEU D 95 -42.66 15.70 -34.68
C LEU D 95 -43.54 14.72 -33.92
N VAL D 96 -43.93 13.66 -34.58
CA VAL D 96 -44.80 12.66 -33.99
C VAL D 96 -43.99 11.42 -33.68
N LEU D 97 -43.76 11.16 -32.40
CA LEU D 97 -42.88 10.06 -32.03
C LEU D 97 -43.61 9.12 -31.08
N GLY D 98 -43.53 7.83 -31.36
CA GLY D 98 -44.23 6.82 -30.59
C GLY D 98 -43.30 5.85 -29.91
N GLY D 99 -43.66 4.57 -29.84
CA GLY D 99 -44.88 4.06 -30.44
C GLY D 99 -44.59 2.99 -31.46
N ASP D 100 -45.38 2.97 -32.53
CA ASP D 100 -45.18 2.00 -33.62
C ASP D 100 -45.78 2.59 -34.89
N HIS D 101 -45.48 1.94 -36.01
CA HIS D 101 -45.89 2.38 -37.34
C HIS D 101 -47.39 2.39 -37.58
N SER D 102 -48.19 1.76 -36.71
CA SER D 102 -49.65 1.87 -36.75
C SER D 102 -50.12 3.31 -36.68
N LEU D 103 -49.43 4.15 -35.92
CA LEU D 103 -49.72 5.57 -35.80
C LEU D 103 -49.42 6.35 -37.07
N ALA D 104 -48.58 5.83 -37.96
CA ALA D 104 -48.21 6.57 -39.17
C ALA D 104 -49.35 6.72 -40.16
N ILE D 105 -50.43 5.93 -39.99
CA ILE D 105 -51.67 6.13 -40.76
C ILE D 105 -52.17 7.55 -40.58
N GLY D 106 -52.51 7.91 -39.33
CA GLY D 106 -52.99 9.24 -39.07
C GLY D 106 -51.89 10.30 -39.18
N SER D 107 -50.64 9.89 -38.95
CA SER D 107 -49.53 10.83 -39.11
C SER D 107 -49.33 11.28 -40.55
N ILE D 108 -49.65 10.44 -41.53
CA ILE D 108 -49.58 10.86 -42.92
C ILE D 108 -50.93 11.44 -43.32
N SER D 109 -52.01 10.96 -42.69
CA SER D 109 -53.36 11.40 -43.07
C SER D 109 -53.60 12.85 -42.68
N GLY D 110 -53.34 13.20 -41.41
CA GLY D 110 -53.50 14.58 -40.98
C GLY D 110 -52.51 15.52 -41.63
N HIS D 111 -51.34 15.00 -42.03
CA HIS D 111 -50.40 15.80 -42.80
C HIS D 111 -50.93 16.07 -44.20
N ALA D 112 -51.66 15.11 -44.77
CA ALA D 112 -52.28 15.30 -46.07
C ALA D 112 -53.53 16.14 -45.99
N ARG D 113 -54.13 16.26 -44.80
CA ARG D 113 -55.29 17.12 -44.63
C ARG D 113 -54.95 18.59 -44.82
N VAL D 114 -53.68 18.96 -44.62
CA VAL D 114 -53.22 20.31 -44.93
C VAL D 114 -52.53 20.36 -46.28
N HIS D 115 -51.60 19.44 -46.53
CA HIS D 115 -50.88 19.42 -47.80
C HIS D 115 -51.20 18.11 -48.53
N PRO D 116 -52.17 18.10 -49.45
CA PRO D 116 -52.60 16.83 -50.04
C PRO D 116 -51.61 16.25 -51.03
N ASP D 117 -50.57 16.97 -51.41
CA ASP D 117 -49.63 16.55 -52.44
C ASP D 117 -48.23 16.41 -51.87
N LEU D 118 -48.13 15.77 -50.71
CA LEU D 118 -46.83 15.60 -50.06
C LEU D 118 -46.12 14.38 -50.63
N GLY D 119 -44.98 14.05 -50.03
CA GLY D 119 -44.30 12.81 -50.32
C GLY D 119 -43.88 12.13 -49.04
N VAL D 120 -43.70 10.81 -49.12
CA VAL D 120 -43.39 9.99 -47.96
C VAL D 120 -42.05 9.31 -48.20
N ILE D 121 -41.08 9.62 -47.34
CA ILE D 121 -39.83 8.88 -47.33
C ILE D 121 -39.90 7.91 -46.15
N TRP D 122 -40.26 6.67 -46.45
CA TRP D 122 -40.53 5.65 -45.44
C TRP D 122 -39.24 4.87 -45.19
N VAL D 123 -38.37 5.44 -44.35
CA VAL D 123 -37.10 4.79 -44.05
C VAL D 123 -37.37 3.70 -43.01
N ASP D 124 -37.27 2.45 -43.46
CA ASP D 124 -37.64 1.31 -42.63
C ASP D 124 -36.96 0.09 -43.22
N ALA D 125 -36.69 -0.88 -42.34
CA ALA D 125 -36.23 -2.20 -42.77
C ALA D 125 -37.27 -2.90 -43.63
N HIS D 126 -38.54 -2.61 -43.40
CA HIS D 126 -39.64 -3.30 -44.03
C HIS D 126 -40.45 -2.27 -44.81
N THR D 127 -41.26 -2.74 -45.76
CA THR D 127 -42.10 -1.77 -46.45
C THR D 127 -43.29 -1.37 -45.59
N ASP D 128 -43.72 -2.29 -44.73
CA ASP D 128 -44.96 -2.18 -43.95
C ASP D 128 -46.16 -1.89 -44.85
N ILE D 129 -46.30 -2.65 -45.92
CA ILE D 129 -47.46 -2.46 -46.79
C ILE D 129 -48.24 -3.77 -46.98
N ASN D 130 -48.28 -4.61 -45.93
CA ASN D 130 -49.19 -5.74 -45.96
C ASN D 130 -50.64 -5.27 -45.92
N THR D 131 -51.51 -6.11 -46.45
CA THR D 131 -52.94 -5.86 -46.44
C THR D 131 -53.57 -6.63 -45.30
N PRO D 132 -54.79 -6.27 -44.88
CA PRO D 132 -55.51 -7.13 -43.93
C PRO D 132 -55.80 -8.52 -44.44
N LEU D 133 -55.94 -8.71 -45.75
CA LEU D 133 -56.23 -10.01 -46.33
C LEU D 133 -54.99 -10.86 -46.56
N THR D 134 -53.88 -10.28 -47.01
CA THR D 134 -52.75 -11.07 -47.47
C THR D 134 -51.50 -10.89 -46.62
N THR D 135 -51.65 -10.46 -45.37
CA THR D 135 -50.62 -10.68 -44.39
C THR D 135 -50.70 -12.10 -43.86
N THR D 136 -49.73 -12.45 -43.04
CA THR D 136 -49.86 -13.63 -42.19
C THR D 136 -49.73 -13.29 -40.71
N SER D 137 -49.41 -12.04 -40.39
CA SER D 137 -49.37 -11.61 -39.00
C SER D 137 -50.71 -11.04 -38.56
N GLY D 138 -51.19 -10.04 -39.28
CA GLY D 138 -52.28 -9.24 -38.80
C GLY D 138 -51.87 -8.19 -37.80
N ASN D 139 -50.59 -7.88 -37.71
CA ASN D 139 -50.11 -6.88 -36.79
C ASN D 139 -50.04 -5.54 -37.48
N LEU D 140 -50.71 -4.54 -36.92
CA LEU D 140 -50.85 -3.28 -37.62
C LEU D 140 -49.65 -2.35 -37.48
N HIS D 141 -48.55 -2.81 -36.89
CA HIS D 141 -47.30 -2.07 -37.02
C HIS D 141 -46.65 -2.29 -38.37
N GLY D 142 -47.22 -3.13 -39.21
CA GLY D 142 -46.79 -3.28 -40.57
C GLY D 142 -47.87 -3.18 -41.60
N GLN D 143 -49.02 -2.61 -41.27
CA GLN D 143 -49.90 -2.23 -42.36
C GLN D 143 -50.31 -0.76 -42.43
N PRO D 144 -49.42 0.28 -42.27
CA PRO D 144 -49.95 1.63 -42.43
C PRO D 144 -50.03 2.11 -43.86
N VAL D 145 -49.14 1.61 -44.72
CA VAL D 145 -49.00 2.20 -46.04
C VAL D 145 -50.12 1.70 -46.95
N SER D 146 -50.61 0.48 -46.70
CA SER D 146 -51.69 -0.07 -47.49
C SER D 146 -53.01 0.67 -47.31
N PHE D 147 -53.22 1.31 -46.16
CA PHE D 147 -54.41 2.13 -46.00
C PHE D 147 -54.30 3.48 -46.71
N LEU D 148 -53.09 3.90 -47.07
CA LEU D 148 -52.87 5.29 -47.45
C LEU D 148 -52.76 5.50 -48.95
N LEU D 149 -52.54 4.45 -49.73
CA LEU D 149 -52.38 4.62 -51.17
C LEU D 149 -53.72 4.55 -51.89
N LYS D 150 -54.01 5.58 -52.68
CA LYS D 150 -55.24 5.66 -53.45
C LYS D 150 -55.34 4.57 -54.51
N GLU D 151 -54.22 4.04 -54.98
CA GLU D 151 -54.20 2.96 -55.95
C GLU D 151 -54.57 1.62 -55.36
N LEU D 152 -54.78 1.54 -54.04
CA LEU D 152 -55.18 0.33 -53.36
C LEU D 152 -56.64 0.38 -52.92
N LYS D 153 -57.37 1.42 -53.31
CA LYS D 153 -58.76 1.62 -52.90
C LYS D 153 -59.64 0.58 -53.60
N GLY D 154 -60.75 0.21 -52.95
CA GLY D 154 -61.64 -0.82 -53.45
C GLY D 154 -61.14 -2.22 -53.22
N LYS D 155 -60.01 -2.36 -52.52
CA LYS D 155 -59.32 -3.62 -52.32
C LYS D 155 -58.93 -3.81 -50.86
N ILE D 156 -58.97 -2.75 -50.07
CA ILE D 156 -58.68 -2.81 -48.64
C ILE D 156 -60.00 -3.11 -47.94
N PRO D 157 -60.05 -4.07 -47.01
CA PRO D 157 -61.29 -4.37 -46.30
C PRO D 157 -61.71 -3.24 -45.38
N ASP D 158 -62.97 -3.28 -44.99
CA ASP D 158 -63.51 -2.33 -44.02
C ASP D 158 -63.29 -2.90 -42.63
N VAL D 159 -62.02 -2.98 -42.26
CA VAL D 159 -61.62 -3.43 -40.92
C VAL D 159 -62.02 -2.34 -39.93
N PRO D 160 -62.67 -2.70 -38.81
CA PRO D 160 -63.25 -1.67 -37.93
C PRO D 160 -62.21 -0.78 -37.27
N GLY D 161 -62.61 0.47 -37.05
CA GLY D 161 -61.70 1.53 -36.64
C GLY D 161 -61.13 2.32 -37.79
N PHE D 162 -61.29 1.84 -39.02
CA PHE D 162 -60.66 2.46 -40.19
C PHE D 162 -61.69 3.05 -41.13
N SER D 163 -62.86 3.42 -40.59
CA SER D 163 -63.89 4.06 -41.41
C SER D 163 -63.47 5.45 -41.86
N TRP D 164 -62.83 6.21 -40.99
CA TRP D 164 -62.32 7.55 -41.28
C TRP D 164 -61.18 7.57 -42.29
N VAL D 165 -60.58 6.41 -42.58
CA VAL D 165 -59.33 6.33 -43.35
C VAL D 165 -59.65 6.66 -44.80
N THR D 166 -59.15 7.76 -45.25
CA THR D 166 -59.09 8.03 -46.67
C THR D 166 -57.66 7.83 -47.14
N PRO D 167 -57.42 6.94 -48.11
CA PRO D 167 -56.11 6.88 -48.75
C PRO D 167 -55.80 8.20 -49.46
N CYS D 168 -54.63 8.74 -49.18
CA CYS D 168 -54.35 10.15 -49.44
C CYS D 168 -53.09 10.41 -50.25
N ILE D 169 -52.23 9.41 -50.42
CA ILE D 169 -50.97 9.60 -51.13
C ILE D 169 -50.93 8.66 -52.33
N SER D 170 -50.17 9.08 -53.33
CA SER D 170 -50.06 8.31 -54.56
C SER D 170 -48.88 7.35 -54.49
N ALA D 171 -48.99 6.26 -55.25
CA ALA D 171 -47.93 5.25 -55.30
C ALA D 171 -46.66 5.79 -55.92
N LYS D 172 -46.78 6.75 -56.82
CA LYS D 172 -45.62 7.44 -57.38
C LYS D 172 -45.16 8.59 -56.50
N ASP D 173 -45.75 8.77 -55.32
CA ASP D 173 -45.36 9.84 -54.41
C ASP D 173 -44.81 9.30 -53.10
N ILE D 174 -44.11 8.17 -53.11
CA ILE D 174 -43.54 7.58 -51.92
C ILE D 174 -42.23 6.88 -52.31
N VAL D 175 -41.20 7.04 -51.48
CA VAL D 175 -39.90 6.44 -51.71
C VAL D 175 -39.49 5.69 -50.47
N TYR D 176 -39.29 4.39 -50.61
CA TYR D 176 -38.71 3.59 -49.54
C TYR D 176 -37.20 3.69 -49.62
N ILE D 177 -36.56 3.85 -48.47
CA ILE D 177 -35.11 3.90 -48.39
C ILE D 177 -34.67 3.01 -47.24
N GLY D 178 -33.89 1.98 -47.56
CA GLY D 178 -33.34 1.10 -46.55
C GLY D 178 -34.15 -0.15 -46.26
N LEU D 179 -34.94 -0.63 -47.21
CA LEU D 179 -35.66 -1.88 -47.05
C LEU D 179 -34.67 -3.03 -46.95
N ARG D 180 -34.90 -3.98 -46.03
CA ARG D 180 -34.06 -5.16 -46.05
C ARG D 180 -34.72 -6.48 -45.70
N ASP D 181 -36.02 -6.53 -45.44
CA ASP D 181 -36.72 -7.78 -45.18
C ASP D 181 -38.18 -7.55 -45.56
N VAL D 182 -38.60 -8.15 -46.66
CA VAL D 182 -39.94 -7.93 -47.21
C VAL D 182 -40.61 -9.28 -47.40
N ASP D 183 -41.83 -9.41 -46.86
CA ASP D 183 -42.67 -10.55 -47.12
C ASP D 183 -43.36 -10.40 -48.49
N PRO D 184 -43.67 -11.53 -49.17
CA PRO D 184 -43.95 -11.49 -50.63
C PRO D 184 -45.09 -10.59 -51.09
N GLY D 185 -46.13 -10.45 -50.27
CA GLY D 185 -47.25 -9.59 -50.65
C GLY D 185 -46.85 -8.15 -50.83
N GLU D 186 -45.96 -7.69 -49.97
CA GLU D 186 -45.54 -6.30 -49.99
C GLU D 186 -44.68 -5.99 -51.20
N HIS D 187 -43.91 -6.96 -51.67
CA HIS D 187 -43.08 -6.69 -52.83
C HIS D 187 -43.85 -6.83 -54.13
N TYR D 188 -44.94 -7.59 -54.15
CA TYR D 188 -45.78 -7.54 -55.34
C TYR D 188 -46.46 -6.20 -55.46
N ILE D 189 -46.94 -5.67 -54.33
CA ILE D 189 -47.50 -4.32 -54.31
C ILE D 189 -46.45 -3.31 -54.74
N LEU D 190 -45.21 -3.50 -54.27
CA LEU D 190 -44.10 -2.61 -54.56
C LEU D 190 -43.75 -2.60 -56.05
N LYS D 191 -43.83 -3.75 -56.71
CA LYS D 191 -43.47 -3.80 -58.12
C LYS D 191 -44.64 -3.46 -59.04
N THR D 192 -45.87 -3.74 -58.63
CA THR D 192 -47.00 -3.52 -59.53
C THR D 192 -47.41 -2.05 -59.53
N LEU D 193 -47.25 -1.37 -58.39
CA LEU D 193 -47.61 0.03 -58.35
C LEU D 193 -46.57 0.92 -59.02
N GLY D 194 -45.37 0.39 -59.27
CA GLY D 194 -44.30 1.20 -59.77
C GLY D 194 -43.77 2.20 -58.78
N ILE D 195 -43.79 1.85 -57.49
CA ILE D 195 -43.23 2.70 -56.44
C ILE D 195 -41.73 2.79 -56.65
N LYS D 196 -41.18 3.99 -56.57
CA LYS D 196 -39.74 4.14 -56.59
C LYS D 196 -39.21 3.82 -55.19
N TYR D 197 -38.13 3.07 -55.13
CA TYR D 197 -37.55 2.64 -53.86
C TYR D 197 -36.05 2.46 -54.03
N PHE D 198 -35.31 2.74 -52.98
CA PHE D 198 -33.89 2.47 -52.93
C PHE D 198 -33.64 1.59 -51.73
N SER D 199 -33.56 0.29 -51.96
CA SER D 199 -33.20 -0.59 -50.86
C SER D 199 -31.72 -0.54 -50.62
N MET D 200 -31.28 -1.38 -49.69
CA MET D 200 -29.87 -1.43 -49.32
C MET D 200 -28.99 -1.93 -50.46
N THR D 201 -29.57 -2.68 -51.39
CA THR D 201 -28.94 -2.88 -52.70
C THR D 201 -28.68 -1.54 -53.37
N GLU D 202 -29.73 -0.78 -53.64
CA GLU D 202 -29.58 0.46 -54.39
C GLU D 202 -28.88 1.53 -53.58
N VAL D 203 -29.03 1.49 -52.25
CA VAL D 203 -28.24 2.34 -51.35
C VAL D 203 -26.76 2.11 -51.55
N ASP D 204 -26.33 0.85 -51.50
CA ASP D 204 -24.92 0.58 -51.74
C ASP D 204 -24.53 0.82 -53.19
N ARG D 205 -25.47 0.68 -54.14
CA ARG D 205 -25.14 0.83 -55.55
C ARG D 205 -24.79 2.26 -55.88
N LEU D 206 -25.70 3.17 -55.62
CA LEU D 206 -25.42 4.55 -55.94
C LEU D 206 -24.51 5.21 -54.92
N GLY D 207 -24.42 4.67 -53.71
CA GLY D 207 -23.88 5.45 -52.62
C GLY D 207 -25.06 6.15 -51.97
N ILE D 208 -25.00 6.36 -50.66
CA ILE D 208 -26.12 6.97 -49.95
C ILE D 208 -26.38 8.40 -50.42
N GLY D 209 -25.36 9.08 -50.94
CA GLY D 209 -25.56 10.45 -51.39
C GLY D 209 -26.22 10.54 -52.75
N LYS D 210 -25.82 9.68 -53.68
CA LYS D 210 -26.51 9.61 -54.96
C LYS D 210 -27.92 9.05 -54.79
N VAL D 211 -28.13 8.21 -53.78
CA VAL D 211 -29.47 7.75 -53.47
C VAL D 211 -30.36 8.88 -52.98
N MET D 212 -29.87 9.68 -52.01
CA MET D 212 -30.66 10.82 -51.59
C MET D 212 -30.78 11.87 -52.68
N GLU D 213 -29.78 11.96 -53.56
CA GLU D 213 -29.85 12.83 -54.72
C GLU D 213 -30.98 12.41 -55.66
N GLU D 214 -31.08 11.12 -55.96
CA GLU D 214 -32.14 10.67 -56.86
C GLU D 214 -33.49 10.61 -56.16
N THR D 215 -33.50 10.46 -54.83
CA THR D 215 -34.76 10.50 -54.09
C THR D 215 -35.36 11.89 -54.11
N LEU D 216 -34.53 12.91 -53.87
CA LEU D 216 -34.98 14.28 -54.02
C LEU D 216 -35.22 14.64 -55.47
N SER D 217 -34.53 13.99 -56.41
CA SER D 217 -34.83 14.19 -57.81
C SER D 217 -36.14 13.52 -58.22
N TYR D 218 -36.57 12.51 -57.47
CA TYR D 218 -37.82 11.84 -57.78
C TYR D 218 -39.00 12.58 -57.16
N LEU D 219 -38.89 12.97 -55.90
CA LEU D 219 -39.97 13.68 -55.24
C LEU D 219 -40.00 15.16 -55.61
N LEU D 220 -38.88 15.86 -55.45
CA LEU D 220 -38.81 17.30 -55.62
C LEU D 220 -38.30 17.72 -56.98
N GLY D 221 -37.84 16.77 -57.81
CA GLY D 221 -37.35 17.12 -59.13
C GLY D 221 -38.44 17.56 -60.07
N ARG D 222 -39.66 17.09 -59.85
CA ARG D 222 -40.81 17.58 -60.61
C ARG D 222 -41.29 18.92 -60.10
N LYS D 223 -41.47 19.05 -58.78
CA LYS D 223 -42.07 20.24 -58.20
C LYS D 223 -41.73 20.26 -56.71
N LYS D 224 -41.50 21.46 -56.17
CA LYS D 224 -41.33 21.63 -54.74
C LYS D 224 -42.63 21.30 -54.01
N ARG D 225 -42.54 20.45 -52.99
CA ARG D 225 -43.71 19.97 -52.27
C ARG D 225 -43.25 19.53 -50.88
N PRO D 226 -44.17 19.49 -49.91
CA PRO D 226 -43.78 19.06 -48.55
C PRO D 226 -43.34 17.61 -48.50
N ILE D 227 -42.36 17.34 -47.63
CA ILE D 227 -41.76 16.03 -47.46
C ILE D 227 -42.10 15.53 -46.07
N HIS D 228 -42.54 14.27 -45.98
CA HIS D 228 -42.87 13.66 -44.71
C HIS D 228 -41.94 12.47 -44.48
N LEU D 229 -40.81 12.73 -43.81
CA LEU D 229 -39.92 11.65 -43.41
C LEU D 229 -40.57 10.87 -42.27
N SER D 230 -41.08 9.69 -42.58
CA SER D 230 -41.50 8.76 -41.55
C SER D 230 -40.38 7.74 -41.40
N PHE D 231 -39.82 7.66 -40.20
CA PHE D 231 -38.52 7.04 -39.98
C PHE D 231 -38.65 5.96 -38.93
N ASP D 232 -38.34 4.74 -39.30
CA ASP D 232 -38.20 3.66 -38.34
C ASP D 232 -36.77 3.67 -37.82
N VAL D 233 -36.63 3.17 -36.59
CA VAL D 233 -35.31 3.06 -35.98
C VAL D 233 -34.77 1.65 -36.09
N ASP D 234 -35.51 0.73 -36.69
CA ASP D 234 -34.86 -0.52 -37.05
C ASP D 234 -34.31 -0.49 -38.47
N GLY D 235 -34.56 0.59 -39.22
CA GLY D 235 -33.99 0.72 -40.53
C GLY D 235 -32.48 0.91 -40.50
N LEU D 236 -31.97 1.42 -39.40
CA LEU D 236 -30.55 1.42 -39.14
C LEU D 236 -30.10 0.02 -38.71
N ASP D 237 -28.80 -0.20 -38.72
CA ASP D 237 -28.27 -1.50 -38.38
C ASP D 237 -28.41 -1.74 -36.88
N PRO D 238 -28.72 -2.97 -36.45
CA PRO D 238 -28.89 -3.24 -35.01
C PRO D 238 -27.61 -3.18 -34.20
N SER D 239 -26.45 -2.96 -34.82
CA SER D 239 -25.26 -2.55 -34.07
C SER D 239 -25.44 -1.19 -33.42
N PHE D 240 -26.30 -0.33 -33.99
CA PHE D 240 -26.58 0.99 -33.42
C PHE D 240 -27.90 1.04 -32.66
N THR D 241 -28.94 0.40 -33.18
CA THR D 241 -30.24 0.31 -32.50
C THR D 241 -30.65 -1.14 -32.36
N PRO D 242 -30.15 -1.86 -31.36
CA PRO D 242 -30.69 -3.18 -31.05
C PRO D 242 -31.97 -3.13 -30.23
N ALA D 243 -32.26 -1.99 -29.62
CA ALA D 243 -33.44 -1.86 -28.75
C ALA D 243 -34.65 -1.39 -29.57
N THR D 244 -35.00 -2.21 -30.55
CA THR D 244 -36.16 -2.00 -31.40
C THR D 244 -37.04 -3.23 -31.37
N GLY D 245 -38.20 -3.12 -32.01
CA GLY D 245 -39.17 -4.20 -32.02
C GLY D 245 -38.76 -5.35 -32.90
N THR D 246 -38.45 -5.08 -34.16
CA THR D 246 -38.07 -6.09 -35.14
C THR D 246 -36.69 -5.78 -35.67
N PRO D 247 -35.63 -6.20 -34.98
CA PRO D 247 -34.28 -5.96 -35.50
C PRO D 247 -33.95 -6.93 -36.62
N VAL D 248 -33.49 -6.37 -37.73
CA VAL D 248 -33.01 -7.15 -38.88
C VAL D 248 -31.61 -6.66 -39.17
N VAL D 249 -30.65 -7.59 -39.28
CA VAL D 249 -29.28 -7.16 -39.53
C VAL D 249 -29.12 -6.68 -40.97
N GLY D 250 -28.20 -5.76 -41.16
CA GLY D 250 -27.91 -5.23 -42.47
C GLY D 250 -28.48 -3.87 -42.76
N GLY D 251 -28.85 -3.12 -41.73
CA GLY D 251 -29.45 -1.81 -41.89
C GLY D 251 -28.43 -0.76 -42.25
N LEU D 252 -28.94 0.47 -42.36
CA LEU D 252 -28.09 1.60 -42.69
C LEU D 252 -27.13 1.89 -41.55
N THR D 253 -25.96 2.40 -41.89
CA THR D 253 -25.09 2.88 -40.84
C THR D 253 -25.67 4.15 -40.25
N TYR D 254 -25.34 4.38 -38.98
CA TYR D 254 -25.82 5.53 -38.23
C TYR D 254 -25.43 6.85 -38.89
N ARG D 255 -24.24 6.87 -39.48
CA ARG D 255 -23.79 7.95 -40.36
C ARG D 255 -24.81 8.26 -41.45
N GLU D 256 -25.24 7.23 -42.17
CA GLU D 256 -26.13 7.42 -43.31
C GLU D 256 -27.54 7.77 -42.89
N GLY D 257 -27.99 7.27 -41.74
CA GLY D 257 -29.28 7.69 -41.22
C GLY D 257 -29.32 9.17 -40.92
N LEU D 258 -28.30 9.66 -40.19
CA LEU D 258 -28.12 11.09 -40.00
C LEU D 258 -28.01 11.84 -41.33
N TYR D 259 -27.40 11.22 -42.34
CA TYR D 259 -27.27 11.87 -43.64
C TYR D 259 -28.61 12.05 -44.34
N ILE D 260 -29.45 11.02 -44.33
CA ILE D 260 -30.76 11.09 -44.97
C ILE D 260 -31.61 12.19 -44.34
N THR D 261 -31.52 12.30 -43.01
CA THR D 261 -32.22 13.39 -42.33
C THR D 261 -31.65 14.76 -42.73
N GLU D 262 -30.34 14.84 -42.97
CA GLU D 262 -29.75 16.13 -43.28
C GLU D 262 -30.04 16.57 -44.71
N GLU D 263 -30.15 15.63 -45.64
CA GLU D 263 -30.63 16.00 -46.97
C GLU D 263 -32.07 16.47 -46.96
N ILE D 264 -32.91 15.86 -46.12
CA ILE D 264 -34.28 16.33 -46.01
C ILE D 264 -34.32 17.72 -45.39
N TYR D 265 -33.37 18.02 -44.49
CA TYR D 265 -33.29 19.38 -43.95
C TYR D 265 -32.82 20.37 -44.99
N LYS D 266 -31.77 20.05 -45.75
CA LYS D 266 -31.18 21.06 -46.62
C LYS D 266 -31.98 21.30 -47.90
N THR D 267 -33.11 20.61 -48.09
CA THR D 267 -34.10 21.10 -49.04
C THR D 267 -34.85 22.29 -48.46
N GLY D 268 -34.89 22.41 -47.15
CA GLY D 268 -35.74 23.37 -46.50
C GLY D 268 -37.21 23.05 -46.57
N LEU D 269 -37.56 21.79 -46.85
CA LEU D 269 -38.95 21.42 -47.11
C LEU D 269 -39.43 20.31 -46.16
N LEU D 270 -38.79 20.16 -45.01
CA LEU D 270 -39.26 19.21 -44.02
C LEU D 270 -40.56 19.68 -43.41
N SER D 271 -41.58 18.84 -43.48
CA SER D 271 -42.92 19.23 -43.06
C SER D 271 -43.62 18.18 -42.22
N GLY D 272 -42.95 17.09 -41.86
CA GLY D 272 -43.55 16.08 -41.02
C GLY D 272 -42.57 14.98 -40.70
N LEU D 273 -42.50 14.58 -39.43
CA LEU D 273 -41.45 13.67 -38.98
C LEU D 273 -42.03 12.63 -38.04
N ASP D 274 -41.67 11.36 -38.26
CA ASP D 274 -42.09 10.26 -37.41
C ASP D 274 -40.87 9.51 -36.91
N ILE D 275 -40.84 9.25 -35.61
CA ILE D 275 -39.82 8.42 -34.99
C ILE D 275 -40.55 7.29 -34.29
N MET D 276 -40.58 6.12 -34.91
CA MET D 276 -41.38 5.01 -34.41
C MET D 276 -40.47 3.88 -33.96
N GLU D 277 -41.11 2.88 -33.33
CA GLU D 277 -40.52 1.58 -32.96
C GLU D 277 -39.37 1.69 -31.98
N VAL D 278 -39.24 2.80 -31.26
CA VAL D 278 -38.27 2.87 -30.18
C VAL D 278 -38.81 2.06 -29.02
N ASN D 279 -38.01 1.13 -28.51
CA ASN D 279 -38.45 0.25 -27.43
C ASN D 279 -37.31 0.05 -26.44
N PRO D 280 -37.35 0.73 -25.30
CA PRO D 280 -36.31 0.54 -24.28
C PRO D 280 -36.39 -0.79 -23.54
N SER D 281 -37.47 -1.53 -23.70
CA SER D 281 -37.67 -2.77 -22.97
C SER D 281 -36.95 -3.96 -23.61
N LEU D 282 -36.40 -3.81 -24.81
CA LEU D 282 -35.83 -4.96 -25.50
C LEU D 282 -34.32 -4.91 -25.62
N GLY D 283 -33.67 -3.88 -25.08
CA GLY D 283 -32.22 -3.89 -25.01
C GLY D 283 -31.76 -4.90 -23.97
N LYS D 284 -30.80 -5.75 -24.37
CA LYS D 284 -30.32 -6.78 -23.45
C LYS D 284 -29.49 -6.17 -22.33
N THR D 285 -28.80 -5.08 -22.60
CA THR D 285 -28.20 -4.24 -21.59
C THR D 285 -28.82 -2.85 -21.69
N PRO D 286 -28.80 -2.07 -20.61
CA PRO D 286 -29.19 -0.66 -20.73
C PRO D 286 -28.24 0.16 -21.59
N GLU D 287 -27.01 -0.30 -21.82
CA GLU D 287 -26.11 0.35 -22.75
C GLU D 287 -26.62 0.26 -24.19
N GLU D 288 -27.25 -0.87 -24.54
CA GLU D 288 -27.91 -1.01 -25.83
C GLU D 288 -29.04 -0.01 -25.99
N VAL D 289 -29.85 0.14 -24.93
CA VAL D 289 -30.92 1.13 -24.91
C VAL D 289 -30.36 2.54 -25.03
N THR D 290 -29.22 2.77 -24.38
CA THR D 290 -28.60 4.10 -24.38
C THR D 290 -28.10 4.47 -25.77
N ARG D 291 -27.46 3.52 -26.46
CA ARG D 291 -27.05 3.74 -27.84
C ARG D 291 -28.25 3.96 -28.76
N THR D 292 -29.32 3.17 -28.56
CA THR D 292 -30.51 3.28 -29.41
C THR D 292 -31.20 4.62 -29.26
N VAL D 293 -31.35 5.07 -28.02
CA VAL D 293 -32.09 6.30 -27.78
C VAL D 293 -31.26 7.52 -28.16
N ASN D 294 -29.95 7.50 -27.88
CA ASN D 294 -29.08 8.58 -28.34
C ASN D 294 -29.02 8.64 -29.86
N THR D 295 -29.07 7.47 -30.52
CA THR D 295 -29.19 7.43 -31.97
C THR D 295 -30.46 8.13 -32.45
N ALA D 296 -31.62 7.74 -31.90
CA ALA D 296 -32.88 8.29 -32.39
C ALA D 296 -33.02 9.77 -32.06
N VAL D 297 -32.48 10.20 -30.92
CA VAL D 297 -32.45 11.62 -30.57
C VAL D 297 -31.63 12.41 -31.58
N ALA D 298 -30.42 11.94 -31.88
CA ALA D 298 -29.58 12.69 -32.81
C ALA D 298 -30.07 12.61 -34.24
N ILE D 299 -30.81 11.54 -34.58
CA ILE D 299 -31.54 11.51 -35.85
C ILE D 299 -32.56 12.63 -35.91
N THR D 300 -33.35 12.78 -34.84
CA THR D 300 -34.36 13.83 -34.79
C THR D 300 -33.72 15.22 -34.78
N LEU D 301 -32.54 15.33 -34.19
CA LEU D 301 -31.79 16.58 -34.22
C LEU D 301 -31.36 16.93 -35.64
N ALA D 302 -30.78 15.96 -36.35
CA ALA D 302 -30.32 16.21 -37.71
C ALA D 302 -31.47 16.29 -38.71
N CYS D 303 -32.69 15.96 -38.30
CA CYS D 303 -33.85 16.27 -39.14
C CYS D 303 -34.12 17.76 -39.18
N PHE D 304 -34.21 18.40 -38.01
CA PHE D 304 -34.63 19.80 -37.93
C PHE D 304 -33.47 20.75 -38.09
N GLY D 305 -32.33 20.29 -38.56
CA GLY D 305 -31.21 21.18 -38.78
C GLY D 305 -30.26 21.27 -37.61
N LEU D 306 -30.07 20.20 -36.85
CA LEU D 306 -28.78 20.07 -36.19
C LEU D 306 -27.90 19.36 -37.20
N ALA D 307 -27.40 20.11 -38.17
CA ALA D 307 -26.58 19.55 -39.22
C ALA D 307 -25.20 19.26 -38.65
N ARG D 308 -24.55 18.25 -39.21
CA ARG D 308 -23.22 17.91 -38.75
C ARG D 308 -22.18 18.92 -39.22
N GLU D 309 -22.50 19.70 -40.26
CA GLU D 309 -21.66 20.81 -40.68
C GLU D 309 -21.60 21.93 -39.65
N GLY D 310 -22.66 22.10 -38.87
CA GLY D 310 -22.76 23.25 -38.01
C GLY D 310 -24.10 23.94 -38.06
N ASN D 311 -24.45 24.58 -36.95
CA ASN D 311 -25.68 25.36 -36.82
C ASN D 311 -25.30 26.64 -36.11
N HIS D 312 -25.88 27.77 -36.49
CA HIS D 312 -25.45 29.03 -35.90
C HIS D 312 -26.60 29.98 -35.64
N LYS D 313 -26.30 31.01 -34.85
CA LYS D 313 -27.17 32.18 -34.77
C LYS D 313 -26.47 33.36 -35.43
N PRO D 314 -27.16 34.15 -36.24
CA PRO D 314 -26.48 35.12 -37.12
C PRO D 314 -26.07 36.40 -36.41
N ILE D 315 -25.12 36.29 -35.48
CA ILE D 315 -24.40 37.43 -34.92
C ILE D 315 -22.92 37.12 -35.02
N ASP D 316 -22.09 38.16 -34.97
CA ASP D 316 -20.65 37.97 -34.95
C ASP D 316 -20.24 37.34 -33.64
N TYR D 317 -19.42 36.30 -33.72
CA TYR D 317 -18.91 35.62 -32.55
C TYR D 317 -17.46 35.92 -32.27
N LEU D 318 -16.88 36.86 -32.98
CA LEU D 318 -15.54 37.36 -32.66
C LEU D 318 -15.65 38.60 -31.78
N ASN D 319 -16.49 38.51 -30.76
CA ASN D 319 -16.92 39.68 -29.99
C ASN D 319 -17.46 39.26 -28.63
N ALA E 3 14.40 4.54 -48.07
CA ALA E 3 14.39 5.47 -49.19
C ALA E 3 14.15 6.89 -48.69
N LYS E 4 13.59 7.74 -49.57
CA LYS E 4 13.14 9.07 -49.17
C LYS E 4 12.04 8.95 -48.12
N SER E 5 10.92 8.36 -48.51
CA SER E 5 9.91 7.97 -47.53
C SER E 5 10.38 6.73 -46.78
N ARG E 6 9.57 6.33 -45.81
CA ARG E 6 9.89 5.36 -44.74
C ARG E 6 11.32 5.53 -44.22
N THR E 7 11.61 6.75 -43.78
CA THR E 7 12.83 7.10 -43.04
C THR E 7 12.32 7.90 -41.84
N ILE E 8 12.36 7.28 -40.66
CA ILE E 8 11.50 7.67 -39.54
C ILE E 8 12.35 8.17 -38.39
N GLY E 9 12.01 9.36 -37.88
CA GLY E 9 12.44 9.78 -36.56
C GLY E 9 11.28 9.75 -35.59
N ILE E 10 11.33 8.87 -34.61
CA ILE E 10 10.26 8.74 -33.62
C ILE E 10 10.51 9.74 -32.51
N ILE E 11 9.47 10.50 -32.15
CA ILE E 11 9.51 11.40 -31.00
C ILE E 11 8.32 11.04 -30.13
N GLY E 12 8.57 10.36 -29.01
CA GLY E 12 7.55 10.18 -28.03
C GLY E 12 7.39 11.41 -27.16
N ALA E 13 6.15 11.81 -26.92
CA ALA E 13 5.86 13.03 -26.18
C ALA E 13 4.74 12.79 -25.18
N PRO E 14 5.07 12.18 -24.02
CA PRO E 14 4.03 11.95 -23.00
C PRO E 14 3.62 13.20 -22.22
N PHE E 15 2.72 13.98 -22.83
CA PHE E 15 2.24 15.21 -22.24
C PHE E 15 0.71 15.18 -22.17
N SER E 16 0.15 15.76 -21.11
CA SER E 16 -1.29 15.69 -20.92
C SER E 16 -1.99 17.02 -20.71
N LYS E 17 -1.32 18.07 -20.26
CA LYS E 17 -1.99 19.22 -19.64
C LYS E 17 -2.77 20.10 -20.62
N GLY E 18 -2.80 19.77 -21.90
CA GLY E 18 -3.75 20.39 -22.79
C GLY E 18 -5.14 19.81 -22.65
N GLN E 19 -5.21 18.52 -22.36
CA GLN E 19 -6.47 17.82 -22.20
C GLN E 19 -6.74 17.47 -20.74
N PRO E 20 -7.99 17.42 -20.32
CA PRO E 20 -8.26 17.22 -18.90
C PRO E 20 -8.15 15.79 -18.39
N ARG E 21 -8.50 14.79 -19.21
CA ARG E 21 -8.50 13.39 -18.75
C ARG E 21 -7.09 12.86 -18.64
N GLY E 22 -6.52 12.92 -17.43
CA GLY E 22 -5.16 12.48 -17.24
C GLY E 22 -4.99 10.99 -17.45
N GLY E 23 -3.97 10.62 -18.20
CA GLY E 23 -3.78 9.24 -18.59
C GLY E 23 -3.22 9.09 -19.98
N VAL E 24 -3.26 10.18 -20.78
CA VAL E 24 -2.69 10.13 -22.13
C VAL E 24 -1.18 10.18 -22.11
N GLU E 25 -0.55 10.42 -20.94
CA GLU E 25 0.90 10.36 -20.84
C GLU E 25 1.41 8.93 -20.87
N GLU E 26 0.53 7.93 -20.80
CA GLU E 26 0.91 6.60 -21.24
C GLU E 26 0.52 6.39 -22.70
N GLY E 27 0.84 7.39 -23.52
CA GLY E 27 0.64 7.33 -24.95
C GLY E 27 1.78 6.66 -25.68
N PRO E 28 2.98 7.27 -25.62
CA PRO E 28 4.14 6.63 -26.26
C PRO E 28 4.56 5.34 -25.62
N THR E 29 4.28 5.15 -24.33
CA THR E 29 4.66 3.91 -23.65
C THR E 29 3.89 2.73 -24.21
N VAL E 30 2.58 2.90 -24.43
CA VAL E 30 1.79 1.78 -24.91
C VAL E 30 2.01 1.56 -26.40
N LEU E 31 2.17 2.63 -27.19
CA LEU E 31 2.49 2.47 -28.60
C LEU E 31 3.86 1.85 -28.83
N ARG E 32 4.83 2.11 -27.95
CA ARG E 32 6.10 1.42 -28.09
C ARG E 32 6.05 -0.01 -27.59
N LYS E 33 5.31 -0.29 -26.51
CA LYS E 33 5.23 -1.67 -26.04
C LYS E 33 4.30 -2.51 -26.91
N ALA E 34 3.52 -1.90 -27.80
CA ALA E 34 2.85 -2.61 -28.86
C ALA E 34 3.74 -2.85 -30.06
N GLY E 35 4.99 -2.37 -30.00
CA GLY E 35 6.00 -2.74 -30.97
C GLY E 35 5.89 -1.99 -32.26
N LEU E 36 5.66 -0.69 -32.19
CA LEU E 36 5.58 0.14 -33.40
C LEU E 36 6.94 0.19 -34.10
N LEU E 37 8.01 0.19 -33.31
CA LEU E 37 9.37 0.21 -33.85
C LEU E 37 9.64 -1.03 -34.68
N GLU E 38 9.42 -2.22 -34.10
CA GLU E 38 9.73 -3.46 -34.79
C GLU E 38 8.73 -3.75 -35.90
N LYS E 39 7.50 -3.29 -35.78
CA LYS E 39 6.55 -3.44 -36.89
C LYS E 39 6.87 -2.50 -38.04
N LEU E 40 7.63 -1.44 -37.80
CA LEU E 40 8.20 -0.70 -38.94
C LEU E 40 9.32 -1.48 -39.61
N LYS E 41 10.13 -2.20 -38.83
CA LYS E 41 11.42 -2.69 -39.29
C LYS E 41 11.36 -3.86 -40.28
N GLU E 42 10.18 -4.35 -40.65
CA GLU E 42 10.13 -5.37 -41.70
C GLU E 42 10.38 -4.75 -43.07
N GLN E 43 9.58 -3.75 -43.43
CA GLN E 43 9.88 -2.96 -44.61
C GLN E 43 11.02 -1.98 -44.30
N GLU E 44 11.50 -1.29 -45.34
CA GLU E 44 12.76 -0.54 -45.28
C GLU E 44 12.59 0.74 -44.47
N CYS E 45 12.36 0.59 -43.18
CA CYS E 45 12.14 1.72 -42.29
C CYS E 45 13.43 2.03 -41.54
N ASP E 46 14.06 3.14 -41.91
CA ASP E 46 15.20 3.67 -41.16
C ASP E 46 14.67 4.29 -39.88
N VAL E 47 14.61 3.46 -38.84
CA VAL E 47 14.02 3.87 -37.57
C VAL E 47 15.12 4.34 -36.63
N LYS E 48 15.01 5.58 -36.17
CA LYS E 48 15.92 6.13 -35.17
C LYS E 48 15.09 6.75 -34.07
N ASP E 49 15.03 6.07 -32.93
CA ASP E 49 14.34 6.62 -31.76
C ASP E 49 15.20 7.71 -31.16
N TYR E 50 14.59 8.88 -30.94
CA TYR E 50 15.28 10.01 -30.32
C TYR E 50 14.95 10.16 -28.85
N GLY E 51 14.29 9.17 -28.25
CA GLY E 51 13.93 9.25 -26.86
C GLY E 51 12.69 10.08 -26.61
N ASP E 52 12.18 10.05 -25.38
CA ASP E 52 11.01 10.85 -25.05
C ASP E 52 11.42 12.25 -24.63
N LEU E 53 10.51 13.19 -24.84
CA LEU E 53 10.88 14.52 -24.38
C LEU E 53 10.55 14.71 -22.91
N PRO E 54 11.46 15.30 -22.15
CA PRO E 54 11.15 15.68 -20.76
C PRO E 54 10.14 16.80 -20.72
N PHE E 55 9.07 16.60 -19.96
CA PHE E 55 8.09 17.64 -19.73
C PHE E 55 8.20 18.09 -18.29
N ALA E 56 8.83 19.25 -18.07
CA ALA E 56 8.96 19.80 -16.74
C ALA E 56 7.58 20.26 -16.25
N ASP E 57 7.44 20.34 -14.94
CA ASP E 57 6.17 20.71 -14.32
C ASP E 57 6.34 22.11 -13.76
N ILE E 58 5.70 23.08 -14.41
CA ILE E 58 5.56 24.42 -13.85
C ILE E 58 4.53 24.31 -12.73
N PRO E 59 4.91 24.51 -11.47
CA PRO E 59 3.96 24.30 -10.37
C PRO E 59 2.90 25.39 -10.32
N ASN E 60 3.30 26.63 -10.53
CA ASN E 60 2.38 27.75 -10.60
C ASN E 60 2.10 28.09 -12.07
N ASP E 61 1.53 27.11 -12.77
CA ASP E 61 0.98 27.35 -14.09
C ASP E 61 -0.41 27.92 -13.87
N SER E 62 -0.44 29.23 -13.59
CA SER E 62 -1.68 29.89 -13.22
C SER E 62 -2.57 30.04 -14.46
N PRO E 63 -3.88 29.90 -14.32
CA PRO E 63 -4.76 29.90 -15.49
C PRO E 63 -4.88 31.28 -16.11
N PHE E 64 -5.34 31.28 -17.35
CA PHE E 64 -5.81 32.47 -18.05
C PHE E 64 -7.28 32.65 -17.68
N GLN E 65 -8.02 33.52 -18.38
CA GLN E 65 -9.44 33.73 -18.20
C GLN E 65 -10.22 32.43 -18.35
N ILE E 66 -10.08 31.78 -19.50
CA ILE E 66 -10.65 30.46 -19.71
C ILE E 66 -9.58 29.40 -19.91
N VAL E 67 -8.47 29.75 -20.58
CA VAL E 67 -7.40 28.80 -20.87
C VAL E 67 -6.70 28.38 -19.58
N LYS E 68 -6.63 27.07 -19.35
CA LYS E 68 -6.03 26.54 -18.14
C LYS E 68 -4.92 25.56 -18.50
N ASN E 69 -3.97 25.44 -17.59
CA ASN E 69 -2.61 24.96 -17.88
C ASN E 69 -2.00 25.51 -19.17
N PRO E 70 -1.83 26.85 -19.30
CA PRO E 70 -1.28 27.36 -20.57
C PRO E 70 0.23 27.21 -20.73
N ARG E 71 1.00 27.50 -19.68
CA ARG E 71 2.44 27.63 -19.83
C ARG E 71 3.12 26.29 -20.00
N SER E 72 2.57 25.23 -19.38
CA SER E 72 3.10 23.89 -19.59
C SER E 72 2.91 23.45 -21.04
N VAL E 73 1.75 23.77 -21.61
CA VAL E 73 1.48 23.48 -23.03
C VAL E 73 2.44 24.26 -23.93
N GLY E 74 2.63 25.54 -23.63
CA GLY E 74 3.49 26.36 -24.48
C GLY E 74 4.95 25.97 -24.40
N LYS E 75 5.42 25.62 -23.20
CA LYS E 75 6.79 25.13 -23.03
C LYS E 75 6.98 23.78 -23.71
N ALA E 76 5.99 22.89 -23.60
CA ALA E 76 6.06 21.59 -24.23
C ALA E 76 6.08 21.71 -25.75
N SER E 77 5.24 22.60 -26.29
CA SER E 77 5.20 22.74 -27.74
C SER E 77 6.42 23.49 -28.27
N GLU E 78 7.02 24.37 -27.48
CA GLU E 78 8.25 25.02 -27.91
C GLU E 78 9.41 24.02 -27.93
N GLN E 79 9.50 23.20 -26.88
CA GLN E 79 10.46 22.10 -26.84
C GLN E 79 10.27 21.14 -27.99
N LEU E 80 9.01 20.80 -28.29
CA LEU E 80 8.73 19.90 -29.41
C LEU E 80 9.03 20.56 -30.73
N ALA E 81 8.83 21.88 -30.84
CA ALA E 81 9.17 22.59 -32.07
C ALA E 81 10.67 22.54 -32.35
N GLY E 82 11.48 22.68 -31.30
CA GLY E 82 12.90 22.48 -31.45
C GLY E 82 13.27 21.06 -31.83
N LYS E 83 12.60 20.07 -31.25
CA LYS E 83 12.93 18.68 -31.53
C LYS E 83 12.44 18.27 -32.92
N VAL E 84 11.28 18.78 -33.36
CA VAL E 84 10.79 18.51 -34.71
C VAL E 84 11.68 19.16 -35.75
N ALA E 85 12.14 20.39 -35.48
CA ALA E 85 13.10 21.03 -36.38
C ALA E 85 14.42 20.26 -36.41
N GLU E 86 14.81 19.66 -35.29
CA GLU E 86 16.00 18.83 -35.25
C GLU E 86 15.84 17.58 -36.12
N VAL E 87 14.73 16.86 -35.97
CA VAL E 87 14.56 15.62 -36.72
C VAL E 87 14.21 15.87 -38.18
N LYS E 88 13.71 17.04 -38.53
CA LYS E 88 13.55 17.40 -39.94
C LYS E 88 14.85 17.89 -40.56
N LYS E 89 15.77 18.42 -39.76
CA LYS E 89 17.13 18.62 -40.25
C LYS E 89 17.90 17.31 -40.36
N ASN E 90 17.40 16.24 -39.74
CA ASN E 90 17.94 14.91 -39.94
C ASN E 90 17.43 14.25 -41.22
N GLY E 91 16.56 14.91 -41.96
CA GLY E 91 16.07 14.37 -43.21
C GLY E 91 15.05 13.26 -43.09
N ARG E 92 14.55 13.01 -41.87
CA ARG E 92 13.61 11.93 -41.63
C ARG E 92 12.18 12.47 -41.68
N ILE E 93 11.22 11.57 -41.52
CA ILE E 93 9.82 11.95 -41.41
C ILE E 93 9.47 11.93 -39.93
N SER E 94 9.00 13.07 -39.43
CA SER E 94 8.80 13.25 -37.99
C SER E 94 7.59 12.44 -37.54
N LEU E 95 7.85 11.34 -36.83
CA LEU E 95 6.79 10.57 -36.18
C LEU E 95 6.69 11.07 -34.74
N VAL E 96 5.80 12.01 -34.53
CA VAL E 96 5.61 12.62 -33.22
C VAL E 96 4.32 12.11 -32.62
N LEU E 97 4.43 11.27 -31.61
CA LEU E 97 3.24 10.64 -31.06
C LEU E 97 3.16 10.90 -29.56
N GLY E 98 1.98 11.33 -29.11
CA GLY E 98 1.77 11.68 -27.72
C GLY E 98 0.75 10.79 -27.04
N GLY E 99 -0.08 11.37 -26.16
CA GLY E 99 -0.09 12.78 -25.88
C GLY E 99 -1.44 13.40 -26.18
N ASP E 100 -1.43 14.63 -26.69
CA ASP E 100 -2.66 15.33 -27.07
C ASP E 100 -2.32 16.38 -28.12
N HIS E 101 -3.36 16.93 -28.74
CA HIS E 101 -3.25 17.89 -29.84
C HIS E 101 -2.58 19.21 -29.46
N SER E 102 -2.41 19.50 -28.16
CA SER E 102 -1.63 20.65 -27.71
C SER E 102 -0.21 20.63 -28.25
N LEU E 103 0.38 19.44 -28.39
CA LEU E 103 1.70 19.26 -28.95
C LEU E 103 1.77 19.55 -30.44
N ALA E 104 0.64 19.52 -31.15
CA ALA E 104 0.65 19.72 -32.59
C ALA E 104 1.00 21.15 -32.99
N ILE E 105 0.95 22.10 -32.05
CA ILE E 105 1.46 23.45 -32.28
C ILE E 105 2.91 23.40 -32.71
N GLY E 106 3.78 22.88 -31.84
CA GLY E 106 5.19 22.77 -32.18
C GLY E 106 5.45 21.71 -33.23
N SER E 107 4.60 20.69 -33.31
CA SER E 107 4.77 19.68 -34.34
C SER E 107 4.55 20.22 -35.75
N ILE E 108 3.70 21.24 -35.93
CA ILE E 108 3.53 21.86 -37.23
C ILE E 108 4.54 23.00 -37.34
N SER E 109 4.88 23.63 -36.21
CA SER E 109 5.77 24.78 -36.22
C SER E 109 7.19 24.40 -36.61
N GLY E 110 7.77 23.40 -35.95
CA GLY E 110 9.11 22.94 -36.31
C GLY E 110 9.16 22.29 -37.68
N HIS E 111 8.04 21.72 -38.13
CA HIS E 111 7.96 21.22 -39.49
C HIS E 111 7.98 22.36 -40.49
N ALA E 112 7.36 23.49 -40.14
CA ALA E 112 7.40 24.67 -41.00
C ALA E 112 8.72 25.40 -40.93
N ARG E 113 9.49 25.17 -39.87
CA ARG E 113 10.81 25.78 -39.76
C ARG E 113 11.77 25.25 -40.83
N VAL E 114 11.51 24.05 -41.35
CA VAL E 114 12.27 23.52 -42.47
C VAL E 114 11.53 23.74 -43.78
N HIS E 115 10.25 23.37 -43.83
CA HIS E 115 9.46 23.53 -45.04
C HIS E 115 8.33 24.51 -44.76
N PRO E 116 8.48 25.80 -45.09
CA PRO E 116 7.46 26.78 -44.70
C PRO E 116 6.17 26.70 -45.51
N ASP E 117 6.13 25.92 -46.58
CA ASP E 117 4.99 25.86 -47.47
C ASP E 117 4.38 24.46 -47.49
N LEU E 118 4.20 23.89 -46.31
CA LEU E 118 3.64 22.55 -46.21
C LEU E 118 2.12 22.60 -46.24
N GLY E 119 1.50 21.45 -46.04
CA GLY E 119 0.07 21.37 -45.85
C GLY E 119 -0.25 20.49 -44.66
N VAL E 120 -1.44 20.72 -44.10
CA VAL E 120 -1.86 20.02 -42.88
C VAL E 120 -3.15 19.27 -43.19
N ILE E 121 -3.09 17.96 -43.08
CA ILE E 121 -4.29 17.13 -43.14
C ILE E 121 -4.64 16.77 -41.70
N TRP E 122 -5.57 17.52 -41.12
CA TRP E 122 -5.93 17.41 -39.72
C TRP E 122 -7.10 16.45 -39.58
N VAL E 123 -6.78 15.16 -39.57
CA VAL E 123 -7.83 14.14 -39.47
C VAL E 123 -8.24 14.04 -38.01
N ASP E 124 -9.43 14.52 -37.70
CA ASP E 124 -9.91 14.63 -36.34
C ASP E 124 -11.42 14.72 -36.37
N ALA E 125 -12.05 14.25 -35.28
CA ALA E 125 -13.47 14.46 -35.07
C ALA E 125 -13.82 15.93 -34.96
N HIS E 126 -12.88 16.74 -34.47
CA HIS E 126 -13.11 18.12 -34.17
C HIS E 126 -12.14 18.96 -35.00
N THR E 127 -12.44 20.23 -35.17
CA THR E 127 -11.47 21.05 -35.90
C THR E 127 -10.29 21.40 -35.03
N ASP E 128 -10.53 21.50 -33.72
CA ASP E 128 -9.59 22.00 -32.73
C ASP E 128 -9.05 23.37 -33.11
N ILE E 129 -9.96 24.29 -33.46
CA ILE E 129 -9.52 25.64 -33.80
C ILE E 129 -10.26 26.68 -32.94
N ASN E 130 -10.57 26.33 -31.68
CA ASN E 130 -11.05 27.35 -30.75
C ASN E 130 -9.95 28.36 -30.44
N THR E 131 -10.37 29.55 -30.06
CA THR E 131 -9.47 30.60 -29.65
C THR E 131 -9.41 30.65 -28.14
N PRO E 132 -8.38 31.28 -27.56
CA PRO E 132 -8.40 31.52 -26.11
C PRO E 132 -9.56 32.38 -25.65
N LEU E 133 -10.07 33.29 -26.48
CA LEU E 133 -11.17 34.15 -26.12
C LEU E 133 -12.54 33.52 -26.29
N THR E 134 -12.76 32.76 -27.37
CA THR E 134 -14.10 32.32 -27.70
C THR E 134 -14.28 30.81 -27.63
N THR E 135 -13.46 30.13 -26.85
CA THR E 135 -13.82 28.80 -26.38
C THR E 135 -14.75 28.92 -25.18
N THR E 136 -15.23 27.78 -24.73
CA THR E 136 -15.83 27.70 -23.41
C THR E 136 -15.13 26.67 -22.53
N SER E 137 -14.17 25.94 -23.08
CA SER E 137 -13.38 25.01 -22.27
C SER E 137 -12.12 25.69 -21.74
N GLY E 138 -11.32 26.22 -22.64
CA GLY E 138 -9.98 26.62 -22.31
C GLY E 138 -9.00 25.48 -22.26
N ASN E 139 -9.36 24.33 -22.84
CA ASN E 139 -8.47 23.19 -22.86
C ASN E 139 -7.66 23.19 -24.14
N LEU E 140 -6.34 23.16 -24.00
CA LEU E 140 -5.48 23.36 -25.15
C LEU E 140 -5.27 22.11 -25.99
N HIS E 141 -5.99 21.02 -25.71
CA HIS E 141 -6.04 19.92 -26.67
C HIS E 141 -6.99 20.22 -27.82
N GLY E 142 -7.68 21.35 -27.77
CA GLY E 142 -8.45 21.81 -28.89
C GLY E 142 -8.18 23.22 -29.32
N GLN E 143 -7.05 23.79 -28.96
CA GLN E 143 -6.68 25.02 -29.65
C GLN E 143 -5.31 25.02 -30.34
N PRO E 144 -4.86 23.97 -31.11
CA PRO E 144 -3.56 24.15 -31.76
C PRO E 144 -3.62 24.91 -33.08
N VAL E 145 -4.74 24.80 -33.79
CA VAL E 145 -4.77 25.29 -35.15
C VAL E 145 -4.93 26.81 -35.16
N SER E 146 -5.58 27.35 -34.13
CA SER E 146 -5.77 28.79 -34.02
C SER E 146 -4.46 29.54 -33.81
N PHE E 147 -3.46 28.90 -33.19
CA PHE E 147 -2.16 29.55 -33.07
C PHE E 147 -1.37 29.53 -34.38
N LEU E 148 -1.73 28.67 -35.33
CA LEU E 148 -0.85 28.38 -36.45
C LEU E 148 -1.23 29.08 -37.74
N LEU E 149 -2.45 29.61 -37.84
CA LEU E 149 -2.86 30.24 -39.08
C LEU E 149 -2.51 31.72 -39.08
N LYS E 150 -1.80 32.14 -40.14
CA LYS E 150 -1.39 33.53 -40.31
C LYS E 150 -2.57 34.47 -40.47
N GLU E 151 -3.70 33.98 -40.97
CA GLU E 151 -4.90 34.79 -41.13
C GLU E 151 -5.61 35.08 -39.81
N LEU E 152 -5.13 34.52 -38.70
CA LEU E 152 -5.68 34.75 -37.38
C LEU E 152 -4.79 35.64 -36.54
N LYS E 153 -3.72 36.19 -37.12
CA LYS E 153 -2.74 36.99 -36.40
C LYS E 153 -3.37 38.34 -36.04
N GLY E 154 -2.92 38.93 -34.93
CA GLY E 154 -3.47 40.17 -34.43
C GLY E 154 -4.78 39.98 -33.69
N LYS E 155 -5.20 38.75 -33.51
CA LYS E 155 -6.49 38.39 -32.94
C LYS E 155 -6.37 37.31 -31.88
N ILE E 156 -5.23 36.64 -31.82
CA ILE E 156 -4.94 35.63 -30.82
C ILE E 156 -4.30 36.34 -29.63
N PRO E 157 -4.74 36.09 -28.41
CA PRO E 157 -4.14 36.75 -27.25
C PRO E 157 -2.72 36.28 -27.00
N ASP E 158 -2.00 37.07 -26.22
CA ASP E 158 -0.65 36.71 -25.79
C ASP E 158 -0.76 35.89 -24.52
N VAL E 159 -1.33 34.70 -24.66
CA VAL E 159 -1.43 33.75 -23.56
C VAL E 159 -0.03 33.23 -23.24
N PRO E 160 0.37 33.20 -21.97
CA PRO E 160 1.77 32.92 -21.64
C PRO E 160 2.21 31.50 -21.99
N GLY E 161 3.48 31.38 -22.35
CA GLY E 161 4.03 30.18 -22.94
C GLY E 161 4.00 30.18 -24.46
N PHE E 162 3.29 31.11 -25.07
CA PHE E 162 3.08 31.13 -26.51
C PHE E 162 3.76 32.32 -27.17
N SER E 163 4.80 32.85 -26.53
CA SER E 163 5.56 33.97 -27.11
C SER E 163 6.32 33.55 -28.35
N TRP E 164 6.91 32.36 -28.34
CA TRP E 164 7.64 31.80 -29.47
C TRP E 164 6.76 31.46 -30.67
N VAL E 165 5.44 31.43 -30.49
CA VAL E 165 4.51 30.90 -31.49
C VAL E 165 4.45 31.89 -32.65
N THR E 166 4.95 31.48 -33.77
CA THR E 166 4.65 32.17 -35.00
C THR E 166 3.64 31.35 -35.79
N PRO E 167 2.49 31.93 -36.13
CA PRO E 167 1.59 31.27 -37.08
C PRO E 167 2.27 31.10 -38.42
N CYS E 168 2.22 29.88 -38.94
CA CYS E 168 3.12 29.47 -40.01
C CYS E 168 2.46 28.86 -41.22
N ILE E 169 1.17 28.53 -41.14
CA ILE E 169 0.48 27.88 -42.25
C ILE E 169 -0.70 28.76 -42.67
N SER E 170 -1.07 28.63 -43.94
CA SER E 170 -2.15 29.42 -44.49
C SER E 170 -3.48 28.68 -44.36
N ALA E 171 -4.56 29.47 -44.31
CA ALA E 171 -5.90 28.91 -44.19
C ALA E 171 -6.30 28.12 -45.42
N LYS E 172 -5.76 28.48 -46.59
CA LYS E 172 -5.96 27.72 -47.81
C LYS E 172 -4.97 26.57 -47.94
N ASP E 173 -4.14 26.34 -46.92
CA ASP E 173 -3.18 25.25 -46.95
C ASP E 173 -3.43 24.21 -45.87
N ILE E 174 -4.69 23.95 -45.54
CA ILE E 174 -5.06 22.96 -44.53
C ILE E 174 -6.39 22.32 -44.93
N VAL E 175 -6.48 21.01 -44.77
CA VAL E 175 -7.67 20.26 -45.12
C VAL E 175 -8.08 19.42 -43.92
N TYR E 176 -9.27 19.66 -43.40
CA TYR E 176 -9.84 18.80 -42.39
C TYR E 176 -10.54 17.63 -43.06
N ILE E 177 -10.33 16.44 -42.52
CA ILE E 177 -10.98 15.23 -43.03
C ILE E 177 -11.53 14.46 -41.83
N GLY E 178 -12.83 14.27 -41.81
CA GLY E 178 -13.48 13.50 -40.78
C GLY E 178 -14.00 14.27 -39.59
N LEU E 179 -14.31 15.55 -39.76
CA LEU E 179 -14.92 16.34 -38.69
C LEU E 179 -16.29 15.79 -38.37
N ARG E 180 -16.63 15.69 -37.08
CA ARG E 180 -18.01 15.32 -36.77
C ARG E 180 -18.64 15.97 -35.54
N ASP E 181 -17.95 16.87 -34.85
CA ASP E 181 -18.54 17.58 -33.72
C ASP E 181 -17.76 18.89 -33.58
N VAL E 182 -18.41 20.00 -33.94
CA VAL E 182 -17.75 21.29 -33.97
C VAL E 182 -18.57 22.26 -33.13
N ASP E 183 -17.91 22.96 -32.21
CA ASP E 183 -18.50 24.05 -31.47
C ASP E 183 -18.51 25.32 -32.33
N PRO E 184 -19.49 26.23 -32.12
CA PRO E 184 -19.80 27.25 -33.16
C PRO E 184 -18.67 28.19 -33.56
N GLY E 185 -17.77 28.53 -32.62
CA GLY E 185 -16.67 29.40 -32.96
C GLY E 185 -15.75 28.84 -34.02
N GLU E 186 -15.53 27.54 -33.95
CA GLU E 186 -14.63 26.87 -34.86
C GLU E 186 -15.19 26.81 -36.26
N HIS E 187 -16.52 26.69 -36.39
CA HIS E 187 -17.09 26.62 -37.72
C HIS E 187 -17.25 28.00 -38.35
N TYR E 188 -17.34 29.07 -37.53
CA TYR E 188 -17.29 30.39 -38.15
C TYR E 188 -15.91 30.66 -38.71
N ILE E 189 -14.87 30.27 -37.96
CA ILE E 189 -13.51 30.37 -38.47
C ILE E 189 -13.35 29.53 -39.73
N LEU E 190 -13.95 28.33 -39.72
CA LEU E 190 -13.88 27.40 -40.84
C LEU E 190 -14.53 27.96 -42.10
N LYS E 191 -15.65 28.68 -41.95
CA LYS E 191 -16.32 29.22 -43.12
C LYS E 191 -15.79 30.56 -43.57
N THR E 192 -15.27 31.37 -42.65
CA THR E 192 -14.83 32.71 -43.03
C THR E 192 -13.45 32.67 -43.66
N LEU E 193 -12.60 31.74 -43.23
CA LEU E 193 -11.28 31.66 -43.82
C LEU E 193 -11.30 31.00 -45.19
N GLY E 194 -12.40 30.32 -45.54
CA GLY E 194 -12.44 29.56 -46.76
C GLY E 194 -11.56 28.33 -46.73
N ILE E 195 -11.40 27.71 -45.57
CA ILE E 195 -10.64 26.47 -45.43
C ILE E 195 -11.37 25.38 -46.20
N LYS E 196 -10.64 24.61 -46.99
CA LYS E 196 -11.24 23.45 -47.63
C LYS E 196 -11.28 22.33 -46.60
N TYR E 197 -12.40 21.61 -46.55
CA TYR E 197 -12.61 20.56 -45.58
C TYR E 197 -13.54 19.52 -46.17
N PHE E 198 -13.33 18.26 -45.79
CA PHE E 198 -14.22 17.18 -46.15
C PHE E 198 -14.66 16.52 -44.85
N SER E 199 -15.82 16.91 -44.34
CA SER E 199 -16.35 16.23 -43.19
C SER E 199 -16.95 14.90 -43.59
N MET E 200 -17.53 14.24 -42.59
CA MET E 200 -18.14 12.94 -42.80
C MET E 200 -19.34 13.01 -43.73
N THR E 201 -19.99 14.18 -43.82
CA THR E 201 -20.88 14.45 -44.93
C THR E 201 -20.16 14.30 -46.26
N GLU E 202 -19.12 15.10 -46.47
CA GLU E 202 -18.44 15.11 -47.76
C GLU E 202 -17.65 13.83 -47.99
N VAL E 203 -17.17 13.20 -46.90
CA VAL E 203 -16.57 11.87 -46.97
C VAL E 203 -17.55 10.88 -47.56
N ASP E 204 -18.74 10.81 -47.00
CA ASP E 204 -19.74 9.91 -47.56
C ASP E 204 -20.23 10.35 -48.93
N ARG E 205 -20.19 11.66 -49.22
CA ARG E 205 -20.70 12.16 -50.50
C ARG E 205 -19.82 11.71 -51.65
N LEU E 206 -18.56 12.07 -51.60
CA LEU E 206 -17.69 11.68 -52.69
C LEU E 206 -17.27 10.24 -52.61
N GLY E 207 -17.34 9.61 -51.44
CA GLY E 207 -16.61 8.38 -51.24
C GLY E 207 -15.27 8.77 -50.68
N ILE E 208 -14.68 7.93 -49.83
CA ILE E 208 -13.41 8.27 -49.20
C ILE E 208 -12.28 8.38 -50.22
N GLY E 209 -12.40 7.71 -51.37
CA GLY E 209 -11.36 7.78 -52.36
C GLY E 209 -11.40 9.05 -53.19
N LYS E 210 -12.61 9.46 -53.59
CA LYS E 210 -12.74 10.74 -54.26
C LYS E 210 -12.46 11.90 -53.32
N VAL E 211 -12.69 11.70 -52.02
CA VAL E 211 -12.31 12.70 -51.03
C VAL E 211 -10.80 12.85 -50.94
N MET E 212 -10.07 11.72 -50.81
CA MET E 212 -8.62 11.82 -50.82
C MET E 212 -8.08 12.27 -52.16
N GLU E 213 -8.79 11.96 -53.24
CA GLU E 213 -8.45 12.45 -54.57
C GLU E 213 -8.53 13.98 -54.63
N GLU E 214 -9.63 14.54 -54.13
CA GLU E 214 -9.78 15.99 -54.17
C GLU E 214 -8.93 16.68 -53.11
N THR E 215 -8.61 15.98 -52.01
CA THR E 215 -7.72 16.55 -51.01
C THR E 215 -6.31 16.69 -51.55
N LEU E 216 -5.81 15.65 -52.21
CA LEU E 216 -4.53 15.74 -52.90
C LEU E 216 -4.61 16.66 -54.11
N SER E 217 -5.78 16.81 -54.72
CA SER E 217 -5.94 17.79 -55.79
C SER E 217 -5.97 19.21 -55.24
N TYR E 218 -6.33 19.38 -53.98
CA TYR E 218 -6.35 20.70 -53.38
C TYR E 218 -4.97 21.11 -52.88
N LEU E 219 -4.30 20.21 -52.16
CA LEU E 219 -2.97 20.51 -51.65
C LEU E 219 -1.89 20.39 -52.72
N LEU E 220 -1.83 19.24 -53.38
CA LEU E 220 -0.76 18.93 -54.31
C LEU E 220 -1.12 19.19 -55.76
N GLY E 221 -2.39 19.52 -56.03
CA GLY E 221 -2.79 19.79 -57.41
C GLY E 221 -2.20 21.08 -57.95
N ARG E 222 -1.91 22.04 -57.08
CA ARG E 222 -1.21 23.24 -57.49
C ARG E 222 0.28 23.01 -57.65
N LYS E 223 0.91 22.38 -56.66
CA LYS E 223 2.36 22.22 -56.63
C LYS E 223 2.71 21.12 -55.64
N LYS E 224 3.74 20.34 -55.96
CA LYS E 224 4.26 19.35 -55.03
C LYS E 224 4.87 20.05 -53.82
N ARG E 225 4.48 19.61 -52.63
CA ARG E 225 4.91 20.24 -51.39
C ARG E 225 4.79 19.22 -50.27
N PRO E 226 5.53 19.40 -49.17
CA PRO E 226 5.44 18.44 -48.06
C PRO E 226 4.08 18.41 -47.40
N ILE E 227 3.67 17.22 -46.97
CA ILE E 227 2.38 16.97 -46.36
C ILE E 227 2.59 16.58 -44.91
N HIS E 228 1.82 17.18 -44.01
CA HIS E 228 1.92 16.89 -42.59
C HIS E 228 0.59 16.31 -42.12
N LEU E 229 0.46 14.99 -42.18
CA LEU E 229 -0.71 14.31 -41.62
C LEU E 229 -0.65 14.39 -40.10
N SER E 230 -1.44 15.25 -39.51
CA SER E 230 -1.65 15.23 -38.07
C SER E 230 -2.97 14.51 -37.83
N PHE E 231 -2.91 13.42 -37.08
CA PHE E 231 -3.97 12.43 -37.08
C PHE E 231 -4.43 12.19 -35.65
N ASP E 232 -5.69 12.46 -35.40
CA ASP E 232 -6.30 12.08 -34.15
C ASP E 232 -6.83 10.66 -34.27
N VAL E 233 -6.89 9.97 -33.13
CA VAL E 233 -7.43 8.62 -33.11
C VAL E 233 -8.87 8.59 -32.62
N ASP E 234 -9.44 9.74 -32.31
CA ASP E 234 -10.89 9.74 -32.15
C ASP E 234 -11.60 10.09 -33.44
N GLY E 235 -10.85 10.45 -34.49
CA GLY E 235 -11.47 10.71 -35.78
C GLY E 235 -12.04 9.46 -36.42
N LEU E 236 -11.50 8.30 -36.05
CA LEU E 236 -12.12 7.04 -36.38
C LEU E 236 -13.33 6.80 -35.48
N ASP E 237 -14.15 5.83 -35.85
CA ASP E 237 -15.35 5.53 -35.09
C ASP E 237 -14.97 4.85 -33.78
N PRO E 238 -15.66 5.17 -32.66
CA PRO E 238 -15.33 4.55 -31.38
C PRO E 238 -15.63 3.06 -31.27
N SER E 239 -16.22 2.46 -32.29
CA SER E 239 -16.23 1.00 -32.38
C SER E 239 -14.82 0.43 -32.56
N PHE E 240 -13.90 1.22 -33.13
CA PHE E 240 -12.52 0.79 -33.30
C PHE E 240 -11.57 1.39 -32.27
N THR E 241 -11.75 2.67 -31.93
CA THR E 241 -10.96 3.33 -30.88
C THR E 241 -11.89 3.94 -29.84
N PRO E 242 -12.38 3.14 -28.89
CA PRO E 242 -13.08 3.73 -27.74
C PRO E 242 -12.14 4.26 -26.68
N ALA E 243 -10.87 3.86 -26.71
CA ALA E 243 -9.90 4.28 -25.69
C ALA E 243 -9.21 5.58 -26.10
N THR E 244 -10.02 6.60 -26.28
CA THR E 244 -9.57 7.94 -26.61
C THR E 244 -10.12 8.92 -25.59
N GLY E 245 -9.67 10.17 -25.70
CA GLY E 245 -10.07 11.20 -24.77
C GLY E 245 -11.50 11.67 -24.97
N THR E 246 -11.84 12.07 -26.19
CA THR E 246 -13.17 12.58 -26.52
C THR E 246 -13.78 11.70 -27.62
N PRO E 247 -14.40 10.59 -27.25
CA PRO E 247 -15.04 9.75 -28.27
C PRO E 247 -16.37 10.36 -28.72
N VAL E 248 -16.52 10.48 -30.04
CA VAL E 248 -17.74 10.95 -30.66
C VAL E 248 -18.13 9.88 -31.67
N VAL E 249 -19.38 9.42 -31.61
CA VAL E 249 -19.79 8.37 -32.53
C VAL E 249 -19.96 8.94 -33.94
N GLY E 250 -19.73 8.08 -34.94
CA GLY E 250 -19.89 8.47 -36.32
C GLY E 250 -18.61 8.75 -37.06
N GLY E 251 -17.48 8.27 -36.54
CA GLY E 251 -16.19 8.52 -37.14
C GLY E 251 -15.95 7.66 -38.36
N LEU E 252 -14.75 7.82 -38.92
CA LEU E 252 -14.35 7.06 -40.09
C LEU E 252 -14.22 5.58 -39.73
N THR E 253 -14.49 4.72 -40.71
CA THR E 253 -14.18 3.34 -40.48
C THR E 253 -12.67 3.14 -40.51
N TYR E 254 -12.23 2.12 -39.79
CA TYR E 254 -10.82 1.79 -39.67
C TYR E 254 -10.17 1.53 -41.02
N ARG E 255 -10.93 0.92 -41.93
CA ARG E 255 -10.57 0.79 -43.34
C ARG E 255 -10.18 2.13 -43.94
N GLU E 256 -11.04 3.13 -43.78
CA GLU E 256 -10.83 4.42 -44.42
C GLU E 256 -9.72 5.22 -43.76
N GLY E 257 -9.52 5.03 -42.45
CA GLY E 257 -8.38 5.67 -41.79
C GLY E 257 -7.07 5.17 -42.36
N LEU E 258 -6.93 3.83 -42.46
CA LEU E 258 -5.80 3.23 -43.15
C LEU E 258 -5.69 3.71 -44.58
N TYR E 259 -6.81 3.95 -45.24
CA TYR E 259 -6.80 4.42 -46.62
C TYR E 259 -6.23 5.83 -46.75
N ILE E 260 -6.65 6.74 -45.88
CA ILE E 260 -6.17 8.12 -45.90
C ILE E 260 -4.66 8.15 -45.72
N THR E 261 -4.15 7.31 -44.80
CA THR E 261 -2.71 7.20 -44.62
C THR E 261 -2.02 6.64 -45.86
N GLU E 262 -2.68 5.73 -46.57
CA GLU E 262 -2.02 5.11 -47.73
C GLU E 262 -2.00 6.04 -48.94
N GLU E 263 -3.02 6.89 -49.09
CA GLU E 263 -2.93 7.92 -50.11
C GLU E 263 -1.85 8.94 -49.81
N ILE E 264 -1.65 9.28 -48.55
CA ILE E 264 -0.56 10.18 -48.21
C ILE E 264 0.79 9.51 -48.47
N TYR E 265 0.86 8.20 -48.31
CA TYR E 265 2.09 7.49 -48.66
C TYR E 265 2.34 7.46 -50.16
N LYS E 266 1.30 7.13 -50.94
CA LYS E 266 1.55 6.92 -52.36
C LYS E 266 1.70 8.20 -53.16
N THR E 267 1.64 9.37 -52.51
CA THR E 267 2.20 10.57 -53.13
C THR E 267 3.71 10.55 -53.06
N GLY E 268 4.26 9.80 -52.11
CA GLY E 268 5.68 9.88 -51.81
C GLY E 268 6.11 11.15 -51.15
N LEU E 269 5.18 11.90 -50.56
CA LEU E 269 5.46 13.23 -50.03
C LEU E 269 5.12 13.35 -48.55
N LEU E 270 5.07 12.23 -47.83
CA LEU E 270 4.85 12.27 -46.40
C LEU E 270 6.09 12.85 -45.70
N SER E 271 5.87 13.90 -44.92
CA SER E 271 6.99 14.62 -44.32
C SER E 271 6.76 14.96 -42.85
N GLY E 272 5.68 14.49 -42.24
CA GLY E 272 5.43 14.74 -40.84
C GLY E 272 4.17 14.06 -40.37
N LEU E 273 4.23 13.38 -39.23
CA LEU E 273 3.14 12.54 -38.78
C LEU E 273 2.89 12.72 -37.29
N ASP E 274 1.62 12.87 -36.92
CA ASP E 274 1.22 13.00 -35.53
C ASP E 274 0.19 11.94 -35.20
N ILE E 275 0.39 11.24 -34.09
CA ILE E 275 -0.57 10.28 -33.56
C ILE E 275 -0.89 10.75 -32.15
N MET E 276 -2.02 11.42 -31.98
CA MET E 276 -2.37 12.03 -30.71
C MET E 276 -3.56 11.34 -30.09
N GLU E 277 -3.85 11.74 -28.84
CA GLU E 277 -5.06 11.39 -28.09
C GLU E 277 -5.21 9.89 -27.82
N VAL E 278 -4.15 9.12 -27.94
CA VAL E 278 -4.20 7.73 -27.51
C VAL E 278 -4.20 7.70 -25.99
N ASN E 279 -5.18 7.01 -25.41
CA ASN E 279 -5.31 6.97 -23.95
C ASN E 279 -5.71 5.56 -23.53
N PRO E 280 -4.77 4.78 -23.00
CA PRO E 280 -5.07 3.43 -22.52
C PRO E 280 -5.87 3.41 -21.22
N SER E 281 -6.00 4.53 -20.54
CA SER E 281 -6.65 4.58 -19.25
C SER E 281 -8.17 4.67 -19.35
N LEU E 282 -8.72 4.87 -20.55
CA LEU E 282 -10.16 5.10 -20.68
C LEU E 282 -10.89 3.96 -21.35
N GLY E 283 -10.20 2.89 -21.73
CA GLY E 283 -10.89 1.70 -22.21
C GLY E 283 -11.59 1.01 -21.06
N LYS E 284 -12.88 0.69 -21.26
CA LYS E 284 -13.65 0.04 -20.20
C LYS E 284 -13.19 -1.39 -19.98
N THR E 285 -12.72 -2.05 -21.03
CA THR E 285 -12.01 -3.31 -20.94
C THR E 285 -10.62 -3.10 -21.53
N PRO E 286 -9.64 -3.92 -21.15
CA PRO E 286 -8.35 -3.89 -21.86
C PRO E 286 -8.44 -4.35 -23.30
N GLU E 287 -9.49 -5.08 -23.67
CA GLU E 287 -9.72 -5.43 -25.07
C GLU E 287 -10.01 -4.19 -25.91
N GLU E 288 -10.73 -3.22 -25.33
CA GLU E 288 -10.95 -1.94 -26.00
C GLU E 288 -9.65 -1.21 -26.23
N VAL E 289 -8.78 -1.20 -25.21
CA VAL E 289 -7.45 -0.60 -25.33
C VAL E 289 -6.64 -1.34 -26.38
N THR E 290 -6.78 -2.66 -26.44
CA THR E 290 -6.02 -3.47 -27.38
C THR E 290 -6.42 -3.17 -28.82
N ARG E 291 -7.74 -3.05 -29.07
CA ARG E 291 -8.21 -2.65 -30.39
C ARG E 291 -7.74 -1.24 -30.75
N THR E 292 -7.80 -0.32 -29.78
CA THR E 292 -7.41 1.07 -30.05
C THR E 292 -5.94 1.20 -30.39
N VAL E 293 -5.09 0.51 -29.64
CA VAL E 293 -3.65 0.66 -29.84
C VAL E 293 -3.21 -0.08 -31.09
N ASN E 294 -3.77 -1.28 -31.36
CA ASN E 294 -3.48 -1.97 -32.61
C ASN E 294 -3.97 -1.17 -33.81
N THR E 295 -5.10 -0.48 -33.67
CA THR E 295 -5.56 0.46 -34.70
C THR E 295 -4.54 1.55 -34.96
N ALA E 296 -4.09 2.25 -33.91
CA ALA E 296 -3.19 3.39 -34.10
C ALA E 296 -1.83 2.95 -34.60
N VAL E 297 -1.37 1.76 -34.17
CA VAL E 297 -0.12 1.21 -34.67
C VAL E 297 -0.22 0.93 -36.16
N ALA E 298 -1.29 0.26 -36.60
CA ALA E 298 -1.40 -0.08 -38.01
C ALA E 298 -1.70 1.15 -38.87
N ILE E 299 -2.31 2.19 -38.28
CA ILE E 299 -2.42 3.48 -38.95
C ILE E 299 -1.02 4.04 -39.22
N THR E 300 -0.16 4.03 -38.20
CA THR E 300 1.20 4.54 -38.35
C THR E 300 2.02 3.69 -39.32
N LEU E 301 1.71 2.39 -39.38
CA LEU E 301 2.34 1.51 -40.35
C LEU E 301 1.94 1.88 -41.77
N ALA E 302 0.64 2.07 -42.01
CA ALA E 302 0.17 2.41 -43.33
C ALA E 302 0.46 3.87 -43.71
N CYS E 303 0.93 4.68 -42.76
CA CYS E 303 1.46 5.99 -43.13
C CYS E 303 2.79 5.85 -43.87
N PHE E 304 3.73 5.10 -43.30
CA PHE E 304 5.09 5.05 -43.83
C PHE E 304 5.24 3.98 -44.89
N GLY E 305 4.16 3.47 -45.43
CA GLY E 305 4.25 2.49 -46.48
C GLY E 305 4.25 1.07 -46.01
N LEU E 306 3.55 0.76 -44.93
CA LEU E 306 3.03 -0.60 -44.84
C LEU E 306 1.69 -0.56 -45.55
N ALA E 307 1.73 -0.59 -46.87
CA ALA E 307 0.53 -0.51 -47.66
C ALA E 307 -0.19 -1.85 -47.60
N ARG E 308 -1.51 -1.80 -47.72
CA ARG E 308 -2.28 -3.03 -47.68
C ARG E 308 -2.12 -3.82 -48.98
N GLU E 309 -1.68 -3.18 -50.06
CA GLU E 309 -1.35 -3.88 -51.28
C GLU E 309 -0.13 -4.77 -51.12
N GLY E 310 0.78 -4.42 -50.23
CA GLY E 310 2.05 -5.12 -50.17
C GLY E 310 3.25 -4.21 -50.07
N ASN E 311 4.30 -4.71 -49.45
CA ASN E 311 5.57 -4.01 -49.31
C ASN E 311 6.66 -5.03 -49.60
N HIS E 312 7.72 -4.62 -50.29
CA HIS E 312 8.73 -5.61 -50.67
C HIS E 312 10.14 -5.09 -50.56
N LYS E 313 11.09 -6.01 -50.62
CA LYS E 313 12.48 -5.66 -50.87
C LYS E 313 12.88 -6.14 -52.27
N PRO E 314 13.57 -5.32 -53.04
CA PRO E 314 13.74 -5.60 -54.48
C PRO E 314 14.80 -6.65 -54.79
N ILE E 315 14.55 -7.89 -54.38
CA ILE E 315 15.31 -9.05 -54.83
C ILE E 315 14.31 -10.08 -55.30
N ASP E 316 14.76 -11.02 -56.13
CA ASP E 316 13.90 -12.12 -56.55
C ASP E 316 13.62 -13.03 -55.37
N TYR E 317 12.36 -13.38 -55.18
CA TYR E 317 11.95 -14.28 -54.11
C TYR E 317 11.58 -15.65 -54.60
N LEU E 318 11.82 -15.94 -55.87
CA LEU E 318 11.67 -17.30 -56.39
C LEU E 318 13.01 -18.01 -56.35
N ASN E 319 13.71 -17.90 -55.22
CA ASN E 319 15.11 -18.28 -55.10
C ASN E 319 15.48 -18.53 -53.65
N ALA F 3 -35.25 -23.27 -61.60
CA ALA F 3 -34.85 -22.85 -62.95
C ALA F 3 -33.45 -23.32 -63.26
N LYS F 4 -32.77 -22.59 -64.16
CA LYS F 4 -31.36 -22.83 -64.42
C LYS F 4 -30.54 -22.55 -63.16
N SER F 5 -30.57 -21.31 -62.69
CA SER F 5 -30.05 -21.02 -61.38
C SER F 5 -31.03 -21.49 -60.32
N ARG F 6 -30.62 -21.34 -59.06
CA ARG F 6 -31.20 -21.96 -57.86
C ARG F 6 -31.63 -23.42 -58.11
N THR F 7 -30.65 -24.21 -58.55
CA THR F 7 -30.76 -25.66 -58.67
C THR F 7 -29.48 -26.18 -58.03
N ILE F 8 -29.60 -26.73 -56.82
CA ILE F 8 -28.49 -26.83 -55.89
C ILE F 8 -28.14 -28.29 -55.63
N GLY F 9 -26.86 -28.63 -55.78
CA GLY F 9 -26.32 -29.83 -55.20
C GLY F 9 -25.43 -29.51 -54.02
N ILE F 10 -25.85 -29.89 -52.81
CA ILE F 10 -25.07 -29.61 -51.61
C ILE F 10 -24.04 -30.71 -51.42
N ILE F 11 -22.79 -30.32 -51.18
CA ILE F 11 -21.72 -31.24 -50.83
C ILE F 11 -21.11 -30.75 -49.54
N GLY F 12 -21.42 -31.43 -48.43
CA GLY F 12 -20.71 -31.15 -47.19
C GLY F 12 -19.38 -31.87 -47.17
N ALA F 13 -18.35 -31.14 -46.75
CA ALA F 13 -16.98 -31.67 -46.76
C ALA F 13 -16.28 -31.34 -45.45
N PRO F 14 -16.55 -32.11 -44.38
CA PRO F 14 -15.86 -31.85 -43.10
C PRO F 14 -14.41 -32.30 -43.06
N PHE F 15 -13.53 -31.46 -43.59
CA PHE F 15 -12.11 -31.74 -43.65
C PHE F 15 -11.34 -30.60 -43.00
N SER F 16 -10.23 -30.94 -42.31
CA SER F 16 -9.50 -29.92 -41.57
C SER F 16 -8.01 -29.84 -41.89
N LYS F 17 -7.37 -30.89 -42.40
CA LYS F 17 -5.92 -31.03 -42.30
C LYS F 17 -5.14 -30.07 -43.21
N GLY F 18 -5.80 -29.21 -43.97
CA GLY F 18 -5.10 -28.11 -44.63
C GLY F 18 -4.82 -26.99 -43.66
N GLN F 19 -5.72 -26.77 -42.70
CA GLN F 19 -5.57 -25.70 -41.73
C GLN F 19 -5.24 -26.28 -40.34
N PRO F 20 -4.51 -25.54 -39.53
CA PRO F 20 -4.06 -26.12 -38.26
C PRO F 20 -5.10 -26.14 -37.14
N ARG F 21 -5.98 -25.14 -37.06
CA ARG F 21 -6.93 -25.04 -35.95
C ARG F 21 -8.03 -26.07 -36.12
N GLY F 22 -7.90 -27.21 -35.47
CA GLY F 22 -8.88 -28.28 -35.61
C GLY F 22 -10.22 -27.90 -35.00
N GLY F 23 -11.27 -28.15 -35.75
CA GLY F 23 -12.60 -27.73 -35.36
C GLY F 23 -13.45 -27.30 -36.52
N VAL F 24 -12.83 -27.07 -37.69
CA VAL F 24 -13.60 -26.73 -38.88
C VAL F 24 -14.32 -27.91 -39.48
N GLU F 25 -14.07 -29.12 -38.98
CA GLU F 25 -14.83 -30.29 -39.42
C GLU F 25 -16.24 -30.31 -38.85
N GLU F 26 -16.56 -29.42 -37.92
CA GLU F 26 -17.97 -29.12 -37.66
C GLU F 26 -18.40 -27.90 -38.49
N GLY F 27 -18.04 -27.92 -39.76
CA GLY F 27 -18.45 -26.92 -40.71
C GLY F 27 -19.80 -27.20 -41.33
N PRO F 28 -19.92 -28.31 -42.07
CA PRO F 28 -21.22 -28.66 -42.64
C PRO F 28 -22.26 -29.04 -41.61
N THR F 29 -21.84 -29.54 -40.44
CA THR F 29 -22.80 -29.91 -39.41
C THR F 29 -23.53 -28.68 -38.87
N VAL F 30 -22.79 -27.59 -38.63
CA VAL F 30 -23.43 -26.42 -38.07
C VAL F 30 -24.21 -25.65 -39.14
N LEU F 31 -23.70 -25.59 -40.37
CA LEU F 31 -24.46 -24.96 -41.46
C LEU F 31 -25.72 -25.74 -41.81
N ARG F 32 -25.72 -27.06 -41.68
CA ARG F 32 -26.96 -27.79 -41.88
C ARG F 32 -27.92 -27.67 -40.70
N LYS F 33 -27.40 -27.67 -39.46
CA LYS F 33 -28.30 -27.52 -38.32
C LYS F 33 -28.79 -26.09 -38.16
N ALA F 34 -28.18 -25.13 -38.86
CA ALA F 34 -28.76 -23.80 -38.98
C ALA F 34 -29.80 -23.74 -40.10
N GLY F 35 -30.03 -24.85 -40.79
CA GLY F 35 -31.17 -24.96 -41.68
C GLY F 35 -30.93 -24.31 -43.02
N LEU F 36 -29.75 -24.51 -43.60
CA LEU F 36 -29.46 -23.95 -44.91
C LEU F 36 -30.33 -24.60 -45.98
N LEU F 37 -30.62 -25.89 -45.81
CA LEU F 37 -31.49 -26.63 -46.74
C LEU F 37 -32.89 -26.03 -46.77
N GLU F 38 -33.51 -25.90 -45.61
CA GLU F 38 -34.88 -25.42 -45.55
C GLU F 38 -34.97 -23.93 -45.85
N LYS F 39 -33.93 -23.16 -45.53
CA LYS F 39 -33.94 -21.76 -45.91
C LYS F 39 -33.72 -21.56 -47.40
N LEU F 40 -33.19 -22.57 -48.11
CA LEU F 40 -33.27 -22.51 -49.56
C LEU F 40 -34.68 -22.80 -50.06
N LYS F 41 -35.41 -23.68 -49.41
CA LYS F 41 -36.61 -24.28 -49.97
C LYS F 41 -37.83 -23.36 -50.04
N GLU F 42 -37.74 -22.11 -49.59
CA GLU F 42 -38.87 -21.20 -49.79
C GLU F 42 -38.95 -20.75 -51.24
N GLN F 43 -37.86 -20.17 -51.76
CA GLN F 43 -37.77 -19.92 -53.18
C GLN F 43 -37.47 -21.22 -53.93
N GLU F 44 -37.51 -21.16 -55.26
CA GLU F 44 -37.53 -22.36 -56.10
C GLU F 44 -36.17 -23.03 -56.16
N CYS F 45 -35.75 -23.57 -55.02
CA CYS F 45 -34.45 -24.21 -54.90
C CYS F 45 -34.62 -25.72 -55.01
N ASP F 46 -34.17 -26.27 -56.13
CA ASP F 46 -34.09 -27.72 -56.31
C ASP F 46 -32.90 -28.22 -55.48
N VAL F 47 -33.20 -28.57 -54.24
CA VAL F 47 -32.15 -28.96 -53.29
C VAL F 47 -32.04 -30.47 -53.28
N LYS F 48 -30.84 -30.97 -53.58
CA LYS F 48 -30.55 -32.40 -53.49
C LYS F 48 -29.27 -32.57 -52.68
N ASP F 49 -29.40 -33.01 -51.44
CA ASP F 49 -28.24 -33.30 -50.61
C ASP F 49 -27.60 -34.59 -51.11
N TYR F 50 -26.30 -34.56 -51.35
CA TYR F 50 -25.55 -35.72 -51.78
C TYR F 50 -24.77 -36.37 -50.64
N GLY F 51 -25.03 -35.96 -49.40
CA GLY F 51 -24.33 -36.53 -48.26
C GLY F 51 -22.95 -35.93 -48.06
N ASP F 52 -22.32 -36.25 -46.94
CA ASP F 52 -20.98 -35.75 -46.68
C ASP F 52 -19.94 -36.65 -47.31
N LEU F 53 -18.78 -36.08 -47.63
CA LEU F 53 -17.77 -36.96 -48.17
C LEU F 53 -16.97 -37.61 -47.04
N PRO F 54 -16.72 -38.91 -47.15
CA PRO F 54 -15.82 -39.59 -46.22
C PRO F 54 -14.39 -39.11 -46.41
N PHE F 55 -13.75 -38.70 -45.33
CA PHE F 55 -12.35 -38.33 -45.36
C PHE F 55 -11.58 -39.38 -44.57
N ALA F 56 -10.91 -40.27 -45.30
CA ALA F 56 -10.10 -41.29 -44.66
C ALA F 56 -8.86 -40.64 -44.03
N ASP F 57 -8.30 -41.32 -43.03
CA ASP F 57 -7.16 -40.80 -42.29
C ASP F 57 -5.94 -41.61 -42.72
N ILE F 58 -5.06 -40.99 -43.49
CA ILE F 58 -3.75 -41.54 -43.76
C ILE F 58 -2.95 -41.38 -42.47
N PRO F 59 -2.57 -42.46 -41.79
CA PRO F 59 -1.88 -42.31 -40.49
C PRO F 59 -0.46 -41.81 -40.65
N ASN F 60 0.25 -42.31 -41.64
CA ASN F 60 1.59 -41.84 -41.96
C ASN F 60 1.53 -40.86 -43.12
N ASP F 61 0.80 -39.76 -42.89
CA ASP F 61 0.85 -38.62 -43.79
C ASP F 61 2.09 -37.82 -43.42
N SER F 62 3.23 -38.30 -43.91
CA SER F 62 4.51 -37.73 -43.53
C SER F 62 4.68 -36.37 -44.18
N PRO F 63 5.29 -35.40 -43.51
CA PRO F 63 5.35 -34.03 -44.05
C PRO F 63 6.31 -33.93 -45.22
N PHE F 64 6.14 -32.85 -45.96
CA PHE F 64 7.08 -32.38 -46.96
C PHE F 64 8.12 -31.51 -46.21
N GLN F 65 8.95 -30.75 -46.93
CA GLN F 65 9.91 -29.81 -46.36
C GLN F 65 9.22 -28.79 -45.46
N ILE F 66 8.25 -28.07 -46.01
CA ILE F 66 7.43 -27.16 -45.23
C ILE F 66 5.97 -27.61 -45.21
N VAL F 67 5.46 -28.16 -46.32
CA VAL F 67 4.06 -28.57 -46.42
C VAL F 67 3.80 -29.75 -45.50
N LYS F 68 2.79 -29.61 -44.64
CA LYS F 68 2.46 -30.65 -43.67
C LYS F 68 1.00 -31.04 -43.82
N ASN F 69 0.70 -32.29 -43.44
CA ASN F 69 -0.45 -33.03 -43.92
C ASN F 69 -0.76 -32.90 -45.42
N PRO F 70 0.18 -33.28 -46.32
CA PRO F 70 -0.11 -33.09 -47.75
C PRO F 70 -1.05 -34.13 -48.35
N ARG F 71 -0.86 -35.41 -48.03
CA ARG F 71 -1.55 -36.46 -48.77
C ARG F 71 -3.02 -36.55 -48.41
N SER F 72 -3.37 -36.21 -47.17
CA SER F 72 -4.78 -36.15 -46.79
C SER F 72 -5.50 -35.05 -47.54
N VAL F 73 -4.85 -33.89 -47.70
CA VAL F 73 -5.40 -32.80 -48.50
C VAL F 73 -5.56 -33.21 -49.95
N GLY F 74 -4.55 -33.86 -50.52
CA GLY F 74 -4.61 -34.23 -51.92
C GLY F 74 -5.65 -35.30 -52.20
N LYS F 75 -5.78 -36.28 -51.30
CA LYS F 75 -6.80 -37.31 -51.44
C LYS F 75 -8.19 -36.71 -51.26
N ALA F 76 -8.35 -35.78 -50.32
CA ALA F 76 -9.64 -35.13 -50.10
C ALA F 76 -10.05 -34.30 -51.29
N SER F 77 -9.11 -33.56 -51.87
CA SER F 77 -9.43 -32.71 -53.01
C SER F 77 -9.64 -33.54 -54.28
N GLU F 78 -8.97 -34.68 -54.40
CA GLU F 78 -9.23 -35.55 -55.55
C GLU F 78 -10.63 -36.17 -55.46
N GLN F 79 -10.99 -36.64 -54.26
CA GLN F 79 -12.33 -37.13 -53.99
C GLN F 79 -13.38 -36.06 -54.24
N LEU F 80 -13.10 -34.84 -53.80
CA LEU F 80 -14.04 -33.75 -54.03
C LEU F 80 -14.09 -33.35 -55.50
N ALA F 81 -12.98 -33.48 -56.22
CA ALA F 81 -12.99 -33.20 -57.65
C ALA F 81 -13.88 -34.17 -58.40
N GLY F 82 -13.85 -35.45 -58.01
CA GLY F 82 -14.78 -36.42 -58.56
C GLY F 82 -16.23 -36.11 -58.22
N LYS F 83 -16.47 -35.69 -56.97
CA LYS F 83 -17.84 -35.41 -56.54
C LYS F 83 -18.38 -34.12 -57.15
N VAL F 84 -17.52 -33.11 -57.33
CA VAL F 84 -17.92 -31.87 -57.98
C VAL F 84 -18.20 -32.11 -59.45
N ALA F 85 -17.38 -32.94 -60.11
CA ALA F 85 -17.65 -33.31 -61.49
C ALA F 85 -18.95 -34.10 -61.61
N GLU F 86 -19.25 -34.91 -60.58
CA GLU F 86 -20.51 -35.65 -60.55
C GLU F 86 -21.70 -34.70 -60.46
N VAL F 87 -21.66 -33.74 -59.52
CA VAL F 87 -22.80 -32.86 -59.33
C VAL F 87 -22.91 -31.80 -60.42
N LYS F 88 -21.83 -31.51 -61.13
CA LYS F 88 -21.92 -30.66 -62.31
C LYS F 88 -22.40 -31.41 -63.54
N LYS F 89 -22.19 -32.72 -63.59
CA LYS F 89 -22.88 -33.53 -64.58
C LYS F 89 -24.35 -33.73 -64.24
N ASN F 90 -24.75 -33.44 -63.00
CA ASN F 90 -26.15 -33.39 -62.63
C ASN F 90 -26.83 -32.10 -63.01
N GLY F 91 -26.10 -31.16 -63.61
CA GLY F 91 -26.69 -29.90 -64.04
C GLY F 91 -27.01 -28.92 -62.94
N ARG F 92 -26.56 -29.17 -61.72
CA ARG F 92 -26.85 -28.32 -60.59
C ARG F 92 -25.72 -27.33 -60.37
N ILE F 93 -25.89 -26.45 -59.40
CA ILE F 93 -24.84 -25.53 -58.98
C ILE F 93 -24.19 -26.13 -57.74
N SER F 94 -22.88 -26.34 -57.81
CA SER F 94 -22.17 -27.08 -56.77
C SER F 94 -22.05 -26.21 -55.53
N LEU F 95 -22.82 -26.54 -54.50
CA LEU F 95 -22.68 -25.91 -53.19
C LEU F 95 -21.76 -26.79 -52.36
N VAL F 96 -20.49 -26.48 -52.37
CA VAL F 96 -19.48 -27.25 -51.67
C VAL F 96 -19.04 -26.49 -50.45
N LEU F 97 -19.42 -26.95 -49.26
CA LEU F 97 -19.13 -26.19 -48.07
C LEU F 97 -18.40 -27.07 -47.07
N GLY F 98 -17.31 -26.53 -46.51
CA GLY F 98 -16.47 -27.27 -45.60
C GLY F 98 -16.43 -26.66 -44.22
N GLY F 99 -15.27 -26.68 -43.56
CA GLY F 99 -14.04 -27.20 -44.13
C GLY F 99 -12.96 -26.14 -44.18
N ASP F 100 -12.15 -26.16 -45.23
CA ASP F 100 -11.10 -25.17 -45.42
C ASP F 100 -10.77 -25.08 -46.91
N HIS F 101 -10.01 -24.05 -47.27
CA HIS F 101 -9.65 -23.75 -48.66
C HIS F 101 -8.82 -24.82 -49.36
N SER F 102 -8.26 -25.79 -48.61
CA SER F 102 -7.60 -26.94 -49.21
C SER F 102 -8.51 -27.71 -50.15
N LEU F 103 -9.80 -27.79 -49.83
CA LEU F 103 -10.81 -28.43 -50.65
C LEU F 103 -11.11 -27.68 -51.94
N ALA F 104 -10.78 -26.39 -52.02
CA ALA F 104 -11.10 -25.61 -53.21
C ALA F 104 -10.27 -26.01 -54.42
N ILE F 105 -9.18 -26.76 -54.23
CA ILE F 105 -8.45 -27.37 -55.33
C ILE F 105 -9.36 -28.21 -56.18
N GLY F 106 -9.93 -29.26 -55.58
CA GLY F 106 -10.84 -30.11 -56.31
C GLY F 106 -12.17 -29.44 -56.62
N SER F 107 -12.56 -28.47 -55.79
CA SER F 107 -13.80 -27.74 -56.06
C SER F 107 -13.72 -26.89 -57.31
N ILE F 108 -12.54 -26.38 -57.68
CA ILE F 108 -12.38 -25.66 -58.93
C ILE F 108 -12.02 -26.65 -60.02
N SER F 109 -11.33 -27.74 -59.65
CA SER F 109 -10.87 -28.71 -60.64
C SER F 109 -12.03 -29.48 -61.27
N GLY F 110 -12.91 -30.06 -60.44
CA GLY F 110 -14.06 -30.76 -60.98
C GLY F 110 -15.06 -29.83 -61.65
N HIS F 111 -15.08 -28.57 -61.24
CA HIS F 111 -15.89 -27.58 -61.95
C HIS F 111 -15.31 -27.30 -63.33
N ALA F 112 -13.99 -27.32 -63.44
CA ALA F 112 -13.35 -27.14 -64.74
C ALA F 112 -13.41 -28.38 -65.60
N ARG F 113 -13.64 -29.55 -64.99
CA ARG F 113 -13.80 -30.79 -65.75
C ARG F 113 -15.06 -30.76 -66.61
N VAL F 114 -16.04 -29.95 -66.24
CA VAL F 114 -17.22 -29.74 -67.08
C VAL F 114 -17.11 -28.46 -67.88
N HIS F 115 -16.76 -27.35 -67.23
CA HIS F 115 -16.62 -26.08 -67.90
C HIS F 115 -15.18 -25.61 -67.81
N PRO F 116 -14.34 -25.87 -68.82
CA PRO F 116 -12.91 -25.56 -68.69
C PRO F 116 -12.58 -24.08 -68.75
N ASP F 117 -13.53 -23.22 -69.09
CA ASP F 117 -13.28 -21.80 -69.29
C ASP F 117 -14.09 -20.97 -68.31
N LEU F 118 -14.07 -21.37 -67.04
CA LEU F 118 -14.82 -20.67 -66.02
C LEU F 118 -14.00 -19.49 -65.49
N GLY F 119 -14.54 -18.84 -64.46
CA GLY F 119 -13.81 -17.83 -63.73
C GLY F 119 -13.95 -18.04 -62.25
N VAL F 120 -13.00 -17.52 -61.50
CA VAL F 120 -12.93 -17.73 -60.06
C VAL F 120 -12.98 -16.37 -59.38
N ILE F 121 -14.02 -16.14 -58.58
CA ILE F 121 -14.08 -14.98 -57.72
C ILE F 121 -13.72 -15.45 -56.32
N TRP F 122 -12.45 -15.26 -55.95
CA TRP F 122 -11.89 -15.79 -54.71
C TRP F 122 -12.02 -14.71 -53.63
N VAL F 123 -13.20 -14.63 -53.03
CA VAL F 123 -13.44 -13.63 -52.00
C VAL F 123 -12.84 -14.15 -50.69
N ASP F 124 -11.75 -13.53 -50.28
CA ASP F 124 -10.97 -13.99 -49.14
C ASP F 124 -10.14 -12.83 -48.64
N ALA F 125 -9.85 -12.87 -47.34
CA ALA F 125 -8.89 -11.94 -46.75
C ALA F 125 -7.50 -12.11 -47.35
N HIS F 126 -7.18 -13.32 -47.78
CA HIS F 126 -5.85 -13.68 -48.24
C HIS F 126 -5.96 -14.15 -49.68
N THR F 127 -4.85 -14.15 -50.40
CA THR F 127 -4.93 -14.67 -51.76
C THR F 127 -4.96 -16.18 -51.75
N ASP F 128 -4.35 -16.79 -50.74
CA ASP F 128 -4.09 -18.22 -50.65
C ASP F 128 -3.41 -18.76 -51.90
N ILE F 129 -2.32 -18.09 -52.31
CA ILE F 129 -1.58 -18.57 -53.47
C ILE F 129 -0.10 -18.77 -53.12
N ASN F 130 0.19 -19.17 -51.87
CA ASN F 130 1.54 -19.62 -51.55
C ASN F 130 1.89 -20.89 -52.31
N THR F 131 3.17 -21.09 -52.51
CA THR F 131 3.69 -22.30 -53.14
C THR F 131 4.19 -23.24 -52.06
N PRO F 132 4.36 -24.53 -52.38
CA PRO F 132 5.04 -25.43 -51.44
C PRO F 132 6.46 -25.02 -51.12
N LEU F 133 7.15 -24.37 -52.04
CA LEU F 133 8.54 -23.96 -51.82
C LEU F 133 8.68 -22.64 -51.07
N THR F 134 7.84 -21.65 -51.37
CA THR F 134 8.07 -20.30 -50.86
C THR F 134 6.98 -19.83 -49.91
N THR F 135 6.26 -20.75 -49.28
CA THR F 135 5.54 -20.42 -48.06
C THR F 135 6.51 -20.42 -46.88
N THR F 136 5.99 -20.03 -45.73
CA THR F 136 6.66 -20.31 -44.47
C THR F 136 5.78 -21.11 -43.52
N SER F 137 4.53 -21.34 -43.90
CA SER F 137 3.66 -22.19 -43.09
C SER F 137 3.71 -23.63 -43.54
N GLY F 138 3.43 -23.86 -44.82
CA GLY F 138 3.18 -25.19 -45.30
C GLY F 138 1.78 -25.67 -45.02
N ASN F 139 0.87 -24.78 -44.68
CA ASN F 139 -0.50 -25.16 -44.40
C ASN F 139 -1.33 -25.03 -45.67
N LEU F 140 -1.99 -26.12 -46.05
CA LEU F 140 -2.64 -26.16 -47.35
C LEU F 140 -4.01 -25.51 -47.35
N HIS F 141 -4.42 -24.85 -46.27
CA HIS F 141 -5.59 -23.97 -46.36
C HIS F 141 -5.24 -22.64 -47.01
N GLY F 142 -3.98 -22.43 -47.34
CA GLY F 142 -3.57 -21.29 -48.12
C GLY F 142 -2.73 -21.60 -49.32
N GLN F 143 -2.74 -22.84 -49.81
CA GLN F 143 -2.18 -23.03 -51.14
C GLN F 143 -3.10 -23.67 -52.18
N PRO F 144 -4.41 -23.31 -52.34
CA PRO F 144 -5.15 -23.98 -53.41
C PRO F 144 -4.94 -23.36 -54.78
N VAL F 145 -4.70 -22.05 -54.82
CA VAL F 145 -4.74 -21.35 -56.10
C VAL F 145 -3.45 -21.60 -56.88
N SER F 146 -2.34 -21.85 -56.16
CA SER F 146 -1.07 -22.13 -56.81
C SER F 146 -1.07 -23.46 -57.55
N PHE F 147 -1.89 -24.43 -57.13
CA PHE F 147 -2.00 -25.66 -57.90
C PHE F 147 -2.85 -25.51 -59.15
N LEU F 148 -3.65 -24.45 -59.25
CA LEU F 148 -4.70 -24.40 -60.26
C LEU F 148 -4.37 -23.53 -61.46
N LEU F 149 -3.36 -22.66 -61.35
CA LEU F 149 -3.05 -21.78 -62.47
C LEU F 149 -2.05 -22.43 -63.42
N LYS F 150 -2.43 -22.47 -64.70
CA LYS F 150 -1.59 -23.03 -65.74
C LYS F 150 -0.28 -22.27 -65.94
N GLU F 151 -0.26 -20.98 -65.60
CA GLU F 151 0.94 -20.16 -65.71
C GLU F 151 1.96 -20.46 -64.62
N LEU F 152 1.63 -21.34 -63.68
CA LEU F 152 2.53 -21.73 -62.61
C LEU F 152 3.06 -23.16 -62.81
N LYS F 153 2.75 -23.77 -63.95
CA LYS F 153 3.13 -25.16 -64.24
C LYS F 153 4.64 -25.22 -64.47
N GLY F 154 5.25 -26.37 -64.15
CA GLY F 154 6.69 -26.54 -64.25
C GLY F 154 7.45 -25.93 -63.09
N LYS F 155 6.73 -25.39 -62.11
CA LYS F 155 7.29 -24.64 -61.00
C LYS F 155 6.72 -25.09 -59.67
N ILE F 156 5.61 -25.83 -59.69
CA ILE F 156 4.99 -26.38 -58.50
C ILE F 156 5.62 -27.75 -58.27
N PRO F 157 6.04 -28.06 -57.04
CA PRO F 157 6.64 -29.37 -56.77
C PRO F 157 5.62 -30.49 -56.88
N ASP F 158 6.14 -31.71 -57.00
CA ASP F 158 5.30 -32.90 -57.00
C ASP F 158 5.12 -33.35 -55.56
N VAL F 159 4.42 -32.53 -54.81
CA VAL F 159 4.07 -32.85 -53.42
C VAL F 159 3.06 -33.99 -53.44
N PRO F 160 3.25 -35.04 -52.63
CA PRO F 160 2.40 -36.24 -52.75
C PRO F 160 0.94 -36.00 -52.42
N GLY F 161 0.07 -36.74 -53.09
CA GLY F 161 -1.35 -36.51 -53.08
C GLY F 161 -1.83 -35.61 -54.20
N PHE F 162 -0.93 -34.93 -54.90
CA PHE F 162 -1.28 -33.94 -55.90
C PHE F 162 -0.89 -34.38 -57.31
N SER F 163 -0.79 -35.69 -57.52
CA SER F 163 -0.47 -36.21 -58.85
C SER F 163 -1.61 -35.96 -59.83
N TRP F 164 -2.85 -36.12 -59.40
CA TRP F 164 -4.03 -35.89 -60.20
C TRP F 164 -4.24 -34.42 -60.57
N VAL F 165 -3.54 -33.51 -59.92
CA VAL F 165 -3.81 -32.07 -60.02
C VAL F 165 -3.37 -31.59 -61.40
N THR F 166 -4.32 -31.23 -62.19
CA THR F 166 -4.02 -30.45 -63.37
C THR F 166 -4.41 -28.99 -63.13
N PRO F 167 -3.47 -28.06 -63.25
CA PRO F 167 -3.86 -26.64 -63.25
C PRO F 167 -4.77 -26.33 -64.42
N CYS F 168 -5.89 -25.69 -64.11
CA CYS F 168 -7.02 -25.65 -65.02
C CYS F 168 -7.56 -24.26 -65.33
N ILE F 169 -7.14 -23.24 -64.60
CA ILE F 169 -7.66 -21.90 -64.80
C ILE F 169 -6.51 -20.97 -65.14
N SER F 170 -6.83 -19.91 -65.86
CA SER F 170 -5.83 -18.95 -66.30
C SER F 170 -5.70 -17.81 -65.29
N ALA F 171 -4.51 -17.22 -65.27
CA ALA F 171 -4.23 -16.11 -64.37
C ALA F 171 -5.06 -14.88 -64.69
N LYS F 172 -5.42 -14.70 -65.95
CA LYS F 172 -6.33 -13.65 -66.37
C LYS F 172 -7.79 -14.04 -66.22
N ASP F 173 -8.07 -15.22 -65.65
CA ASP F 173 -9.43 -15.67 -65.44
C ASP F 173 -9.78 -15.84 -63.97
N ILE F 174 -9.23 -14.99 -63.09
CA ILE F 174 -9.50 -15.04 -61.67
C ILE F 174 -9.45 -13.64 -61.11
N VAL F 175 -10.41 -13.32 -60.24
CA VAL F 175 -10.50 -12.00 -59.62
C VAL F 175 -10.58 -12.18 -58.11
N TYR F 176 -9.61 -11.63 -57.40
CA TYR F 176 -9.67 -11.57 -55.96
C TYR F 176 -10.46 -10.33 -55.55
N ILE F 177 -11.34 -10.51 -54.58
CA ILE F 177 -12.13 -9.41 -54.03
C ILE F 177 -12.07 -9.48 -52.51
N GLY F 178 -11.55 -8.44 -51.90
CA GLY F 178 -11.51 -8.35 -50.45
C GLY F 178 -10.24 -8.84 -49.80
N LEU F 179 -9.11 -8.83 -50.50
CA LEU F 179 -7.82 -9.19 -49.93
C LEU F 179 -7.46 -8.18 -48.85
N ARG F 180 -6.94 -8.64 -47.71
CA ARG F 180 -6.43 -7.67 -46.75
C ARG F 180 -5.20 -8.07 -45.95
N ASP F 181 -4.61 -9.23 -46.20
CA ASP F 181 -3.36 -9.63 -45.53
C ASP F 181 -2.67 -10.64 -46.44
N VAL F 182 -1.59 -10.21 -47.07
CA VAL F 182 -0.90 -11.03 -48.05
C VAL F 182 0.57 -11.13 -47.65
N ASP F 183 1.08 -12.36 -47.61
CA ASP F 183 2.49 -12.61 -47.43
C ASP F 183 3.22 -12.43 -48.76
N PRO F 184 4.51 -12.03 -48.74
CA PRO F 184 5.16 -11.45 -49.94
C PRO F 184 5.20 -12.32 -51.19
N GLY F 185 5.30 -13.64 -51.03
CA GLY F 185 5.33 -14.51 -52.18
C GLY F 185 4.07 -14.45 -53.01
N GLU F 186 2.94 -14.34 -52.32
CA GLU F 186 1.65 -14.33 -52.98
C GLU F 186 1.44 -13.05 -53.77
N HIS F 187 1.98 -11.94 -53.30
CA HIS F 187 1.78 -10.70 -54.03
C HIS F 187 2.76 -10.55 -55.19
N TYR F 188 3.91 -11.23 -55.14
CA TYR F 188 4.74 -11.24 -56.34
C TYR F 188 4.07 -12.06 -57.44
N ILE F 189 3.48 -13.19 -57.06
CA ILE F 189 2.69 -13.97 -58.01
C ILE F 189 1.53 -13.14 -58.54
N LEU F 190 0.89 -12.38 -57.65
CA LEU F 190 -0.26 -11.54 -58.00
C LEU F 190 0.10 -10.45 -59.00
N LYS F 191 1.29 -9.86 -58.85
CA LYS F 191 1.68 -8.79 -59.75
C LYS F 191 2.33 -9.28 -61.03
N THR F 192 3.03 -10.42 -61.00
CA THR F 192 3.74 -10.88 -62.18
C THR F 192 2.80 -11.56 -63.16
N LEU F 193 1.76 -12.23 -62.64
CA LEU F 193 0.83 -12.89 -63.55
C LEU F 193 -0.13 -11.90 -64.19
N GLY F 194 -0.22 -10.68 -63.67
CA GLY F 194 -1.21 -9.74 -64.13
C GLY F 194 -2.63 -10.12 -63.77
N ILE F 195 -2.83 -10.77 -62.63
CA ILE F 195 -4.15 -11.11 -62.13
C ILE F 195 -4.89 -9.82 -61.82
N LYS F 196 -6.14 -9.73 -62.27
CA LYS F 196 -6.97 -8.60 -61.87
C LYS F 196 -7.50 -8.89 -60.47
N TYR F 197 -7.48 -7.88 -59.62
CA TYR F 197 -7.91 -8.01 -58.23
C TYR F 197 -8.44 -6.69 -57.74
N PHE F 198 -9.42 -6.75 -56.86
CA PHE F 198 -9.94 -5.58 -56.18
C PHE F 198 -9.83 -5.83 -54.69
N SER F 199 -8.76 -5.33 -54.09
CA SER F 199 -8.65 -5.43 -52.65
C SER F 199 -9.53 -4.39 -51.99
N MET F 200 -9.44 -4.35 -50.67
CA MET F 200 -10.23 -3.43 -49.87
C MET F 200 -9.86 -1.98 -50.14
N THR F 201 -8.63 -1.74 -50.60
CA THR F 201 -8.31 -0.46 -51.24
C THR F 201 -9.24 -0.21 -52.42
N GLU F 202 -9.21 -1.08 -53.41
CA GLU F 202 -9.97 -0.86 -54.63
C GLU F 202 -11.46 -1.00 -54.39
N VAL F 203 -11.86 -1.85 -53.43
CA VAL F 203 -13.25 -1.94 -52.98
C VAL F 203 -13.73 -0.59 -52.50
N ASP F 204 -12.99 0.03 -51.58
CA ASP F 204 -13.38 1.36 -51.12
C ASP F 204 -13.23 2.41 -52.20
N ARG F 205 -12.29 2.22 -53.14
CA ARG F 205 -12.05 3.23 -54.17
C ARG F 205 -13.23 3.35 -55.12
N LEU F 206 -13.58 2.26 -55.76
CA LEU F 206 -14.68 2.32 -56.70
C LEU F 206 -16.03 2.31 -56.00
N GLY F 207 -16.10 1.84 -54.76
CA GLY F 207 -17.38 1.48 -54.21
C GLY F 207 -17.58 0.02 -54.52
N ILE F 208 -18.27 -0.72 -53.64
CA ILE F 208 -18.45 -2.15 -53.85
C ILE F 208 -19.27 -2.44 -55.11
N GLY F 209 -20.11 -1.51 -55.55
CA GLY F 209 -20.91 -1.76 -56.72
C GLY F 209 -20.16 -1.56 -58.02
N LYS F 210 -19.34 -0.51 -58.08
CA LYS F 210 -18.47 -0.33 -59.24
C LYS F 210 -17.39 -1.40 -59.28
N VAL F 211 -17.01 -1.93 -58.11
CA VAL F 211 -16.08 -3.06 -58.07
C VAL F 211 -16.71 -4.31 -58.67
N MET F 212 -17.93 -4.64 -58.24
CA MET F 212 -18.59 -5.80 -58.84
C MET F 212 -18.95 -5.55 -60.30
N GLU F 213 -19.19 -4.28 -60.65
CA GLU F 213 -19.40 -3.91 -62.05
C GLU F 213 -18.17 -4.18 -62.89
N GLU F 214 -16.99 -3.77 -62.41
CA GLU F 214 -15.78 -4.00 -63.18
C GLU F 214 -15.33 -5.45 -63.10
N THR F 215 -15.68 -6.16 -62.03
CA THR F 215 -15.36 -7.58 -61.93
C THR F 215 -16.15 -8.39 -62.95
N LEU F 216 -17.45 -8.11 -63.06
CA LEU F 216 -18.24 -8.73 -64.11
C LEU F 216 -17.87 -8.20 -65.49
N SER F 217 -17.36 -6.97 -65.58
CA SER F 217 -16.84 -6.47 -66.85
C SER F 217 -15.51 -7.13 -67.21
N TYR F 218 -14.78 -7.64 -66.22
CA TYR F 218 -13.52 -8.29 -66.51
C TYR F 218 -13.73 -9.75 -66.88
N LEU F 219 -14.57 -10.47 -66.11
CA LEU F 219 -14.83 -11.87 -66.40
C LEU F 219 -15.83 -12.04 -67.54
N LEU F 220 -17.00 -11.41 -67.43
CA LEU F 220 -18.10 -11.62 -68.36
C LEU F 220 -18.17 -10.55 -69.44
N GLY F 221 -17.36 -9.50 -69.34
CA GLY F 221 -17.39 -8.46 -70.36
C GLY F 221 -16.84 -8.92 -71.69
N ARG F 222 -15.94 -9.89 -71.68
CA ARG F 222 -15.47 -10.50 -72.92
C ARG F 222 -16.48 -11.50 -73.48
N LYS F 223 -16.97 -12.40 -72.64
CA LYS F 223 -17.82 -13.49 -73.08
C LYS F 223 -18.55 -14.07 -71.87
N LYS F 224 -19.81 -14.47 -72.08
CA LYS F 224 -20.56 -15.17 -71.04
C LYS F 224 -19.92 -16.52 -70.76
N ARG F 225 -19.68 -16.80 -69.49
CA ARG F 225 -18.99 -18.02 -69.07
C ARG F 225 -19.38 -18.32 -67.64
N PRO F 226 -19.25 -19.59 -67.20
CA PRO F 226 -19.62 -19.92 -65.82
C PRO F 226 -18.72 -19.25 -64.79
N ILE F 227 -19.32 -18.89 -63.66
CA ILE F 227 -18.66 -18.18 -62.58
C ILE F 227 -18.61 -19.09 -61.36
N HIS F 228 -17.45 -19.19 -60.73
CA HIS F 228 -17.26 -20.02 -59.55
C HIS F 228 -16.89 -19.11 -58.38
N LEU F 229 -17.90 -18.66 -57.64
CA LEU F 229 -17.65 -17.91 -56.42
C LEU F 229 -17.13 -18.86 -55.35
N SER F 230 -15.84 -18.81 -55.08
CA SER F 230 -15.28 -19.48 -53.92
C SER F 230 -15.10 -18.43 -52.85
N PHE F 231 -15.75 -18.63 -51.71
CA PHE F 231 -16.01 -17.57 -50.75
C PHE F 231 -15.48 -17.99 -49.39
N ASP F 232 -14.55 -17.24 -48.87
CA ASP F 232 -14.12 -17.40 -47.49
C ASP F 232 -15.04 -16.56 -46.61
N VAL F 233 -15.18 -17.00 -45.36
CA VAL F 233 -15.97 -16.26 -44.39
C VAL F 233 -15.10 -15.43 -43.47
N ASP F 234 -13.79 -15.46 -43.66
CA ASP F 234 -12.99 -14.44 -42.98
C ASP F 234 -12.78 -13.22 -43.86
N GLY F 235 -13.21 -13.28 -45.12
CA GLY F 235 -13.12 -12.11 -45.98
C GLY F 235 -14.03 -10.99 -45.55
N LEU F 236 -15.10 -11.32 -44.84
CA LEU F 236 -15.90 -10.32 -44.16
C LEU F 236 -15.18 -9.86 -42.89
N ASP F 237 -15.66 -8.77 -42.33
CA ASP F 237 -15.02 -8.22 -41.14
C ASP F 237 -15.33 -9.11 -39.93
N PRO F 238 -14.37 -9.29 -39.02
CA PRO F 238 -14.61 -10.16 -37.85
C PRO F 238 -15.60 -9.60 -36.84
N SER F 239 -16.12 -8.40 -37.04
CA SER F 239 -17.30 -7.97 -36.30
C SER F 239 -18.52 -8.80 -36.66
N PHE F 240 -18.56 -9.38 -37.86
CA PHE F 240 -19.66 -10.24 -38.28
C PHE F 240 -19.33 -11.72 -38.20
N THR F 241 -18.10 -12.11 -38.59
CA THR F 241 -17.65 -13.50 -38.48
C THR F 241 -16.35 -13.54 -37.68
N PRO F 242 -16.42 -13.52 -36.35
CA PRO F 242 -15.21 -13.80 -35.56
C PRO F 242 -14.93 -15.29 -35.42
N ALA F 243 -15.90 -16.15 -35.70
CA ALA F 243 -15.74 -17.60 -35.55
C ALA F 243 -15.19 -18.22 -36.83
N THR F 244 -14.01 -17.74 -37.22
CA THR F 244 -13.29 -18.24 -38.37
C THR F 244 -11.89 -18.66 -37.94
N GLY F 245 -11.17 -19.27 -38.88
CA GLY F 245 -9.83 -19.76 -38.61
C GLY F 245 -8.81 -18.66 -38.47
N THR F 246 -8.71 -17.78 -39.46
CA THR F 246 -7.74 -16.69 -39.48
C THR F 246 -8.48 -15.37 -39.57
N PRO F 247 -8.93 -14.81 -38.45
CA PRO F 247 -9.60 -13.51 -38.51
C PRO F 247 -8.59 -12.38 -38.69
N VAL F 248 -8.84 -11.54 -39.66
CA VAL F 248 -8.05 -10.34 -39.91
C VAL F 248 -9.03 -9.17 -39.92
N VAL F 249 -8.74 -8.14 -39.15
CA VAL F 249 -9.66 -7.01 -39.11
C VAL F 249 -9.58 -6.20 -40.39
N GLY F 250 -10.71 -5.58 -40.74
CA GLY F 250 -10.77 -4.75 -41.93
C GLY F 250 -11.45 -5.37 -43.12
N GLY F 251 -12.23 -6.43 -42.90
CA GLY F 251 -12.89 -7.13 -43.98
C GLY F 251 -14.09 -6.39 -44.51
N LEU F 252 -14.76 -7.01 -45.46
CA LEU F 252 -15.95 -6.45 -46.06
C LEU F 252 -17.07 -6.38 -45.04
N THR F 253 -17.94 -5.39 -45.18
CA THR F 253 -19.14 -5.40 -44.37
C THR F 253 -20.06 -6.50 -44.88
N TYR F 254 -20.87 -7.00 -43.94
CA TYR F 254 -21.82 -8.08 -44.20
C TYR F 254 -22.79 -7.72 -45.31
N ARG F 255 -23.19 -6.45 -45.36
CA ARG F 255 -23.94 -5.87 -46.47
C ARG F 255 -23.26 -6.16 -47.81
N GLU F 256 -21.97 -5.84 -47.91
CA GLU F 256 -21.26 -5.95 -49.18
C GLU F 256 -20.98 -7.40 -49.55
N GLY F 257 -20.80 -8.28 -48.56
CA GLY F 257 -20.67 -9.69 -48.85
C GLY F 257 -21.92 -10.25 -49.50
N LEU F 258 -23.09 -9.96 -48.89
CA LEU F 258 -24.36 -10.26 -49.50
C LEU F 258 -24.51 -9.64 -50.88
N TYR F 259 -23.95 -8.44 -51.06
CA TYR F 259 -24.05 -7.77 -52.35
C TYR F 259 -23.27 -8.49 -53.44
N ILE F 260 -22.03 -8.92 -53.14
CA ILE F 260 -21.20 -9.61 -54.10
C ILE F 260 -21.87 -10.90 -54.55
N THR F 261 -22.49 -11.61 -53.61
CA THR F 261 -23.26 -12.80 -53.96
C THR F 261 -24.47 -12.46 -54.84
N GLU F 262 -25.09 -11.31 -54.61
CA GLU F 262 -26.28 -10.98 -55.38
C GLU F 262 -25.95 -10.53 -56.80
N GLU F 263 -24.82 -9.87 -56.99
CA GLU F 263 -24.37 -9.60 -58.35
C GLU F 263 -24.03 -10.87 -59.10
N ILE F 264 -23.44 -11.85 -58.42
CA ILE F 264 -23.16 -13.12 -59.09
C ILE F 264 -24.47 -13.83 -59.43
N TYR F 265 -25.51 -13.65 -58.61
CA TYR F 265 -26.80 -14.22 -58.95
C TYR F 265 -27.44 -13.50 -60.15
N LYS F 266 -27.43 -12.17 -60.16
CA LYS F 266 -28.19 -11.47 -61.18
C LYS F 266 -27.50 -11.45 -62.54
N THR F 267 -26.33 -12.07 -62.68
CA THR F 267 -25.87 -12.45 -64.01
C THR F 267 -26.64 -13.66 -64.52
N GLY F 268 -27.21 -14.45 -63.62
CA GLY F 268 -27.77 -15.73 -63.98
C GLY F 268 -26.75 -16.78 -64.36
N LEU F 269 -25.49 -16.60 -63.97
CA LEU F 269 -24.40 -17.45 -64.41
C LEU F 269 -23.66 -18.09 -63.25
N LEU F 270 -24.28 -18.19 -62.09
CA LEU F 270 -23.67 -18.87 -60.96
C LEU F 270 -23.61 -20.37 -61.23
N SER F 271 -22.41 -20.93 -61.15
CA SER F 271 -22.22 -22.33 -61.53
C SER F 271 -21.35 -23.10 -60.53
N GLY F 272 -20.97 -22.51 -59.41
CA GLY F 272 -20.19 -23.20 -58.42
C GLY F 272 -19.94 -22.32 -57.21
N LEU F 273 -20.13 -22.86 -56.01
CA LEU F 273 -20.10 -22.08 -54.80
C LEU F 273 -19.35 -22.80 -53.70
N ASP F 274 -18.45 -22.08 -53.02
CA ASP F 274 -17.70 -22.61 -51.91
C ASP F 274 -17.90 -21.75 -50.68
N ILE F 275 -18.20 -22.38 -49.56
CA ILE F 275 -18.29 -21.70 -48.26
C ILE F 275 -17.30 -22.40 -47.35
N MET F 276 -16.13 -21.79 -47.16
CA MET F 276 -15.05 -22.43 -46.43
C MET F 276 -14.79 -21.69 -45.13
N GLU F 277 -13.92 -22.31 -44.31
CA GLU F 277 -13.34 -21.73 -43.10
C GLU F 277 -14.36 -21.38 -42.02
N VAL F 278 -15.56 -21.95 -42.08
CA VAL F 278 -16.49 -21.80 -40.99
C VAL F 278 -16.03 -22.67 -39.84
N ASN F 279 -15.87 -22.09 -38.65
CA ASN F 279 -15.38 -22.83 -37.49
C ASN F 279 -16.16 -22.41 -36.26
N PRO F 280 -17.09 -23.25 -35.79
CA PRO F 280 -17.84 -22.94 -34.58
C PRO F 280 -17.04 -23.09 -33.30
N SER F 281 -15.84 -23.68 -33.37
CA SER F 281 -15.05 -23.94 -32.18
C SER F 281 -14.24 -22.74 -31.72
N LEU F 282 -14.18 -21.65 -32.51
CA LEU F 282 -13.31 -20.54 -32.18
C LEU F 282 -14.07 -19.28 -31.77
N GLY F 283 -15.40 -19.32 -31.73
CA GLY F 283 -16.14 -18.21 -31.17
C GLY F 283 -15.97 -18.16 -29.67
N LYS F 284 -15.63 -16.98 -29.15
CA LYS F 284 -15.40 -16.86 -27.72
C LYS F 284 -16.71 -16.96 -26.94
N THR F 285 -17.81 -16.53 -27.53
CA THR F 285 -19.15 -16.81 -27.05
C THR F 285 -19.88 -17.59 -28.13
N PRO F 286 -20.90 -18.37 -27.77
CA PRO F 286 -21.77 -18.96 -28.80
C PRO F 286 -22.57 -17.93 -29.59
N GLU F 287 -22.74 -16.71 -29.06
CA GLU F 287 -23.35 -15.63 -29.82
C GLU F 287 -22.49 -15.22 -31.01
N GLU F 288 -21.17 -15.25 -30.85
CA GLU F 288 -20.24 -15.01 -31.96
C GLU F 288 -20.41 -16.08 -33.04
N VAL F 289 -20.51 -17.34 -32.61
CA VAL F 289 -20.75 -18.45 -33.53
C VAL F 289 -22.10 -18.28 -34.23
N THR F 290 -23.09 -17.80 -33.49
CA THR F 290 -24.44 -17.62 -34.03
C THR F 290 -24.46 -16.55 -35.11
N ARG F 291 -23.78 -15.42 -34.85
CA ARG F 291 -23.65 -14.39 -35.88
C ARG F 291 -22.88 -14.89 -37.09
N THR F 292 -21.81 -15.65 -36.87
CA THR F 292 -20.97 -16.15 -37.97
C THR F 292 -21.75 -17.11 -38.86
N VAL F 293 -22.47 -18.03 -38.25
CA VAL F 293 -23.16 -19.05 -39.03
C VAL F 293 -24.39 -18.48 -39.72
N ASN F 294 -25.13 -17.58 -39.04
CA ASN F 294 -26.24 -16.90 -39.71
C ASN F 294 -25.75 -16.02 -40.85
N THR F 295 -24.57 -15.41 -40.70
CA THR F 295 -23.94 -14.70 -41.80
C THR F 295 -23.68 -15.60 -42.98
N ALA F 296 -23.00 -16.73 -42.76
CA ALA F 296 -22.61 -17.61 -43.87
C ALA F 296 -23.83 -18.25 -44.53
N VAL F 297 -24.86 -18.57 -43.73
CA VAL F 297 -26.11 -19.09 -44.27
C VAL F 297 -26.76 -18.07 -45.18
N ALA F 298 -26.89 -16.82 -44.74
CA ALA F 298 -27.56 -15.81 -45.56
C ALA F 298 -26.71 -15.40 -46.76
N ILE F 299 -25.39 -15.54 -46.65
CA ILE F 299 -24.52 -15.40 -47.82
C ILE F 299 -24.88 -16.45 -48.86
N THR F 300 -25.00 -17.71 -48.43
CA THR F 300 -25.33 -18.80 -49.33
C THR F 300 -26.74 -18.64 -49.90
N LEU F 301 -27.63 -18.05 -49.11
CA LEU F 301 -28.97 -17.74 -49.60
C LEU F 301 -28.93 -16.69 -50.70
N ALA F 302 -28.21 -15.60 -50.47
CA ALA F 302 -28.12 -14.55 -51.47
C ALA F 302 -27.24 -14.92 -52.66
N CYS F 303 -26.52 -16.04 -52.60
CA CYS F 303 -25.87 -16.57 -53.79
C CYS F 303 -26.90 -17.13 -54.77
N PHE F 304 -27.78 -18.00 -54.29
CA PHE F 304 -28.70 -18.72 -55.17
C PHE F 304 -29.97 -17.95 -55.44
N GLY F 305 -30.01 -16.67 -55.13
CA GLY F 305 -31.17 -15.87 -55.41
C GLY F 305 -32.15 -15.79 -54.28
N LEU F 306 -31.69 -15.80 -53.04
CA LEU F 306 -32.47 -15.11 -52.03
C LEU F 306 -31.98 -13.67 -52.06
N ALA F 307 -32.47 -12.92 -53.05
CA ALA F 307 -32.04 -11.55 -53.22
C ALA F 307 -32.71 -10.70 -52.16
N ARG F 308 -32.04 -9.63 -51.77
CA ARG F 308 -32.62 -8.74 -50.78
C ARG F 308 -33.75 -7.90 -51.35
N GLU F 309 -33.82 -7.76 -52.68
CA GLU F 309 -34.95 -7.13 -53.34
C GLU F 309 -36.23 -7.93 -53.19
N GLY F 310 -36.13 -9.25 -53.07
CA GLY F 310 -37.31 -10.09 -53.13
C GLY F 310 -37.16 -11.30 -54.01
N ASN F 311 -37.90 -12.35 -53.68
CA ASN F 311 -37.94 -13.58 -54.44
C ASN F 311 -39.40 -13.98 -54.52
N HIS F 312 -39.85 -14.52 -55.65
CA HIS F 312 -41.27 -14.80 -55.78
C HIS F 312 -41.53 -16.10 -56.53
N LYS F 313 -42.78 -16.55 -56.43
CA LYS F 313 -43.29 -17.57 -57.33
C LYS F 313 -44.33 -16.94 -58.26
N PRO F 314 -44.29 -17.23 -59.55
CA PRO F 314 -45.07 -16.43 -60.52
C PRO F 314 -46.54 -16.82 -60.59
N ILE F 315 -47.27 -16.55 -59.51
CA ILE F 315 -48.73 -16.57 -59.50
C ILE F 315 -49.19 -15.26 -58.89
N ASP F 316 -50.44 -14.89 -59.16
CA ASP F 316 -51.01 -13.70 -58.55
C ASP F 316 -51.21 -13.95 -57.05
N TYR F 317 -50.78 -12.99 -56.24
CA TYR F 317 -50.93 -13.08 -54.80
C TYR F 317 -52.00 -12.15 -54.27
N LEU F 318 -52.77 -11.52 -55.14
CA LEU F 318 -53.93 -10.77 -54.72
C LEU F 318 -55.19 -11.63 -54.81
N ASN F 319 -55.07 -12.85 -54.30
CA ASN F 319 -56.05 -13.92 -54.54
C ASN F 319 -55.97 -14.99 -53.47
N GLU G 1 9.86 4.74 1.48
CA GLU G 1 9.50 3.33 1.76
C GLU G 1 8.74 2.79 0.56
N ILE G 2 9.34 2.78 -0.63
CA ILE G 2 8.57 2.39 -1.81
C ILE G 2 7.88 1.09 -1.48
N VAL G 3 6.56 1.04 -1.64
CA VAL G 3 5.82 -0.19 -1.39
C VAL G 3 5.86 -1.05 -2.66
N MET G 4 6.31 -2.29 -2.52
CA MET G 4 6.29 -3.24 -3.62
C MET G 4 5.03 -4.08 -3.50
N THR G 5 4.20 -4.05 -4.53
CA THR G 5 2.92 -4.74 -4.53
C THR G 5 2.94 -5.90 -5.51
N GLN G 6 2.66 -7.09 -5.00
CA GLN G 6 2.57 -8.28 -5.82
C GLN G 6 1.11 -8.50 -6.19
N SER G 7 0.81 -8.39 -7.48
CA SER G 7 -0.58 -8.43 -7.93
C SER G 7 -1.19 -9.83 -7.81
N PRO G 8 -0.49 -10.96 -8.11
CA PRO G 8 -1.01 -12.25 -7.66
C PRO G 8 -0.67 -12.47 -6.19
N ALA G 9 -1.68 -12.33 -5.32
CA ALA G 9 -1.48 -12.63 -3.91
C ALA G 9 -1.31 -14.13 -3.69
N THR G 10 -2.29 -14.92 -4.10
CA THR G 10 -2.19 -16.36 -4.08
C THR G 10 -2.10 -16.87 -5.51
N LEU G 11 -1.70 -18.13 -5.64
CA LEU G 11 -1.60 -18.75 -6.94
C LEU G 11 -1.77 -20.25 -6.76
N SER G 12 -2.57 -20.85 -7.64
CA SER G 12 -2.77 -22.30 -7.62
C SER G 12 -2.85 -22.76 -9.07
N LEU G 13 -1.73 -23.28 -9.58
CA LEU G 13 -1.65 -23.71 -10.96
C LEU G 13 -1.06 -25.11 -10.98
N SER G 14 -1.58 -25.96 -11.87
CA SER G 14 -1.20 -27.36 -11.91
C SER G 14 0.25 -27.52 -12.40
N PRO G 15 0.88 -28.70 -12.20
CA PRO G 15 2.14 -28.97 -12.92
C PRO G 15 1.95 -28.90 -14.42
N GLY G 16 2.56 -27.90 -15.04
CA GLY G 16 2.18 -27.53 -16.40
C GLY G 16 2.73 -26.22 -16.90
N GLU G 17 1.82 -25.35 -17.35
CA GLU G 17 2.14 -24.21 -18.18
C GLU G 17 2.74 -23.03 -17.42
N ARG G 18 2.77 -21.87 -18.07
CA ARG G 18 3.40 -20.67 -17.52
C ARG G 18 2.65 -20.18 -16.28
N ALA G 19 3.43 -19.68 -15.33
CA ALA G 19 2.91 -19.16 -14.07
C ALA G 19 3.44 -17.74 -13.88
N THR G 20 3.20 -16.91 -14.89
CA THR G 20 3.65 -15.52 -14.90
C THR G 20 3.08 -14.73 -13.71
N LEU G 21 3.97 -14.15 -12.93
CA LEU G 21 3.60 -13.42 -11.71
C LEU G 21 3.93 -11.95 -11.88
N SER G 22 3.31 -11.11 -11.06
CA SER G 22 3.44 -9.67 -11.22
C SER G 22 3.88 -9.03 -9.92
N CYS G 23 4.77 -8.05 -10.03
CA CYS G 23 5.23 -7.25 -8.91
C CYS G 23 5.39 -5.83 -9.39
N ARG G 24 4.78 -4.88 -8.68
CA ARG G 24 4.75 -3.50 -9.09
C ARG G 24 5.46 -2.62 -8.08
N ALA G 25 6.04 -1.53 -8.56
CA ALA G 25 6.70 -0.57 -7.70
C ALA G 25 5.89 0.73 -7.62
N SER G 26 6.09 1.46 -6.53
CA SER G 26 5.55 2.80 -6.39
C SER G 26 6.44 3.87 -7.01
N GLN G 27 7.64 3.51 -7.45
CA GLN G 27 8.52 4.42 -8.16
C GLN G 27 9.16 3.65 -9.31
N SER G 28 10.24 4.20 -9.85
CA SER G 28 11.01 3.52 -10.89
C SER G 28 12.20 2.83 -10.24
N VAL G 29 12.04 1.53 -9.94
CA VAL G 29 13.18 0.75 -9.44
C VAL G 29 14.17 0.54 -10.57
N SER G 30 13.69 0.42 -11.81
CA SER G 30 14.47 0.45 -13.06
C SER G 30 15.50 -0.68 -13.12
N SER G 31 14.97 -1.90 -13.22
CA SER G 31 15.74 -3.13 -13.50
C SER G 31 16.70 -3.46 -12.36
N TYR G 32 16.29 -3.15 -11.14
CA TYR G 32 17.16 -3.26 -9.98
C TYR G 32 16.51 -4.10 -8.89
N LEU G 33 15.93 -5.25 -9.23
CA LEU G 33 15.28 -6.07 -8.22
C LEU G 33 15.33 -7.54 -8.61
N ALA G 34 14.89 -8.38 -7.69
CA ALA G 34 15.17 -9.80 -7.71
C ALA G 34 13.91 -10.63 -7.41
N TRP G 35 14.08 -11.94 -7.33
CA TRP G 35 12.98 -12.89 -7.19
C TRP G 35 13.41 -14.07 -6.32
N TYR G 36 12.52 -14.51 -5.42
CA TYR G 36 12.94 -15.48 -4.42
C TYR G 36 11.97 -16.66 -4.33
N GLN G 37 12.43 -17.68 -3.63
CA GLN G 37 11.89 -19.05 -3.62
C GLN G 37 11.75 -19.53 -2.17
N GLN G 38 11.06 -18.76 -1.33
CA GLN G 38 10.96 -19.16 0.08
C GLN G 38 10.05 -20.36 0.22
N LYS G 39 10.66 -21.54 0.26
CA LYS G 39 10.02 -22.73 0.75
C LYS G 39 9.70 -22.56 2.23
N PRO G 40 8.67 -23.24 2.74
CA PRO G 40 8.30 -23.09 4.16
C PRO G 40 9.38 -23.57 5.12
N GLY G 41 9.83 -22.65 5.97
CA GLY G 41 10.88 -22.91 6.92
C GLY G 41 12.26 -23.08 6.32
N GLN G 42 12.55 -22.44 5.20
CA GLN G 42 13.79 -22.65 4.47
C GLN G 42 14.48 -21.33 4.14
N ALA G 43 15.49 -21.44 3.31
CA ALA G 43 16.27 -20.31 2.80
C ALA G 43 15.61 -19.74 1.55
N PRO G 44 15.18 -18.47 1.60
CA PRO G 44 14.50 -17.87 0.44
C PRO G 44 15.48 -17.58 -0.69
N ARG G 45 15.91 -18.65 -1.36
CA ARG G 45 16.94 -18.65 -2.37
C ARG G 45 16.59 -17.75 -3.56
N LEU G 46 17.62 -17.17 -4.17
CA LEU G 46 17.44 -16.30 -5.32
C LEU G 46 16.99 -17.08 -6.55
N LEU G 47 15.95 -16.58 -7.23
CA LEU G 47 15.58 -17.07 -8.56
C LEU G 47 16.22 -16.26 -9.68
N ILE G 48 15.92 -14.97 -9.75
CA ILE G 48 16.27 -14.11 -10.88
C ILE G 48 17.04 -12.92 -10.34
N TYR G 49 18.21 -12.63 -10.92
CA TYR G 49 19.02 -11.67 -10.18
C TYR G 49 18.65 -10.20 -10.47
N ASP G 50 18.93 -9.66 -11.65
CA ASP G 50 18.61 -8.22 -11.82
C ASP G 50 17.55 -8.05 -12.91
N ALA G 51 16.30 -8.31 -12.51
CA ALA G 51 15.08 -8.32 -13.32
C ALA G 51 15.13 -9.28 -14.52
N SER G 52 16.17 -10.09 -14.62
CA SER G 52 16.45 -11.01 -15.70
C SER G 52 17.63 -11.88 -15.29
N ASN G 53 18.09 -12.71 -16.22
CA ASN G 53 19.44 -13.24 -16.38
C ASN G 53 19.80 -14.44 -15.47
N ARG G 54 18.90 -14.89 -14.59
CA ARG G 54 18.87 -16.29 -14.14
C ARG G 54 20.10 -16.84 -13.39
N ALA G 55 20.33 -16.41 -12.16
CA ALA G 55 21.56 -16.70 -11.41
C ALA G 55 21.85 -18.15 -11.03
N THR G 56 22.98 -18.65 -11.52
CA THR G 56 23.97 -19.49 -10.81
C THR G 56 23.34 -20.63 -10.01
N GLY G 57 22.78 -21.58 -10.74
CA GLY G 57 22.20 -22.75 -10.12
C GLY G 57 20.71 -22.78 -10.31
N ILE G 58 20.25 -21.98 -11.26
CA ILE G 58 18.82 -21.88 -11.57
C ILE G 58 18.59 -22.97 -12.62
N PRO G 59 17.47 -23.70 -12.59
CA PRO G 59 17.36 -24.86 -13.49
C PRO G 59 17.24 -24.57 -14.98
N ALA G 60 16.04 -24.15 -15.46
CA ALA G 60 15.89 -23.85 -16.87
C ALA G 60 14.83 -22.81 -17.21
N ARG G 61 13.88 -22.54 -16.33
CA ARG G 61 12.56 -22.06 -16.73
C ARG G 61 12.16 -20.76 -16.02
N PHE G 62 13.13 -20.04 -15.50
CA PHE G 62 12.87 -18.96 -14.57
C PHE G 62 13.28 -17.66 -15.22
N SER G 63 12.78 -17.40 -16.42
CA SER G 63 12.93 -16.10 -17.04
C SER G 63 12.02 -15.08 -16.35
N GLY G 64 12.36 -13.80 -16.54
CA GLY G 64 11.54 -12.73 -16.02
C GLY G 64 12.01 -11.41 -16.60
N SER G 65 11.16 -10.40 -16.47
CA SER G 65 11.41 -9.12 -17.11
C SER G 65 10.88 -7.98 -16.24
N GLY G 66 11.12 -6.76 -16.69
CA GLY G 66 10.82 -5.58 -15.92
C GLY G 66 11.22 -4.28 -16.61
N SER G 67 11.96 -3.42 -15.90
CA SER G 67 12.55 -2.19 -16.43
C SER G 67 11.51 -1.22 -16.99
N GLY G 68 10.78 -0.50 -16.12
CA GLY G 68 11.18 -0.32 -14.73
C GLY G 68 10.16 -0.12 -13.61
N THR G 69 8.91 -0.50 -13.80
CA THR G 69 7.97 -0.25 -12.71
C THR G 69 7.17 -1.48 -12.29
N ASP G 70 6.70 -2.28 -13.24
CA ASP G 70 5.84 -3.42 -12.96
C ASP G 70 6.44 -4.67 -13.59
N PHE G 71 6.91 -5.61 -12.76
CA PHE G 71 7.83 -6.61 -13.26
C PHE G 71 7.13 -7.96 -13.36
N THR G 72 7.81 -8.91 -14.01
CA THR G 72 7.27 -10.21 -14.32
C THR G 72 8.16 -11.33 -13.79
N LEU G 73 7.53 -12.39 -13.32
CA LEU G 73 8.20 -13.62 -12.92
C LEU G 73 7.53 -14.78 -13.65
N THR G 74 8.17 -15.30 -14.69
CA THR G 74 7.57 -16.36 -15.50
C THR G 74 8.10 -17.71 -15.05
N ILE G 75 7.18 -18.64 -14.80
CA ILE G 75 7.53 -20.02 -14.45
C ILE G 75 6.96 -20.89 -15.57
N SER G 76 7.76 -21.11 -16.62
CA SER G 76 7.20 -21.60 -17.87
C SER G 76 7.01 -23.12 -17.88
N SER G 77 7.81 -23.85 -17.10
CA SER G 77 7.90 -25.31 -17.17
C SER G 77 7.63 -25.89 -15.79
N LEU G 78 6.47 -25.51 -15.25
CA LEU G 78 6.14 -25.24 -13.85
C LEU G 78 6.90 -26.03 -12.79
N GLU G 79 7.09 -27.36 -12.99
CA GLU G 79 7.94 -28.21 -12.16
C GLU G 79 7.55 -28.23 -10.69
N PRO G 80 6.62 -29.14 -10.29
CA PRO G 80 5.94 -29.05 -8.99
C PRO G 80 6.78 -29.07 -7.71
N GLU G 81 8.11 -29.11 -7.81
CA GLU G 81 8.95 -28.82 -6.66
C GLU G 81 8.95 -27.35 -6.26
N ASP G 82 8.44 -26.47 -7.11
CA ASP G 82 8.58 -25.03 -7.01
C ASP G 82 7.44 -24.37 -6.23
N PHE G 83 6.66 -25.15 -5.51
CA PHE G 83 5.49 -24.64 -4.79
C PHE G 83 5.94 -23.97 -3.51
N ALA G 84 6.17 -22.66 -3.61
CA ALA G 84 6.69 -21.90 -2.49
C ALA G 84 6.15 -20.48 -2.53
N VAL G 85 6.20 -19.83 -1.37
CA VAL G 85 5.83 -18.43 -1.27
C VAL G 85 6.91 -17.60 -1.95
N TYR G 86 6.56 -16.92 -3.02
CA TYR G 86 7.54 -16.19 -3.81
C TYR G 86 7.57 -14.73 -3.41
N TYR G 87 8.74 -14.13 -3.55
CA TYR G 87 8.90 -12.73 -3.23
C TYR G 87 9.74 -12.03 -4.30
N CYS G 88 9.18 -10.97 -4.86
CA CYS G 88 9.97 -9.91 -5.45
C CYS G 88 10.49 -9.05 -4.32
N GLN G 89 11.53 -8.28 -4.60
CA GLN G 89 12.08 -7.37 -3.62
C GLN G 89 12.83 -6.28 -4.36
N GLN G 90 12.36 -5.04 -4.24
CA GLN G 90 13.10 -3.92 -4.80
C GLN G 90 14.42 -3.75 -4.08
N HIS G 91 15.36 -3.14 -4.76
CA HIS G 91 16.61 -2.95 -4.06
C HIS G 91 17.14 -1.53 -4.06
N SER G 92 17.11 -0.82 -5.17
CA SER G 92 17.93 0.38 -5.29
C SER G 92 17.17 1.62 -4.86
N LEU G 93 16.67 1.56 -3.63
CA LEU G 93 16.20 2.69 -2.85
C LEU G 93 16.12 2.23 -1.41
N LEU G 94 16.42 3.14 -0.52
CA LEU G 94 16.45 2.77 0.88
C LEU G 94 15.22 3.31 1.60
N PRO G 95 14.60 2.53 2.50
CA PRO G 95 14.98 1.14 2.78
C PRO G 95 14.27 0.05 1.97
N ARG G 96 14.89 -0.42 0.88
CA ARG G 96 14.92 -1.78 0.35
C ARG G 96 13.72 -2.69 0.64
N THR G 97 12.50 -2.26 0.32
CA THR G 97 11.32 -3.00 0.76
C THR G 97 11.11 -4.28 -0.04
N PHE G 98 10.11 -5.05 0.38
CA PHE G 98 9.79 -6.35 -0.18
C PHE G 98 8.39 -6.36 -0.76
N GLY G 99 8.08 -7.46 -1.42
CA GLY G 99 6.73 -7.75 -1.86
C GLY G 99 5.87 -8.31 -0.74
N GLY G 100 4.69 -8.80 -1.10
CA GLY G 100 3.74 -9.19 -0.10
C GLY G 100 3.67 -10.68 0.18
N GLY G 101 3.80 -11.49 -0.86
CA GLY G 101 3.60 -12.91 -0.72
C GLY G 101 2.91 -13.48 -1.93
N THR G 102 3.45 -14.57 -2.48
CA THR G 102 3.00 -15.13 -3.75
C THR G 102 2.90 -16.64 -3.59
N LYS G 103 2.04 -17.07 -2.66
CA LYS G 103 1.87 -18.49 -2.32
C LYS G 103 1.42 -19.27 -3.54
N VAL G 104 2.34 -20.07 -4.09
CA VAL G 104 2.06 -20.88 -5.26
C VAL G 104 1.59 -22.25 -4.79
N GLU G 105 0.29 -22.47 -4.83
CA GLU G 105 -0.31 -23.70 -4.33
C GLU G 105 -0.31 -24.76 -5.43
N ILE G 106 -1.05 -25.83 -5.21
CA ILE G 106 -1.32 -26.82 -6.23
C ILE G 106 -2.76 -26.66 -6.67
N LYS G 107 -2.98 -26.64 -7.98
CA LYS G 107 -4.33 -26.61 -8.53
C LYS G 107 -4.83 -28.04 -8.63
N ARG G 108 -5.93 -28.33 -7.94
CA ARG G 108 -6.55 -29.66 -8.04
C ARG G 108 -8.07 -29.52 -7.94
N ALA G 109 -8.73 -30.67 -7.93
CA ALA G 109 -10.19 -30.69 -7.87
C ALA G 109 -10.66 -30.49 -6.44
N ASP G 110 -11.57 -29.51 -6.27
CA ASP G 110 -11.91 -28.93 -4.97
C ASP G 110 -12.41 -29.97 -3.98
N ALA G 111 -11.67 -30.14 -2.89
CA ALA G 111 -11.94 -31.17 -1.89
C ALA G 111 -12.83 -30.63 -0.79
N ALA G 112 -13.71 -31.49 -0.28
CA ALA G 112 -14.66 -31.07 0.74
C ALA G 112 -14.12 -31.41 2.13
N PRO G 113 -14.28 -30.51 3.10
CA PRO G 113 -13.74 -30.78 4.44
C PRO G 113 -14.54 -31.82 5.20
N THR G 114 -13.82 -32.65 5.94
CA THR G 114 -14.41 -33.62 6.86
C THR G 114 -14.35 -33.00 8.25
N VAL G 115 -15.53 -32.75 8.82
CA VAL G 115 -15.70 -31.80 9.91
C VAL G 115 -16.42 -32.51 11.05
N SER G 116 -15.81 -32.50 12.24
CA SER G 116 -16.51 -32.83 13.48
C SER G 116 -15.82 -32.20 14.67
N ILE G 117 -16.53 -32.26 15.82
CA ILE G 117 -16.36 -31.36 16.95
C ILE G 117 -16.07 -32.16 18.22
N PHE G 118 -15.11 -31.67 19.04
CA PHE G 118 -14.62 -32.53 20.11
C PHE G 118 -14.42 -31.94 21.50
N PRO G 119 -14.85 -32.68 22.54
CA PRO G 119 -15.06 -32.11 23.87
C PRO G 119 -13.77 -31.93 24.65
N PRO G 120 -13.86 -31.47 25.90
CA PRO G 120 -12.76 -31.63 26.84
C PRO G 120 -12.80 -32.98 27.54
N SER G 121 -11.61 -33.49 27.87
CA SER G 121 -11.51 -34.79 28.53
C SER G 121 -11.79 -34.66 30.02
N SER G 122 -12.12 -35.80 30.64
CA SER G 122 -12.16 -35.85 32.10
C SER G 122 -10.79 -35.61 32.70
N GLU G 123 -9.74 -36.06 32.01
CA GLU G 123 -8.37 -35.73 32.40
C GLU G 123 -8.14 -34.22 32.35
N GLN G 124 -8.76 -33.55 31.38
CA GLN G 124 -8.79 -32.09 31.41
C GLN G 124 -9.68 -31.57 32.54
N LEU G 125 -10.82 -32.20 32.78
CA LEU G 125 -11.72 -31.71 33.82
C LEU G 125 -11.16 -31.91 35.23
N THR G 126 -10.31 -32.90 35.43
CA THR G 126 -9.53 -33.01 36.65
C THR G 126 -8.48 -31.92 36.76
N SER G 127 -7.99 -31.40 35.63
CA SER G 127 -7.11 -30.23 35.65
C SER G 127 -7.89 -28.93 35.74
N GLY G 128 -9.15 -28.91 35.28
CA GLY G 128 -10.02 -27.77 35.49
C GLY G 128 -10.21 -26.87 34.28
N GLY G 129 -9.85 -27.34 33.09
CA GLY G 129 -10.01 -26.54 31.90
C GLY G 129 -11.13 -27.00 31.00
N ALA G 130 -11.43 -26.21 29.96
CA ALA G 130 -12.31 -26.66 28.89
C ALA G 130 -11.70 -26.25 27.56
N SER G 131 -11.58 -27.19 26.64
CA SER G 131 -11.02 -26.95 25.31
C SER G 131 -11.86 -27.72 24.31
N VAL G 132 -12.87 -27.07 23.76
CA VAL G 132 -13.78 -27.67 22.81
C VAL G 132 -13.30 -27.27 21.43
N VAL G 133 -12.70 -28.20 20.69
CA VAL G 133 -12.11 -27.90 19.39
C VAL G 133 -12.80 -28.73 18.33
N CYS G 134 -13.09 -28.11 17.20
CA CYS G 134 -13.63 -28.77 16.02
C CYS G 134 -12.46 -29.00 15.09
N PHE G 135 -12.53 -30.06 14.30
CA PHE G 135 -11.37 -30.51 13.56
C PHE G 135 -11.70 -30.69 12.09
N LEU G 136 -11.08 -29.87 11.25
CA LEU G 136 -11.42 -29.79 9.83
C LEU G 136 -10.22 -30.28 9.05
N ASN G 137 -10.48 -30.91 7.92
CA ASN G 137 -9.62 -31.96 7.43
C ASN G 137 -9.90 -32.23 5.97
N ASN G 138 -8.81 -32.22 5.19
CA ASN G 138 -8.77 -32.64 3.78
C ASN G 138 -9.72 -31.85 2.89
N PHE G 139 -9.44 -30.56 2.75
CA PHE G 139 -10.24 -29.71 1.88
C PHE G 139 -9.36 -28.88 0.96
N TYR G 140 -10.00 -28.31 -0.06
CA TYR G 140 -9.36 -27.46 -1.05
C TYR G 140 -10.39 -26.58 -1.72
N PRO G 141 -10.20 -25.25 -1.77
CA PRO G 141 -9.05 -24.47 -1.27
C PRO G 141 -9.11 -24.13 0.21
N LYS G 142 -8.32 -23.14 0.62
CA LYS G 142 -7.98 -22.94 2.03
C LYS G 142 -9.14 -22.42 2.86
N ASP G 143 -10.03 -21.65 2.27
CA ASP G 143 -10.83 -20.69 3.04
C ASP G 143 -12.03 -21.36 3.69
N ILE G 144 -12.00 -21.52 5.01
CA ILE G 144 -13.16 -21.91 5.81
C ILE G 144 -13.24 -21.00 7.03
N ASN G 145 -14.44 -20.50 7.32
CA ASN G 145 -14.75 -19.90 8.59
C ASN G 145 -15.58 -20.88 9.41
N VAL G 146 -15.22 -21.05 10.67
CA VAL G 146 -15.95 -21.93 11.59
C VAL G 146 -16.50 -21.09 12.73
N LYS G 147 -17.81 -21.20 12.96
CA LYS G 147 -18.47 -20.51 14.05
C LYS G 147 -18.73 -21.50 15.17
N TRP G 148 -18.71 -20.99 16.40
CA TRP G 148 -19.06 -21.73 17.60
C TRP G 148 -20.27 -21.07 18.22
N LYS G 149 -20.95 -21.78 19.13
CA LYS G 149 -22.13 -21.26 19.82
C LYS G 149 -22.23 -21.84 21.23
N ILE G 150 -22.62 -21.00 22.19
CA ILE G 150 -22.93 -21.47 23.56
C ILE G 150 -24.39 -21.93 23.51
N ASP G 151 -24.58 -23.20 23.13
CA ASP G 151 -25.90 -23.83 22.92
C ASP G 151 -26.79 -23.04 21.96
N GLY G 152 -26.18 -22.32 21.02
CA GLY G 152 -26.92 -21.47 20.13
C GLY G 152 -26.52 -20.01 20.11
N SER G 153 -25.55 -19.60 20.93
CA SER G 153 -25.14 -18.21 21.04
C SER G 153 -23.62 -18.13 20.95
N GLU G 154 -23.13 -17.30 20.02
CA GLU G 154 -21.81 -17.46 19.43
C GLU G 154 -20.66 -17.20 20.40
N ARG G 155 -19.46 -17.63 19.99
CA ARG G 155 -18.27 -17.69 20.84
C ARG G 155 -17.07 -17.07 20.15
N GLN G 156 -16.27 -16.35 20.95
CA GLN G 156 -14.90 -15.96 20.58
C GLN G 156 -14.02 -15.89 21.83
N ASN G 157 -12.82 -15.35 21.62
CA ASN G 157 -11.71 -15.18 22.58
C ASN G 157 -11.12 -16.50 23.08
N GLY G 158 -11.62 -17.63 22.62
CA GLY G 158 -10.91 -18.87 22.81
C GLY G 158 -10.57 -19.37 21.43
N VAL G 159 -11.43 -19.01 20.46
CA VAL G 159 -11.47 -19.58 19.11
C VAL G 159 -10.23 -19.18 18.34
N LEU G 160 -9.48 -20.18 17.85
CA LEU G 160 -8.25 -19.96 17.10
C LEU G 160 -8.27 -20.87 15.88
N ASN G 161 -7.93 -20.31 14.73
CA ASN G 161 -7.87 -21.07 13.49
C ASN G 161 -6.43 -21.10 13.00
N SER G 162 -5.98 -22.29 12.61
CA SER G 162 -4.57 -22.48 12.25
C SER G 162 -4.51 -23.50 11.11
N TRP G 163 -3.80 -23.14 10.06
CA TRP G 163 -3.79 -23.90 8.82
C TRP G 163 -2.36 -24.34 8.50
N THR G 164 -2.24 -25.53 7.91
CA THR G 164 -0.92 -25.98 7.47
C THR G 164 -0.66 -25.50 6.05
N ASP G 165 0.37 -26.07 5.44
CA ASP G 165 0.56 -25.91 4.01
C ASP G 165 -0.35 -26.89 3.26
N GLN G 166 -0.15 -26.93 1.95
CA GLN G 166 -0.85 -27.93 1.17
C GLN G 166 -0.09 -29.25 1.27
N ASP G 167 -0.83 -30.36 1.25
CA ASP G 167 -0.21 -31.65 1.49
C ASP G 167 0.63 -32.07 0.29
N SER G 168 1.60 -32.95 0.55
CA SER G 168 2.42 -33.49 -0.52
C SER G 168 1.61 -34.40 -1.43
N LYS G 169 0.89 -35.37 -0.85
CA LYS G 169 0.31 -36.41 -1.67
C LYS G 169 -1.11 -36.08 -2.16
N ASP G 170 -2.08 -35.94 -1.25
CA ASP G 170 -3.42 -35.65 -1.73
C ASP G 170 -3.66 -34.17 -1.95
N SER G 171 -2.73 -33.31 -1.48
CA SER G 171 -2.70 -31.88 -1.76
C SER G 171 -3.93 -31.17 -1.23
N THR G 172 -4.15 -31.25 0.08
CA THR G 172 -5.34 -30.75 0.74
C THR G 172 -4.94 -29.76 1.83
N TYR G 173 -5.93 -29.37 2.65
CA TYR G 173 -5.69 -28.34 3.65
C TYR G 173 -6.28 -28.72 5.00
N SER G 174 -6.31 -27.72 5.88
CA SER G 174 -6.15 -27.92 7.31
C SER G 174 -6.86 -26.80 8.06
N MET G 175 -7.53 -27.16 9.16
CA MET G 175 -7.87 -26.22 10.22
C MET G 175 -8.36 -26.96 11.45
N SER G 176 -7.88 -26.54 12.61
CA SER G 176 -8.61 -26.74 13.85
C SER G 176 -9.22 -25.41 14.27
N SER G 177 -10.43 -25.48 14.81
CA SER G 177 -11.07 -24.33 15.40
C SER G 177 -10.73 -24.39 16.88
N THR G 178 -9.49 -24.03 17.19
CA THR G 178 -8.90 -24.19 18.51
C THR G 178 -9.58 -23.23 19.48
N LEU G 179 -10.50 -23.74 20.29
CA LEU G 179 -11.26 -22.95 21.27
C LEU G 179 -11.00 -23.48 22.67
N THR G 180 -10.81 -22.56 23.62
CA THR G 180 -10.56 -22.88 25.02
C THR G 180 -11.58 -22.15 25.89
N LEU G 181 -12.17 -22.86 26.85
CA LEU G 181 -13.12 -22.31 27.80
C LEU G 181 -12.69 -22.68 29.23
N THR G 182 -13.59 -22.47 30.18
CA THR G 182 -13.36 -22.94 31.54
C THR G 182 -14.28 -24.12 31.84
N LYS G 183 -13.84 -24.94 32.81
CA LYS G 183 -14.62 -26.10 33.28
C LYS G 183 -16.00 -25.69 33.78
N ASP G 184 -16.09 -24.52 34.42
CA ASP G 184 -17.37 -24.00 34.87
C ASP G 184 -18.27 -23.67 33.68
N GLU G 185 -17.74 -22.95 32.69
CA GLU G 185 -18.48 -22.69 31.45
C GLU G 185 -18.80 -23.96 30.68
N TYR G 186 -17.95 -24.98 30.81
CA TYR G 186 -18.24 -26.28 30.20
C TYR G 186 -19.47 -26.93 30.82
N GLU G 187 -19.52 -26.98 32.16
CA GLU G 187 -20.58 -27.71 32.85
C GLU G 187 -21.94 -27.02 32.77
N ARG G 188 -21.99 -25.74 32.41
CA ARG G 188 -23.27 -25.05 32.40
C ARG G 188 -24.05 -25.28 31.11
N HIS G 189 -23.46 -25.94 30.11
CA HIS G 189 -24.08 -26.03 28.80
C HIS G 189 -23.81 -27.40 28.19
N ASN G 190 -24.68 -27.82 27.26
CA ASN G 190 -24.52 -29.11 26.60
C ASN G 190 -24.25 -29.01 25.11
N SER G 191 -25.16 -28.42 24.32
CA SER G 191 -25.16 -28.60 22.87
C SER G 191 -24.12 -27.71 22.22
N TYR G 192 -22.93 -28.25 22.04
CA TYR G 192 -21.76 -27.49 21.58
C TYR G 192 -21.69 -27.69 20.07
N THR G 193 -21.62 -26.60 19.31
CA THR G 193 -21.79 -26.67 17.87
C THR G 193 -20.59 -26.11 17.11
N CYS G 194 -20.31 -26.75 15.97
CA CYS G 194 -19.24 -26.34 15.05
C CYS G 194 -19.82 -26.17 13.66
N GLU G 195 -19.84 -24.93 13.16
CA GLU G 195 -20.42 -24.62 11.87
C GLU G 195 -19.32 -24.31 10.86
N ALA G 196 -18.94 -25.30 10.06
CA ALA G 196 -17.97 -25.12 8.99
C ALA G 196 -18.62 -24.40 7.82
N THR G 197 -17.79 -23.84 6.94
CA THR G 197 -18.27 -23.22 5.70
C THR G 197 -17.15 -23.23 4.68
N HIS G 198 -17.24 -24.11 3.68
CA HIS G 198 -16.25 -24.20 2.62
C HIS G 198 -16.98 -23.93 1.30
N LYS G 199 -16.20 -23.66 0.25
CA LYS G 199 -16.77 -23.48 -1.08
C LYS G 199 -17.49 -24.72 -1.59
N THR G 200 -16.92 -25.90 -1.36
CA THR G 200 -17.58 -27.17 -1.61
C THR G 200 -18.83 -27.37 -0.76
N SER G 201 -18.89 -26.77 0.42
CA SER G 201 -20.05 -26.88 1.28
C SER G 201 -21.10 -25.87 0.82
N THR G 202 -22.13 -26.37 0.11
CA THR G 202 -23.24 -25.50 -0.27
C THR G 202 -24.02 -25.03 0.94
N SER G 203 -24.30 -25.93 1.87
CA SER G 203 -24.83 -25.60 3.18
C SER G 203 -23.68 -25.53 4.17
N PRO G 204 -23.74 -24.62 5.15
CA PRO G 204 -22.68 -24.57 6.17
C PRO G 204 -22.70 -25.81 7.06
N ILE G 205 -21.58 -26.55 7.06
CA ILE G 205 -21.53 -27.86 7.69
C ILE G 205 -21.53 -27.70 9.20
N VAL G 206 -22.65 -28.08 9.82
CA VAL G 206 -22.82 -28.01 11.26
C VAL G 206 -22.62 -29.41 11.82
N LYS G 207 -21.69 -29.55 12.77
CA LYS G 207 -21.57 -30.75 13.57
C LYS G 207 -21.60 -30.36 15.03
N SER G 208 -22.35 -31.13 15.83
CA SER G 208 -22.60 -30.73 17.20
C SER G 208 -22.46 -31.93 18.14
N PHE G 209 -22.49 -31.65 19.44
CA PHE G 209 -22.61 -32.67 20.48
C PHE G 209 -23.17 -32.02 21.73
N ASN G 210 -23.92 -32.80 22.50
CA ASN G 210 -24.24 -32.43 23.86
C ASN G 210 -23.12 -32.83 24.79
N ARG G 211 -22.93 -32.04 25.85
CA ARG G 211 -22.16 -32.50 26.99
C ARG G 211 -22.90 -33.65 27.65
N ASN G 212 -22.15 -34.66 28.10
CA ASN G 212 -22.65 -35.93 28.66
C ASN G 212 -23.48 -36.71 27.63
N GLU G 213 -23.22 -36.48 26.35
CA GLU G 213 -23.79 -37.34 25.32
C GLU G 213 -22.80 -38.39 24.87
N CYS G 214 -21.56 -37.99 24.59
CA CYS G 214 -20.50 -38.93 24.24
C CYS G 214 -19.86 -39.49 25.50
N GLU H 1 26.16 -4.97 31.04
CA GLU H 1 25.49 -4.76 32.35
C GLU H 1 25.89 -5.90 33.27
N ILE H 2 27.18 -6.08 33.55
CA ILE H 2 27.57 -7.25 34.33
C ILE H 2 26.68 -7.31 35.56
N VAL H 3 26.02 -8.44 35.77
CA VAL H 3 25.17 -8.59 36.95
C VAL H 3 26.03 -9.05 38.11
N MET H 4 25.99 -8.31 39.21
CA MET H 4 26.67 -8.70 40.45
C MET H 4 25.67 -9.44 41.33
N THR H 5 26.00 -10.68 41.68
CA THR H 5 25.11 -11.53 42.44
C THR H 5 25.69 -11.79 43.82
N GLN H 6 24.93 -11.43 44.85
CA GLN H 6 25.31 -11.67 46.23
C GLN H 6 24.69 -12.98 46.67
N SER H 7 25.53 -13.96 46.96
CA SER H 7 25.06 -15.31 47.26
C SER H 7 24.36 -15.40 48.62
N PRO H 8 24.82 -14.73 49.72
CA PRO H 8 23.93 -14.58 50.87
C PRO H 8 22.95 -13.45 50.63
N ALA H 9 21.69 -13.80 50.36
CA ALA H 9 20.66 -12.78 50.23
C ALA H 9 20.33 -12.16 51.57
N THR H 10 19.92 -12.98 52.54
CA THR H 10 19.72 -12.54 53.90
C THR H 10 20.81 -13.13 54.78
N LEU H 11 20.93 -12.58 55.98
CA LEU H 11 21.91 -13.07 56.94
C LEU H 11 21.41 -12.75 58.34
N SER H 12 21.52 -13.72 59.24
CA SER H 12 21.13 -13.52 60.62
C SER H 12 22.14 -14.28 61.48
N LEU H 13 23.12 -13.55 62.01
CA LEU H 13 24.18 -14.14 62.81
C LEU H 13 24.30 -13.34 64.09
N SER H 14 24.56 -14.04 65.20
CA SER H 14 24.58 -13.42 66.51
C SER H 14 25.79 -12.50 66.66
N PRO H 15 25.81 -11.60 67.67
CA PRO H 15 27.08 -10.93 68.01
C PRO H 15 28.16 -11.94 68.39
N GLY H 16 29.18 -12.04 67.55
CA GLY H 16 30.06 -13.18 67.62
C GLY H 16 31.02 -13.34 66.45
N GLU H 17 30.98 -14.52 65.84
CA GLU H 17 32.02 -15.01 64.94
C GLU H 17 31.97 -14.39 63.55
N ARG H 18 32.71 -15.00 62.62
CA ARG H 18 32.85 -14.48 61.27
C ARG H 18 31.53 -14.52 60.53
N ALA H 19 31.32 -13.50 59.70
CA ALA H 19 30.12 -13.33 58.90
C ALA H 19 30.52 -13.15 57.44
N THR H 20 31.32 -14.10 56.94
CA THR H 20 31.83 -14.09 55.58
C THR H 20 30.70 -14.08 54.55
N LEU H 21 30.71 -13.07 53.69
CA LEU H 21 29.67 -12.87 52.70
C LEU H 21 30.25 -13.06 51.30
N SER H 22 29.37 -13.29 50.32
CA SER H 22 29.83 -13.64 48.99
C SER H 22 29.18 -12.71 47.96
N CYS H 23 29.97 -12.30 46.98
CA CYS H 23 29.49 -11.50 45.85
C CYS H 23 30.22 -11.99 44.62
N ARG H 24 29.46 -12.31 43.58
CA ARG H 24 30.00 -12.91 42.36
C ARG H 24 29.78 -11.99 41.18
N ALA H 25 30.68 -12.06 40.21
CA ALA H 25 30.57 -11.30 39.00
C ALA H 25 30.25 -12.21 37.81
N SER H 26 29.64 -11.61 36.79
CA SER H 26 29.43 -12.31 35.52
C SER H 26 30.62 -12.19 34.58
N GLN H 27 31.63 -11.39 34.94
CA GLN H 27 32.87 -11.31 34.19
C GLN H 27 34.02 -11.25 35.19
N SER H 28 35.19 -10.82 34.71
CA SER H 28 36.34 -10.62 35.58
C SER H 28 36.42 -9.14 35.94
N VAL H 29 35.87 -8.78 37.10
CA VAL H 29 36.03 -7.42 37.60
C VAL H 29 37.47 -7.19 38.04
N SER H 30 38.13 -8.25 38.54
CA SER H 30 39.58 -8.32 38.79
C SER H 30 40.06 -7.25 39.78
N SER H 31 39.60 -7.44 41.04
CA SER H 31 40.08 -6.69 42.21
C SER H 31 39.71 -5.22 42.11
N TYR H 32 38.55 -4.94 41.51
CA TYR H 32 38.14 -3.57 41.21
C TYR H 32 36.75 -3.28 41.76
N LEU H 33 36.48 -3.66 43.01
CA LEU H 33 35.16 -3.41 43.58
C LEU H 33 35.25 -3.23 45.08
N ALA H 34 34.11 -2.87 45.67
CA ALA H 34 34.05 -2.30 47.02
C ALA H 34 32.94 -2.95 47.83
N TRP H 35 32.75 -2.45 49.05
CA TRP H 35 31.81 -3.01 50.02
C TRP H 35 31.18 -1.92 50.86
N TYR H 36 29.88 -2.01 51.10
CA TYR H 36 29.18 -0.89 51.72
C TYR H 36 28.33 -1.33 52.92
N GLN H 37 27.88 -0.32 53.66
CA GLN H 37 27.31 -0.42 54.99
C GLN H 37 26.01 0.38 55.07
N GLN H 38 25.08 0.12 54.16
CA GLN H 38 23.84 0.91 54.15
C GLN H 38 22.98 0.56 55.35
N LYS H 39 23.12 1.36 56.40
CA LYS H 39 22.14 1.40 57.48
C LYS H 39 20.82 1.94 56.92
N PRO H 40 19.69 1.56 57.53
CA PRO H 40 18.38 2.01 57.02
C PRO H 40 18.20 3.52 57.10
N GLY H 41 17.96 4.13 55.94
CA GLY H 41 17.80 5.56 55.82
C GLY H 41 19.05 6.36 56.02
N GLN H 42 20.22 5.81 55.70
CA GLN H 42 21.50 6.45 56.00
C GLN H 42 22.38 6.49 54.76
N ALA H 43 23.63 6.87 54.99
CA ALA H 43 24.68 6.94 53.99
C ALA H 43 25.36 5.58 53.85
N PRO H 44 25.28 4.95 52.68
CA PRO H 44 25.89 3.63 52.49
C PRO H 44 27.41 3.72 52.44
N ARG H 45 28.01 3.93 53.61
CA ARG H 45 29.43 4.20 53.79
C ARG H 45 30.29 3.05 53.30
N LEU H 46 31.49 3.38 52.82
CA LEU H 46 32.44 2.38 52.33
C LEU H 46 33.00 1.53 53.46
N LEU H 47 33.00 0.21 53.27
CA LEU H 47 33.72 -0.69 54.14
C LEU H 47 35.13 -1.00 53.63
N ILE H 48 35.23 -1.60 52.45
CA ILE H 48 36.46 -2.15 51.91
C ILE H 48 36.71 -1.53 50.54
N TYR H 49 37.90 -0.99 50.32
CA TYR H 49 37.98 -0.17 49.12
C TYR H 49 38.23 -0.97 47.83
N ASP H 50 39.42 -1.54 47.61
CA ASP H 50 39.61 -2.23 46.33
C ASP H 50 39.85 -3.72 46.56
N ALA H 51 38.75 -4.43 46.83
CA ALA H 51 38.66 -5.85 47.18
C ALA H 51 39.45 -6.25 48.42
N SER H 52 40.02 -5.27 49.12
CA SER H 52 40.88 -5.44 50.28
C SER H 52 41.11 -4.05 50.88
N ASN H 53 41.98 -4.01 51.89
CA ASN H 53 42.82 -2.89 52.32
C ASN H 53 42.11 -1.81 53.16
N ARG H 54 40.81 -1.92 53.44
CA ARG H 54 40.19 -1.36 54.66
C ARG H 54 40.25 0.16 54.87
N ALA H 55 39.50 0.93 54.07
CA ALA H 55 39.60 2.39 54.02
C ALA H 55 39.23 3.18 55.28
N THR H 56 40.21 3.94 55.79
CA THR H 56 40.09 5.32 56.29
C THR H 56 38.89 5.55 57.22
N GLY H 57 38.97 4.91 58.39
CA GLY H 57 37.94 5.09 59.39
C GLY H 57 37.18 3.80 59.61
N ILE H 58 37.79 2.72 59.16
CA ILE H 58 37.20 1.39 59.28
C ILE H 58 37.70 0.88 60.63
N PRO H 59 36.87 0.19 61.44
CA PRO H 59 37.32 -0.12 62.81
C PRO H 59 38.46 -1.12 62.96
N ALA H 60 38.20 -2.43 62.80
CA ALA H 60 39.27 -3.42 62.94
C ALA H 60 39.08 -4.70 62.13
N ARG H 61 37.86 -5.03 61.71
CA ARG H 61 37.47 -6.42 61.49
C ARG H 61 36.90 -6.65 60.10
N PHE H 62 37.20 -5.78 59.17
CA PHE H 62 36.49 -5.73 57.89
C PHE H 62 37.47 -6.07 56.80
N SER H 63 38.16 -7.20 56.94
CA SER H 63 38.95 -7.75 55.86
C SER H 63 38.05 -8.33 54.78
N GLY H 64 38.61 -8.47 53.57
CA GLY H 64 37.91 -9.10 52.48
C GLY H 64 38.87 -9.37 51.34
N SER H 65 38.43 -10.21 50.41
CA SER H 65 39.30 -10.69 49.35
C SER H 65 38.49 -10.89 48.08
N GLY H 66 39.20 -11.26 47.01
CA GLY H 66 38.61 -11.35 45.69
C GLY H 66 39.62 -11.73 44.61
N SER H 67 39.65 -10.96 43.52
CA SER H 67 40.63 -11.09 42.44
C SER H 67 40.61 -12.46 41.77
N GLY H 68 39.61 -12.72 40.91
CA GLY H 68 38.80 -11.67 40.30
C GLY H 68 37.35 -11.92 39.90
N THR H 69 36.69 -12.93 40.44
CA THR H 69 35.31 -13.13 39.98
C THR H 69 34.29 -13.23 41.10
N ASP H 70 34.61 -13.94 42.18
CA ASP H 70 33.68 -14.20 43.27
C ASP H 70 34.33 -13.76 44.58
N PHE H 71 33.80 -12.72 45.20
CA PHE H 71 34.57 -12.00 46.22
C PHE H 71 33.99 -12.29 47.60
N THR H 72 34.75 -11.89 48.63
CA THR H 72 34.45 -12.17 50.01
C THR H 72 34.38 -10.90 50.84
N LEU H 73 33.44 -10.88 51.78
CA LEU H 73 33.33 -9.83 52.79
C LEU H 73 33.30 -10.49 54.16
N THR H 74 34.40 -10.42 54.89
CA THR H 74 34.51 -11.10 56.18
C THR H 74 34.24 -10.10 57.30
N ILE H 75 33.32 -10.47 58.21
CA ILE H 75 33.03 -9.66 59.39
C ILE H 75 33.41 -10.52 60.59
N SER H 76 34.67 -10.41 61.02
CA SER H 76 35.25 -11.43 61.90
C SER H 76 34.87 -11.23 63.36
N SER H 77 34.62 -9.98 63.76
CA SER H 77 34.49 -9.60 65.16
C SER H 77 33.14 -8.90 65.36
N LEU H 78 32.08 -9.61 64.95
CA LEU H 78 30.84 -9.17 64.33
C LEU H 78 30.33 -7.79 64.72
N GLU H 79 30.37 -7.43 66.02
CA GLU H 79 30.08 -6.08 66.54
C GLU H 79 28.69 -5.57 66.17
N PRO H 80 27.67 -5.86 67.01
CA PRO H 80 26.25 -5.71 66.63
C PRO H 80 25.75 -4.33 66.21
N GLU H 81 26.62 -3.32 66.14
CA GLU H 81 26.27 -2.07 65.47
C GLU H 81 26.20 -2.21 63.96
N ASP H 82 26.72 -3.31 63.40
CA ASP H 82 26.97 -3.48 61.98
C ASP H 82 25.80 -4.12 61.24
N PHE H 83 24.62 -4.15 61.86
CA PHE H 83 23.45 -4.81 61.29
C PHE H 83 22.84 -3.90 60.23
N ALA H 84 23.27 -4.09 58.99
CA ALA H 84 22.83 -3.24 57.90
C ALA H 84 22.78 -4.03 56.61
N VAL H 85 22.02 -3.52 55.66
CA VAL H 85 21.97 -4.10 54.33
C VAL H 85 23.28 -3.80 53.63
N TYR H 86 24.02 -4.85 53.31
CA TYR H 86 25.35 -4.69 52.74
C TYR H 86 25.30 -4.80 51.23
N TYR H 87 26.22 -4.08 50.58
CA TYR H 87 26.31 -4.11 49.14
C TYR H 87 27.76 -4.21 48.69
N CYS H 88 28.04 -5.22 47.89
CA CYS H 88 29.16 -5.18 46.98
C CYS H 88 28.73 -4.34 45.78
N GLN H 89 29.71 -3.86 45.04
CA GLN H 89 29.43 -3.09 43.83
C GLN H 89 30.64 -3.17 42.92
N GLN H 90 30.48 -3.79 41.75
CA GLN H 90 31.55 -3.78 40.77
C GLN H 90 31.80 -2.36 40.28
N HIS H 91 32.99 -2.14 39.81
CA HIS H 91 33.23 -0.80 39.31
C HIS H 91 33.78 -0.72 37.90
N SER H 92 34.76 -1.54 37.53
CA SER H 92 35.55 -1.24 36.34
C SER H 92 34.96 -1.91 35.11
N LEU H 93 33.70 -1.61 34.88
CA LEU H 93 33.00 -1.83 33.62
C LEU H 93 31.74 -0.99 33.66
N LEU H 94 31.38 -0.48 32.52
CA LEU H 94 30.24 0.41 32.47
C LEU H 94 29.04 -0.29 31.86
N PRO H 95 27.83 -0.10 32.41
CA PRO H 95 27.60 0.69 33.63
C PRO H 95 27.62 -0.06 34.97
N ARG H 96 28.76 -0.06 35.66
CA ARG H 96 28.97 0.01 37.12
C ARG H 96 27.87 -0.57 38.00
N THR H 97 27.46 -1.81 37.80
CA THR H 97 26.28 -2.33 38.50
C THR H 97 26.57 -2.63 39.96
N PHE H 98 25.51 -3.02 40.67
CA PHE H 98 25.53 -3.26 42.10
C PHE H 98 25.15 -4.70 42.42
N GLY H 99 25.30 -5.05 43.68
CA GLY H 99 24.78 -6.29 44.21
C GLY H 99 23.30 -6.22 44.51
N GLY H 100 22.80 -7.24 45.20
CA GLY H 100 21.36 -7.35 45.38
C GLY H 100 20.85 -6.88 46.72
N GLY H 101 21.61 -7.17 47.78
CA GLY H 101 21.14 -6.91 49.12
C GLY H 101 21.57 -7.99 50.07
N THR H 102 22.15 -7.60 51.20
CA THR H 102 22.77 -8.53 52.14
C THR H 102 22.33 -8.15 53.55
N LYS H 103 21.02 -8.21 53.78
CA LYS H 103 20.41 -7.81 55.06
C LYS H 103 20.96 -8.66 56.19
N VAL H 104 21.80 -8.04 57.02
CA VAL H 104 22.42 -8.72 58.15
C VAL H 104 21.53 -8.48 59.37
N GLU H 105 20.75 -9.49 59.72
CA GLU H 105 19.79 -9.40 60.79
C GLU H 105 20.46 -9.75 62.12
N ILE H 106 19.66 -9.97 63.16
CA ILE H 106 20.15 -10.50 64.42
C ILE H 106 19.66 -11.93 64.52
N LYS H 107 20.55 -12.84 64.89
CA LYS H 107 20.18 -14.22 65.15
C LYS H 107 19.71 -14.34 66.59
N ARG H 108 18.46 -14.75 66.78
CA ARG H 108 17.95 -14.98 68.12
C ARG H 108 16.99 -16.16 68.11
N ALA H 109 16.38 -16.41 69.27
CA ALA H 109 15.47 -17.54 69.42
C ALA H 109 14.10 -17.18 68.86
N ASP H 110 13.58 -18.04 67.97
CA ASP H 110 12.47 -17.73 67.09
C ASP H 110 11.21 -17.33 67.85
N ALA H 111 10.77 -16.09 67.62
CA ALA H 111 9.66 -15.50 68.36
C ALA H 111 8.35 -15.74 67.62
N ALA H 112 7.29 -15.94 68.38
CA ALA H 112 5.98 -16.23 67.79
C ALA H 112 5.16 -14.95 67.66
N PRO H 113 4.46 -14.75 66.55
CA PRO H 113 3.67 -13.52 66.38
C PRO H 113 2.43 -13.49 67.24
N THR H 114 2.14 -12.30 67.74
CA THR H 114 0.91 -12.03 68.47
C THR H 114 -0.05 -11.36 67.48
N VAL H 115 -1.15 -12.04 67.21
CA VAL H 115 -1.95 -11.80 66.01
C VAL H 115 -3.38 -11.57 66.43
N SER H 116 -3.96 -10.43 66.04
CA SER H 116 -5.40 -10.23 66.06
C SER H 116 -5.83 -9.17 65.06
N ILE H 117 -7.15 -9.07 64.87
CA ILE H 117 -7.78 -8.52 63.66
C ILE H 117 -8.74 -7.40 64.05
N PHE H 118 -8.73 -6.31 63.26
CA PHE H 118 -9.42 -5.11 63.73
C PHE H 118 -10.30 -4.32 62.76
N PRO H 119 -11.48 -3.91 63.22
CA PRO H 119 -12.56 -3.48 62.32
C PRO H 119 -12.36 -2.07 61.81
N PRO H 120 -13.32 -1.56 61.03
CA PRO H 120 -13.42 -0.12 60.80
C PRO H 120 -14.24 0.57 61.90
N SER H 121 -13.86 1.82 62.19
CA SER H 121 -14.55 2.58 63.23
C SER H 121 -15.86 3.15 62.71
N SER H 122 -16.73 3.51 63.66
CA SER H 122 -17.92 4.29 63.30
C SER H 122 -17.53 5.66 62.78
N GLU H 123 -16.43 6.22 63.29
CA GLU H 123 -15.87 7.45 62.74
C GLU H 123 -15.43 7.24 61.30
N GLN H 124 -14.93 6.05 60.98
CA GLN H 124 -14.73 5.69 59.59
C GLN H 124 -16.04 5.48 58.85
N LEU H 125 -17.03 4.85 59.50
CA LEU H 125 -18.30 4.59 58.82
C LEU H 125 -19.10 5.86 58.56
N THR H 126 -18.91 6.91 59.38
CA THR H 126 -19.43 8.23 59.06
C THR H 126 -18.70 8.86 57.88
N SER H 127 -17.43 8.51 57.66
CA SER H 127 -16.72 8.92 56.45
C SER H 127 -17.03 8.02 55.27
N GLY H 128 -17.42 6.78 55.50
CA GLY H 128 -17.90 5.92 54.43
C GLY H 128 -16.93 4.88 53.93
N GLY H 129 -15.86 4.63 54.67
CA GLY H 129 -14.88 3.64 54.25
C GLY H 129 -14.92 2.36 55.07
N ALA H 130 -14.15 1.36 54.63
CA ALA H 130 -13.92 0.16 55.44
C ALA H 130 -12.44 -0.17 55.35
N SER H 131 -11.81 -0.37 56.52
CA SER H 131 -10.40 -0.71 56.60
C SER H 131 -10.24 -1.75 57.70
N VAL H 132 -10.30 -3.01 57.32
CA VAL H 132 -10.21 -4.13 58.26
C VAL H 132 -8.76 -4.61 58.21
N VAL H 133 -7.99 -4.32 59.25
CA VAL H 133 -6.58 -4.63 59.26
C VAL H 133 -6.29 -5.57 60.43
N CYS H 134 -5.48 -6.58 60.18
CA CYS H 134 -4.99 -7.50 61.20
C CYS H 134 -3.60 -7.03 61.57
N PHE H 135 -3.20 -7.26 62.81
CA PHE H 135 -2.01 -6.64 63.33
C PHE H 135 -1.08 -7.68 63.95
N LEU H 136 0.10 -7.85 63.35
CA LEU H 136 1.01 -8.92 63.69
C LEU H 136 2.26 -8.28 64.28
N ASN H 137 2.88 -8.98 65.21
CA ASN H 137 3.59 -8.29 66.28
C ASN H 137 4.54 -9.26 66.97
N ASN H 138 5.80 -8.83 67.07
CA ASN H 138 6.85 -9.47 67.87
C ASN H 138 7.12 -10.92 67.45
N PHE H 139 7.61 -11.09 66.24
CA PHE H 139 7.96 -12.41 65.75
C PHE H 139 9.35 -12.42 65.13
N TYR H 140 9.86 -13.63 64.92
CA TYR H 140 11.17 -13.88 64.34
C TYR H 140 11.23 -15.29 63.78
N PRO H 141 11.61 -15.48 62.50
CA PRO H 141 12.04 -14.49 61.52
C PRO H 141 10.89 -13.78 60.78
N LYS H 142 11.22 -13.16 59.64
CA LYS H 142 10.35 -12.16 59.03
C LYS H 142 9.10 -12.76 58.41
N ASP H 143 9.16 -13.99 57.91
CA ASP H 143 8.25 -14.44 56.86
C ASP H 143 6.90 -14.87 57.44
N ILE H 144 5.86 -14.07 57.20
CA ILE H 144 4.47 -14.44 57.48
C ILE H 144 3.63 -14.06 56.27
N ASN H 145 2.78 -14.98 55.82
CA ASN H 145 1.69 -14.65 54.91
C ASN H 145 0.38 -14.63 55.71
N VAL H 146 -0.42 -13.60 55.49
CA VAL H 146 -1.72 -13.46 56.14
C VAL H 146 -2.80 -13.47 55.06
N LYS H 147 -3.78 -14.36 55.23
CA LYS H 147 -4.92 -14.45 54.32
C LYS H 147 -6.12 -13.80 54.98
N TRP H 148 -6.98 -13.23 54.15
CA TRP H 148 -8.25 -12.65 54.54
C TRP H 148 -9.36 -13.44 53.86
N LYS H 149 -10.59 -13.30 54.34
CA LYS H 149 -11.75 -13.98 53.77
C LYS H 149 -13.02 -13.14 53.94
N ILE H 150 -13.86 -13.13 52.91
CA ILE H 150 -15.20 -12.50 52.99
C ILE H 150 -16.11 -13.57 53.59
N ASP H 151 -16.15 -13.63 54.92
CA ASP H 151 -16.87 -14.65 55.70
C ASP H 151 -16.52 -16.08 55.30
N GLY H 152 -15.29 -16.29 54.83
CA GLY H 152 -14.89 -17.59 54.34
C GLY H 152 -14.39 -17.62 52.91
N SER H 153 -14.38 -16.50 52.19
CA SER H 153 -13.98 -16.45 50.79
C SER H 153 -12.99 -15.32 50.60
N GLU H 154 -11.83 -15.64 50.02
CA GLU H 154 -10.60 -14.87 50.23
C GLU H 154 -10.64 -13.48 49.58
N ARG H 155 -9.68 -12.65 49.99
CA ARG H 155 -9.63 -11.21 49.70
C ARG H 155 -8.27 -10.79 49.18
N GLN H 156 -8.28 -9.88 48.21
CA GLN H 156 -7.13 -9.09 47.80
C GLN H 156 -7.57 -7.72 47.30
N ASN H 157 -6.59 -7.00 46.73
CA ASN H 157 -6.66 -5.63 46.19
C ASN H 157 -6.91 -4.57 47.25
N GLY H 158 -7.05 -4.94 48.51
CA GLY H 158 -6.98 -3.97 49.58
C GLY H 158 -5.79 -4.35 50.42
N VAL H 159 -5.48 -5.65 50.42
CA VAL H 159 -4.54 -6.29 51.35
C VAL H 159 -3.13 -5.83 51.06
N LEU H 160 -2.47 -5.26 52.08
CA LEU H 160 -1.11 -4.76 51.98
C LEU H 160 -0.32 -5.23 53.18
N ASN H 161 0.88 -5.72 52.93
CA ASN H 161 1.76 -6.18 54.00
C ASN H 161 3.00 -5.30 54.03
N SER H 162 3.37 -4.88 55.24
CA SER H 162 4.46 -3.91 55.39
C SER H 162 5.20 -4.24 56.67
N TRP H 163 6.53 -4.34 56.56
CA TRP H 163 7.38 -4.84 57.63
C TRP H 163 8.40 -3.77 58.00
N THR H 164 8.73 -3.70 59.29
CA THR H 164 9.79 -2.80 59.73
C THR H 164 11.14 -3.50 59.64
N ASP H 165 12.13 -2.88 60.25
CA ASP H 165 13.39 -3.55 60.49
C ASP H 165 13.28 -4.44 61.72
N GLN H 166 14.41 -5.01 62.11
CA GLN H 166 14.44 -5.76 63.36
C GLN H 166 14.58 -4.78 64.51
N ASP H 167 13.96 -5.11 65.64
CA ASP H 167 13.92 -4.17 66.75
C ASP H 167 15.29 -4.07 67.41
N SER H 168 15.52 -2.94 68.08
CA SER H 168 16.76 -2.74 68.82
C SER H 168 16.83 -3.67 70.02
N LYS H 169 15.79 -3.69 70.85
CA LYS H 169 15.89 -4.36 72.15
C LYS H 169 15.50 -5.84 72.09
N ASP H 170 14.23 -6.13 71.80
CA ASP H 170 13.85 -7.54 71.79
C ASP H 170 14.14 -8.21 70.45
N SER H 171 14.46 -7.42 69.42
CA SER H 171 14.95 -7.90 68.13
C SER H 171 13.91 -8.76 67.42
N THR H 172 12.75 -8.18 67.14
CA THR H 172 11.60 -8.89 66.59
C THR H 172 11.15 -8.21 65.30
N TYR H 173 10.00 -8.63 64.78
CA TYR H 173 9.53 -8.14 63.50
C TYR H 173 8.05 -7.77 63.55
N SER H 174 7.51 -7.55 62.35
CA SER H 174 6.46 -6.57 62.12
C SER H 174 5.64 -7.00 60.91
N MET H 175 4.31 -6.84 61.00
CA MET H 175 3.44 -6.75 59.84
C MET H 175 2.05 -6.28 60.24
N SER H 176 1.50 -5.34 59.47
CA SER H 176 0.06 -5.20 59.38
C SER H 176 -0.40 -5.77 58.05
N SER H 177 -1.55 -6.43 58.09
CA SER H 177 -2.21 -6.89 56.88
C SER H 177 -3.18 -5.78 56.50
N THR H 178 -2.61 -4.71 55.94
CA THR H 178 -3.33 -3.46 55.67
C THR H 178 -4.32 -3.70 54.54
N LEU H 179 -5.60 -3.86 54.89
CA LEU H 179 -6.68 -4.11 53.94
C LEU H 179 -7.72 -3.00 54.02
N THR H 180 -8.19 -2.55 52.86
CA THR H 180 -9.20 -1.49 52.76
C THR H 180 -10.36 -2.00 51.90
N LEU H 181 -11.58 -1.77 52.37
CA LEU H 181 -12.81 -2.13 51.67
C LEU H 181 -13.72 -0.91 51.58
N THR H 182 -14.99 -1.16 51.20
CA THR H 182 -15.98 -0.10 51.25
C THR H 182 -16.97 -0.37 52.37
N LYS H 183 -17.61 0.70 52.85
CA LYS H 183 -18.64 0.62 53.89
C LYS H 183 -19.78 -0.29 53.49
N ASP H 184 -20.14 -0.29 52.20
CA ASP H 184 -21.16 -1.19 51.69
C ASP H 184 -20.72 -2.65 51.81
N GLU H 185 -19.51 -2.95 51.35
CA GLU H 185 -18.93 -4.28 51.52
C GLU H 185 -18.74 -4.65 52.98
N TYR H 186 -18.50 -3.66 53.83
CA TYR H 186 -18.42 -3.92 55.27
C TYR H 186 -19.76 -4.40 55.83
N GLU H 187 -20.84 -3.69 55.51
CA GLU H 187 -22.13 -3.97 56.12
C GLU H 187 -22.77 -5.25 55.61
N ARG H 188 -22.30 -5.81 54.49
CA ARG H 188 -22.93 -7.00 53.96
C ARG H 188 -22.44 -8.29 54.61
N HIS H 189 -21.41 -8.21 55.47
CA HIS H 189 -20.78 -9.41 55.99
C HIS H 189 -20.36 -9.19 57.44
N ASN H 190 -20.22 -10.30 58.17
CA ASN H 190 -19.84 -10.23 59.59
C ASN H 190 -18.49 -10.86 59.88
N SER H 191 -18.31 -12.16 59.63
CA SER H 191 -17.21 -12.93 60.20
C SER H 191 -15.93 -12.67 59.44
N TYR H 192 -15.16 -11.69 59.90
CA TYR H 192 -13.97 -11.21 59.18
C TYR H 192 -12.79 -11.94 59.80
N THR H 193 -11.96 -12.57 58.96
CA THR H 193 -10.94 -13.48 59.44
C THR H 193 -9.53 -13.08 59.02
N CYS H 194 -8.59 -13.34 59.91
CA CYS H 194 -7.15 -13.10 59.69
C CYS H 194 -6.39 -14.38 59.96
N GLU H 195 -5.80 -14.96 58.93
CA GLU H 195 -5.07 -16.22 59.05
C GLU H 195 -3.58 -15.97 58.93
N ALA H 196 -2.89 -15.87 60.06
CA ALA H 196 -1.44 -15.73 60.10
C ALA H 196 -0.79 -17.07 59.81
N THR H 197 0.49 -17.04 59.44
CA THR H 197 1.28 -18.26 59.24
C THR H 197 2.76 -17.93 59.43
N HIS H 198 3.32 -18.35 60.55
CA HIS H 198 4.74 -18.13 60.85
C HIS H 198 5.38 -19.49 61.02
N LYS H 199 6.72 -19.53 61.00
CA LYS H 199 7.46 -20.76 61.24
C LYS H 199 7.21 -21.32 62.63
N THR H 200 7.16 -20.45 63.65
CA THR H 200 6.75 -20.81 65.00
C THR H 200 5.31 -21.28 65.07
N SER H 201 4.44 -20.82 64.17
CA SER H 201 3.05 -21.25 64.14
C SER H 201 2.96 -22.58 63.41
N THR H 202 2.82 -23.66 64.17
CA THR H 202 2.60 -24.97 63.56
C THR H 202 1.26 -25.04 62.85
N SER H 203 0.21 -24.53 63.47
CA SER H 203 -1.06 -24.30 62.84
C SER H 203 -1.15 -22.85 62.39
N PRO H 204 -1.79 -22.58 61.24
CA PRO H 204 -1.96 -21.19 60.82
C PRO H 204 -2.87 -20.41 61.75
N ILE H 205 -2.34 -19.34 62.34
CA ILE H 205 -3.02 -18.63 63.41
C ILE H 205 -4.17 -17.84 62.84
N VAL H 206 -5.39 -18.29 63.14
CA VAL H 206 -6.61 -17.64 62.68
C VAL H 206 -7.18 -16.84 63.84
N LYS H 207 -7.38 -15.54 63.63
CA LYS H 207 -8.13 -14.70 64.54
C LYS H 207 -9.24 -14.01 63.76
N SER H 208 -10.44 -13.97 64.34
CA SER H 208 -11.61 -13.51 63.60
C SER H 208 -12.45 -12.59 64.46
N PHE H 209 -13.44 -11.96 63.83
CA PHE H 209 -14.50 -11.24 64.52
C PHE H 209 -15.70 -11.15 63.60
N ASN H 210 -16.89 -11.13 64.21
CA ASN H 210 -18.09 -10.73 63.50
C ASN H 210 -18.23 -9.21 63.51
N ARG H 211 -18.80 -8.67 62.45
CA ARG H 211 -19.31 -7.31 62.49
C ARG H 211 -20.47 -7.26 63.47
N ASN H 212 -20.55 -6.16 64.24
CA ASN H 212 -21.49 -5.95 65.34
C ASN H 212 -21.33 -6.98 66.46
N GLU H 213 -20.12 -7.56 66.58
CA GLU H 213 -19.80 -8.37 67.73
C GLU H 213 -19.04 -7.57 68.77
N CYS H 214 -18.01 -6.84 68.35
CA CYS H 214 -17.26 -5.96 69.24
C CYS H 214 -17.97 -4.61 69.36
N ALA I 3 59.31 -7.81 2.89
CA ALA I 3 60.65 -7.24 2.77
C ALA I 3 61.27 -7.03 4.15
N LYS I 4 62.20 -6.07 4.25
CA LYS I 4 62.73 -5.66 5.55
C LYS I 4 61.62 -5.08 6.41
N SER I 5 61.02 -3.98 5.96
CA SER I 5 59.80 -3.51 6.57
C SER I 5 58.64 -4.39 6.13
N ARG I 6 57.46 -4.09 6.69
CA ARG I 6 56.24 -4.94 6.70
C ARG I 6 56.57 -6.42 6.88
N THR I 7 57.27 -6.70 7.98
CA THR I 7 57.52 -8.06 8.47
C THR I 7 57.18 -7.98 9.95
N ILE I 8 56.04 -8.55 10.34
CA ILE I 8 55.33 -8.18 11.56
C ILE I 8 55.31 -9.35 12.53
N GLY I 9 55.71 -9.08 13.76
CA GLY I 9 55.37 -9.94 14.87
C GLY I 9 54.35 -9.28 15.77
N ILE I 10 53.13 -9.84 15.83
CA ILE I 10 52.06 -9.27 16.65
C ILE I 10 52.18 -9.81 18.06
N ILE I 11 52.13 -8.92 19.04
CA ILE I 11 52.09 -9.29 20.45
C ILE I 11 50.87 -8.60 21.05
N GLY I 12 49.82 -9.36 21.29
CA GLY I 12 48.71 -8.84 22.06
C GLY I 12 49.00 -8.89 23.54
N ALA I 13 48.70 -7.80 24.23
CA ALA I 13 49.00 -7.68 25.66
C ALA I 13 47.82 -7.10 26.42
N PRO I 14 46.82 -7.92 26.72
CA PRO I 14 45.65 -7.43 27.48
C PRO I 14 45.93 -7.20 28.97
N PHE I 15 46.51 -6.05 29.28
CA PHE I 15 46.85 -5.68 30.64
C PHE I 15 46.24 -4.33 30.98
N SER I 16 45.81 -4.16 32.23
CA SER I 16 45.11 -2.94 32.61
C SER I 16 45.67 -2.22 33.82
N LYS I 17 46.39 -2.88 34.72
CA LYS I 17 46.59 -2.37 36.07
C LYS I 17 47.52 -1.16 36.17
N GLY I 18 48.04 -0.66 35.06
CA GLY I 18 48.69 0.63 35.07
C GLY I 18 47.68 1.76 35.06
N GLN I 19 46.56 1.56 34.37
CA GLN I 19 45.51 2.55 34.25
C GLN I 19 44.29 2.16 35.08
N PRO I 20 43.54 3.13 35.59
CA PRO I 20 42.44 2.78 36.50
C PRO I 20 41.17 2.30 35.82
N ARG I 21 40.82 2.81 34.64
CA ARG I 21 39.55 2.46 33.99
C ARG I 21 39.63 1.06 33.41
N GLY I 22 39.14 0.08 34.16
CA GLY I 22 39.21 -1.31 33.72
C GLY I 22 38.34 -1.56 32.50
N GLY I 23 38.91 -2.23 31.52
CA GLY I 23 38.22 -2.44 30.26
C GLY I 23 39.18 -2.40 29.07
N VAL I 24 40.39 -1.91 29.28
CA VAL I 24 41.39 -1.90 28.21
C VAL I 24 41.97 -3.28 27.94
N GLU I 25 41.67 -4.27 28.78
CA GLU I 25 42.08 -5.64 28.52
C GLU I 25 41.26 -6.28 27.40
N GLU I 26 40.20 -5.64 26.94
CA GLU I 26 39.67 -5.97 25.62
C GLU I 26 40.26 -5.07 24.55
N GLY I 27 41.57 -4.90 24.61
CA GLY I 27 42.32 -4.16 23.62
C GLY I 27 42.71 -4.99 22.42
N PRO I 28 43.54 -6.02 22.64
CA PRO I 28 43.90 -6.90 21.52
C PRO I 28 42.74 -7.71 20.98
N THR I 29 41.73 -8.00 21.79
CA THR I 29 40.58 -8.76 21.32
C THR I 29 39.80 -7.98 20.27
N VAL I 30 39.58 -6.69 20.51
CA VAL I 30 38.78 -5.92 19.57
C VAL I 30 39.60 -5.55 18.34
N LEU I 31 40.90 -5.25 18.51
CA LEU I 31 41.76 -5.00 17.35
C LEU I 31 41.95 -6.23 16.49
N ARG I 32 41.95 -7.43 17.07
CA ARG I 32 42.02 -8.63 16.23
C ARG I 32 40.68 -8.95 15.59
N LYS I 33 39.57 -8.75 16.31
CA LYS I 33 38.27 -9.04 15.69
C LYS I 33 37.87 -7.95 14.69
N ALA I 34 38.55 -6.82 14.68
CA ALA I 34 38.44 -5.87 13.58
C ALA I 34 39.31 -6.25 12.40
N GLY I 35 40.07 -7.33 12.51
CA GLY I 35 40.76 -7.91 11.39
C GLY I 35 42.04 -7.20 11.03
N LEU I 36 42.84 -6.85 12.04
CA LEU I 36 44.12 -6.20 11.79
C LEU I 36 45.07 -7.15 11.07
N LEU I 37 44.99 -8.44 11.39
CA LEU I 37 45.83 -9.45 10.74
C LEU I 37 45.54 -9.53 9.25
N GLU I 38 44.27 -9.71 8.89
CA GLU I 38 43.93 -9.87 7.48
C GLU I 38 44.03 -8.56 6.72
N LYS I 39 43.83 -7.42 7.38
CA LYS I 39 44.05 -6.16 6.69
C LYS I 39 45.52 -5.85 6.49
N LEU I 40 46.42 -6.52 7.23
CA LEU I 40 47.82 -6.47 6.85
C LEU I 40 48.09 -7.34 5.61
N LYS I 41 47.40 -8.47 5.48
CA LYS I 41 47.80 -9.52 4.55
C LYS I 41 47.55 -9.22 3.08
N GLU I 42 46.99 -8.07 2.72
CA GLU I 42 46.89 -7.73 1.31
C GLU I 42 48.25 -7.33 0.74
N GLN I 43 48.88 -6.34 1.34
CA GLN I 43 50.27 -6.04 1.02
C GLN I 43 51.19 -7.07 1.67
N GLU I 44 52.48 -7.01 1.33
CA GLU I 44 53.42 -8.08 1.64
C GLU I 44 53.80 -8.08 3.12
N CYS I 45 52.82 -8.41 3.95
CA CYS I 45 53.00 -8.43 5.40
C CYS I 45 53.24 -9.85 5.86
N ASP I 46 54.49 -10.14 6.25
CA ASP I 46 54.81 -11.40 6.90
C ASP I 46 54.28 -11.34 8.33
N VAL I 47 53.06 -11.81 8.48
CA VAL I 47 52.36 -11.74 9.76
C VAL I 47 52.53 -13.05 10.51
N LYS I 48 53.09 -12.97 11.71
CA LYS I 48 53.21 -14.12 12.60
C LYS I 48 52.68 -13.73 13.96
N ASP I 49 51.49 -14.22 14.30
CA ASP I 49 50.91 -13.98 15.61
C ASP I 49 51.65 -14.86 16.61
N TYR I 50 52.12 -14.25 17.70
CA TYR I 50 52.80 -14.98 18.76
C TYR I 50 51.90 -15.24 19.96
N GLY I 51 50.59 -15.01 19.82
CA GLY I 51 49.67 -15.23 20.92
C GLY I 51 49.66 -14.10 21.92
N ASP I 52 48.71 -14.13 22.84
CA ASP I 52 48.64 -13.10 23.87
C ASP I 52 49.55 -13.46 25.04
N LEU I 53 50.01 -12.42 25.74
CA LEU I 53 50.81 -12.76 26.90
C LEU I 53 49.92 -13.03 28.12
N PRO I 54 50.21 -14.09 28.86
CA PRO I 54 49.54 -14.31 30.15
C PRO I 54 49.94 -13.26 31.16
N PHE I 55 48.95 -12.63 31.77
CA PHE I 55 49.20 -11.69 32.85
C PHE I 55 48.67 -12.32 34.13
N ALA I 56 49.59 -12.81 34.95
CA ALA I 56 49.24 -13.39 36.24
C ALA I 56 48.77 -12.28 37.18
N ASP I 57 47.98 -12.66 38.17
CA ASP I 57 47.40 -11.72 39.11
C ASP I 57 48.12 -11.91 40.44
N ILE I 58 48.97 -10.95 40.78
CA ILE I 58 49.53 -10.86 42.13
C ILE I 58 48.40 -10.39 43.03
N PRO I 59 47.91 -11.23 43.97
CA PRO I 59 46.76 -10.81 44.78
C PRO I 59 47.11 -9.73 45.80
N ASN I 60 48.27 -9.86 46.43
CA ASN I 60 48.77 -8.84 47.35
C ASN I 60 49.80 -7.97 46.63
N ASP I 61 49.31 -7.31 45.58
CA ASP I 61 50.09 -6.24 44.93
C ASP I 61 49.85 -4.98 45.77
N SER I 62 50.59 -4.91 46.87
CA SER I 62 50.39 -3.85 47.85
C SER I 62 50.92 -2.53 47.29
N PRO I 63 50.26 -1.41 47.55
CA PRO I 63 50.65 -0.14 46.92
C PRO I 63 51.96 0.39 47.48
N PHE I 64 52.54 1.30 46.71
CA PHE I 64 53.64 2.15 47.14
C PHE I 64 53.00 3.37 47.84
N GLN I 65 53.77 4.42 48.10
CA GLN I 65 53.29 5.68 48.67
C GLN I 65 52.18 6.28 47.82
N ILE I 66 52.46 6.53 46.55
CA ILE I 66 51.45 6.96 45.60
C ILE I 66 51.22 5.92 44.51
N VAL I 67 52.27 5.23 44.06
CA VAL I 67 52.16 4.25 42.98
C VAL I 67 51.33 3.06 43.44
N LYS I 68 50.29 2.73 42.68
CA LYS I 68 49.40 1.63 43.03
C LYS I 68 49.32 0.65 41.87
N ASN I 69 49.04 -0.61 42.21
CA ASN I 69 49.37 -1.78 41.41
C ASN I 69 50.76 -1.75 40.76
N PRO I 70 51.85 -1.67 41.57
CA PRO I 70 53.18 -1.61 40.94
C PRO I 70 53.71 -2.93 40.41
N ARG I 71 53.57 -4.02 41.19
CA ARG I 71 54.28 -5.25 40.87
C ARG I 71 53.68 -5.97 39.68
N SER I 72 52.36 -5.84 39.49
CA SER I 72 51.73 -6.41 38.31
C SER I 72 52.22 -5.72 37.04
N VAL I 73 52.36 -4.40 37.10
CA VAL I 73 52.92 -3.63 35.98
C VAL I 73 54.36 -4.05 35.71
N GLY I 74 55.17 -4.17 36.76
CA GLY I 74 56.57 -4.52 36.57
C GLY I 74 56.77 -5.93 36.05
N LYS I 75 55.98 -6.87 36.54
CA LYS I 75 56.03 -8.24 36.03
C LYS I 75 55.54 -8.32 34.59
N ALA I 76 54.48 -7.57 34.26
CA ALA I 76 53.98 -7.55 32.90
C ALA I 76 54.98 -6.96 31.94
N SER I 77 55.64 -5.87 32.34
CA SER I 77 56.60 -5.23 31.45
C SER I 77 57.89 -6.03 31.35
N GLU I 78 58.26 -6.78 32.39
CA GLU I 78 59.42 -7.65 32.29
C GLU I 78 59.15 -8.81 31.34
N GLN I 79 57.96 -9.42 31.48
CA GLN I 79 57.51 -10.45 30.55
C GLN I 79 57.45 -9.93 29.12
N LEU I 80 56.94 -8.72 28.94
CA LEU I 80 56.87 -8.15 27.61
C LEU I 80 58.25 -7.79 27.08
N ALA I 81 59.18 -7.41 27.97
CA ALA I 81 60.55 -7.13 27.54
C ALA I 81 61.22 -8.38 27.01
N GLY I 82 60.98 -9.52 27.67
CA GLY I 82 61.45 -10.79 27.14
C GLY I 82 60.82 -11.14 25.80
N LYS I 83 59.51 -10.89 25.67
CA LYS I 83 58.82 -11.25 24.44
C LYS I 83 59.18 -10.31 23.28
N VAL I 84 59.40 -9.03 23.58
CA VAL I 84 59.83 -8.07 22.56
C VAL I 84 61.25 -8.39 22.10
N ALA I 85 62.13 -8.75 23.05
CA ALA I 85 63.48 -9.19 22.68
C ALA I 85 63.43 -10.46 21.84
N GLU I 86 62.47 -11.34 22.13
CA GLU I 86 62.28 -12.55 21.33
C GLU I 86 61.87 -12.22 19.90
N VAL I 87 60.86 -11.36 19.74
CA VAL I 87 60.37 -11.06 18.39
C VAL I 87 61.30 -10.13 17.62
N LYS I 88 62.17 -9.39 18.30
CA LYS I 88 63.21 -8.64 17.61
C LYS I 88 64.41 -9.51 17.25
N LYS I 89 64.64 -10.60 17.99
CA LYS I 89 65.57 -11.61 17.50
C LYS I 89 64.99 -12.43 16.37
N ASN I 90 63.67 -12.36 16.15
CA ASN I 90 63.04 -12.95 14.98
C ASN I 90 63.16 -12.06 13.75
N GLY I 91 63.78 -10.88 13.87
CA GLY I 91 63.96 -10.00 12.73
C GLY I 91 62.72 -9.28 12.26
N ARG I 92 61.64 -9.34 13.02
CA ARG I 92 60.38 -8.72 12.64
C ARG I 92 60.28 -7.33 13.26
N ILE I 93 59.19 -6.63 12.96
CA ILE I 93 58.88 -5.35 13.58
C ILE I 93 57.85 -5.63 14.66
N SER I 94 58.18 -5.26 15.89
CA SER I 94 57.36 -5.63 17.05
C SER I 94 56.08 -4.81 17.05
N LEU I 95 54.97 -5.46 16.72
CA LEU I 95 53.65 -4.87 16.86
C LEU I 95 53.09 -5.28 18.21
N VAL I 96 53.31 -4.44 19.20
CA VAL I 96 52.88 -4.71 20.56
C VAL I 96 51.69 -3.85 20.89
N LEU I 97 50.51 -4.45 20.99
CA LEU I 97 49.31 -3.66 21.18
C LEU I 97 48.56 -4.15 22.41
N GLY I 98 48.15 -3.20 23.25
CA GLY I 98 47.50 -3.53 24.50
C GLY I 98 46.09 -2.98 24.57
N GLY I 99 45.66 -2.51 25.73
CA GLY I 99 46.49 -2.43 26.92
C GLY I 99 46.62 -1.00 27.42
N ASP I 100 47.80 -0.65 27.91
CA ASP I 100 48.07 0.70 28.39
C ASP I 100 49.57 0.95 28.33
N HIS I 101 49.96 2.22 28.49
CA HIS I 101 51.35 2.66 28.37
C HIS I 101 52.29 2.07 29.42
N SER I 102 51.78 1.44 30.48
CA SER I 102 52.60 0.69 31.42
C SER I 102 53.44 -0.38 30.75
N LEU I 103 52.90 -1.01 29.71
CA LEU I 103 53.58 -2.02 28.91
C LEU I 103 54.72 -1.44 28.07
N ALA I 104 54.71 -0.14 27.81
CA ALA I 104 55.73 0.44 26.94
C ALA I 104 57.11 0.47 27.57
N ILE I 105 57.20 0.26 28.90
CA ILE I 105 58.47 0.06 29.57
C ILE I 105 59.23 -1.09 28.94
N GLY I 106 58.65 -2.29 29.00
CA GLY I 106 59.30 -3.44 28.41
C GLY I 106 59.28 -3.41 26.90
N SER I 107 58.29 -2.72 26.31
CA SER I 107 58.25 -2.60 24.86
C SER I 107 59.41 -1.77 24.30
N ILE I 108 59.92 -0.80 25.06
CA ILE I 108 61.09 -0.05 24.63
C ILE I 108 62.34 -0.77 25.14
N SER I 109 62.21 -1.45 26.28
CA SER I 109 63.37 -2.11 26.89
C SER I 109 63.85 -3.30 26.06
N GLY I 110 62.96 -4.21 25.71
CA GLY I 110 63.34 -5.33 24.88
C GLY I 110 63.72 -4.93 23.46
N HIS I 111 63.18 -3.80 22.99
CA HIS I 111 63.62 -3.26 21.71
C HIS I 111 65.04 -2.72 21.82
N ALA I 112 65.40 -2.17 22.98
CA ALA I 112 66.77 -1.70 23.18
C ALA I 112 67.73 -2.83 23.47
N ARG I 113 67.21 -3.99 23.88
CA ARG I 113 68.06 -5.16 24.11
C ARG I 113 68.67 -5.66 22.81
N VAL I 114 68.03 -5.38 21.68
CA VAL I 114 68.63 -5.69 20.37
C VAL I 114 69.29 -4.46 19.76
N HIS I 115 68.60 -3.33 19.74
CA HIS I 115 69.15 -2.12 19.18
C HIS I 115 69.27 -1.07 20.28
N PRO I 116 70.43 -0.91 20.91
CA PRO I 116 70.53 -0.01 22.08
C PRO I 116 70.49 1.46 21.72
N ASP I 117 70.56 1.82 20.45
CA ASP I 117 70.65 3.22 20.03
C ASP I 117 69.45 3.59 19.17
N LEU I 118 68.26 3.21 19.63
CA LEU I 118 67.05 3.52 18.88
C LEU I 118 66.55 4.92 19.21
N GLY I 119 65.38 5.24 18.68
CA GLY I 119 64.70 6.46 19.05
C GLY I 119 63.24 6.17 19.33
N VAL I 120 62.63 7.05 20.12
CA VAL I 120 61.25 6.87 20.56
C VAL I 120 60.44 8.06 20.09
N ILE I 121 59.44 7.80 19.24
CA ILE I 121 58.46 8.80 18.87
C ILE I 121 57.21 8.51 19.70
N TRP I 122 57.06 9.22 20.81
CA TRP I 122 56.00 8.97 21.78
C TRP I 122 54.81 9.86 21.44
N VAL I 123 54.00 9.41 20.49
CA VAL I 123 52.84 10.18 20.06
C VAL I 123 51.73 9.96 21.09
N ASP I 124 51.46 10.99 21.88
CA ASP I 124 50.53 10.89 22.99
C ASP I 124 50.07 12.28 23.34
N ALA I 125 48.86 12.36 23.89
CA ALA I 125 48.35 13.60 24.47
C ALA I 125 49.20 14.06 25.64
N HIS I 126 49.81 13.12 26.34
CA HIS I 126 50.54 13.38 27.57
C HIS I 126 51.98 12.94 27.37
N THR I 127 52.89 13.43 28.20
CA THR I 127 54.26 12.95 28.06
C THR I 127 54.41 11.57 28.67
N ASP I 128 53.59 11.28 29.69
CA ASP I 128 53.71 10.09 30.53
C ASP I 128 55.11 9.94 31.11
N ILE I 129 55.63 11.01 31.69
CA ILE I 129 56.95 10.92 32.31
C ILE I 129 56.90 11.39 33.77
N ASN I 130 55.79 11.13 34.46
CA ASN I 130 55.77 11.32 35.91
C ASN I 130 56.69 10.33 36.60
N THR I 131 57.15 10.71 37.77
CA THR I 131 57.99 9.86 38.59
C THR I 131 57.13 9.20 39.66
N PRO I 132 57.60 8.13 40.28
CA PRO I 132 56.89 7.60 41.45
C PRO I 132 56.80 8.58 42.62
N LEU I 133 57.77 9.48 42.77
CA LEU I 133 57.75 10.45 43.85
C LEU I 133 56.91 11.68 43.57
N THR I 134 56.93 12.21 42.35
CA THR I 134 56.33 13.51 42.08
C THR I 134 55.16 13.46 41.13
N THR I 135 54.51 12.31 41.02
CA THR I 135 53.16 12.27 40.50
C THR I 135 52.17 12.66 41.60
N THR I 136 50.91 12.77 41.22
CA THR I 136 49.83 12.79 42.19
C THR I 136 48.84 11.67 41.95
N SER I 137 48.99 10.92 40.87
CA SER I 137 48.14 9.77 40.62
C SER I 137 48.76 8.50 41.19
N GLY I 138 49.98 8.19 40.78
CA GLY I 138 50.53 6.89 41.01
C GLY I 138 50.06 5.84 40.04
N ASN I 139 49.47 6.25 38.93
CA ASN I 139 48.99 5.30 37.94
C ASN I 139 50.06 5.08 36.89
N LEU I 140 50.44 3.82 36.70
CA LEU I 140 51.59 3.53 35.86
C LEU I 140 51.28 3.51 34.37
N HIS I 141 50.07 3.91 33.95
CA HIS I 141 49.87 4.20 32.54
C HIS I 141 50.41 5.55 32.15
N GLY I 142 50.95 6.31 33.11
CA GLY I 142 51.66 7.52 32.82
C GLY I 142 53.02 7.62 33.44
N GLN I 143 53.62 6.52 33.85
CA GLN I 143 55.04 6.61 34.15
C GLN I 143 55.95 5.65 33.38
N PRO I 144 55.84 5.41 32.05
CA PRO I 144 56.83 4.51 31.45
C PRO I 144 58.14 5.18 31.08
N VAL I 145 58.09 6.47 30.74
CA VAL I 145 59.26 7.10 30.15
C VAL I 145 60.27 7.45 31.22
N SER I 146 59.80 7.70 32.45
CA SER I 146 60.69 8.00 33.56
C SER I 146 61.57 6.83 33.96
N PHE I 147 61.10 5.59 33.74
CA PHE I 147 61.96 4.44 34.00
C PHE I 147 63.02 4.24 32.93
N LEU I 148 62.86 4.84 31.75
CA LEU I 148 63.65 4.45 30.59
C LEU I 148 64.78 5.40 30.26
N LEU I 149 64.78 6.62 30.81
CA LEU I 149 65.83 7.57 30.48
C LEU I 149 67.01 7.44 31.43
N LYS I 150 68.20 7.27 30.85
CA LYS I 150 69.44 7.13 31.62
C LYS I 150 69.78 8.39 32.40
N GLU I 151 69.31 9.55 31.94
CA GLU I 151 69.54 10.81 32.63
C GLU I 151 68.70 10.96 33.89
N LEU I 152 67.81 10.02 34.16
CA LEU I 152 66.98 10.03 35.35
C LEU I 152 67.41 8.99 36.38
N LYS I 153 68.54 8.32 36.12
CA LYS I 153 69.04 7.24 36.99
C LYS I 153 69.55 7.84 38.29
N GLY I 154 69.47 7.08 39.38
CA GLY I 154 69.84 7.54 40.71
C GLY I 154 68.79 8.41 41.36
N LYS I 155 67.64 8.56 40.71
CA LYS I 155 66.58 9.46 41.12
C LYS I 155 65.22 8.78 41.07
N ILE I 156 65.12 7.63 40.42
CA ILE I 156 63.91 6.85 40.34
C ILE I 156 63.92 5.88 41.53
N PRO I 157 62.84 5.78 42.29
CA PRO I 157 62.83 4.84 43.42
C PRO I 157 62.87 3.39 42.98
N ASP I 158 63.21 2.52 43.92
CA ASP I 158 63.20 1.08 43.68
C ASP I 158 61.80 0.58 44.02
N VAL I 159 60.84 1.00 43.21
CA VAL I 159 59.46 0.53 43.34
C VAL I 159 59.41 -0.93 42.91
N PRO I 160 58.77 -1.81 43.69
CA PRO I 160 58.87 -3.25 43.43
C PRO I 160 58.25 -3.68 42.11
N GLY I 161 58.84 -4.71 41.51
CA GLY I 161 58.55 -5.12 40.16
C GLY I 161 59.45 -4.50 39.12
N PHE I 162 60.23 -3.48 39.49
CA PHE I 162 61.03 -2.72 38.55
C PHE I 162 62.53 -2.93 38.79
N SER I 163 62.90 -4.07 39.38
CA SER I 163 64.30 -4.37 39.60
C SER I 163 65.04 -4.62 38.29
N TRP I 164 64.40 -5.32 37.35
CA TRP I 164 64.95 -5.61 36.04
C TRP I 164 65.11 -4.37 35.17
N VAL I 165 64.50 -3.25 35.53
CA VAL I 165 64.40 -2.08 34.66
C VAL I 165 65.78 -1.43 34.56
N THR I 166 66.34 -1.49 33.40
CA THR I 166 67.47 -0.64 33.08
C THR I 166 67.00 0.49 32.19
N PRO I 167 67.19 1.74 32.59
CA PRO I 167 66.96 2.86 31.66
C PRO I 167 67.91 2.76 30.48
N CYS I 168 67.34 2.84 29.28
CA CYS I 168 68.02 2.39 28.07
C CYS I 168 68.08 3.41 26.96
N ILE I 169 67.33 4.50 27.04
CA ILE I 169 67.29 5.49 25.97
C ILE I 169 67.73 6.83 26.53
N SER I 170 68.27 7.66 25.64
CA SER I 170 68.77 8.97 26.02
C SER I 170 67.68 10.03 25.88
N ALA I 171 67.82 11.09 26.68
CA ALA I 171 66.87 12.19 26.65
C ALA I 171 66.90 12.94 25.33
N LYS I 172 68.06 12.97 24.67
CA LYS I 172 68.18 13.53 23.34
C LYS I 172 67.80 12.53 22.25
N ASP I 173 67.32 11.35 22.62
CA ASP I 173 66.93 10.34 21.65
C ASP I 173 65.44 10.01 21.72
N ILE I 174 64.60 10.99 22.03
CA ILE I 174 63.16 10.80 22.12
C ILE I 174 62.47 12.09 21.67
N VAL I 175 61.41 11.94 20.89
CA VAL I 175 60.64 13.07 20.37
C VAL I 175 59.18 12.85 20.70
N TYR I 176 58.60 13.76 21.47
CA TYR I 176 57.18 13.76 21.69
C TYR I 176 56.50 14.51 20.56
N ILE I 177 55.40 13.95 20.06
CA ILE I 177 54.61 14.59 19.02
C ILE I 177 53.15 14.52 19.41
N GLY I 178 52.52 15.68 19.57
CA GLY I 178 51.12 15.75 19.87
C GLY I 178 50.75 15.85 21.33
N LEU I 179 51.64 16.36 22.18
CA LEU I 179 51.35 16.59 23.59
C LEU I 179 50.26 17.63 23.70
N ARG I 180 49.28 17.42 24.59
CA ARG I 180 48.34 18.51 24.83
C ARG I 180 47.83 18.68 26.26
N ASP I 181 48.30 17.88 27.22
CA ASP I 181 47.90 18.06 28.62
C ASP I 181 49.04 17.47 29.47
N VAL I 182 49.80 18.33 30.11
CA VAL I 182 50.98 17.92 30.85
C VAL I 182 50.85 18.45 32.28
N ASP I 183 51.04 17.57 33.26
CA ASP I 183 51.15 17.96 34.65
C ASP I 183 52.57 18.47 34.93
N PRO I 184 52.73 19.39 35.91
CA PRO I 184 53.97 20.21 35.98
C PRO I 184 55.29 19.47 36.12
N GLY I 185 55.29 18.32 36.80
CA GLY I 185 56.52 17.57 36.96
C GLY I 185 57.08 17.08 35.65
N GLU I 186 56.20 16.68 34.75
CA GLU I 186 56.61 16.14 33.47
C GLU I 186 57.21 17.21 32.57
N HIS I 187 56.72 18.45 32.68
CA HIS I 187 57.27 19.49 31.83
C HIS I 187 58.56 20.06 32.39
N TYR I 188 58.80 19.95 33.70
CA TYR I 188 60.12 20.32 34.19
C TYR I 188 61.16 19.32 33.70
N ILE I 189 60.81 18.04 33.74
CA ILE I 189 61.68 17.01 33.17
C ILE I 189 61.90 17.26 31.69
N LEU I 190 60.83 17.66 30.99
CA LEU I 190 60.87 17.92 29.55
C LEU I 190 61.79 19.08 29.21
N LYS I 191 61.80 20.12 30.04
CA LYS I 191 62.64 21.27 29.73
C LYS I 191 64.06 21.13 30.25
N THR I 192 64.28 20.40 31.34
CA THR I 192 65.61 20.33 31.93
C THR I 192 66.46 19.32 31.17
N LEU I 193 65.85 18.26 30.65
CA LEU I 193 66.64 17.28 29.92
C LEU I 193 66.99 17.76 28.52
N GLY I 194 66.32 18.80 28.03
CA GLY I 194 66.50 19.23 26.66
C GLY I 194 65.93 18.27 25.65
N ILE I 195 64.85 17.57 25.99
CA ILE I 195 64.16 16.69 25.07
C ILE I 195 63.58 17.51 23.94
N LYS I 196 63.79 17.07 22.71
CA LYS I 196 63.13 17.71 21.59
C LYS I 196 61.69 17.20 21.53
N TYR I 197 60.75 18.10 21.29
CA TYR I 197 59.34 17.76 21.28
C TYR I 197 58.61 18.72 20.34
N PHE I 198 57.58 18.21 19.69
CA PHE I 198 56.69 19.04 18.88
C PHE I 198 55.29 18.83 19.40
N SER I 199 54.84 19.74 20.26
CA SER I 199 53.46 19.67 20.69
C SER I 199 52.55 20.21 19.62
N MET I 200 51.27 20.26 19.96
CA MET I 200 50.24 20.73 19.05
C MET I 200 50.42 22.20 18.70
N THR I 201 51.07 22.97 19.58
CA THR I 201 51.61 24.26 19.20
C THR I 201 52.57 24.10 18.02
N GLU I 202 53.64 23.35 18.22
CA GLU I 202 54.67 23.24 17.18
C GLU I 202 54.19 22.45 15.98
N VAL I 203 53.27 21.50 16.20
CA VAL I 203 52.59 20.82 15.10
C VAL I 203 51.87 21.82 14.21
N ASP I 204 51.05 22.68 14.79
CA ASP I 204 50.39 23.69 13.98
C ASP I 204 51.36 24.73 13.44
N ARG I 205 52.47 24.98 14.14
CA ARG I 205 53.41 26.01 13.72
C ARG I 205 54.11 25.62 12.43
N LEU I 206 54.78 24.50 12.44
CA LEU I 206 55.50 24.09 11.25
C LEU I 206 54.58 23.48 10.21
N GLY I 207 53.40 23.01 10.61
CA GLY I 207 52.67 22.11 9.75
C GLY I 207 53.10 20.72 10.12
N ILE I 208 52.20 19.74 10.01
CA ILE I 208 52.52 18.38 10.41
C ILE I 208 53.63 17.78 9.56
N GLY I 209 53.80 18.26 8.33
CA GLY I 209 54.84 17.71 7.47
C GLY I 209 56.21 18.24 7.79
N LYS I 210 56.31 19.55 8.06
CA LYS I 210 57.58 20.11 8.49
C LYS I 210 57.93 19.61 9.89
N VAL I 211 56.92 19.28 10.71
CA VAL I 211 57.17 18.67 12.01
C VAL I 211 57.77 17.28 11.85
N MET I 212 57.16 16.43 11.01
CA MET I 212 57.76 15.12 10.78
C MET I 212 59.09 15.22 10.06
N GLU I 213 59.26 16.26 9.24
CA GLU I 213 60.54 16.53 8.59
C GLU I 213 61.62 16.84 9.63
N GLU I 214 61.32 17.71 10.59
CA GLU I 214 62.32 18.04 11.60
C GLU I 214 62.47 16.93 12.63
N THR I 215 61.44 16.12 12.84
CA THR I 215 61.55 14.98 13.74
C THR I 215 62.50 13.93 13.17
N LEU I 216 62.34 13.61 11.89
CA LEU I 216 63.29 12.73 11.22
C LEU I 216 64.64 13.40 11.05
N SER I 217 64.69 14.73 10.96
CA SER I 217 65.97 15.42 10.94
C SER I 217 66.63 15.41 12.30
N TYR I 218 65.86 15.26 13.38
CA TYR I 218 66.44 15.22 14.71
C TYR I 218 66.92 13.82 15.05
N LEU I 219 66.10 12.80 14.78
CA LEU I 219 66.48 11.43 15.07
C LEU I 219 67.42 10.86 14.03
N LEU I 220 67.04 10.93 12.76
CA LEU I 220 67.77 10.26 11.68
C LEU I 220 68.71 11.21 10.94
N GLY I 221 68.64 12.51 11.23
CA GLY I 221 69.51 13.46 10.56
C GLY I 221 70.97 13.31 10.96
N ARG I 222 71.23 12.82 12.17
CA ARG I 222 72.58 12.50 12.58
C ARG I 222 73.06 11.17 11.99
N LYS I 223 72.24 10.13 12.11
CA LYS I 223 72.64 8.79 11.72
C LYS I 223 71.38 7.93 11.58
N LYS I 224 71.40 7.02 10.60
CA LYS I 224 70.33 6.05 10.44
C LYS I 224 70.32 5.11 11.65
N ARG I 225 69.15 4.93 12.25
CA ARG I 225 69.00 4.13 13.45
C ARG I 225 67.56 3.66 13.53
N PRO I 226 67.29 2.57 14.27
CA PRO I 226 65.90 2.09 14.37
C PRO I 226 64.99 3.07 15.10
N ILE I 227 63.74 3.11 14.66
CA ILE I 227 62.73 4.01 15.18
C ILE I 227 61.65 3.19 15.85
N HIS I 228 61.25 3.61 17.06
CA HIS I 228 60.21 2.91 17.82
C HIS I 228 59.04 3.87 18.00
N LEU I 229 58.09 3.83 17.07
CA LEU I 229 56.86 4.59 17.24
C LEU I 229 56.00 3.94 18.32
N SER I 230 55.97 4.54 19.49
CA SER I 230 55.02 4.15 20.52
C SER I 230 53.88 5.16 20.45
N PHE I 231 52.68 4.67 20.20
CA PHE I 231 51.58 5.50 19.73
C PHE I 231 50.39 5.32 20.65
N ASP I 232 49.96 6.41 21.27
CA ASP I 232 48.71 6.42 22.00
C ASP I 232 47.59 6.76 21.02
N VAL I 233 46.39 6.28 21.34
CA VAL I 233 45.22 6.58 20.54
C VAL I 233 44.39 7.69 21.15
N ASP I 234 44.81 8.25 22.28
CA ASP I 234 44.19 9.49 22.70
C ASP I 234 44.96 10.70 22.19
N GLY I 235 46.12 10.48 21.56
CA GLY I 235 46.86 11.58 20.97
C GLY I 235 46.15 12.19 19.78
N LEU I 236 45.30 11.42 19.13
CA LEU I 236 44.37 11.96 18.15
C LEU I 236 43.22 12.66 18.85
N ASP I 237 42.46 13.43 18.09
CA ASP I 237 41.35 14.17 18.66
C ASP I 237 40.22 13.22 19.03
N PRO I 238 39.51 13.45 20.14
CA PRO I 238 38.43 12.55 20.54
C PRO I 238 37.20 12.59 19.64
N SER I 239 37.17 13.46 18.64
CA SER I 239 36.18 13.32 17.56
C SER I 239 36.40 12.04 16.77
N PHE I 240 37.64 11.53 16.72
CA PHE I 240 37.94 10.29 16.03
C PHE I 240 38.08 9.10 16.96
N THR I 241 38.72 9.28 18.12
CA THR I 241 38.86 8.24 19.14
C THR I 241 38.31 8.75 20.47
N PRO I 242 36.99 8.70 20.68
CA PRO I 242 36.46 8.96 22.03
C PRO I 242 36.54 7.75 22.93
N ALA I 243 36.74 6.56 22.37
CA ALA I 243 36.77 5.32 23.16
C ALA I 243 38.19 5.03 23.64
N THR I 244 38.73 5.96 24.40
CA THR I 244 40.04 5.85 25.01
C THR I 244 39.92 6.08 26.51
N GLY I 245 41.04 5.87 27.20
CA GLY I 245 41.06 6.00 28.64
C GLY I 245 40.99 7.44 29.11
N THR I 246 41.89 8.29 28.62
CA THR I 246 41.96 9.69 29.02
C THR I 246 41.78 10.57 27.78
N PRO I 247 40.54 10.84 27.38
CA PRO I 247 40.34 11.73 26.24
C PRO I 247 40.56 13.18 26.61
N VAL I 248 41.39 13.85 25.83
CA VAL I 248 41.65 15.28 25.96
C VAL I 248 41.36 15.90 24.61
N VAL I 249 40.54 16.95 24.59
CA VAL I 249 40.21 17.55 23.31
C VAL I 249 41.40 18.35 22.76
N GLY I 250 41.47 18.42 21.44
CA GLY I 250 42.53 19.17 20.78
C GLY I 250 43.64 18.33 20.20
N GLY I 251 43.40 17.04 20.01
CA GLY I 251 44.40 16.13 19.49
C GLY I 251 44.62 16.30 18.00
N LEU I 252 45.50 15.44 17.48
CA LEU I 252 45.81 15.46 16.07
C LEU I 252 44.60 15.00 15.26
N THR I 253 44.48 15.53 14.05
CA THR I 253 43.47 14.98 13.17
C THR I 253 43.91 13.59 12.71
N TYR I 254 42.90 12.78 12.41
CA TYR I 254 43.11 11.41 11.97
C TYR I 254 43.98 11.32 10.73
N ARG I 255 43.82 12.30 9.83
CA ARG I 255 44.71 12.51 8.69
C ARG I 255 46.17 12.57 9.13
N GLU I 256 46.46 13.42 10.11
CA GLU I 256 47.84 13.65 10.52
C GLU I 256 48.41 12.47 11.31
N GLY I 257 47.57 11.74 12.03
CA GLY I 257 48.03 10.53 12.69
C GLY I 257 48.50 9.50 11.69
N LEU I 258 47.66 9.24 10.67
CA LEU I 258 48.06 8.41 9.54
C LEU I 258 49.31 8.94 8.86
N TYR I 259 49.46 10.26 8.80
CA TYR I 259 50.64 10.85 8.17
C TYR I 259 51.92 10.57 8.94
N ILE I 260 51.88 10.72 10.26
CA ILE I 260 53.06 10.46 11.10
C ILE I 260 53.51 9.03 10.95
N THR I 261 52.55 8.10 10.89
CA THR I 261 52.89 6.71 10.64
C THR I 261 53.50 6.49 9.26
N GLU I 262 53.04 7.25 8.27
CA GLU I 262 53.54 7.05 6.91
C GLU I 262 54.93 7.62 6.71
N GLU I 263 55.25 8.72 7.40
CA GLU I 263 56.64 9.17 7.39
C GLU I 263 57.57 8.20 8.08
N ILE I 264 57.12 7.56 9.16
CA ILE I 264 57.96 6.55 9.79
C ILE I 264 58.13 5.34 8.86
N TYR I 265 57.12 5.05 8.05
CA TYR I 265 57.28 3.97 7.07
C TYR I 265 58.25 4.36 5.95
N LYS I 266 58.12 5.56 5.40
CA LYS I 266 58.92 5.88 4.22
C LYS I 266 60.36 6.22 4.53
N THR I 267 60.78 6.16 5.80
CA THR I 267 62.20 6.06 6.10
C THR I 267 62.70 4.65 5.81
N GLY I 268 61.80 3.68 5.84
CA GLY I 268 62.19 2.29 5.80
C GLY I 268 62.85 1.79 7.06
N LEU I 269 62.68 2.50 8.18
CA LEU I 269 63.40 2.20 9.41
C LEU I 269 62.47 1.93 10.58
N LEU I 270 61.23 1.55 10.31
CA LEU I 270 60.32 1.18 11.38
C LEU I 270 60.75 -0.14 12.00
N SER I 271 60.95 -0.13 13.32
CA SER I 271 61.49 -1.29 14.00
C SER I 271 60.77 -1.63 15.29
N GLY I 272 59.68 -0.94 15.62
CA GLY I 272 58.92 -1.24 16.82
C GLY I 272 57.69 -0.37 16.92
N LEU I 273 56.55 -0.96 17.23
CA LEU I 273 55.27 -0.26 17.16
C LEU I 273 54.42 -0.60 18.37
N ASP I 274 53.83 0.42 19.00
CA ASP I 274 52.95 0.25 20.13
C ASP I 274 51.62 0.92 19.83
N ILE I 275 50.52 0.20 20.08
CA ILE I 275 49.18 0.74 19.97
C ILE I 275 48.54 0.54 21.34
N MET I 276 48.50 1.58 22.15
CA MET I 276 48.05 1.46 23.53
C MET I 276 46.74 2.21 23.72
N GLU I 277 46.16 2.04 24.92
CA GLU I 277 45.02 2.79 25.45
C GLU I 277 43.75 2.63 24.63
N VAL I 278 43.65 1.60 23.79
CA VAL I 278 42.39 1.31 23.13
C VAL I 278 41.45 0.71 24.16
N ASN I 279 40.25 1.27 24.29
CA ASN I 279 39.29 0.81 25.29
C ASN I 279 37.89 0.82 24.68
N PRO I 280 37.37 -0.35 24.31
CA PRO I 280 36.01 -0.43 23.77
C PRO I 280 34.93 -0.23 24.81
N SER I 281 35.27 -0.24 26.10
CA SER I 281 34.28 -0.15 27.16
C SER I 281 33.85 1.27 27.46
N LEU I 282 34.51 2.29 26.88
CA LEU I 282 34.22 3.66 27.25
C LEU I 282 33.56 4.46 26.14
N GLY I 283 33.28 3.85 24.99
CA GLY I 283 32.49 4.52 23.98
C GLY I 283 31.05 4.61 24.43
N LYS I 284 30.46 5.81 24.34
CA LYS I 284 29.09 6.00 24.79
C LYS I 284 28.11 5.31 23.85
N THR I 285 28.44 5.23 22.56
CA THR I 285 27.76 4.38 21.61
C THR I 285 28.77 3.39 21.07
N PRO I 286 28.31 2.23 20.56
CA PRO I 286 29.23 1.35 19.83
C PRO I 286 29.74 1.94 18.52
N GLU I 287 29.06 2.95 17.98
CA GLU I 287 29.58 3.67 16.82
C GLU I 287 30.86 4.43 17.15
N GLU I 288 30.93 4.99 18.38
CA GLU I 288 32.16 5.61 18.86
C GLU I 288 33.30 4.61 18.94
N VAL I 289 33.00 3.42 19.47
CA VAL I 289 33.97 2.33 19.53
C VAL I 289 34.39 1.91 18.12
N THR I 290 33.44 1.91 17.19
CA THR I 290 33.71 1.49 15.82
C THR I 290 34.64 2.46 15.12
N ARG I 291 34.41 3.76 15.30
CA ARG I 291 35.31 4.78 14.77
C ARG I 291 36.69 4.68 15.40
N THR I 292 36.75 4.46 16.72
CA THR I 292 38.03 4.40 17.43
C THR I 292 38.86 3.21 16.96
N VAL I 293 38.23 2.04 16.83
CA VAL I 293 38.98 0.84 16.50
C VAL I 293 39.37 0.84 15.03
N ASN I 294 38.48 1.30 14.14
CA ASN I 294 38.85 1.45 12.74
C ASN I 294 39.97 2.47 12.55
N THR I 295 39.97 3.53 13.36
CA THR I 295 41.08 4.48 13.41
C THR I 295 42.39 3.79 13.76
N ALA I 296 42.41 3.07 14.89
CA ALA I 296 43.66 2.46 15.36
C ALA I 296 44.15 1.37 14.43
N VAL I 297 43.22 0.63 13.81
CA VAL I 297 43.57 -0.38 12.82
C VAL I 297 44.24 0.28 11.62
N ALA I 298 43.64 1.34 11.07
CA ALA I 298 44.22 1.96 9.89
C ALA I 298 45.50 2.72 10.21
N ILE I 299 45.65 3.18 11.47
CA ILE I 299 46.94 3.70 11.92
C ILE I 299 48.00 2.62 11.83
N THR I 300 47.70 1.43 12.35
CA THR I 300 48.64 0.31 12.33
C THR I 300 48.91 -0.15 10.89
N LEU I 301 47.92 -0.02 10.02
CA LEU I 301 48.13 -0.32 8.61
C LEU I 301 49.10 0.66 7.97
N ALA I 302 48.89 1.96 8.20
CA ALA I 302 49.77 2.96 7.62
C ALA I 302 51.12 3.03 8.31
N CYS I 303 51.31 2.33 9.43
CA CYS I 303 52.66 2.16 9.97
C CYS I 303 53.48 1.24 9.09
N PHE I 304 52.95 0.06 8.78
CA PHE I 304 53.72 -0.98 8.09
C PHE I 304 53.67 -0.84 6.59
N GLY I 305 53.24 0.30 6.08
CA GLY I 305 53.20 0.51 4.66
C GLY I 305 51.92 0.14 4.00
N LEU I 306 50.78 0.31 4.68
CA LEU I 306 49.58 0.57 3.91
C LEU I 306 49.55 2.08 3.72
N ALA I 307 50.35 2.57 2.77
CA ALA I 307 50.44 3.99 2.53
C ALA I 307 49.19 4.44 1.80
N ARG I 308 48.81 5.70 2.02
CA ARG I 308 47.65 6.22 1.34
C ARG I 308 47.92 6.50 -0.13
N GLU I 309 49.19 6.61 -0.52
CA GLU I 309 49.55 6.71 -1.92
C GLU I 309 49.26 5.42 -2.68
N GLY I 310 49.31 4.28 -2.02
CA GLY I 310 49.24 3.01 -2.70
C GLY I 310 50.26 2.01 -2.25
N ASN I 311 49.91 0.73 -2.40
CA ASN I 311 50.80 -0.38 -2.07
C ASN I 311 50.64 -1.38 -3.20
N HIS I 312 51.73 -2.03 -3.61
CA HIS I 312 51.62 -2.91 -4.76
C HIS I 312 52.45 -4.18 -4.61
N LYS I 313 52.18 -5.13 -5.50
CA LYS I 313 53.07 -6.26 -5.71
C LYS I 313 53.72 -6.11 -7.08
N PRO I 314 55.03 -6.34 -7.20
CA PRO I 314 55.75 -5.94 -8.42
C PRO I 314 55.59 -6.93 -9.59
N ILE I 315 54.37 -7.03 -10.11
CA ILE I 315 54.09 -7.68 -11.38
C ILE I 315 53.27 -6.71 -12.21
N ASP I 316 53.28 -6.92 -13.54
CA ASP I 316 52.44 -6.11 -14.42
C ASP I 316 50.98 -6.44 -14.16
N TYR I 317 50.16 -5.41 -14.02
CA TYR I 317 48.73 -5.58 -13.81
C TYR I 317 47.91 -5.22 -15.04
N LEU I 318 48.57 -4.96 -16.16
CA LEU I 318 47.86 -4.81 -17.43
C LEU I 318 47.82 -6.13 -18.17
N ASN I 319 47.46 -7.19 -17.45
CA ASN I 319 47.64 -8.56 -17.92
C ASN I 319 46.72 -9.51 -17.16
N ALA J 3 32.14 39.42 -14.24
CA ALA J 3 33.41 39.63 -14.94
C ALA J 3 33.73 38.44 -15.83
N LYS J 4 35.02 38.23 -16.08
CA LYS J 4 35.47 37.03 -16.77
C LYS J 4 35.14 35.79 -15.95
N SER J 5 35.71 35.69 -14.76
CA SER J 5 35.27 34.70 -13.80
C SER J 5 33.96 35.15 -13.18
N ARG J 6 33.41 34.28 -12.34
CA ARG J 6 32.02 34.28 -11.83
C ARG J 6 31.01 34.70 -12.91
N THR J 7 31.04 33.94 -14.00
CA THR J 7 30.04 34.01 -15.07
C THR J 7 29.68 32.55 -15.32
N ILE J 8 28.50 32.14 -14.88
CA ILE J 8 28.19 30.74 -14.61
C ILE J 8 27.11 30.25 -15.54
N GLY J 9 27.37 29.12 -16.19
CA GLY J 9 26.31 28.32 -16.79
C GLY J 9 26.10 27.05 -16.00
N ILE J 10 24.93 26.92 -15.36
CA ILE J 10 24.62 25.75 -14.56
C ILE J 10 24.05 24.66 -15.45
N ILE J 11 24.58 23.45 -15.34
CA ILE J 11 24.05 22.28 -16.02
C ILE J 11 23.78 21.22 -14.96
N GLY J 12 22.52 21.03 -14.61
CA GLY J 12 22.16 19.91 -13.78
C GLY J 12 22.06 18.63 -14.60
N ALA J 13 22.64 17.56 -14.07
CA ALA J 13 22.70 16.28 -14.79
C ALA J 13 22.35 15.14 -13.85
N PRO J 14 21.05 14.91 -13.61
CA PRO J 14 20.64 13.79 -12.74
C PRO J 14 20.76 12.41 -13.41
N PHE J 15 21.97 11.88 -13.39
CA PHE J 15 22.26 10.57 -13.98
C PHE J 15 22.91 9.67 -12.93
N SER J 16 22.60 8.38 -13.00
CA SER J 16 23.09 7.46 -11.97
C SER J 16 23.81 6.24 -12.49
N LYS J 17 23.59 5.80 -13.73
CA LYS J 17 23.90 4.43 -14.13
C LYS J 17 25.40 4.13 -14.27
N GLY J 18 26.27 5.09 -14.00
CA GLY J 18 27.68 4.78 -13.85
C GLY J 18 27.97 4.18 -12.48
N GLN J 19 27.24 4.64 -11.47
CA GLN J 19 27.42 4.18 -10.10
C GLN J 19 26.26 3.28 -9.67
N PRO J 20 26.51 2.32 -8.79
CA PRO J 20 25.44 1.37 -8.45
C PRO J 20 24.40 1.87 -7.46
N ARG J 21 24.78 2.70 -6.49
CA ARG J 21 23.84 3.13 -5.44
C ARG J 21 22.88 4.15 -5.99
N GLY J 22 21.69 3.70 -6.40
CA GLY J 22 20.71 4.59 -6.99
C GLY J 22 20.17 5.59 -5.99
N GLY J 23 20.12 6.85 -6.40
CA GLY J 23 19.76 7.92 -5.51
C GLY J 23 20.52 9.19 -5.78
N VAL J 24 21.61 9.10 -6.55
CA VAL J 24 22.36 10.31 -6.90
C VAL J 24 21.66 11.15 -7.96
N GLU J 25 20.56 10.64 -8.55
CA GLU J 25 19.77 11.45 -9.46
C GLU J 25 18.95 12.50 -8.74
N GLU J 26 18.89 12.47 -7.42
CA GLU J 26 18.51 13.67 -6.68
C GLU J 26 19.74 14.47 -6.27
N GLY J 27 20.64 14.65 -7.23
CA GLY J 27 21.82 15.47 -7.05
C GLY J 27 21.58 16.94 -7.32
N PRO J 28 21.22 17.27 -8.57
CA PRO J 28 20.91 18.68 -8.87
C PRO J 28 19.66 19.18 -8.19
N THR J 29 18.71 18.31 -7.87
CA THR J 29 17.49 18.75 -7.19
C THR J 29 17.79 19.26 -5.79
N VAL J 30 18.66 18.56 -5.05
CA VAL J 30 18.93 18.98 -3.69
C VAL J 30 19.89 20.17 -3.67
N LEU J 31 20.87 20.20 -4.58
CA LEU J 31 21.75 21.36 -4.68
C LEU J 31 21.03 22.62 -5.14
N ARG J 32 20.00 22.49 -5.97
CA ARG J 32 19.22 23.67 -6.31
C ARG J 32 18.25 24.07 -5.20
N LYS J 33 17.65 23.10 -4.50
CA LYS J 33 16.75 23.47 -3.42
C LYS J 33 17.51 23.93 -2.18
N ALA J 34 18.83 23.72 -2.12
CA ALA J 34 19.66 24.38 -1.13
C ALA J 34 20.07 25.77 -1.56
N GLY J 35 19.64 26.21 -2.75
CA GLY J 35 19.76 27.59 -3.14
C GLY J 35 21.14 27.96 -3.63
N LEU J 36 21.74 27.08 -4.45
CA LEU J 36 23.04 27.38 -5.02
C LEU J 36 22.98 28.57 -5.97
N LEU J 37 21.85 28.70 -6.69
CA LEU J 37 21.65 29.81 -7.61
C LEU J 37 21.64 31.14 -6.86
N GLU J 38 20.81 31.25 -5.83
CA GLU J 38 20.67 32.52 -5.11
C GLU J 38 21.89 32.80 -4.25
N LYS J 39 22.57 31.76 -3.75
CA LYS J 39 23.80 32.01 -3.02
C LYS J 39 24.95 32.41 -3.93
N LEU J 40 24.84 32.16 -5.24
CA LEU J 40 25.77 32.81 -6.15
C LEU J 40 25.44 34.28 -6.34
N LYS J 41 24.15 34.64 -6.33
CA LYS J 41 23.70 35.93 -6.84
C LYS J 41 24.01 37.12 -5.93
N GLU J 42 24.64 36.93 -4.77
CA GLU J 42 25.05 38.09 -3.98
C GLU J 42 26.26 38.77 -4.63
N GLN J 43 27.34 38.03 -4.84
CA GLN J 43 28.44 38.53 -5.63
C GLN J 43 28.08 38.48 -7.11
N GLU J 44 28.95 39.06 -7.95
CA GLU J 44 28.62 39.36 -9.34
C GLU J 44 28.61 38.08 -10.19
N CYS J 45 27.64 37.22 -9.92
CA CYS J 45 27.53 35.94 -10.61
C CYS J 45 26.48 36.05 -11.70
N ASP J 46 26.93 36.07 -12.95
CA ASP J 46 26.03 35.99 -14.10
C ASP J 46 25.55 34.54 -14.20
N VAL J 47 24.42 34.28 -13.54
CA VAL J 47 23.88 32.94 -13.45
C VAL J 47 22.84 32.74 -14.53
N LYS J 48 23.04 31.73 -15.38
CA LYS J 48 22.08 31.35 -16.40
C LYS J 48 21.86 29.85 -16.30
N ASP J 49 20.72 29.44 -15.75
CA ASP J 49 20.37 28.03 -15.68
C ASP J 49 19.97 27.58 -17.08
N TYR J 50 20.56 26.48 -17.54
CA TYR J 50 20.23 25.90 -18.83
C TYR J 50 19.30 24.71 -18.73
N GLY J 51 18.74 24.47 -17.55
CA GLY J 51 17.85 23.33 -17.36
C GLY J 51 18.59 22.03 -17.15
N ASP J 52 17.86 20.99 -16.78
CA ASP J 52 18.48 19.69 -16.59
C ASP J 52 18.57 18.94 -17.91
N LEU J 53 19.54 18.04 -18.01
CA LEU J 53 19.57 17.28 -19.24
C LEU J 53 18.65 16.06 -19.14
N PRO J 54 17.88 15.80 -20.20
CA PRO J 54 17.11 14.55 -20.28
C PRO J 54 18.03 13.36 -20.43
N PHE J 55 17.85 12.37 -19.57
CA PHE J 55 18.56 11.11 -19.69
C PHE J 55 17.58 10.03 -20.09
N ALA J 56 17.61 9.66 -21.37
CA ALA J 56 16.76 8.61 -21.86
C ALA J 56 17.20 7.27 -21.29
N ASP J 57 16.29 6.31 -21.24
CA ASP J 57 16.55 5.00 -20.67
C ASP J 57 16.63 4.02 -21.82
N ILE J 58 17.84 3.56 -22.12
CA ILE J 58 18.03 2.43 -23.02
C ILE J 58 17.60 1.19 -22.25
N PRO J 59 16.52 0.51 -22.66
CA PRO J 59 16.03 -0.63 -21.86
C PRO J 59 16.94 -1.84 -21.95
N ASN J 60 17.44 -2.12 -23.16
CA ASN J 60 18.40 -3.18 -23.37
C ASN J 60 19.80 -2.60 -23.44
N ASP J 61 20.21 -1.98 -22.33
CA ASP J 61 21.60 -1.59 -22.15
C ASP J 61 22.32 -2.83 -21.65
N SER J 62 22.66 -3.70 -22.59
CA SER J 62 23.23 -4.99 -22.26
C SER J 62 24.67 -4.81 -21.79
N PRO J 63 25.13 -5.58 -20.80
CA PRO J 63 26.45 -5.34 -20.23
C PRO J 63 27.57 -5.75 -21.17
N PHE J 64 28.75 -5.23 -20.87
CA PHE J 64 30.02 -5.67 -21.44
C PHE J 64 30.49 -6.86 -20.60
N GLN J 65 31.74 -7.29 -20.75
CA GLN J 65 32.37 -8.34 -19.95
C GLN J 65 32.30 -8.01 -18.47
N ILE J 66 32.86 -6.88 -18.08
CA ILE J 66 32.74 -6.38 -16.72
C ILE J 66 31.95 -5.09 -16.66
N VAL J 67 32.09 -4.20 -17.65
CA VAL J 67 31.41 -2.90 -17.66
C VAL J 67 29.91 -3.09 -17.80
N LYS J 68 29.15 -2.52 -16.88
CA LYS J 68 27.70 -2.67 -16.88
C LYS J 68 27.05 -1.29 -16.88
N ASN J 69 25.84 -1.24 -17.44
CA ASN J 69 25.23 -0.03 -17.98
C ASN J 69 26.17 0.85 -18.81
N PRO J 70 26.77 0.33 -19.92
CA PRO J 70 27.70 1.18 -20.67
C PRO J 70 27.04 2.23 -21.57
N ARG J 71 25.99 1.86 -22.30
CA ARG J 71 25.49 2.72 -23.36
C ARG J 71 24.73 3.92 -22.81
N SER J 72 24.09 3.76 -21.66
CA SER J 72 23.43 4.89 -21.01
C SER J 72 24.46 5.92 -20.56
N VAL J 73 25.59 5.46 -20.02
CA VAL J 73 26.69 6.34 -19.64
C VAL J 73 27.26 7.05 -20.86
N GLY J 74 27.48 6.31 -21.95
CA GLY J 74 28.07 6.91 -23.12
C GLY J 74 27.16 7.92 -23.81
N LYS J 75 25.85 7.61 -23.86
CA LYS J 75 24.88 8.55 -24.41
C LYS J 75 24.75 9.79 -23.53
N ALA J 76 24.76 9.60 -22.21
CA ALA J 76 24.67 10.73 -21.28
C ALA J 76 25.90 11.63 -21.40
N SER J 77 27.08 11.03 -21.50
CA SER J 77 28.29 11.84 -21.58
C SER J 77 28.44 12.49 -22.95
N GLU J 78 27.91 11.87 -24.01
CA GLU J 78 27.93 12.52 -25.32
C GLU J 78 26.99 13.72 -25.35
N GLN J 79 25.79 13.55 -24.78
CA GLN J 79 24.84 14.64 -24.61
C GLN J 79 25.42 15.76 -23.76
N LEU J 80 26.11 15.39 -22.69
CA LEU J 80 26.73 16.40 -21.82
C LEU J 80 27.91 17.06 -22.52
N ALA J 81 28.62 16.33 -23.38
CA ALA J 81 29.72 16.93 -24.14
C ALA J 81 29.21 18.00 -25.09
N GLY J 82 28.06 17.73 -25.74
CA GLY J 82 27.43 18.75 -26.55
C GLY J 82 26.97 19.94 -25.73
N LYS J 83 26.41 19.70 -24.54
CA LYS J 83 25.90 20.80 -23.73
C LYS J 83 27.03 21.61 -23.10
N VAL J 84 28.13 20.95 -22.71
CA VAL J 84 29.30 21.65 -22.18
C VAL J 84 29.96 22.48 -23.27
N ALA J 85 30.05 21.94 -24.49
CA ALA J 85 30.56 22.72 -25.61
C ALA J 85 29.66 23.91 -25.91
N GLU J 86 28.34 23.74 -25.72
CA GLU J 86 27.40 24.83 -25.90
C GLU J 86 27.63 25.94 -24.86
N VAL J 87 27.74 25.57 -23.59
CA VAL J 87 27.89 26.59 -22.55
C VAL J 87 29.28 27.19 -22.51
N LYS J 88 30.29 26.51 -23.06
CA LYS J 88 31.60 27.11 -23.22
C LYS J 88 31.68 28.00 -24.45
N LYS J 89 30.85 27.75 -25.46
CA LYS J 89 30.67 28.74 -26.52
C LYS J 89 29.85 29.94 -26.06
N ASN J 90 29.16 29.82 -24.93
CA ASN J 90 28.49 30.94 -24.29
C ASN J 90 29.45 31.80 -23.47
N GLY J 91 30.72 31.42 -23.38
CA GLY J 91 31.69 32.21 -22.66
C GLY J 91 31.60 32.11 -21.15
N ARG J 92 30.79 31.20 -20.62
CA ARG J 92 30.61 31.06 -19.19
C ARG J 92 31.54 30.00 -18.65
N ILE J 93 31.49 29.80 -17.33
CA ILE J 93 32.23 28.72 -16.66
C ILE J 93 31.22 27.60 -16.43
N SER J 94 31.53 26.42 -16.95
CA SER J 94 30.58 25.31 -16.95
C SER J 94 30.47 24.75 -15.54
N LEU J 95 29.34 25.02 -14.89
CA LEU J 95 29.01 24.40 -13.61
C LEU J 95 28.14 23.18 -13.91
N VAL J 96 28.79 22.04 -14.01
CA VAL J 96 28.11 20.79 -14.34
C VAL J 96 28.05 19.93 -13.10
N LEU J 97 26.85 19.79 -12.54
CA LEU J 97 26.73 19.08 -11.27
C LEU J 97 25.72 17.96 -11.41
N GLY J 98 26.09 16.78 -10.93
CA GLY J 98 25.27 15.60 -11.05
C GLY J 98 24.84 15.04 -9.72
N GLY J 99 24.79 13.72 -9.58
CA GLY J 99 25.17 12.79 -10.63
C GLY J 99 26.30 11.88 -10.19
N ASP J 100 27.21 11.56 -11.12
CA ASP J 100 28.36 10.74 -10.81
C ASP J 100 29.47 11.04 -11.83
N HIS J 101 30.67 10.54 -11.54
CA HIS J 101 31.87 10.80 -12.34
C HIS J 101 31.80 10.26 -13.76
N SER J 102 30.84 9.39 -14.09
CA SER J 102 30.61 8.97 -15.47
C SER J 102 30.35 10.13 -16.40
N LEU J 103 29.69 11.18 -15.91
CA LEU J 103 29.41 12.40 -16.65
C LEU J 103 30.66 13.23 -16.92
N ALA J 104 31.74 13.03 -16.15
CA ALA J 104 32.94 13.84 -16.32
C ALA J 104 33.68 13.56 -17.61
N ILE J 105 33.36 12.44 -18.28
CA ILE J 105 33.87 12.17 -19.63
C ILE J 105 33.50 13.31 -20.57
N GLY J 106 32.20 13.53 -20.75
CA GLY J 106 31.76 14.61 -21.61
C GLY J 106 32.00 15.98 -21.00
N SER J 107 32.05 16.05 -19.68
CA SER J 107 32.35 17.33 -19.04
C SER J 107 33.77 17.82 -19.30
N ILE J 108 34.72 16.91 -19.49
CA ILE J 108 36.08 17.31 -19.84
C ILE J 108 36.17 17.37 -21.36
N SER J 109 35.38 16.53 -22.05
CA SER J 109 35.46 16.45 -23.51
C SER J 109 34.94 17.71 -24.17
N GLY J 110 33.73 18.15 -23.82
CA GLY J 110 33.19 19.38 -24.37
C GLY J 110 33.95 20.61 -23.92
N HIS J 111 34.59 20.54 -22.75
CA HIS J 111 35.48 21.63 -22.34
C HIS J 111 36.73 21.67 -23.19
N ALA J 112 37.22 20.50 -23.63
CA ALA J 112 38.36 20.45 -24.52
C ALA J 112 37.99 20.78 -25.96
N ARG J 113 36.70 20.68 -26.30
CA ARG J 113 36.26 21.07 -27.64
C ARG J 113 36.42 22.56 -27.88
N VAL J 114 36.44 23.36 -26.82
CA VAL J 114 36.73 24.78 -26.94
C VAL J 114 38.20 25.07 -26.60
N HIS J 115 38.67 24.56 -25.47
CA HIS J 115 40.05 24.77 -25.07
C HIS J 115 40.79 23.45 -25.04
N PRO J 116 41.50 23.07 -26.10
CA PRO J 116 42.10 21.72 -26.15
C PRO J 116 43.29 21.53 -25.24
N ASP J 117 43.81 22.58 -24.63
CA ASP J 117 45.03 22.52 -23.83
C ASP J 117 44.73 22.90 -22.39
N LEU J 118 43.66 22.35 -21.83
CA LEU J 118 43.29 22.67 -20.47
C LEU J 118 44.06 21.78 -19.49
N GLY J 119 43.70 21.90 -18.22
CA GLY J 119 44.20 20.99 -17.20
C GLY J 119 43.06 20.51 -16.33
N VAL J 120 43.27 19.36 -15.71
CA VAL J 120 42.25 18.71 -14.89
C VAL J 120 42.78 18.56 -13.48
N ILE J 121 42.10 19.20 -12.54
CA ILE J 121 42.37 18.98 -11.12
C ILE J 121 41.26 18.06 -10.62
N TRP J 122 41.57 16.76 -10.55
CA TRP J 122 40.60 15.73 -10.23
C TRP J 122 40.64 15.47 -8.73
N VAL J 123 39.95 16.31 -7.97
CA VAL J 123 39.93 16.17 -6.52
C VAL J 123 38.95 15.07 -6.16
N ASP J 124 39.48 13.94 -5.72
CA ASP J 124 38.68 12.75 -5.48
C ASP J 124 39.46 11.85 -4.55
N ALA J 125 38.71 11.05 -3.77
CA ALA J 125 39.31 9.99 -2.97
C ALA J 125 40.00 8.95 -3.84
N HIS J 126 39.52 8.77 -5.05
CA HIS J 126 39.97 7.72 -5.95
C HIS J 126 40.50 8.37 -7.21
N THR J 127 41.31 7.64 -7.96
CA THR J 127 41.78 8.23 -9.22
C THR J 127 40.67 8.18 -10.27
N ASP J 128 39.81 7.17 -10.18
CA ASP J 128 38.81 6.82 -11.18
C ASP J 128 39.44 6.66 -12.56
N ILE J 129 40.51 5.89 -12.64
CA ILE J 129 41.13 5.65 -13.94
C ILE J 129 41.25 4.14 -14.21
N ASN J 130 40.28 3.35 -13.74
CA ASN J 130 40.20 1.95 -14.18
C ASN J 130 39.86 1.88 -15.66
N THR J 131 40.26 0.77 -16.26
CA THR J 131 39.96 0.48 -17.65
C THR J 131 38.78 -0.45 -17.72
N PRO J 132 38.12 -0.56 -18.87
CA PRO J 132 37.10 -1.60 -19.04
C PRO J 132 37.65 -3.02 -18.91
N LEU J 133 38.91 -3.25 -19.24
CA LEU J 133 39.50 -4.56 -19.15
C LEU J 133 40.02 -4.92 -17.76
N THR J 134 40.63 -3.98 -17.06
CA THR J 134 41.35 -4.31 -15.83
C THR J 134 40.74 -3.68 -14.58
N THR J 135 39.47 -3.32 -14.63
CA THR J 135 38.72 -3.14 -13.40
C THR J 135 38.27 -4.49 -12.86
N THR J 136 37.67 -4.47 -11.69
CA THR J 136 36.89 -5.60 -11.21
C THR J 136 35.45 -5.23 -10.92
N SER J 137 35.12 -3.94 -11.02
CA SER J 137 33.74 -3.52 -10.85
C SER J 137 33.01 -3.47 -12.19
N GLY J 138 33.56 -2.71 -13.13
CA GLY J 138 32.83 -2.36 -14.32
C GLY J 138 31.86 -1.23 -14.12
N ASN J 139 32.00 -0.48 -13.03
CA ASN J 139 31.12 0.64 -12.78
C ASN J 139 31.73 1.91 -13.32
N LEU J 140 30.98 2.61 -14.18
CA LEU J 140 31.57 3.73 -14.90
C LEU J 140 31.59 5.02 -14.11
N HIS J 141 31.26 4.99 -12.82
CA HIS J 141 31.56 6.15 -11.98
C HIS J 141 33.02 6.16 -11.57
N GLY J 142 33.79 5.15 -11.95
CA GLY J 142 35.21 5.17 -11.78
C GLY J 142 36.01 4.86 -13.01
N GLN J 143 35.44 4.99 -14.19
CA GLN J 143 36.32 5.00 -15.36
C GLN J 143 36.21 6.23 -16.27
N PRO J 144 36.16 7.51 -15.80
CA PRO J 144 36.12 8.58 -16.80
C PRO J 144 37.49 8.98 -17.32
N VAL J 145 38.53 8.84 -16.50
CA VAL J 145 39.81 9.43 -16.85
C VAL J 145 40.52 8.55 -17.87
N SER J 146 40.26 7.24 -17.84
CA SER J 146 40.86 6.32 -18.79
C SER J 146 40.39 6.55 -20.22
N PHE J 147 39.17 7.07 -20.41
CA PHE J 147 38.73 7.41 -21.75
C PHE J 147 39.37 8.69 -22.27
N LEU J 148 39.93 9.53 -21.40
CA LEU J 148 40.25 10.90 -21.77
C LEU J 148 41.73 11.12 -22.04
N LEU J 149 42.60 10.21 -21.62
CA LEU J 149 44.03 10.42 -21.82
C LEU J 149 44.48 9.85 -23.16
N LYS J 150 45.15 10.71 -23.95
CA LYS J 150 45.66 10.33 -25.26
C LYS J 150 46.74 9.27 -25.18
N GLU J 151 47.46 9.18 -24.06
CA GLU J 151 48.49 8.17 -23.85
C GLU J 151 47.91 6.79 -23.59
N LEU J 152 46.59 6.66 -23.50
CA LEU J 152 45.93 5.38 -23.29
C LEU J 152 45.22 4.90 -24.55
N LYS J 153 45.39 5.60 -25.67
CA LYS J 153 44.71 5.29 -26.92
C LYS J 153 45.29 4.01 -27.50
N GLY J 154 44.48 3.26 -28.25
CA GLY J 154 44.87 1.97 -28.79
C GLY J 154 44.82 0.85 -27.79
N LYS J 155 44.36 1.14 -26.57
CA LYS J 155 44.38 0.22 -25.45
C LYS J 155 43.04 0.18 -24.72
N ILE J 156 42.18 1.16 -24.98
CA ILE J 156 40.84 1.23 -24.42
C ILE J 156 39.92 0.48 -25.37
N PRO J 157 39.07 -0.43 -24.89
CA PRO J 157 38.15 -1.15 -25.77
C PRO J 157 37.10 -0.24 -26.38
N ASP J 158 36.48 -0.73 -27.44
CA ASP J 158 35.37 -0.03 -28.08
C ASP J 158 34.09 -0.47 -27.38
N VAL J 159 33.97 -0.09 -26.12
CA VAL J 159 32.76 -0.35 -25.34
C VAL J 159 31.64 0.53 -25.88
N PRO J 160 30.44 -0.03 -26.13
CA PRO J 160 29.40 0.72 -26.85
C PRO J 160 28.90 1.93 -26.09
N GLY J 161 28.52 2.97 -26.85
CA GLY J 161 28.22 4.28 -26.32
C GLY J 161 29.41 5.21 -26.31
N PHE J 162 30.62 4.71 -26.53
CA PHE J 162 31.84 5.48 -26.41
C PHE J 162 32.53 5.67 -27.76
N SER J 163 31.76 5.58 -28.84
CA SER J 163 32.32 5.80 -30.18
C SER J 163 32.77 7.24 -30.38
N TRP J 164 31.98 8.19 -29.89
CA TRP J 164 32.27 9.63 -29.96
C TRP J 164 33.48 10.04 -29.13
N VAL J 165 33.95 9.19 -28.22
CA VAL J 165 34.93 9.56 -27.22
C VAL J 165 36.28 9.74 -27.92
N THR J 166 36.74 10.95 -27.95
CA THR J 166 38.13 11.19 -28.26
C THR J 166 38.88 11.53 -26.98
N PRO J 167 39.92 10.77 -26.65
CA PRO J 167 40.80 11.20 -25.55
C PRO J 167 41.47 12.52 -25.89
N CYS J 168 41.38 13.47 -24.95
CA CYS J 168 41.61 14.87 -25.25
C CYS J 168 42.61 15.56 -24.35
N ILE J 169 43.02 14.94 -23.25
CA ILE J 169 43.93 15.57 -22.31
C ILE J 169 45.18 14.71 -22.18
N SER J 170 46.29 15.35 -21.83
CA SER J 170 47.56 14.67 -21.71
C SER J 170 47.77 14.20 -20.27
N ALA J 171 48.57 13.14 -20.12
CA ALA J 171 48.87 12.58 -18.81
C ALA J 171 49.69 13.53 -17.97
N LYS J 172 50.49 14.38 -18.60
CA LYS J 172 51.22 15.44 -17.91
C LYS J 172 50.36 16.70 -17.71
N ASP J 173 49.09 16.65 -18.09
CA ASP J 173 48.20 17.80 -17.93
C ASP J 173 47.04 17.51 -16.97
N ILE J 174 47.27 16.71 -15.94
CA ILE J 174 46.25 16.38 -14.96
C ILE J 174 46.92 16.19 -13.60
N VAL J 175 46.29 16.73 -12.55
CA VAL J 175 46.81 16.64 -11.20
C VAL J 175 45.72 16.10 -10.31
N TYR J 176 45.98 14.95 -9.68
CA TYR J 176 45.10 14.43 -8.66
C TYR J 176 45.45 15.07 -7.33
N ILE J 177 44.44 15.46 -6.58
CA ILE J 177 44.63 16.03 -5.25
C ILE J 177 43.64 15.37 -4.30
N GLY J 178 44.17 14.69 -3.28
CA GLY J 178 43.35 14.08 -2.28
C GLY J 178 42.99 12.63 -2.50
N LEU J 179 43.80 11.88 -3.24
CA LEU J 179 43.58 10.45 -3.43
C LEU J 179 43.75 9.75 -2.09
N ARG J 180 42.87 8.78 -1.78
CA ARG J 180 43.13 7.99 -0.59
C ARG J 180 42.73 6.53 -0.65
N ASP J 181 42.25 6.01 -1.78
CA ASP J 181 41.93 4.58 -1.92
C ASP J 181 42.02 4.26 -3.40
N VAL J 182 43.06 3.55 -3.80
CA VAL J 182 43.32 3.26 -5.20
C VAL J 182 43.46 1.76 -5.38
N ASP J 183 42.73 1.21 -6.33
CA ASP J 183 42.89 -0.17 -6.75
C ASP J 183 44.09 -0.29 -7.69
N PRO J 184 44.77 -1.47 -7.72
CA PRO J 184 46.14 -1.53 -8.27
C PRO J 184 46.32 -1.11 -9.73
N GLY J 185 45.31 -1.35 -10.57
CA GLY J 185 45.42 -0.97 -11.97
C GLY J 185 45.57 0.53 -12.15
N GLU J 186 44.87 1.29 -11.34
CA GLU J 186 44.88 2.74 -11.45
C GLU J 186 46.20 3.32 -11.02
N HIS J 187 46.88 2.70 -10.06
CA HIS J 187 48.16 3.24 -9.63
C HIS J 187 49.30 2.82 -10.55
N TYR J 188 49.16 1.71 -11.28
CA TYR J 188 50.17 1.44 -12.30
C TYR J 188 50.05 2.44 -13.43
N ILE J 189 48.82 2.77 -13.83
CA ILE J 189 48.61 3.83 -14.82
C ILE J 189 49.17 5.16 -14.30
N LEU J 190 48.95 5.42 -13.00
CA LEU J 190 49.39 6.65 -12.36
C LEU J 190 50.92 6.78 -12.35
N LYS J 191 51.62 5.67 -12.14
CA LYS J 191 53.07 5.74 -12.08
C LYS J 191 53.73 5.63 -13.45
N THR J 192 53.12 4.93 -14.40
CA THR J 192 53.77 4.72 -15.69
C THR J 192 53.59 5.93 -16.59
N LEU J 193 52.46 6.63 -16.45
CA LEU J 193 52.27 7.81 -17.28
C LEU J 193 53.07 9.01 -16.77
N GLY J 194 53.57 8.94 -15.55
CA GLY J 194 54.22 10.09 -14.95
C GLY J 194 53.26 11.21 -14.62
N ILE J 195 52.03 10.90 -14.26
CA ILE J 195 51.05 11.89 -13.84
C ILE J 195 51.54 12.52 -12.55
N LYS J 196 51.48 13.84 -12.47
CA LYS J 196 51.77 14.51 -11.20
C LYS J 196 50.52 14.41 -10.34
N TYR J 197 50.71 14.11 -9.06
CA TYR J 197 49.61 13.94 -8.13
C TYR J 197 50.07 14.30 -6.73
N PHE J 198 49.15 14.84 -5.94
CA PHE J 198 49.40 15.11 -4.54
C PHE J 198 48.32 14.39 -3.75
N SER J 199 48.65 13.20 -3.26
CA SER J 199 47.70 12.51 -2.40
C SER J 199 47.75 13.11 -1.01
N MET J 200 46.98 12.49 -0.13
CA MET J 200 46.87 12.95 1.25
C MET J 200 48.20 12.80 1.99
N THR J 201 49.05 11.88 1.56
CA THR J 201 50.46 11.92 1.93
C THR J 201 51.08 13.25 1.56
N GLU J 202 51.09 13.57 0.27
CA GLU J 202 51.78 14.77 -0.18
C GLU J 202 51.05 16.04 0.24
N VAL J 203 49.71 15.96 0.38
CA VAL J 203 48.93 17.04 0.97
C VAL J 203 49.43 17.37 2.37
N ASP J 204 49.54 16.35 3.22
CA ASP J 204 50.06 16.61 4.55
C ASP J 204 51.54 16.95 4.54
N ARG J 205 52.28 16.47 3.55
CA ARG J 205 53.73 16.72 3.50
C ARG J 205 54.03 18.18 3.25
N LEU J 206 53.54 18.70 2.15
CA LEU J 206 53.82 20.08 1.84
C LEU J 206 52.95 21.04 2.64
N GLY J 207 51.82 20.58 3.16
CA GLY J 207 50.80 21.51 3.59
C GLY J 207 49.90 21.74 2.40
N ILE J 208 48.60 21.97 2.64
CA ILE J 208 47.66 22.13 1.54
C ILE J 208 47.97 23.37 0.70
N GLY J 209 48.65 24.37 1.29
CA GLY J 209 48.95 25.56 0.52
C GLY J 209 50.15 25.41 -0.39
N LYS J 210 51.19 24.74 0.10
CA LYS J 210 52.32 24.42 -0.76
C LYS J 210 51.93 23.40 -1.80
N VAL J 211 50.95 22.54 -1.50
CA VAL J 211 50.42 21.62 -2.50
C VAL J 211 49.70 22.36 -3.61
N MET J 212 48.80 23.28 -3.26
CA MET J 212 48.15 24.07 -4.31
C MET J 212 49.13 25.00 -5.00
N GLU J 213 50.17 25.43 -4.30
CA GLU J 213 51.25 26.20 -4.91
C GLU J 213 51.97 25.40 -5.97
N GLU J 214 52.35 24.15 -5.67
CA GLU J 214 53.05 23.34 -6.65
C GLU J 214 52.10 22.81 -7.72
N THR J 215 50.82 22.67 -7.41
CA THR J 215 49.85 22.25 -8.43
C THR J 215 49.66 23.34 -9.47
N LEU J 216 49.51 24.59 -9.03
CA LEU J 216 49.48 25.70 -9.96
C LEU J 216 50.85 25.94 -10.61
N SER J 217 51.93 25.58 -9.93
CA SER J 217 53.25 25.64 -10.56
C SER J 217 53.43 24.54 -11.59
N TYR J 218 52.68 23.45 -11.47
CA TYR J 218 52.80 22.37 -12.45
C TYR J 218 51.92 22.64 -13.66
N LEU J 219 50.68 23.05 -13.44
CA LEU J 219 49.78 23.32 -14.55
C LEU J 219 50.04 24.69 -15.18
N LEU J 220 50.06 25.75 -14.37
CA LEU J 220 50.13 27.11 -14.87
C LEU J 220 51.55 27.67 -14.82
N GLY J 221 52.50 26.95 -14.22
CA GLY J 221 53.86 27.45 -14.16
C GLY J 221 54.55 27.45 -15.51
N ARG J 222 54.14 26.56 -16.41
CA ARG J 222 54.63 26.61 -17.77
C ARG J 222 53.95 27.69 -18.60
N LYS J 223 52.62 27.76 -18.56
CA LYS J 223 51.85 28.66 -19.39
C LYS J 223 50.46 28.80 -18.81
N LYS J 224 49.90 30.01 -18.91
CA LYS J 224 48.51 30.24 -18.53
C LYS J 224 47.58 29.47 -19.45
N ARG J 225 46.65 28.72 -18.86
CA ARG J 225 45.76 27.86 -19.61
C ARG J 225 44.51 27.62 -18.76
N PRO J 226 43.38 27.26 -19.39
CA PRO J 226 42.16 27.02 -18.60
C PRO J 226 42.28 25.82 -17.67
N ILE J 227 41.64 25.93 -16.52
CA ILE J 227 41.67 24.93 -15.46
C ILE J 227 40.27 24.34 -15.31
N HIS J 228 40.19 23.02 -15.25
CA HIS J 228 38.91 22.33 -15.08
C HIS J 228 38.94 21.58 -13.76
N LEU J 229 38.48 22.23 -12.69
CA LEU J 229 38.33 21.56 -11.42
C LEU J 229 37.14 20.60 -11.50
N SER J 230 37.42 19.32 -11.60
CA SER J 230 36.40 18.30 -11.45
C SER J 230 36.53 17.76 -10.04
N PHE J 231 35.47 17.89 -9.26
CA PHE J 231 35.54 17.80 -7.81
C PHE J 231 34.55 16.75 -7.33
N ASP J 232 35.07 15.72 -6.68
CA ASP J 232 34.22 14.77 -5.98
C ASP J 232 33.97 15.29 -4.58
N VAL J 233 32.82 14.90 -4.01
CA VAL J 233 32.49 15.28 -2.66
C VAL J 233 32.78 14.16 -1.67
N ASP J 234 33.30 13.03 -2.14
CA ASP J 234 33.85 12.09 -1.19
C ASP J 234 35.33 12.32 -0.97
N GLY J 235 35.96 13.22 -1.74
CA GLY J 235 37.35 13.54 -1.53
C GLY J 235 37.59 14.27 -0.22
N LEU J 236 36.57 14.94 0.30
CA LEU J 236 36.58 15.45 1.65
C LEU J 236 36.35 14.31 2.64
N ASP J 237 36.63 14.58 3.91
CA ASP J 237 36.46 13.55 4.92
C ASP J 237 34.99 13.30 5.18
N PRO J 238 34.58 12.04 5.42
CA PRO J 238 33.17 11.74 5.65
C PRO J 238 32.61 12.28 6.96
N SER J 239 33.42 12.90 7.81
CA SER J 239 32.89 13.71 8.89
C SER J 239 32.13 14.92 8.37
N PHE J 240 32.46 15.40 7.18
CA PHE J 240 31.76 16.53 6.57
C PHE J 240 30.77 16.11 5.50
N THR J 241 31.13 15.14 4.66
CA THR J 241 30.22 14.58 3.65
C THR J 241 30.10 13.08 3.82
N PRO J 242 29.25 12.60 4.74
CA PRO J 242 28.95 11.18 4.77
C PRO J 242 27.89 10.77 3.75
N ALA J 243 27.16 11.73 3.20
CA ALA J 243 26.08 11.44 2.26
C ALA J 243 26.61 11.42 0.82
N THR J 244 27.56 10.53 0.60
CA THR J 244 28.17 10.29 -0.70
C THR J 244 28.05 8.82 -1.06
N GLY J 245 28.44 8.50 -2.29
CA GLY J 245 28.35 7.15 -2.78
C GLY J 245 29.36 6.21 -2.17
N THR J 246 30.64 6.58 -2.25
CA THR J 246 31.74 5.76 -1.74
C THR J 246 32.50 6.54 -0.69
N PRO J 247 32.05 6.54 0.56
CA PRO J 247 32.80 7.25 1.60
C PRO J 247 34.02 6.45 2.02
N VAL J 248 35.16 7.13 2.03
CA VAL J 248 36.42 6.57 2.51
C VAL J 248 36.95 7.54 3.55
N VAL J 249 37.29 7.02 4.73
CA VAL J 249 37.76 7.91 5.78
C VAL J 249 39.18 8.40 5.47
N GLY J 250 39.48 9.61 5.95
CA GLY J 250 40.80 10.19 5.77
C GLY J 250 40.87 11.24 4.70
N GLY J 251 39.74 11.81 4.30
CA GLY J 251 39.70 12.80 3.25
C GLY J 251 40.19 14.16 3.73
N LEU J 252 40.12 15.12 2.82
CA LEU J 252 40.52 16.49 3.11
C LEU J 252 39.57 17.10 4.12
N THR J 253 40.09 18.00 4.94
CA THR J 253 39.19 18.78 5.76
C THR J 253 38.42 19.75 4.89
N TYR J 254 37.23 20.09 5.37
CA TYR J 254 36.33 21.01 4.67
C TYR J 254 36.96 22.37 4.42
N ARG J 255 37.77 22.81 5.38
CA ARG J 255 38.64 23.98 5.24
C ARG J 255 39.49 23.88 3.97
N GLU J 256 40.20 22.76 3.81
CA GLU J 256 41.13 22.61 2.70
C GLU J 256 40.42 22.42 1.37
N GLY J 257 39.24 21.82 1.38
CA GLY J 257 38.46 21.73 0.15
C GLY J 257 38.07 23.11 -0.36
N LEU J 258 37.52 23.94 0.55
CA LEU J 258 37.28 25.35 0.24
C LEU J 258 38.54 26.06 -0.21
N TYR J 259 39.68 25.70 0.38
CA TYR J 259 40.93 26.34 0.01
C TYR J 259 41.36 26.01 -1.42
N ILE J 260 41.25 24.75 -1.82
CA ILE J 260 41.63 24.33 -3.16
C ILE J 260 40.79 25.06 -4.19
N THR J 261 39.49 25.20 -3.91
CA THR J 261 38.63 25.98 -4.79
C THR J 261 39.03 27.45 -4.84
N GLU J 262 39.51 28.00 -3.72
CA GLU J 262 39.84 29.42 -3.70
C GLU J 262 41.15 29.72 -4.41
N GLU J 263 42.11 28.78 -4.36
CA GLU J 263 43.30 28.93 -5.20
C GLU J 263 42.99 28.85 -6.67
N ILE J 264 42.04 27.98 -7.06
CA ILE J 264 41.64 27.94 -8.45
C ILE J 264 40.94 29.22 -8.87
N TYR J 265 40.22 29.85 -7.93
CA TYR J 265 39.62 31.15 -8.23
C TYR J 265 40.66 32.25 -8.37
N LYS J 266 41.62 32.31 -7.44
CA LYS J 266 42.53 33.46 -7.44
C LYS J 266 43.61 33.38 -8.50
N THR J 267 43.62 32.33 -9.33
CA THR J 267 44.33 32.42 -10.60
C THR J 267 43.56 33.26 -11.59
N GLY J 268 42.25 33.37 -11.40
CA GLY J 268 41.39 33.97 -12.40
C GLY J 268 41.20 33.13 -13.64
N LEU J 269 41.49 31.83 -13.57
CA LEU J 269 41.51 30.97 -14.74
C LEU J 269 40.56 29.78 -14.61
N LEU J 270 39.56 29.88 -13.74
CA LEU J 270 38.57 28.83 -13.62
C LEU J 270 37.69 28.81 -14.87
N SER J 271 37.62 27.64 -15.51
CA SER J 271 36.93 27.53 -16.78
C SER J 271 36.04 26.31 -16.88
N GLY J 272 35.88 25.54 -15.81
CA GLY J 272 35.01 24.38 -15.83
C GLY J 272 34.95 23.71 -14.47
N LEU J 273 33.76 23.38 -14.00
CA LEU J 273 33.57 22.92 -12.64
C LEU J 273 32.61 21.74 -12.61
N ASP J 274 32.97 20.69 -11.87
CA ASP J 274 32.14 19.52 -11.70
C ASP J 274 31.93 19.27 -10.22
N ILE J 275 30.67 19.04 -9.83
CA ILE J 275 30.31 18.66 -8.47
C ILE J 275 29.56 17.33 -8.60
N MET J 276 30.25 16.23 -8.35
CA MET J 276 29.68 14.91 -8.57
C MET J 276 29.47 14.19 -7.25
N GLU J 277 28.80 13.03 -7.34
CA GLU J 277 28.64 12.04 -6.28
C GLU J 277 27.89 12.56 -5.07
N VAL J 278 27.14 13.66 -5.21
CA VAL J 278 26.25 14.08 -4.12
C VAL J 278 25.06 13.13 -4.10
N ASN J 279 24.78 12.56 -2.93
CA ASN J 279 23.70 11.58 -2.80
C ASN J 279 22.97 11.83 -1.49
N PRO J 280 21.78 12.45 -1.53
CA PRO J 280 21.00 12.66 -0.32
C PRO J 280 20.35 11.41 0.22
N SER J 281 20.34 10.31 -0.53
CA SER J 281 19.67 9.10 -0.12
C SER J 281 20.51 8.24 0.83
N LEU J 282 21.78 8.56 1.05
CA LEU J 282 22.65 7.70 1.83
C LEU J 282 23.04 8.31 3.17
N GLY J 283 22.56 9.49 3.50
CA GLY J 283 22.77 10.01 4.85
C GLY J 283 21.92 9.26 5.83
N LYS J 284 22.53 8.80 6.93
CA LYS J 284 21.80 8.02 7.92
C LYS J 284 20.82 8.90 8.70
N THR J 285 21.15 10.17 8.87
CA THR J 285 20.21 11.18 9.33
C THR J 285 20.10 12.24 8.25
N PRO J 286 19.00 13.00 8.20
CA PRO J 286 18.96 14.16 7.31
C PRO J 286 19.92 15.26 7.71
N GLU J 287 20.40 15.28 8.96
CA GLU J 287 21.45 16.20 9.37
C GLU J 287 22.76 15.92 8.63
N GLU J 288 23.06 14.63 8.39
CA GLU J 288 24.21 14.26 7.59
C GLU J 288 24.08 14.78 6.17
N VAL J 289 22.89 14.64 5.58
CA VAL J 289 22.60 15.16 4.26
C VAL J 289 22.73 16.68 4.25
N THR J 290 22.30 17.32 5.34
CA THR J 290 22.33 18.77 5.43
C THR J 290 23.76 19.29 5.47
N ARG J 291 24.61 18.62 6.25
CA ARG J 291 26.03 18.97 6.27
C ARG J 291 26.69 18.73 4.91
N THR J 292 26.35 17.62 4.25
CA THR J 292 26.95 17.28 2.96
C THR J 292 26.58 18.29 1.89
N VAL J 293 25.30 18.66 1.83
CA VAL J 293 24.85 19.54 0.76
C VAL J 293 25.30 20.97 1.02
N ASN J 294 25.28 21.43 2.28
CA ASN J 294 25.82 22.74 2.59
C ASN J 294 27.32 22.82 2.32
N THR J 295 28.04 21.70 2.56
CA THR J 295 29.43 21.60 2.17
C THR J 295 29.62 21.79 0.67
N ALA J 296 28.89 21.01 -0.14
CA ALA J 296 29.09 21.07 -1.59
C ALA J 296 28.65 22.40 -2.17
N VAL J 297 27.60 23.00 -1.60
CA VAL J 297 27.18 24.34 -2.02
C VAL J 297 28.26 25.36 -1.75
N ALA J 298 28.82 25.36 -0.54
CA ALA J 298 29.84 26.37 -0.22
C ALA J 298 31.15 26.09 -0.93
N ILE J 299 31.41 24.83 -1.30
CA ILE J 299 32.52 24.52 -2.20
C ILE J 299 32.32 25.20 -3.55
N THR J 300 31.12 25.06 -4.11
CA THR J 300 30.79 25.67 -5.39
C THR J 300 30.82 27.20 -5.30
N LEU J 301 30.45 27.74 -4.14
CA LEU J 301 30.55 29.17 -3.91
C LEU J 301 32.00 29.63 -3.93
N ALA J 302 32.87 28.94 -3.19
CA ALA J 302 34.27 29.33 -3.14
C ALA J 302 35.03 28.98 -4.42
N CYS J 303 34.42 28.22 -5.33
CA CYS J 303 35.00 28.09 -6.67
C CYS J 303 34.89 29.39 -7.45
N PHE J 304 33.69 29.95 -7.52
CA PHE J 304 33.43 31.10 -8.39
C PHE J 304 33.75 32.42 -7.70
N GLY J 305 34.46 32.40 -6.59
CA GLY J 305 34.82 33.63 -5.93
C GLY J 305 33.86 34.07 -4.87
N LEU J 306 33.22 33.15 -4.16
CA LEU J 306 32.83 33.49 -2.81
C LEU J 306 34.03 33.14 -1.95
N ALA J 307 35.03 34.02 -1.97
CA ALA J 307 36.24 33.78 -1.21
C ALA J 307 35.96 34.01 0.26
N ARG J 308 36.70 33.30 1.10
CA ARG J 308 36.53 33.48 2.53
C ARG J 308 37.13 34.80 3.02
N GLU J 309 38.03 35.39 2.23
CA GLU J 309 38.53 36.73 2.53
C GLU J 309 37.46 37.79 2.39
N GLY J 310 36.48 37.58 1.52
CA GLY J 310 35.54 38.63 1.18
C GLY J 310 35.28 38.79 -0.29
N ASN J 311 34.10 39.27 -0.62
CA ASN J 311 33.69 39.55 -1.99
C ASN J 311 32.98 40.88 -1.95
N HIS J 312 33.17 41.73 -2.97
CA HIS J 312 32.59 43.06 -2.89
C HIS J 312 32.06 43.53 -4.24
N LYS J 313 31.27 44.61 -4.18
CA LYS J 313 30.95 45.38 -5.36
C LYS J 313 31.65 46.73 -5.28
N PRO J 314 32.27 47.20 -6.36
CA PRO J 314 33.19 48.34 -6.26
C PRO J 314 32.49 49.70 -6.21
N ILE J 315 31.77 49.94 -5.11
CA ILE J 315 31.28 51.27 -4.75
C ILE J 315 31.68 51.52 -3.31
N ASP J 316 31.72 52.79 -2.92
CA ASP J 316 31.99 53.13 -1.52
C ASP J 316 30.83 52.70 -0.66
N TYR J 317 31.13 52.04 0.44
CA TYR J 317 30.11 51.59 1.39
C TYR J 317 30.10 52.41 2.66
N LEU J 318 30.86 53.49 2.71
CA LEU J 318 30.75 54.43 3.82
C LEU J 318 29.79 55.57 3.45
N ASN J 319 28.64 55.19 2.91
CA ASN J 319 27.73 56.12 2.26
C ASN J 319 26.32 55.54 2.20
N ALA K 3 54.67 34.82 37.01
CA ALA K 3 55.70 35.62 36.35
C ALA K 3 55.09 36.88 35.76
N LYS K 4 55.73 37.41 34.71
CA LYS K 4 55.16 38.51 33.94
C LYS K 4 53.86 38.06 33.28
N SER K 5 53.94 37.08 32.39
CA SER K 5 52.75 36.41 31.91
C SER K 5 52.23 35.47 32.98
N ARG K 6 51.08 34.86 32.68
CA ARG K 6 50.19 34.14 33.61
C ARG K 6 50.07 34.85 34.97
N THR K 7 49.67 36.11 34.90
CA THR K 7 49.28 36.92 36.05
C THR K 7 47.95 37.55 35.64
N ILE K 8 46.86 37.05 36.22
CA ILE K 8 45.54 37.18 35.62
C ILE K 8 44.64 38.02 36.51
N GLY K 9 44.00 39.03 35.91
CA GLY K 9 42.84 39.66 36.51
C GLY K 9 41.58 39.27 35.74
N ILE K 10 40.70 38.52 36.39
CA ILE K 10 39.46 38.07 35.74
C ILE K 10 38.40 39.16 35.91
N ILE K 11 37.75 39.51 34.81
CA ILE K 11 36.61 40.42 34.83
C ILE K 11 35.46 39.71 34.14
N GLY K 12 34.50 39.24 34.92
CA GLY K 12 33.26 38.74 34.34
C GLY K 12 32.34 39.89 33.99
N ALA K 13 31.75 39.82 32.80
CA ALA K 13 30.89 40.90 32.30
C ALA K 13 29.64 40.32 31.67
N PRO K 14 28.65 39.94 32.50
CA PRO K 14 27.38 39.41 31.94
C PRO K 14 26.47 40.48 31.33
N PHE K 15 26.76 40.84 30.09
CA PHE K 15 26.01 41.84 29.36
C PHE K 15 25.53 41.26 28.04
N SER K 16 24.33 41.66 27.61
CA SER K 16 23.74 41.08 26.41
C SER K 16 23.29 42.06 25.36
N LYS K 17 23.00 43.32 25.70
CA LYS K 17 22.16 44.17 24.85
C LYS K 17 22.85 44.65 23.57
N GLY K 18 24.08 44.25 23.30
CA GLY K 18 24.65 44.44 21.99
C GLY K 18 24.15 43.40 21.01
N GLN K 19 23.91 42.19 21.50
CA GLN K 19 23.45 41.09 20.66
C GLN K 19 21.99 40.76 20.96
N PRO K 20 21.25 40.27 19.98
CA PRO K 20 19.80 40.08 20.20
C PRO K 20 19.43 38.81 20.96
N ARG K 21 20.16 37.72 20.79
CA ARG K 21 19.79 36.44 21.42
C ARG K 21 20.09 36.48 22.91
N GLY K 22 19.09 36.79 23.72
CA GLY K 22 19.30 36.91 25.16
C GLY K 22 19.61 35.55 25.79
N GLY K 23 20.64 35.55 26.62
CA GLY K 23 21.12 34.32 27.20
C GLY K 23 22.63 34.30 27.36
N VAL K 24 23.33 35.24 26.71
CA VAL K 24 24.78 35.33 26.87
C VAL K 24 25.18 35.93 28.20
N GLU K 25 24.22 36.44 28.98
CA GLU K 25 24.52 36.92 30.33
C GLU K 25 24.76 35.77 31.29
N GLU K 26 24.50 34.53 30.90
CA GLU K 26 25.09 33.41 31.61
C GLU K 26 26.40 33.00 30.94
N GLY K 27 27.23 33.99 30.63
CA GLY K 27 28.55 33.77 30.08
C GLY K 27 29.60 33.52 31.14
N PRO K 28 29.83 34.53 32.01
CA PRO K 28 30.81 34.32 33.09
C PRO K 28 30.37 33.31 34.12
N THR K 29 29.05 33.12 34.30
CA THR K 29 28.57 32.14 35.26
C THR K 29 28.95 30.71 34.85
N VAL K 30 28.80 30.39 33.57
CA VAL K 30 29.09 29.03 33.14
C VAL K 30 30.59 28.81 33.01
N LEU K 31 31.34 29.82 32.55
CA LEU K 31 32.79 29.71 32.51
C LEU K 31 33.42 29.62 33.89
N ARG K 32 32.83 30.27 34.89
CA ARG K 32 33.35 30.08 36.24
C ARG K 32 32.92 28.76 36.85
N LYS K 33 31.68 28.30 36.60
CA LYS K 33 31.28 27.01 37.15
C LYS K 33 31.90 25.84 36.40
N ALA K 34 32.51 26.08 35.24
CA ALA K 34 33.37 25.10 34.60
C ALA K 34 34.79 25.14 35.17
N GLY K 35 35.05 26.03 36.12
CA GLY K 35 36.27 26.00 36.88
C GLY K 35 37.46 26.58 36.15
N LEU K 36 37.25 27.72 35.49
CA LEU K 36 38.35 28.38 34.80
C LEU K 36 39.40 28.89 35.79
N LEU K 37 38.94 29.33 36.97
CA LEU K 37 39.83 29.80 38.01
C LEU K 37 40.77 28.69 38.49
N GLU K 38 40.20 27.55 38.87
CA GLU K 38 41.01 26.47 39.42
C GLU K 38 41.82 25.77 38.33
N LYS K 39 41.33 25.76 37.09
CA LYS K 39 42.14 25.20 36.02
C LYS K 39 43.29 26.12 35.63
N LEU K 40 43.22 27.41 36.00
CA LEU K 40 44.43 28.22 35.91
C LEU K 40 45.42 27.87 37.01
N LYS K 41 44.94 27.55 38.21
CA LYS K 41 45.77 27.54 39.41
C LYS K 41 46.74 26.37 39.52
N GLU K 42 46.80 25.46 38.54
CA GLU K 42 47.85 24.43 38.58
C GLU K 42 49.20 25.02 38.20
N GLN K 43 49.28 25.63 37.02
CA GLN K 43 50.46 26.41 36.69
C GLN K 43 50.43 27.75 37.42
N GLU K 44 51.53 28.51 37.31
CA GLU K 44 51.78 29.67 38.17
C GLU K 44 50.90 30.84 37.77
N CYS K 45 49.60 30.70 37.99
CA CYS K 45 48.63 31.72 37.62
C CYS K 45 48.25 32.52 38.85
N ASP K 46 48.73 33.76 38.92
CA ASP K 46 48.30 34.71 39.94
C ASP K 46 46.89 35.17 39.58
N VAL K 47 45.92 34.43 40.12
CA VAL K 47 44.52 34.68 39.79
C VAL K 47 43.90 35.57 40.86
N LYS K 48 43.37 36.70 40.43
CA LYS K 48 42.64 37.62 41.32
C LYS K 48 41.31 37.96 40.65
N ASP K 49 40.23 37.37 41.16
CA ASP K 49 38.90 37.69 40.66
C ASP K 49 38.51 39.07 41.18
N TYR K 50 38.07 39.94 40.29
CA TYR K 50 37.62 41.27 40.66
C TYR K 50 36.11 41.38 40.70
N GLY K 51 35.40 40.26 40.65
CA GLY K 51 33.96 40.28 40.68
C GLY K 51 33.33 40.62 39.34
N ASP K 52 32.01 40.48 39.24
CA ASP K 52 31.34 40.80 38.00
C ASP K 52 30.99 42.29 37.96
N LEU K 53 30.88 42.82 36.75
CA LEU K 53 30.49 44.22 36.71
C LEU K 53 28.97 44.35 36.76
N PRO K 54 28.47 45.28 37.56
CA PRO K 54 27.04 45.60 37.53
C PRO K 54 26.66 46.28 36.22
N PHE K 55 25.64 45.76 35.56
CA PHE K 55 25.10 46.38 34.36
C PHE K 55 23.72 46.92 34.70
N ALA K 56 23.64 48.22 34.89
CA ALA K 56 22.38 48.88 35.16
C ALA K 56 21.50 48.83 33.90
N ASP K 57 20.20 48.92 34.11
CA ASP K 57 19.23 48.84 33.02
C ASP K 57 18.68 50.25 32.80
N ILE K 58 19.09 50.88 31.71
CA ILE K 58 18.44 52.11 31.24
C ILE K 58 17.09 51.68 30.68
N PRO K 59 15.97 52.09 31.29
CA PRO K 59 14.67 51.62 30.81
C PRO K 59 14.26 52.24 29.49
N ASN K 60 14.52 53.54 29.34
CA ASN K 60 14.29 54.23 28.07
C ASN K 60 15.60 54.36 27.32
N ASP K 61 16.16 53.19 26.98
CA ASP K 61 17.27 53.14 26.03
C ASP K 61 16.65 53.18 24.64
N SER K 62 16.31 54.39 24.22
CA SER K 62 15.58 54.59 22.97
C SER K 62 16.51 54.34 21.79
N PRO K 63 16.03 53.73 20.71
CA PRO K 63 16.91 53.34 19.61
C PRO K 63 17.41 54.55 18.82
N PHE K 64 18.47 54.30 18.08
CA PHE K 64 18.96 55.19 17.03
C PHE K 64 18.18 54.86 15.76
N GLN K 65 18.61 55.34 14.60
CA GLN K 65 18.04 55.03 13.30
C GLN K 65 18.02 53.53 13.04
N ILE K 66 19.20 52.91 13.09
CA ILE K 66 19.32 51.47 13.01
C ILE K 66 19.85 50.87 14.30
N VAL K 67 20.78 51.54 14.98
CA VAL K 67 21.40 51.04 16.19
C VAL K 67 20.37 50.98 17.31
N LYS K 68 20.23 49.80 17.93
CA LYS K 68 19.25 49.60 18.99
C LYS K 68 19.95 49.07 20.23
N ASN K 69 19.36 49.36 21.38
CA ASN K 69 20.03 49.39 22.67
C ASN K 69 21.41 50.06 22.67
N PRO K 70 21.53 51.35 22.29
CA PRO K 70 22.87 51.94 22.25
C PRO K 70 23.44 52.34 23.60
N ARG K 71 22.62 52.96 24.46
CA ARG K 71 23.17 53.60 25.66
C ARG K 71 23.58 52.59 26.71
N SER K 72 22.89 51.45 26.76
CA SER K 72 23.30 50.38 27.67
C SER K 72 24.65 49.81 27.27
N VAL K 73 24.87 49.65 25.97
CA VAL K 73 26.17 49.21 25.45
C VAL K 73 27.26 50.22 25.77
N GLY K 74 26.98 51.51 25.55
CA GLY K 74 27.98 52.53 25.78
C GLY K 74 28.33 52.69 27.25
N LYS K 75 27.32 52.61 28.13
CA LYS K 75 27.56 52.67 29.56
C LYS K 75 28.33 51.44 30.04
N ALA K 76 27.99 50.26 29.51
CA ALA K 76 28.68 49.04 29.88
C ALA K 76 30.13 49.07 29.44
N SER K 77 30.39 49.55 28.23
CA SER K 77 31.75 49.59 27.73
C SER K 77 32.57 50.70 28.40
N GLU K 78 31.93 51.79 28.83
CA GLU K 78 32.65 52.81 29.57
C GLU K 78 33.04 52.30 30.96
N GLN K 79 32.10 51.63 31.62
CA GLN K 79 32.37 50.96 32.89
C GLN K 79 33.47 49.92 32.76
N LEU K 80 33.43 49.14 31.68
CA LEU K 80 34.46 48.13 31.46
C LEU K 80 35.79 48.78 31.11
N ALA K 81 35.77 49.94 30.43
CA ALA K 81 37.02 50.64 30.14
C ALA K 81 37.69 51.11 31.41
N GLY K 82 36.90 51.61 32.37
CA GLY K 82 37.45 51.93 33.67
C GLY K 82 38.00 50.73 34.41
N LYS K 83 37.28 49.60 34.33
CA LYS K 83 37.72 48.41 35.05
C LYS K 83 38.94 47.75 34.39
N VAL K 84 39.02 47.79 33.06
CA VAL K 84 40.18 47.28 32.35
C VAL K 84 41.40 48.14 32.62
N ALA K 85 41.21 49.47 32.66
CA ALA K 85 42.31 50.37 33.03
C ALA K 85 42.74 50.13 34.47
N GLU K 86 41.80 49.78 35.34
CA GLU K 86 42.13 49.43 36.71
C GLU K 86 42.98 48.17 36.79
N VAL K 87 42.56 47.11 36.11
CA VAL K 87 43.29 45.85 36.20
C VAL K 87 44.59 45.86 35.41
N LYS K 88 44.73 46.76 34.43
CA LYS K 88 46.02 46.94 33.79
C LYS K 88 46.96 47.83 34.58
N LYS K 89 46.42 48.72 35.43
CA LYS K 89 47.25 49.37 36.43
C LYS K 89 47.63 48.42 37.56
N ASN K 90 46.95 47.28 37.67
CA ASN K 90 47.35 46.23 38.60
C ASN K 90 48.47 45.36 38.04
N GLY K 91 48.91 45.61 36.81
CA GLY K 91 50.00 44.85 36.23
C GLY K 91 49.65 43.46 35.77
N ARG K 92 48.37 43.12 35.74
CA ARG K 92 47.92 41.79 35.37
C ARG K 92 47.56 41.77 33.89
N ILE K 93 47.18 40.59 33.40
CA ILE K 93 46.66 40.42 32.05
C ILE K 93 45.15 40.38 32.15
N SER K 94 44.48 41.29 31.45
CA SER K 94 43.04 41.48 31.61
C SER K 94 42.31 40.31 30.95
N LEU K 95 41.75 39.43 31.78
CA LEU K 95 40.87 38.36 31.30
C LEU K 95 39.44 38.87 31.41
N VAL K 96 38.94 39.44 30.34
CA VAL K 96 37.61 40.01 30.32
C VAL K 96 36.70 39.10 29.51
N LEU K 97 35.80 38.42 30.19
CA LEU K 97 34.96 37.44 29.50
C LEU K 97 33.50 37.74 29.74
N GLY K 98 32.72 37.72 28.67
CA GLY K 98 31.32 38.07 28.73
C GLY K 98 30.42 36.91 28.34
N GLY K 99 29.32 37.19 27.63
CA GLY K 99 28.98 38.53 27.17
C GLY K 99 28.87 38.58 25.67
N ASP K 100 29.30 39.70 25.09
CA ASP K 100 29.29 39.88 23.64
C ASP K 100 30.34 40.92 23.27
N HIS K 101 30.63 41.01 21.97
CA HIS K 101 31.66 41.89 21.42
C HIS K 101 31.41 43.37 21.64
N SER K 102 30.20 43.78 22.03
CA SER K 102 29.94 45.16 22.44
C SER K 102 30.86 45.62 23.55
N LEU K 103 31.20 44.73 24.47
CA LEU K 103 32.12 45.01 25.57
C LEU K 103 33.55 45.21 25.12
N ALA K 104 33.92 44.73 23.92
CA ALA K 104 35.30 44.84 23.47
C ALA K 104 35.72 46.27 23.15
N ILE K 105 34.75 47.19 23.02
CA ILE K 105 35.04 48.62 22.91
C ILE K 105 35.87 49.07 24.10
N GLY K 106 35.30 48.96 25.30
CA GLY K 106 36.02 49.36 26.49
C GLY K 106 37.14 48.40 26.84
N SER K 107 37.03 47.14 26.41
CA SER K 107 38.12 46.20 26.66
C SER K 107 39.38 46.54 25.88
N ILE K 108 39.27 47.15 24.71
CA ILE K 108 40.44 47.60 23.98
C ILE K 108 40.78 49.03 24.42
N SER K 109 39.76 49.80 24.82
CA SER K 109 39.96 51.19 25.18
C SER K 109 40.75 51.34 26.47
N GLY K 110 40.32 50.65 27.53
CA GLY K 110 41.05 50.70 28.78
C GLY K 110 42.41 50.02 28.70
N HIS K 111 42.56 49.07 27.79
CA HIS K 111 43.86 48.48 27.54
C HIS K 111 44.79 49.49 26.85
N ALA K 112 44.22 50.34 26.00
CA ALA K 112 45.00 51.39 25.34
C ALA K 112 45.26 52.57 26.27
N ARG K 113 44.46 52.70 27.35
CA ARG K 113 44.70 53.75 28.32
C ARG K 113 46.01 53.54 29.07
N VAL K 114 46.49 52.31 29.15
CA VAL K 114 47.81 52.02 29.71
C VAL K 114 48.86 51.87 28.61
N HIS K 115 48.56 51.06 27.60
CA HIS K 115 49.50 50.85 26.50
C HIS K 115 48.88 51.36 25.21
N PRO K 116 49.18 52.60 24.79
CA PRO K 116 48.47 53.17 23.62
C PRO K 116 48.89 52.57 22.29
N ASP K 117 49.94 51.77 22.26
CA ASP K 117 50.49 51.24 21.00
C ASP K 117 50.41 49.73 20.97
N LEU K 118 49.25 49.20 21.34
CA LEU K 118 49.07 47.75 21.37
C LEU K 118 48.68 47.25 19.97
N GLY K 119 48.36 45.96 19.91
CA GLY K 119 47.79 45.38 18.72
C GLY K 119 46.60 44.52 19.07
N VAL K 120 45.72 44.32 18.09
CA VAL K 120 44.47 43.60 18.30
C VAL K 120 44.45 42.41 17.35
N ILE K 121 44.42 41.21 17.91
CA ILE K 121 44.18 40.01 17.14
C ILE K 121 42.72 39.63 17.35
N TRP K 122 41.87 40.03 16.40
CA TRP K 122 40.43 39.88 16.51
C TRP K 122 40.03 38.56 15.86
N VAL K 123 40.15 37.47 16.61
CA VAL K 123 39.83 36.16 16.08
C VAL K 123 38.31 36.00 16.15
N ASP K 124 37.66 36.03 14.99
CA ASP K 124 36.21 36.04 14.92
C ASP K 124 35.83 35.58 13.52
N ALA K 125 34.64 34.98 13.44
CA ALA K 125 34.03 34.66 12.15
C ALA K 125 33.76 35.91 11.33
N HIS K 126 33.51 37.03 12.01
CA HIS K 126 33.09 38.26 11.38
C HIS K 126 34.12 39.32 11.71
N THR K 127 34.14 40.40 10.94
CA THR K 127 35.07 41.46 11.28
C THR K 127 34.54 42.28 12.45
N ASP K 128 33.21 42.35 12.56
CA ASP K 128 32.50 43.23 13.49
C ASP K 128 32.95 44.68 13.36
N ILE K 129 32.99 45.17 12.12
CA ILE K 129 33.37 46.56 11.93
C ILE K 129 32.29 47.32 11.12
N ASN K 130 31.01 46.95 11.31
CA ASN K 130 29.94 47.78 10.77
C ASN K 130 29.90 49.13 11.47
N THR K 131 29.36 50.10 10.76
CA THR K 131 29.17 51.44 11.29
C THR K 131 27.73 51.59 11.73
N PRO K 132 27.43 52.59 12.58
CA PRO K 132 26.02 52.90 12.87
C PRO K 132 25.22 53.30 11.65
N LEU K 133 25.84 53.91 10.64
CA LEU K 133 25.14 54.34 9.44
C LEU K 133 24.96 53.23 8.41
N THR K 134 25.96 52.39 8.20
CA THR K 134 25.93 51.46 7.06
C THR K 134 25.89 50.00 7.48
N THR K 135 25.41 49.71 8.68
CA THR K 135 24.91 48.38 8.98
C THR K 135 23.50 48.22 8.44
N THR K 136 22.99 47.01 8.55
CA THR K 136 21.56 46.79 8.40
C THR K 136 20.95 46.15 9.64
N SER K 137 21.78 45.79 10.61
CA SER K 137 21.26 45.26 11.87
C SER K 137 21.08 46.37 12.89
N GLY K 138 22.15 47.11 13.16
CA GLY K 138 22.16 47.99 14.31
C GLY K 138 22.45 47.28 15.60
N ASN K 139 22.96 46.06 15.54
CA ASN K 139 23.28 45.32 16.75
C ASN K 139 24.72 45.54 17.12
N LEU K 140 24.95 46.00 18.34
CA LEU K 140 26.30 46.43 18.71
C LEU K 140 27.21 45.29 19.13
N HIS K 141 26.80 44.03 18.97
CA HIS K 141 27.76 42.94 19.07
C HIS K 141 28.58 42.81 17.79
N GLY K 142 28.31 43.61 16.78
CA GLY K 142 29.13 43.69 15.62
C GLY K 142 29.56 45.07 15.23
N GLN K 143 29.49 46.04 16.12
CA GLN K 143 30.20 47.27 15.82
C GLN K 143 31.25 47.73 16.83
N PRO K 144 32.16 46.87 17.41
CA PRO K 144 33.12 47.48 18.34
C PRO K 144 34.34 48.08 17.64
N VAL K 145 34.72 47.53 16.49
CA VAL K 145 36.00 47.89 15.91
C VAL K 145 35.89 49.24 15.20
N SER K 146 34.69 49.57 14.71
CA SER K 146 34.48 50.85 14.05
C SER K 146 34.59 52.04 15.01
N PHE K 147 34.31 51.84 16.29
CA PHE K 147 34.52 52.92 17.24
C PHE K 147 35.99 53.12 17.59
N LEU K 148 36.84 52.13 17.32
CA LEU K 148 38.17 52.12 17.91
C LEU K 148 39.28 52.55 16.96
N LEU K 149 39.02 52.59 15.66
CA LEU K 149 40.06 52.95 14.71
C LEU K 149 40.09 54.46 14.49
N LYS K 150 41.28 55.05 14.67
CA LYS K 150 41.49 56.48 14.49
C LYS K 150 41.28 56.92 13.05
N GLU K 151 41.46 56.02 12.08
CA GLU K 151 41.26 56.31 10.68
C GLU K 151 39.78 56.41 10.31
N LEU K 152 38.88 56.13 11.24
CA LEU K 152 37.44 56.22 11.01
C LEU K 152 36.83 57.42 11.73
N LYS K 153 37.66 58.28 12.32
CA LYS K 153 37.20 59.43 13.09
C LYS K 153 36.62 60.47 12.14
N GLY K 154 35.66 61.26 12.62
CA GLY K 154 34.96 62.24 11.80
C GLY K 154 33.90 61.64 10.91
N LYS K 155 33.67 60.34 11.04
CA LYS K 155 32.78 59.57 10.19
C LYS K 155 31.84 58.68 10.98
N ILE K 156 32.14 58.47 12.26
CA ILE K 156 31.31 57.70 13.16
C ILE K 156 30.32 58.66 13.80
N PRO K 157 29.03 58.33 13.83
CA PRO K 157 28.04 59.23 14.44
C PRO K 157 28.22 59.33 15.95
N ASP K 158 27.63 60.38 16.51
CA ASP K 158 27.61 60.56 17.96
C ASP K 158 26.40 59.83 18.50
N VAL K 159 26.43 58.51 18.39
CA VAL K 159 25.39 57.66 18.95
C VAL K 159 25.50 57.71 20.48
N PRO K 160 24.38 57.90 21.20
CA PRO K 160 24.46 58.16 22.64
C PRO K 160 25.00 56.99 23.44
N GLY K 161 25.71 57.31 24.52
CA GLY K 161 26.48 56.36 25.28
C GLY K 161 27.93 56.26 24.85
N PHE K 162 28.28 56.84 23.70
CA PHE K 162 29.61 56.69 23.13
C PHE K 162 30.37 58.01 23.11
N SER K 163 30.01 58.92 24.01
CA SER K 163 30.71 60.19 24.12
C SER K 163 32.14 60.01 24.60
N TRP K 164 32.35 59.11 25.58
CA TRP K 164 33.66 58.79 26.13
C TRP K 164 34.58 58.09 25.13
N VAL K 165 34.05 57.59 24.02
CA VAL K 165 34.78 56.70 23.12
C VAL K 165 35.83 57.53 22.38
N THR K 166 37.06 57.26 22.67
CA THR K 166 38.14 57.73 21.81
C THR K 166 38.64 56.55 20.99
N PRO K 167 38.63 56.65 19.66
CA PRO K 167 39.32 55.64 18.84
C PRO K 167 40.81 55.66 19.15
N CYS K 168 41.35 54.48 19.41
CA CYS K 168 42.64 54.37 20.07
C CYS K 168 43.65 53.48 19.36
N ILE K 169 43.23 52.71 18.36
CA ILE K 169 44.13 51.79 17.69
C ILE K 169 44.17 52.15 16.20
N SER K 170 45.29 51.82 15.57
CA SER K 170 45.49 52.14 14.17
C SER K 170 45.03 50.98 13.29
N ALA K 171 44.65 51.30 12.05
CA ALA K 171 44.19 50.31 11.10
C ALA K 171 45.30 49.36 10.70
N LYS K 172 46.54 49.82 10.72
CA LYS K 172 47.70 48.97 10.49
C LYS K 172 48.16 48.26 11.76
N ASP K 173 47.42 48.40 12.86
CA ASP K 173 47.76 47.74 14.11
C ASP K 173 46.70 46.75 14.56
N ILE K 174 46.05 46.06 13.63
CA ILE K 174 45.02 45.07 13.93
C ILE K 174 45.08 43.98 12.88
N VAL K 175 44.97 42.73 13.32
CA VAL K 175 45.00 41.57 12.43
C VAL K 175 43.78 40.71 12.71
N TYR K 176 42.94 40.53 11.71
CA TYR K 176 41.85 39.59 11.79
C TYR K 176 42.36 38.20 11.42
N ILE K 177 41.95 37.20 12.18
CA ILE K 177 42.31 35.82 11.91
C ILE K 177 41.06 34.98 12.03
N GLY K 178 40.69 34.32 10.93
CA GLY K 178 39.55 33.42 10.93
C GLY K 178 38.24 34.03 10.52
N LEU K 179 38.24 35.10 9.72
CA LEU K 179 37.02 35.67 9.19
C LEU K 179 36.35 34.67 8.26
N ARG K 180 35.03 34.53 8.34
CA ARG K 180 34.36 33.70 7.33
C ARG K 180 32.98 34.15 6.88
N ASP K 181 32.46 35.28 7.35
CA ASP K 181 31.17 35.80 6.87
C ASP K 181 31.20 37.31 7.12
N VAL K 182 31.32 38.07 6.05
CA VAL K 182 31.46 39.52 6.14
C VAL K 182 30.39 40.17 5.29
N ASP K 183 29.66 41.11 5.88
CA ASP K 183 28.73 41.96 5.15
C ASP K 183 29.49 43.09 4.45
N PRO K 184 28.98 43.59 3.29
CA PRO K 184 29.83 44.37 2.37
C PRO K 184 30.50 45.63 2.91
N GLY K 185 29.83 46.32 3.85
CA GLY K 185 30.41 47.52 4.42
C GLY K 185 31.71 47.26 5.15
N GLU K 186 31.76 46.13 5.85
CA GLU K 186 32.92 45.79 6.65
C GLU K 186 34.11 45.44 5.77
N HIS K 187 33.87 44.84 4.60
CA HIS K 187 35.00 44.50 3.75
C HIS K 187 35.49 45.68 2.93
N TYR K 188 34.64 46.68 2.69
CA TYR K 188 35.19 47.90 2.08
C TYR K 188 36.09 48.62 3.06
N ILE K 189 35.67 48.68 4.33
CA ILE K 189 36.53 49.24 5.37
C ILE K 189 37.82 48.44 5.47
N LEU K 190 37.71 47.11 5.37
CA LEU K 190 38.85 46.21 5.48
C LEU K 190 39.85 46.41 4.35
N LYS K 191 39.36 46.69 3.13
CA LYS K 191 40.28 46.86 2.02
C LYS K 191 40.79 48.28 1.88
N THR K 192 40.01 49.28 2.29
CA THR K 192 40.43 50.66 2.08
C THR K 192 41.42 51.09 3.15
N LEU K 193 41.28 50.56 4.36
CA LEU K 193 42.23 50.94 5.41
C LEU K 193 43.57 50.22 5.25
N GLY K 194 43.63 49.18 4.44
CA GLY K 194 44.82 48.39 4.35
C GLY K 194 45.10 47.56 5.59
N ILE K 195 44.06 47.11 6.27
CA ILE K 195 44.19 46.24 7.44
C ILE K 195 44.77 44.92 6.98
N LYS K 196 45.77 44.42 7.69
CA LYS K 196 46.27 43.08 7.41
C LYS K 196 45.32 42.10 8.06
N TYR K 197 45.00 41.02 7.35
CA TYR K 197 44.07 40.01 7.82
C TYR K 197 44.42 38.68 7.20
N PHE K 198 44.18 37.62 7.95
CA PHE K 198 44.32 36.26 7.46
C PHE K 198 42.99 35.57 7.66
N SER K 199 42.17 35.54 6.62
CA SER K 199 40.94 34.78 6.72
C SER K 199 41.22 33.30 6.56
N MET K 200 40.14 32.54 6.56
CA MET K 200 40.24 31.09 6.44
C MET K 200 40.79 30.67 5.09
N THR K 201 40.64 31.51 4.06
CA THR K 201 41.45 31.38 2.85
C THR K 201 42.93 31.42 3.19
N GLU K 202 43.38 32.53 3.77
CA GLU K 202 44.81 32.70 4.02
C GLU K 202 45.31 31.79 5.13
N VAL K 203 44.43 31.45 6.08
CA VAL K 203 44.72 30.43 7.09
C VAL K 203 45.07 29.12 6.42
N ASP K 204 44.20 28.64 5.53
CA ASP K 204 44.51 27.41 4.81
C ASP K 204 45.67 27.56 3.85
N ARG K 205 45.89 28.78 3.33
CA ARG K 205 46.95 28.98 2.34
C ARG K 205 48.32 28.82 2.96
N LEU K 206 48.61 29.61 3.97
CA LEU K 206 49.91 29.51 4.59
C LEU K 206 50.03 28.32 5.52
N GLY K 207 48.91 27.79 6.00
CA GLY K 207 48.97 26.91 7.15
C GLY K 207 48.78 27.80 8.37
N ILE K 208 48.16 27.28 9.41
CA ILE K 208 47.90 28.10 10.60
C ILE K 208 49.19 28.55 11.28
N GLY K 209 50.28 27.82 11.11
CA GLY K 209 51.53 28.21 11.74
C GLY K 209 52.25 29.32 11.01
N LYS K 210 52.28 29.24 9.68
CA LYS K 210 52.83 30.34 8.90
C LYS K 210 51.95 31.58 8.99
N VAL K 211 50.64 31.38 9.22
CA VAL K 211 49.75 32.51 9.46
C VAL K 211 50.08 33.20 10.78
N MET K 212 50.21 32.43 11.85
CA MET K 212 50.61 33.04 13.12
C MET K 212 52.03 33.58 13.07
N GLU K 213 52.89 32.96 12.26
CA GLU K 213 54.23 33.48 12.02
C GLU K 213 54.19 34.86 11.36
N GLU K 214 53.37 35.01 10.32
CA GLU K 214 53.30 36.30 9.64
C GLU K 214 52.49 37.31 10.45
N THR K 215 51.57 36.85 11.28
CA THR K 215 50.82 37.76 12.14
C THR K 215 51.72 38.37 13.20
N LEU K 216 52.54 37.54 13.84
CA LEU K 216 53.55 38.06 14.75
C LEU K 216 54.64 38.82 14.01
N SER K 217 54.91 38.48 12.75
CA SER K 217 55.84 39.28 11.96
C SER K 217 55.24 40.61 11.56
N TYR K 218 53.92 40.72 11.53
CA TYR K 218 53.28 41.98 11.18
C TYR K 218 53.16 42.88 12.40
N LEU K 219 52.71 42.33 13.53
CA LEU K 219 52.56 43.13 14.73
C LEU K 219 53.88 43.35 15.45
N LEU K 220 54.60 42.27 15.74
CA LEU K 220 55.80 42.32 16.56
C LEU K 220 57.08 42.33 15.74
N GLY K 221 56.98 42.17 14.42
CA GLY K 221 58.17 42.19 13.59
C GLY K 221 58.80 43.57 13.49
N ARG K 222 57.99 44.62 13.63
CA ARG K 222 58.52 45.97 13.71
C ARG K 222 59.09 46.28 15.08
N LYS K 223 58.35 45.98 16.14
CA LYS K 223 58.73 46.36 17.49
C LYS K 223 57.93 45.53 18.48
N LYS K 224 58.55 45.16 19.59
CA LYS K 224 57.85 44.49 20.66
C LYS K 224 56.83 45.43 21.29
N ARG K 225 55.60 44.95 21.43
CA ARG K 225 54.50 45.77 21.92
C ARG K 225 53.44 44.83 22.49
N PRO K 226 52.58 45.34 23.39
CA PRO K 226 51.54 44.47 23.96
C PRO K 226 50.53 44.00 22.94
N ILE K 227 50.05 42.77 23.14
CA ILE K 227 49.12 42.11 22.23
C ILE K 227 47.80 41.90 22.97
N HIS K 228 46.70 42.23 22.32
CA HIS K 228 45.37 42.08 22.89
C HIS K 228 44.60 41.08 22.05
N LEU K 229 44.68 39.81 22.41
CA LEU K 229 43.85 38.80 21.77
C LEU K 229 42.41 38.96 22.21
N SER K 230 41.57 39.51 21.34
CA SER K 230 40.14 39.50 21.56
C SER K 230 39.57 38.38 20.72
N PHE K 231 38.93 37.42 21.37
CA PHE K 231 38.67 36.11 20.80
C PHE K 231 37.19 35.81 20.87
N ASP K 232 36.58 35.62 19.71
CA ASP K 232 35.22 35.11 19.65
C ASP K 232 35.27 33.59 19.66
N VAL K 233 34.20 32.99 20.18
CA VAL K 233 34.09 31.55 20.20
C VAL K 233 33.23 31.03 19.07
N ASP K 234 32.72 31.91 18.21
CA ASP K 234 32.16 31.40 16.97
C ASP K 234 33.19 31.38 15.86
N GLY K 235 34.39 31.92 16.10
CA GLY K 235 35.44 31.87 15.10
C GLY K 235 35.95 30.45 14.88
N LEU K 236 35.80 29.59 15.88
CA LEU K 236 36.01 28.17 15.71
C LEU K 236 34.82 27.57 14.97
N ASP K 237 35.00 26.35 14.49
CA ASP K 237 33.94 25.68 13.74
C ASP K 237 32.82 25.27 14.69
N PRO K 238 31.56 25.36 14.25
CA PRO K 238 30.44 24.99 15.14
C PRO K 238 30.33 23.51 15.44
N SER K 239 31.17 22.66 14.85
CA SER K 239 31.33 21.31 15.36
C SER K 239 31.90 21.28 16.77
N PHE K 240 32.67 22.31 17.14
CA PHE K 240 33.23 22.40 18.49
C PHE K 240 32.48 23.37 19.39
N THR K 241 32.04 24.52 18.86
CA THR K 241 31.23 25.48 19.60
C THR K 241 29.94 25.76 18.84
N PRO K 242 28.93 24.91 18.96
CA PRO K 242 27.61 25.27 18.43
C PRO K 242 26.82 26.17 19.37
N ALA K 243 27.21 26.26 20.63
CA ALA K 243 26.49 27.05 21.62
C ALA K 243 27.01 28.49 21.65
N THR K 244 26.91 29.14 20.50
CA THR K 244 27.29 30.52 20.32
C THR K 244 26.11 31.30 19.76
N GLY K 245 26.28 32.61 19.66
CA GLY K 245 25.23 33.48 19.18
C GLY K 245 25.00 33.38 17.69
N THR K 246 26.06 33.56 16.90
CA THR K 246 25.99 33.52 15.44
C THR K 246 26.92 32.43 14.93
N PRO K 247 26.45 31.18 14.89
CA PRO K 247 27.29 30.11 14.32
C PRO K 247 27.33 30.18 12.81
N VAL K 248 28.54 30.16 12.28
CA VAL K 248 28.78 30.10 10.84
C VAL K 248 29.70 28.90 10.60
N VAL K 249 29.32 28.03 9.68
CA VAL K 249 30.14 26.85 9.45
C VAL K 249 31.41 27.23 8.70
N GLY K 250 32.46 26.46 8.95
CA GLY K 250 33.74 26.68 8.29
C GLY K 250 34.79 27.37 9.13
N GLY K 251 34.62 27.37 10.44
CA GLY K 251 35.54 28.02 11.34
C GLY K 251 36.83 27.25 11.53
N LEU K 252 37.68 27.80 12.39
CA LEU K 252 38.95 27.16 12.70
C LEU K 252 38.72 25.86 13.45
N THR K 253 39.61 24.91 13.25
CA THR K 253 39.55 23.74 14.11
C THR K 253 40.01 24.11 15.51
N TYR K 254 39.49 23.36 16.48
CA TYR K 254 39.77 23.58 17.89
C TYR K 254 41.26 23.49 18.19
N ARG K 255 41.95 22.59 17.49
CA ARG K 255 43.40 22.52 17.47
C ARG K 255 44.03 23.88 17.16
N GLU K 256 43.59 24.50 16.07
CA GLU K 256 44.20 25.74 15.60
C GLU K 256 43.83 26.92 16.48
N GLY K 257 42.65 26.91 17.10
CA GLY K 257 42.31 27.95 18.05
C GLY K 257 43.23 27.92 19.25
N LEU K 258 43.42 26.73 19.84
CA LEU K 258 44.43 26.53 20.87
C LEU K 258 45.82 26.95 20.40
N TYR K 259 46.12 26.71 19.13
CA TYR K 259 47.43 27.07 18.60
C TYR K 259 47.65 28.58 18.56
N ILE K 260 46.65 29.33 18.09
CA ILE K 260 46.74 30.78 18.01
C ILE K 260 46.97 31.38 19.39
N THR K 261 46.28 30.83 20.39
CA THR K 261 46.51 31.26 21.76
C THR K 261 47.91 30.93 22.24
N GLU K 262 48.47 29.80 21.80
CA GLU K 262 49.78 29.40 22.28
C GLU K 262 50.90 30.19 21.63
N GLU K 263 50.73 30.60 20.38
CA GLU K 263 51.69 31.54 19.80
C GLU K 263 51.65 32.89 20.48
N ILE K 264 50.47 33.36 20.88
CA ILE K 264 50.41 34.61 21.61
C ILE K 264 51.06 34.47 22.97
N TYR K 265 50.99 33.27 23.57
CA TYR K 265 51.69 33.05 24.83
C TYR K 265 53.20 33.02 24.64
N LYS K 266 53.69 32.31 23.62
CA LYS K 266 55.13 32.10 23.53
C LYS K 266 55.88 33.30 22.97
N THR K 267 55.19 34.41 22.67
CA THR K 267 55.87 35.68 22.56
C THR K 267 56.23 36.22 23.94
N GLY K 268 55.51 35.79 24.97
CA GLY K 268 55.61 36.38 26.27
C GLY K 268 55.02 37.76 26.37
N LEU K 269 54.16 38.16 25.43
CA LEU K 269 53.68 39.53 25.34
C LEU K 269 52.16 39.61 25.41
N LEU K 270 51.51 38.59 25.97
CA LEU K 270 50.06 38.63 26.15
C LEU K 270 49.71 39.65 27.22
N SER K 271 48.86 40.60 26.87
CA SER K 271 48.55 41.70 27.75
C SER K 271 47.06 42.03 27.84
N GLY K 272 46.20 41.25 27.21
CA GLY K 272 44.77 41.46 27.28
C GLY K 272 44.01 40.40 26.54
N LEU K 273 42.96 39.86 27.15
CA LEU K 273 42.27 38.70 26.62
C LEU K 273 40.77 38.87 26.74
N ASP K 274 40.05 38.56 25.65
CA ASP K 274 38.60 38.63 25.63
C ASP K 274 38.04 37.28 25.19
N ILE K 275 37.06 36.77 25.93
CA ILE K 275 36.34 35.57 25.57
C ILE K 275 34.87 35.97 25.50
N MET K 276 34.37 36.19 24.29
CA MET K 276 33.03 36.71 24.11
C MET K 276 32.13 35.66 23.47
N GLU K 277 30.83 36.00 23.40
CA GLU K 277 29.79 35.28 22.66
C GLU K 277 29.56 33.86 23.15
N VAL K 278 30.00 33.52 24.35
CA VAL K 278 29.65 32.23 24.92
C VAL K 278 28.19 32.29 25.36
N ASN K 279 27.39 31.33 24.90
CA ASN K 279 25.96 31.32 25.19
C ASN K 279 25.51 29.89 25.47
N PRO K 280 25.30 29.55 26.75
CA PRO K 280 24.82 28.21 27.08
C PRO K 280 23.36 27.97 26.75
N SER K 281 22.61 29.02 26.41
CA SER K 281 21.19 28.89 26.16
C SER K 281 20.87 28.42 24.75
N LEU K 282 21.85 28.33 23.86
CA LEU K 282 21.56 28.01 22.46
C LEU K 282 22.07 26.64 22.04
N GLY K 283 22.68 25.88 22.95
CA GLY K 283 23.00 24.50 22.63
C GLY K 283 21.74 23.67 22.58
N LYS K 284 21.59 22.89 21.50
CA LYS K 284 20.38 22.07 21.34
C LYS K 284 20.37 20.92 22.33
N THR K 285 21.54 20.41 22.70
CA THR K 285 21.71 19.52 23.82
C THR K 285 22.65 20.18 24.81
N PRO K 286 22.59 19.79 26.10
CA PRO K 286 23.62 20.26 27.04
C PRO K 286 25.01 19.71 26.73
N GLU K 287 25.11 18.62 25.96
CA GLU K 287 26.41 18.14 25.50
C GLU K 287 27.06 19.13 24.55
N GLU K 288 26.27 19.80 23.72
CA GLU K 288 26.79 20.87 22.87
C GLU K 288 27.34 22.02 23.70
N VAL K 289 26.60 22.40 24.75
CA VAL K 289 27.05 23.43 25.68
C VAL K 289 28.32 22.98 26.39
N THR K 290 28.40 21.69 26.72
CA THR K 290 29.55 21.17 27.44
C THR K 290 30.81 21.20 26.58
N ARG K 291 30.68 20.83 25.31
CA ARG K 291 31.79 20.95 24.37
C ARG K 291 32.19 22.40 24.17
N THR K 292 31.22 23.31 24.06
CA THR K 292 31.51 24.72 23.81
C THR K 292 32.25 25.35 24.98
N VAL K 293 31.79 25.07 26.20
CA VAL K 293 32.37 25.71 27.36
C VAL K 293 33.73 25.11 27.69
N ASN K 294 33.88 23.78 27.55
CA ASN K 294 35.20 23.18 27.71
C ASN K 294 36.18 23.67 26.66
N THR K 295 35.70 23.90 25.44
CA THR K 295 36.52 24.54 24.42
C THR K 295 37.00 25.92 24.86
N ALA K 296 36.08 26.80 25.27
CA ALA K 296 36.46 28.17 25.61
C ALA K 296 37.34 28.23 26.84
N VAL K 297 37.10 27.32 27.80
CA VAL K 297 37.96 27.23 28.99
C VAL K 297 39.38 26.84 28.59
N ALA K 298 39.53 25.81 27.75
CA ALA K 298 40.88 25.37 27.39
C ALA K 298 41.55 26.36 26.45
N ILE K 299 40.77 27.13 25.68
CA ILE K 299 41.32 28.26 24.94
C ILE K 299 41.94 29.27 25.89
N THR K 300 41.20 29.63 26.95
CA THR K 300 41.69 30.59 27.93
C THR K 300 42.89 30.03 28.70
N LEU K 301 42.92 28.72 28.90
CA LEU K 301 44.08 28.07 29.51
C LEU K 301 45.30 28.19 28.62
N ALA K 302 45.16 27.87 27.33
CA ALA K 302 46.29 27.94 26.42
C ALA K 302 46.66 29.38 26.05
N CYS K 303 45.85 30.36 26.43
CA CYS K 303 46.30 31.75 26.33
C CYS K 303 47.37 32.06 27.36
N PHE K 304 47.11 31.75 28.62
CA PHE K 304 48.00 32.15 29.70
C PHE K 304 49.11 31.17 29.94
N GLY K 305 49.36 30.25 29.02
CA GLY K 305 50.44 29.31 29.17
C GLY K 305 50.05 28.02 29.82
N LEU K 306 48.84 27.54 29.60
CA LEU K 306 48.67 26.09 29.66
C LEU K 306 48.98 25.60 28.26
N ALA K 307 50.27 25.52 27.95
CA ALA K 307 50.68 25.10 26.63
C ALA K 307 50.49 23.61 26.50
N ARG K 308 50.23 23.15 25.28
CA ARG K 308 50.05 21.74 25.05
C ARG K 308 51.37 20.98 25.13
N GLU K 309 52.50 21.68 24.99
CA GLU K 309 53.80 21.07 25.20
C GLU K 309 54.04 20.69 26.66
N GLY K 310 53.41 21.40 27.59
CA GLY K 310 53.73 21.23 28.98
C GLY K 310 53.92 22.52 29.74
N ASN K 311 53.65 22.47 31.04
CA ASN K 311 53.83 23.59 31.95
C ASN K 311 54.45 23.02 33.20
N HIS K 312 55.38 23.74 33.82
CA HIS K 312 56.07 23.17 34.96
C HIS K 312 56.33 24.18 36.07
N LYS K 313 56.71 23.65 37.23
CA LYS K 313 57.31 24.47 38.28
C LYS K 313 58.78 24.09 38.41
N PRO K 314 59.68 25.07 38.52
CA PRO K 314 61.11 24.77 38.37
C PRO K 314 61.76 24.17 39.63
N ILE K 315 61.36 22.95 39.97
CA ILE K 315 62.06 22.12 40.94
C ILE K 315 62.27 20.76 40.30
N ASP K 316 63.23 20.01 40.82
CA ASP K 316 63.46 18.65 40.34
C ASP K 316 62.29 17.78 40.76
N TYR K 317 61.77 17.00 39.80
CA TYR K 317 60.68 16.09 40.06
C TYR K 317 61.12 14.64 40.10
N LEU K 318 62.41 14.38 40.07
CA LEU K 318 62.93 13.04 40.29
C LEU K 318 63.31 12.87 41.76
N ASN K 319 62.40 13.29 42.65
CA ASN K 319 62.69 13.46 44.07
C ASN K 319 61.41 13.44 44.88
N GLN L 1 -50.64 -33.71 -33.74
CA GLN L 1 -50.90 -32.28 -33.85
C GLN L 1 -49.68 -31.47 -33.44
N VAL L 2 -49.93 -30.27 -32.94
CA VAL L 2 -48.87 -29.41 -32.42
C VAL L 2 -48.42 -29.97 -31.08
N GLN L 3 -47.17 -30.43 -31.02
CA GLN L 3 -46.63 -31.00 -29.80
C GLN L 3 -45.23 -30.47 -29.55
N LEU L 4 -44.65 -30.92 -28.44
CA LEU L 4 -43.21 -30.94 -28.23
C LEU L 4 -42.85 -32.24 -27.52
N VAL L 5 -42.13 -33.11 -28.19
CA VAL L 5 -41.57 -34.28 -27.56
C VAL L 5 -40.23 -33.89 -26.97
N GLN L 6 -40.15 -33.87 -25.64
CA GLN L 6 -38.91 -33.54 -24.99
C GLN L 6 -38.07 -34.78 -24.74
N SER L 7 -36.83 -34.55 -24.35
CA SER L 7 -35.92 -35.58 -23.86
C SER L 7 -34.77 -34.88 -23.16
N GLY L 8 -34.42 -35.33 -21.95
CA GLY L 8 -35.07 -36.41 -21.22
C GLY L 8 -34.61 -36.33 -19.78
N ALA L 9 -35.31 -37.02 -18.88
CA ALA L 9 -35.08 -36.91 -17.44
C ALA L 9 -33.68 -37.40 -17.08
N GLU L 10 -32.88 -36.52 -16.46
CA GLU L 10 -31.47 -36.73 -16.27
C GLU L 10 -30.99 -35.88 -15.09
N VAL L 11 -30.07 -36.44 -14.30
CA VAL L 11 -29.56 -35.79 -13.10
C VAL L 11 -28.06 -35.57 -13.25
N LYS L 12 -27.58 -34.40 -12.82
CA LYS L 12 -26.18 -34.03 -12.91
C LYS L 12 -25.73 -33.41 -11.59
N LYS L 13 -24.43 -33.53 -11.30
CA LYS L 13 -24.01 -33.45 -9.91
C LYS L 13 -23.97 -32.03 -9.31
N PRO L 14 -22.87 -31.20 -9.41
CA PRO L 14 -23.05 -29.81 -9.86
C PRO L 14 -22.46 -29.56 -11.23
N GLY L 15 -22.07 -30.62 -11.93
CA GLY L 15 -21.07 -30.49 -12.97
C GLY L 15 -21.61 -30.08 -14.32
N ALA L 16 -21.39 -30.92 -15.33
CA ALA L 16 -21.83 -30.61 -16.68
C ALA L 16 -23.36 -30.61 -16.77
N SER L 17 -23.86 -30.13 -17.90
CA SER L 17 -25.24 -29.67 -17.97
C SER L 17 -26.10 -30.76 -18.58
N VAL L 18 -27.38 -30.41 -18.76
CA VAL L 18 -28.34 -31.25 -19.47
C VAL L 18 -28.79 -30.47 -20.68
N LYS L 19 -28.17 -30.74 -21.83
CA LYS L 19 -28.72 -30.26 -23.09
C LYS L 19 -30.06 -30.97 -23.30
N VAL L 20 -31.15 -30.24 -23.11
CA VAL L 20 -32.48 -30.84 -23.15
C VAL L 20 -32.96 -30.83 -24.59
N SER L 21 -33.17 -32.01 -25.14
CA SER L 21 -33.77 -32.11 -26.46
C SER L 21 -35.23 -31.70 -26.38
N CYS L 22 -35.64 -30.81 -27.28
CA CYS L 22 -37.01 -30.30 -27.33
C CYS L 22 -37.47 -30.42 -28.78
N LYS L 23 -37.95 -31.60 -29.16
CA LYS L 23 -38.24 -31.89 -30.55
C LYS L 23 -39.62 -31.36 -30.91
N ALA L 24 -39.71 -30.63 -32.01
CA ALA L 24 -40.97 -30.07 -32.49
C ALA L 24 -41.47 -30.83 -33.71
N SER L 25 -42.77 -30.72 -33.95
CA SER L 25 -43.43 -31.31 -35.10
C SER L 25 -44.77 -30.62 -35.27
N GLY L 26 -45.56 -31.11 -36.23
CA GLY L 26 -46.88 -30.58 -36.44
C GLY L 26 -46.89 -29.22 -37.10
N TYR L 27 -46.48 -28.18 -36.38
CA TYR L 27 -46.42 -26.84 -36.91
C TYR L 27 -45.12 -26.66 -37.67
N THR L 28 -45.15 -25.75 -38.64
CA THR L 28 -43.96 -25.41 -39.40
C THR L 28 -42.95 -24.68 -38.51
N PHE L 29 -41.71 -25.14 -38.55
CA PHE L 29 -40.71 -24.59 -37.66
C PHE L 29 -40.04 -23.39 -38.34
N THR L 30 -39.42 -22.53 -37.51
CA THR L 30 -38.90 -21.19 -37.85
C THR L 30 -39.99 -20.24 -38.35
N ASN L 31 -41.25 -20.62 -38.17
CA ASN L 31 -42.35 -19.68 -38.26
C ASN L 31 -42.74 -19.31 -36.84
N TYR L 32 -42.07 -19.90 -35.85
CA TYR L 32 -42.37 -19.69 -34.44
C TYR L 32 -41.06 -19.75 -33.67
N GLY L 33 -41.17 -19.65 -32.35
CA GLY L 33 -39.99 -19.62 -31.50
C GLY L 33 -40.17 -20.32 -30.18
N ILE L 34 -39.16 -21.08 -29.77
CA ILE L 34 -39.26 -21.94 -28.59
C ILE L 34 -38.51 -21.29 -27.42
N SER L 35 -39.13 -21.32 -26.23
CA SER L 35 -38.55 -20.82 -25.00
C SER L 35 -38.36 -21.95 -23.99
N TRP L 36 -38.03 -21.57 -22.76
CA TRP L 36 -37.74 -22.51 -21.68
C TRP L 36 -38.23 -21.95 -20.35
N VAL L 37 -38.64 -22.86 -19.47
CA VAL L 37 -39.14 -22.51 -18.15
C VAL L 37 -38.79 -23.62 -17.15
N ARG L 38 -38.18 -23.24 -16.04
CA ARG L 38 -37.91 -24.12 -14.91
C ARG L 38 -39.10 -24.17 -13.97
N GLN L 39 -39.27 -25.32 -13.32
CA GLN L 39 -40.24 -25.41 -12.21
C GLN L 39 -39.67 -26.34 -11.15
N ALA L 40 -39.27 -25.77 -10.03
CA ALA L 40 -39.01 -26.60 -8.86
C ALA L 40 -40.34 -27.11 -8.32
N PRO L 41 -40.36 -28.34 -7.79
CA PRO L 41 -41.60 -28.90 -7.26
C PRO L 41 -42.03 -28.18 -6.00
N GLY L 42 -43.34 -27.97 -5.87
CA GLY L 42 -43.88 -27.20 -4.77
C GLY L 42 -43.59 -25.72 -4.85
N GLN L 43 -43.26 -25.21 -6.04
CA GLN L 43 -42.89 -23.82 -6.23
C GLN L 43 -43.66 -23.24 -7.40
N GLY L 44 -43.39 -21.97 -7.69
CA GLY L 44 -43.83 -21.35 -8.91
C GLY L 44 -42.93 -21.73 -10.08
N LEU L 45 -43.05 -20.98 -11.16
CA LEU L 45 -42.32 -21.27 -12.38
C LEU L 45 -41.60 -20.02 -12.84
N GLU L 46 -40.39 -20.20 -13.37
CA GLU L 46 -39.63 -19.10 -13.95
C GLU L 46 -39.27 -19.44 -15.38
N TRP L 47 -39.76 -18.64 -16.31
CA TRP L 47 -39.20 -18.59 -17.66
C TRP L 47 -37.73 -18.22 -17.59
N MET L 48 -36.93 -18.77 -18.49
CA MET L 48 -35.49 -18.63 -18.35
C MET L 48 -34.75 -18.38 -19.65
N GLY L 49 -35.45 -18.10 -20.74
CA GLY L 49 -34.79 -17.85 -22.00
C GLY L 49 -35.70 -18.20 -23.16
N TRP L 50 -35.64 -17.38 -24.19
CA TRP L 50 -36.43 -17.60 -25.41
C TRP L 50 -35.55 -17.29 -26.61
N ILE L 51 -35.46 -18.23 -27.54
CA ILE L 51 -34.87 -17.95 -28.85
C ILE L 51 -35.97 -17.88 -29.90
N SER L 52 -35.78 -17.00 -30.88
CA SER L 52 -36.48 -17.09 -32.14
C SER L 52 -35.77 -18.14 -32.97
N ALA L 53 -36.53 -19.06 -33.55
CA ALA L 53 -35.95 -19.97 -34.52
C ALA L 53 -35.71 -19.30 -35.86
N TYR L 54 -36.27 -18.10 -36.04
CA TYR L 54 -36.12 -17.36 -37.29
C TYR L 54 -34.67 -17.00 -37.55
N ASN L 55 -34.05 -16.23 -36.65
CA ASN L 55 -32.61 -15.97 -36.77
C ASN L 55 -32.00 -15.80 -35.38
N GLY L 56 -31.58 -16.92 -34.78
CA GLY L 56 -30.62 -17.01 -33.68
C GLY L 56 -30.63 -16.00 -32.55
N ASN L 57 -31.78 -15.40 -32.27
CA ASN L 57 -31.86 -14.29 -31.33
C ASN L 57 -31.90 -14.87 -29.92
N THR L 58 -30.81 -14.68 -29.18
CA THR L 58 -30.56 -15.49 -27.98
C THR L 58 -31.52 -15.12 -26.85
N ASN L 59 -31.45 -13.87 -26.37
CA ASN L 59 -32.45 -13.22 -25.52
C ASN L 59 -32.72 -13.99 -24.22
N TYR L 60 -31.70 -14.06 -23.36
CA TYR L 60 -31.81 -14.85 -22.15
C TYR L 60 -32.48 -14.05 -21.05
N ALA L 61 -32.49 -14.60 -19.83
CA ALA L 61 -33.20 -14.02 -18.69
C ALA L 61 -32.22 -13.49 -17.65
N GLN L 62 -32.79 -12.97 -16.56
CA GLN L 62 -32.01 -12.46 -15.46
C GLN L 62 -31.62 -13.60 -14.51
N LYS L 63 -30.47 -13.43 -13.84
CA LYS L 63 -29.79 -14.28 -12.85
C LYS L 63 -29.07 -15.44 -13.51
N LEU L 64 -29.15 -15.57 -14.84
CA LEU L 64 -28.44 -16.61 -15.57
C LEU L 64 -28.35 -16.11 -17.02
N GLN L 65 -27.14 -15.82 -17.47
CA GLN L 65 -26.95 -14.96 -18.64
C GLN L 65 -26.27 -15.63 -19.84
N GLY L 66 -25.04 -16.21 -19.75
CA GLY L 66 -24.24 -16.54 -18.59
C GLY L 66 -24.31 -18.04 -18.35
N ARG L 67 -25.15 -18.43 -17.41
CA ARG L 67 -25.33 -19.85 -17.13
C ARG L 67 -26.02 -20.57 -18.29
N VAL L 68 -27.03 -19.97 -18.88
CA VAL L 68 -27.78 -20.58 -19.97
C VAL L 68 -27.07 -20.42 -21.30
N THR L 69 -27.21 -21.44 -22.16
CA THR L 69 -27.00 -21.37 -23.60
C THR L 69 -28.21 -21.99 -24.28
N MET L 70 -28.64 -21.39 -25.40
CA MET L 70 -29.79 -21.87 -26.16
C MET L 70 -29.54 -21.66 -27.64
N THR L 71 -29.59 -22.74 -28.42
CA THR L 71 -29.39 -22.69 -29.86
C THR L 71 -30.57 -23.34 -30.56
N THR L 72 -30.53 -23.33 -31.88
CA THR L 72 -31.47 -24.05 -32.72
C THR L 72 -30.75 -25.20 -33.43
N ASP L 73 -31.53 -26.09 -34.00
CA ASP L 73 -31.01 -27.22 -34.76
C ASP L 73 -31.88 -27.42 -36.00
N THR L 74 -32.30 -26.33 -36.63
CA THR L 74 -33.52 -26.33 -37.44
C THR L 74 -33.52 -27.14 -38.74
N SER L 75 -32.53 -28.00 -38.94
CA SER L 75 -32.72 -29.15 -39.81
C SER L 75 -33.90 -29.98 -39.34
N THR L 76 -33.78 -30.58 -38.16
CA THR L 76 -34.89 -31.18 -37.45
C THR L 76 -35.38 -30.14 -36.46
N SER L 77 -36.69 -30.01 -36.33
CA SER L 77 -37.34 -28.87 -35.66
C SER L 77 -37.00 -28.72 -34.12
N THR L 78 -36.12 -29.56 -33.59
CA THR L 78 -35.63 -29.50 -32.23
C THR L 78 -35.00 -28.15 -31.90
N ALA L 79 -35.03 -27.82 -30.61
CA ALA L 79 -34.26 -26.71 -30.05
C ALA L 79 -33.62 -27.22 -28.78
N TYR L 80 -32.60 -26.52 -28.29
CA TYR L 80 -31.83 -27.02 -27.18
C TYR L 80 -31.54 -25.95 -26.14
N MET L 81 -31.31 -26.42 -24.92
CA MET L 81 -30.91 -25.56 -23.79
C MET L 81 -29.94 -26.33 -22.92
N GLU L 82 -28.72 -25.82 -22.81
CA GLU L 82 -27.81 -26.31 -21.80
C GLU L 82 -27.84 -25.41 -20.57
N LEU L 83 -26.86 -25.60 -19.71
CA LEU L 83 -26.68 -24.75 -18.55
C LEU L 83 -25.18 -24.69 -18.29
N ARG L 84 -24.78 -23.88 -17.33
CA ARG L 84 -23.38 -23.79 -16.93
C ARG L 84 -23.32 -23.40 -15.47
N SER L 85 -22.32 -23.95 -14.76
CA SER L 85 -22.12 -23.80 -13.32
C SER L 85 -23.40 -24.21 -12.57
N LEU L 86 -23.69 -25.50 -12.66
CA LEU L 86 -24.94 -26.04 -12.17
C LEU L 86 -24.92 -26.06 -10.64
N ARG L 87 -26.11 -26.20 -10.05
CA ARG L 87 -26.30 -25.84 -8.65
C ARG L 87 -27.58 -26.50 -8.16
N SER L 88 -27.60 -26.82 -6.86
CA SER L 88 -28.70 -27.56 -6.26
C SER L 88 -29.99 -26.75 -6.09
N ASP L 89 -30.01 -25.49 -6.49
CA ASP L 89 -31.26 -24.78 -6.65
C ASP L 89 -32.00 -25.19 -7.92
N ASP L 90 -31.27 -25.74 -8.89
CA ASP L 90 -31.82 -26.14 -10.18
C ASP L 90 -32.31 -27.59 -10.15
N THR L 91 -33.07 -27.93 -9.11
CA THR L 91 -33.73 -29.22 -9.01
C THR L 91 -35.14 -28.98 -9.53
N ALA L 92 -35.25 -28.84 -10.85
CA ALA L 92 -36.45 -28.29 -11.44
C ALA L 92 -36.84 -29.10 -12.66
N VAL L 93 -38.14 -29.11 -12.95
CA VAL L 93 -38.66 -29.68 -14.18
C VAL L 93 -38.48 -28.60 -15.24
N TYR L 94 -37.84 -28.96 -16.35
CA TYR L 94 -37.59 -27.99 -17.40
C TYR L 94 -38.57 -28.21 -18.52
N TYR L 95 -39.41 -27.21 -18.77
CA TYR L 95 -40.37 -27.27 -19.85
C TYR L 95 -39.92 -26.34 -20.96
N CYS L 96 -40.10 -26.78 -22.20
CA CYS L 96 -39.99 -25.91 -23.35
C CYS L 96 -41.36 -25.71 -23.97
N ALA L 97 -41.60 -24.52 -24.51
CA ALA L 97 -42.83 -24.22 -25.21
C ALA L 97 -42.57 -23.12 -26.23
N ARG L 98 -43.61 -22.80 -27.00
CA ARG L 98 -43.48 -22.05 -28.25
C ARG L 98 -44.08 -20.67 -28.05
N GLU L 99 -43.22 -19.68 -27.88
CA GLU L 99 -43.67 -18.32 -27.70
C GLU L 99 -44.00 -17.64 -29.01
N GLY L 100 -43.68 -18.28 -30.13
CA GLY L 100 -43.79 -17.63 -31.41
C GLY L 100 -42.57 -16.76 -31.66
N ALA L 101 -42.05 -16.79 -32.88
CA ALA L 101 -40.91 -15.97 -33.22
C ALA L 101 -41.33 -14.52 -33.25
N TYR L 102 -40.60 -13.67 -32.55
CA TYR L 102 -40.91 -12.25 -32.53
C TYR L 102 -40.07 -11.50 -33.54
N GLY L 103 -40.09 -12.01 -34.74
CA GLY L 103 -39.43 -11.41 -35.86
C GLY L 103 -40.40 -10.63 -36.69
N TYR L 104 -40.28 -10.77 -37.99
CA TYR L 104 -41.09 -9.96 -38.88
C TYR L 104 -42.07 -10.77 -39.73
N ARG L 105 -41.69 -11.96 -40.16
CA ARG L 105 -42.58 -12.81 -40.94
C ARG L 105 -43.38 -13.78 -40.08
N SER L 106 -43.39 -13.61 -38.78
CA SER L 106 -43.88 -14.66 -37.92
C SER L 106 -45.18 -14.24 -37.24
N PRO L 107 -46.18 -15.11 -37.23
CA PRO L 107 -47.53 -14.71 -36.79
C PRO L 107 -47.58 -14.37 -35.32
N TYR L 108 -48.58 -13.54 -35.02
CA TYR L 108 -48.83 -13.02 -33.68
C TYR L 108 -49.07 -14.14 -32.71
N HIS L 109 -48.28 -14.17 -31.64
CA HIS L 109 -48.26 -15.29 -30.72
C HIS L 109 -47.72 -14.76 -29.41
N ASN L 110 -48.38 -15.08 -28.30
CA ASN L 110 -47.95 -14.57 -27.01
C ASN L 110 -48.05 -15.65 -25.94
N TRP L 111 -48.31 -16.90 -26.33
CA TRP L 111 -49.15 -17.69 -25.45
C TRP L 111 -48.80 -19.15 -25.23
N PHE L 112 -47.66 -19.65 -25.73
CA PHE L 112 -47.12 -20.97 -25.38
C PHE L 112 -48.09 -22.11 -25.73
N ASP L 113 -48.26 -22.35 -27.04
CA ASP L 113 -49.18 -23.44 -27.42
C ASP L 113 -48.57 -24.71 -28.02
N PRO L 114 -47.51 -25.35 -27.47
CA PRO L 114 -47.29 -26.77 -27.78
C PRO L 114 -47.30 -27.76 -26.61
N TRP L 115 -47.33 -27.27 -25.36
CA TRP L 115 -46.38 -27.63 -24.30
C TRP L 115 -45.79 -29.04 -24.26
N GLY L 116 -44.45 -29.08 -24.16
CA GLY L 116 -43.74 -30.33 -23.95
C GLY L 116 -44.02 -30.94 -22.60
N GLN L 117 -43.68 -32.22 -22.50
CA GLN L 117 -44.08 -33.05 -21.37
C GLN L 117 -43.20 -32.87 -20.14
N GLY L 118 -42.03 -32.27 -20.28
CA GLY L 118 -41.18 -32.01 -19.14
C GLY L 118 -39.93 -32.85 -19.09
N THR L 119 -39.04 -32.47 -18.17
CA THR L 119 -37.72 -33.06 -18.06
C THR L 119 -37.29 -32.97 -16.60
N LEU L 120 -37.24 -34.13 -15.93
CA LEU L 120 -36.92 -34.17 -14.50
C LEU L 120 -35.42 -34.03 -14.30
N VAL L 121 -34.99 -32.86 -13.85
CA VAL L 121 -33.58 -32.58 -13.62
C VAL L 121 -33.42 -32.11 -12.18
N THR L 122 -32.63 -32.86 -11.41
CA THR L 122 -32.32 -32.43 -10.04
C THR L 122 -30.80 -32.33 -9.94
N VAL L 123 -30.29 -31.17 -9.54
CA VAL L 123 -28.81 -31.05 -9.57
C VAL L 123 -28.27 -31.50 -8.21
N SER L 124 -27.95 -32.81 -8.11
CA SER L 124 -27.46 -33.41 -6.84
C SER L 124 -26.25 -34.26 -7.14
N SER L 125 -25.27 -34.22 -6.25
CA SER L 125 -24.00 -34.97 -6.50
C SER L 125 -23.99 -36.28 -5.72
N ALA L 126 -25.15 -36.72 -5.24
CA ALA L 126 -25.22 -37.97 -4.49
C ALA L 126 -24.99 -39.16 -5.42
N LYS L 127 -24.82 -40.32 -4.81
CA LYS L 127 -24.60 -41.54 -5.58
C LYS L 127 -25.91 -42.31 -5.72
N THR L 128 -26.09 -42.90 -6.90
CA THR L 128 -27.28 -43.70 -7.19
C THR L 128 -27.25 -44.96 -6.34
N THR L 129 -28.27 -45.12 -5.48
CA THR L 129 -28.24 -46.14 -4.46
C THR L 129 -29.62 -46.80 -4.33
N ALA L 130 -29.60 -48.01 -3.79
CA ALA L 130 -30.79 -48.75 -3.44
C ALA L 130 -31.48 -48.08 -2.26
N PRO L 131 -32.79 -48.27 -2.11
CA PRO L 131 -33.46 -47.80 -0.90
C PRO L 131 -33.20 -48.73 0.27
N SER L 132 -33.76 -48.35 1.42
CA SER L 132 -33.62 -49.13 2.64
C SER L 132 -34.99 -49.12 3.33
N VAL L 133 -35.69 -50.24 3.23
CA VAL L 133 -37.09 -50.30 3.62
C VAL L 133 -37.19 -50.58 5.11
N TYR L 134 -37.89 -49.71 5.84
CA TYR L 134 -37.94 -49.78 7.30
C TYR L 134 -39.35 -49.65 7.88
N PRO L 135 -40.14 -50.73 7.85
CA PRO L 135 -41.47 -50.68 8.47
C PRO L 135 -41.57 -51.25 9.88
N LEU L 136 -42.75 -51.09 10.47
CA LEU L 136 -43.51 -52.23 10.97
C LEU L 136 -44.97 -52.12 10.60
N ALA L 137 -45.67 -53.20 10.86
CA ALA L 137 -47.06 -53.44 10.67
C ALA L 137 -47.41 -54.61 11.57
N PRO L 138 -47.90 -54.35 12.78
CA PRO L 138 -48.85 -55.28 13.39
C PRO L 138 -49.85 -55.81 12.38
N THR L 143 -53.20 -48.62 20.69
CA THR L 143 -53.34 -50.06 20.84
C THR L 143 -54.71 -50.43 21.39
N THR L 144 -55.65 -49.49 21.26
CA THR L 144 -57.07 -49.76 21.52
C THR L 144 -57.97 -49.32 20.38
N GLY L 145 -57.44 -48.64 19.36
CA GLY L 145 -58.28 -48.16 18.28
C GLY L 145 -58.71 -49.28 17.35
N SER L 146 -59.98 -49.20 16.94
CA SER L 146 -60.52 -50.17 15.99
C SER L 146 -59.89 -50.00 14.60
N SER L 147 -59.54 -48.76 14.25
CA SER L 147 -58.87 -48.51 12.98
C SER L 147 -57.38 -48.73 13.11
N VAL L 148 -56.85 -49.71 12.38
CA VAL L 148 -55.42 -49.98 12.33
C VAL L 148 -55.00 -49.91 10.87
N THR L 149 -54.19 -48.92 10.55
CA THR L 149 -53.60 -48.77 9.22
C THR L 149 -52.43 -49.74 9.07
N LEU L 150 -51.56 -49.47 8.08
CA LEU L 150 -50.15 -49.84 8.15
C LEU L 150 -49.36 -49.12 7.06
N GLY L 151 -48.07 -49.40 7.04
CA GLY L 151 -47.24 -48.94 5.95
C GLY L 151 -45.78 -49.27 6.17
N CYS L 152 -44.96 -48.87 5.20
CA CYS L 152 -43.52 -48.96 5.27
C CYS L 152 -42.90 -47.57 5.30
N LEU L 153 -41.60 -47.52 5.58
CA LEU L 153 -40.77 -46.36 5.31
C LEU L 153 -39.74 -46.76 4.26
N VAL L 154 -39.37 -45.82 3.40
CA VAL L 154 -38.36 -46.02 2.36
C VAL L 154 -37.24 -45.04 2.61
N LYS L 155 -36.07 -45.55 3.01
CA LYS L 155 -34.96 -44.70 3.43
C LYS L 155 -33.82 -44.75 2.43
N GLY L 156 -33.29 -43.56 2.12
CA GLY L 156 -31.98 -43.39 1.53
C GLY L 156 -31.82 -43.95 0.13
N TYR L 157 -32.63 -43.49 -0.81
CA TYR L 157 -32.46 -43.89 -2.20
C TYR L 157 -32.14 -42.66 -3.02
N PHE L 158 -31.53 -42.90 -4.18
CA PHE L 158 -31.15 -41.86 -5.09
C PHE L 158 -31.02 -42.50 -6.46
N PRO L 159 -31.52 -41.87 -7.53
CA PRO L 159 -32.35 -40.66 -7.51
C PRO L 159 -33.82 -40.99 -7.37
N GLU L 160 -34.66 -40.05 -7.78
CA GLU L 160 -36.08 -40.31 -7.93
C GLU L 160 -36.32 -41.29 -9.07
N PRO L 161 -37.45 -42.02 -9.05
CA PRO L 161 -38.36 -42.31 -7.93
C PRO L 161 -38.34 -43.79 -7.54
N VAL L 162 -39.12 -44.14 -6.51
CA VAL L 162 -39.43 -45.52 -6.20
C VAL L 162 -40.87 -45.82 -6.62
N THR L 163 -41.20 -47.10 -6.60
CA THR L 163 -42.57 -47.57 -6.81
C THR L 163 -42.98 -48.39 -5.60
N LEU L 164 -44.15 -48.09 -5.03
CA LEU L 164 -44.61 -48.77 -3.82
C LEU L 164 -45.98 -49.36 -4.09
N THR L 165 -46.04 -50.68 -4.21
CA THR L 165 -47.30 -51.39 -4.33
C THR L 165 -47.48 -52.28 -3.12
N TRP L 166 -48.71 -52.75 -2.93
CA TRP L 166 -49.16 -53.30 -1.66
C TRP L 166 -49.89 -54.61 -1.89
N ASN L 167 -49.35 -55.70 -1.36
CA ASN L 167 -49.69 -57.08 -1.73
C ASN L 167 -49.63 -57.23 -3.25
N SER L 168 -48.49 -56.77 -3.79
CA SER L 168 -48.25 -56.60 -5.22
C SER L 168 -49.34 -55.75 -5.88
N GLY L 169 -49.78 -54.70 -5.19
CA GLY L 169 -50.79 -53.81 -5.70
C GLY L 169 -52.21 -54.27 -5.54
N SER L 170 -52.44 -55.52 -5.12
CA SER L 170 -53.80 -56.04 -5.02
C SER L 170 -54.59 -55.38 -3.90
N LEU L 171 -53.94 -55.16 -2.76
CA LEU L 171 -54.46 -54.21 -1.79
C LEU L 171 -54.38 -52.82 -2.43
N SER L 172 -55.55 -52.22 -2.68
CA SER L 172 -55.61 -50.97 -3.43
C SER L 172 -56.38 -49.86 -2.73
N SER L 173 -57.45 -50.17 -2.01
CA SER L 173 -58.14 -49.18 -1.19
C SER L 173 -57.27 -48.86 0.02
N GLY L 174 -57.14 -47.58 0.32
CA GLY L 174 -56.22 -47.15 1.34
C GLY L 174 -54.80 -46.92 0.88
N VAL L 175 -54.46 -47.31 -0.35
CA VAL L 175 -53.11 -47.07 -0.85
C VAL L 175 -52.96 -45.59 -1.16
N HIS L 176 -51.96 -44.98 -0.53
CA HIS L 176 -51.60 -43.58 -0.75
C HIS L 176 -50.07 -43.57 -0.75
N THR L 177 -49.49 -43.28 -1.90
CA THR L 177 -48.06 -43.52 -2.14
C THR L 177 -47.36 -42.20 -2.43
N PHE L 178 -46.25 -41.95 -1.75
CA PHE L 178 -45.96 -40.57 -1.41
C PHE L 178 -44.77 -40.02 -2.18
N PRO L 179 -44.86 -38.77 -2.62
CA PRO L 179 -43.68 -38.07 -3.13
C PRO L 179 -42.63 -37.91 -2.03
N ALA L 180 -41.38 -37.91 -2.46
CA ALA L 180 -40.30 -37.95 -1.50
C ALA L 180 -39.92 -36.56 -1.00
N VAL L 181 -38.79 -36.52 -0.30
CA VAL L 181 -38.17 -35.27 0.14
C VAL L 181 -36.67 -35.51 0.10
N LEU L 182 -35.93 -34.47 -0.26
CA LEU L 182 -34.50 -34.54 -0.44
C LEU L 182 -33.83 -34.31 0.91
N GLN L 183 -32.89 -35.19 1.28
CA GLN L 183 -32.27 -35.14 2.60
C GLN L 183 -31.37 -33.91 2.76
N SER L 184 -30.90 -33.72 3.99
CA SER L 184 -29.71 -32.90 4.20
C SER L 184 -28.47 -33.53 3.59
N ASP L 185 -28.43 -34.86 3.52
CA ASP L 185 -27.33 -35.61 2.91
C ASP L 185 -27.56 -35.88 1.43
N LEU L 186 -28.47 -35.14 0.79
CA LEU L 186 -28.78 -35.19 -0.65
C LEU L 186 -29.34 -36.54 -1.09
N TYR L 187 -30.01 -37.28 -0.22
CA TYR L 187 -30.71 -38.49 -0.62
C TYR L 187 -32.21 -38.30 -0.44
N THR L 188 -32.98 -39.30 -0.81
CA THR L 188 -34.42 -39.18 -0.83
C THR L 188 -35.11 -40.23 0.04
N LEU L 189 -36.28 -39.86 0.55
CA LEU L 189 -36.97 -40.57 1.63
C LEU L 189 -38.46 -40.58 1.36
N SER L 190 -39.10 -41.75 1.48
CA SER L 190 -40.53 -41.81 1.24
C SER L 190 -41.18 -42.89 2.08
N SER L 191 -42.47 -43.07 1.85
CA SER L 191 -43.33 -43.99 2.59
C SER L 191 -44.64 -44.16 1.81
N SER L 192 -45.53 -44.98 2.37
CA SER L 192 -46.88 -45.14 1.83
C SER L 192 -47.79 -45.77 2.89
N VAL L 193 -49.08 -45.44 2.84
CA VAL L 193 -50.05 -45.96 3.80
C VAL L 193 -50.92 -47.01 3.11
N THR L 194 -51.49 -47.89 3.95
CA THR L 194 -52.65 -48.72 3.63
C THR L 194 -53.53 -48.78 4.87
N VAL L 195 -54.71 -49.36 4.73
CA VAL L 195 -55.68 -49.44 5.83
C VAL L 195 -56.18 -50.87 5.98
N THR L 196 -56.21 -51.32 7.24
CA THR L 196 -56.96 -52.46 7.73
C THR L 196 -57.88 -51.96 8.85
N SER L 197 -58.45 -52.88 9.61
CA SER L 197 -58.96 -52.52 10.92
C SER L 197 -58.19 -53.29 11.99
N SER L 198 -58.65 -53.19 13.24
CA SER L 198 -58.20 -54.07 14.31
C SER L 198 -58.68 -55.50 14.13
N THR L 199 -59.67 -55.72 13.25
CA THR L 199 -60.28 -57.02 13.02
C THR L 199 -59.64 -57.77 11.86
N TRP L 200 -58.39 -57.46 11.50
CA TRP L 200 -57.70 -58.17 10.42
C TRP L 200 -56.33 -58.67 10.84
N PRO L 201 -56.26 -59.63 11.79
CA PRO L 201 -54.94 -60.17 12.14
C PRO L 201 -54.37 -61.09 11.07
N SER L 202 -55.21 -61.66 10.21
CA SER L 202 -54.76 -62.49 9.10
C SER L 202 -54.72 -61.73 7.79
N GLN L 203 -54.05 -60.58 7.77
CA GLN L 203 -53.77 -59.85 6.53
C GLN L 203 -52.28 -59.60 6.46
N SER L 204 -51.56 -60.59 5.95
CA SER L 204 -50.14 -60.46 5.69
C SER L 204 -49.91 -59.51 4.52
N ILE L 205 -49.39 -58.32 4.82
CA ILE L 205 -49.34 -57.23 3.85
C ILE L 205 -47.89 -56.80 3.69
N THR L 206 -47.43 -56.74 2.44
CA THR L 206 -46.08 -56.34 2.10
C THR L 206 -46.12 -55.04 1.31
N CYS L 207 -45.18 -54.14 1.59
CA CYS L 207 -44.81 -53.14 0.61
C CYS L 207 -43.88 -53.76 -0.41
N ASN L 208 -44.13 -53.47 -1.66
CA ASN L 208 -43.40 -54.09 -2.77
C ASN L 208 -42.65 -52.96 -3.46
N VAL L 209 -41.40 -52.78 -3.06
CA VAL L 209 -40.62 -51.60 -3.39
C VAL L 209 -39.78 -51.91 -4.60
N ALA L 210 -39.66 -50.95 -5.52
CA ALA L 210 -38.75 -51.08 -6.64
C ALA L 210 -38.23 -49.70 -7.02
N HIS L 211 -36.92 -49.52 -6.90
CA HIS L 211 -36.23 -48.31 -7.36
C HIS L 211 -35.50 -48.67 -8.64
N PRO L 212 -36.09 -48.37 -9.81
CA PRO L 212 -35.53 -48.85 -11.08
C PRO L 212 -34.25 -48.16 -11.50
N ALA L 213 -33.96 -46.97 -10.97
CA ALA L 213 -32.70 -46.32 -11.31
C ALA L 213 -31.52 -47.02 -10.65
N SER L 214 -31.74 -47.66 -9.51
CA SER L 214 -30.79 -48.62 -8.97
C SER L 214 -31.13 -50.05 -9.35
N SER L 215 -32.31 -50.28 -9.94
CA SER L 215 -32.82 -51.59 -10.35
C SER L 215 -32.87 -52.57 -9.18
N THR L 216 -33.23 -52.07 -8.01
CA THR L 216 -33.28 -52.87 -6.79
C THR L 216 -34.73 -52.98 -6.31
N LYS L 217 -35.07 -54.17 -5.83
CA LYS L 217 -36.43 -54.50 -5.44
C LYS L 217 -36.44 -55.12 -4.04
N VAL L 218 -37.28 -54.57 -3.17
CA VAL L 218 -37.50 -55.14 -1.84
C VAL L 218 -38.99 -55.39 -1.68
N ASP L 219 -39.36 -56.63 -1.37
CA ASP L 219 -40.73 -56.99 -1.06
C ASP L 219 -40.78 -57.35 0.42
N LYS L 220 -41.05 -56.36 1.25
CA LYS L 220 -40.82 -56.44 2.70
C LYS L 220 -42.01 -57.15 3.36
N LYS L 221 -41.81 -58.41 3.74
CA LYS L 221 -42.79 -59.10 4.56
C LYS L 221 -42.71 -58.58 5.99
N ILE L 222 -43.85 -58.17 6.54
CA ILE L 222 -43.88 -57.45 7.81
C ILE L 222 -44.67 -58.26 8.82
N GLU L 223 -44.18 -58.33 10.06
CA GLU L 223 -44.78 -59.08 11.14
C GLU L 223 -44.57 -58.36 12.46
N PRO L 224 -45.59 -58.30 13.32
CA PRO L 224 -45.37 -57.81 14.69
C PRO L 224 -44.57 -58.79 15.53
N ARG L 225 -44.18 -58.37 16.72
CA ARG L 225 -43.44 -59.22 17.65
C ARG L 225 -44.39 -59.71 18.73
N GLY L 226 -43.82 -60.40 19.72
CA GLY L 226 -44.60 -61.05 20.76
C GLY L 226 -45.23 -60.07 21.73
N PRO L 227 -46.55 -60.15 21.91
CA PRO L 227 -47.21 -59.38 22.96
C PRO L 227 -47.28 -60.18 24.26
N THR L 228 -47.81 -59.51 25.29
CA THR L 228 -48.02 -60.05 26.65
C THR L 228 -46.76 -60.67 27.26
N GLN M 1 29.89 -25.04 -1.67
CA GLN M 1 29.76 -23.85 -2.49
C GLN M 1 29.56 -22.60 -1.65
N VAL M 2 28.88 -21.62 -2.24
CA VAL M 2 28.54 -20.40 -1.54
C VAL M 2 27.40 -20.72 -0.57
N GLN M 3 27.67 -20.61 0.72
CA GLN M 3 26.67 -20.91 1.74
C GLN M 3 26.69 -19.84 2.82
N LEU M 4 25.78 -20.01 3.79
CA LEU M 4 25.91 -19.42 5.11
C LEU M 4 25.44 -20.46 6.13
N VAL M 5 26.35 -20.93 6.95
CA VAL M 5 26.00 -21.77 8.08
C VAL M 5 25.68 -20.85 9.25
N GLN M 6 24.42 -20.81 9.65
CA GLN M 6 24.03 -19.97 10.77
C GLN M 6 24.10 -20.76 12.06
N SER M 7 23.97 -20.03 13.16
CA SER M 7 23.82 -20.58 14.51
C SER M 7 23.32 -19.46 15.40
N GLY M 8 22.28 -19.73 16.19
CA GLY M 8 21.55 -20.98 16.23
C GLY M 8 20.26 -20.72 16.98
N ALA M 9 19.30 -21.65 16.86
CA ALA M 9 17.94 -21.46 17.39
C ALA M 9 17.97 -21.31 18.90
N GLU M 10 17.45 -20.18 19.39
CA GLU M 10 17.60 -19.77 20.77
C GLU M 10 16.47 -18.82 21.15
N VAL M 11 15.98 -18.94 22.38
CA VAL M 11 14.86 -18.13 22.85
C VAL M 11 15.32 -17.31 24.05
N LYS M 12 14.88 -16.04 24.10
CA LYS M 12 15.24 -15.11 25.17
C LYS M 12 14.00 -14.37 25.63
N LYS M 13 14.02 -13.94 26.91
CA LYS M 13 12.76 -13.69 27.59
C LYS M 13 12.04 -12.39 27.20
N PRO M 14 12.29 -11.16 27.79
CA PRO M 14 12.53 -9.98 26.95
C PRO M 14 13.98 -9.50 27.03
N GLY M 15 14.85 -10.30 27.63
CA GLY M 15 16.07 -9.75 28.19
C GLY M 15 17.21 -9.60 27.23
N ALA M 16 18.33 -10.27 27.50
CA ALA M 16 19.51 -10.17 26.65
C ALA M 16 19.25 -10.81 25.29
N SER M 17 20.18 -10.58 24.37
CA SER M 17 19.88 -10.75 22.95
C SER M 17 20.39 -12.10 22.48
N VAL M 18 20.24 -12.32 21.17
CA VAL M 18 20.81 -13.48 20.50
C VAL M 18 21.80 -12.96 19.47
N LYS M 19 23.08 -12.93 19.85
CA LYS M 19 24.12 -12.73 18.85
C LYS M 19 24.09 -13.93 17.91
N VAL M 20 23.58 -13.73 16.70
CA VAL M 20 23.38 -14.84 15.78
C VAL M 20 24.67 -15.02 14.98
N SER M 21 25.29 -16.19 15.14
CA SER M 21 26.45 -16.52 14.32
C SER M 21 26.00 -16.77 12.89
N CYS M 22 26.68 -16.12 11.95
CA CYS M 22 26.37 -16.24 10.53
C CYS M 22 27.68 -16.53 9.82
N LYS M 23 28.06 -17.80 9.77
CA LYS M 23 29.37 -18.19 9.28
C LYS M 23 29.36 -18.29 7.77
N ALA M 24 30.33 -17.65 7.12
CA ALA M 24 30.44 -17.67 5.67
C ALA M 24 31.59 -18.56 5.23
N SER M 25 31.52 -19.00 3.98
CA SER M 25 32.55 -19.83 3.35
C SER M 25 32.34 -19.76 1.85
N GLY M 26 33.14 -20.53 1.13
CA GLY M 26 33.00 -20.61 -0.32
C GLY M 26 33.50 -19.37 -1.03
N TYR M 27 32.76 -18.27 -0.91
CA TYR M 27 33.15 -17.02 -1.54
C TYR M 27 34.16 -16.30 -0.66
N THR M 28 34.99 -15.48 -1.31
CA THR M 28 35.96 -14.68 -0.58
C THR M 28 35.25 -13.60 0.24
N PHE M 29 35.61 -13.49 1.49
CA PHE M 29 34.92 -12.57 2.37
C PHE M 29 35.59 -11.20 2.30
N THR M 30 34.83 -10.17 2.71
CA THR M 30 35.13 -8.72 2.53
C THR M 30 35.26 -8.32 1.06
N ASN M 31 34.86 -9.20 0.16
CA ASN M 31 34.59 -8.81 -1.21
C ASN M 31 33.10 -8.64 -1.36
N TYR M 32 32.34 -8.89 -0.29
CA TYR M 32 30.89 -8.84 -0.28
C TYR M 32 30.45 -8.35 1.09
N GLY M 33 29.13 -8.31 1.29
CA GLY M 33 28.58 -7.79 2.53
C GLY M 33 27.33 -8.50 2.98
N ILE M 34 27.24 -8.78 4.29
CA ILE M 34 26.17 -9.60 4.84
C ILE M 34 25.13 -8.70 5.52
N SER M 35 23.86 -8.98 5.28
CA SER M 35 22.72 -8.29 5.90
C SER M 35 21.91 -9.25 6.77
N TRP M 36 20.76 -8.77 7.22
CA TRP M 36 19.89 -9.49 8.12
C TRP M 36 18.43 -9.21 7.81
N VAL M 37 17.57 -10.21 8.03
CA VAL M 37 16.14 -10.10 7.78
C VAL M 37 15.39 -10.97 8.79
N ARG M 38 14.40 -10.37 9.45
CA ARG M 38 13.47 -11.06 10.32
C ARG M 38 12.29 -11.61 9.53
N GLN M 39 11.74 -12.73 10.01
CA GLN M 39 10.48 -13.22 9.48
C GLN M 39 9.67 -13.82 10.61
N ALA M 40 8.61 -13.15 11.01
CA ALA M 40 7.64 -13.79 11.88
C ALA M 40 6.86 -14.83 11.06
N PRO M 41 6.48 -15.95 11.68
CA PRO M 41 5.75 -16.98 10.93
C PRO M 41 4.34 -16.51 10.58
N GLY M 42 3.91 -16.87 9.37
CA GLY M 42 2.63 -16.40 8.87
C GLY M 42 2.62 -14.95 8.50
N GLN M 43 3.79 -14.34 8.29
CA GLN M 43 3.90 -12.91 8.00
C GLN M 43 4.81 -12.71 6.79
N GLY M 44 5.01 -11.45 6.44
CA GLY M 44 6.02 -11.07 5.49
C GLY M 44 7.39 -11.03 6.15
N LEU M 45 8.33 -10.39 5.46
CA LEU M 45 9.71 -10.34 5.92
C LEU M 45 10.19 -8.90 5.93
N GLU M 46 10.99 -8.55 6.94
CA GLU M 46 11.60 -7.23 7.01
C GLU M 46 13.11 -7.38 7.11
N TRP M 47 13.82 -6.87 6.12
CA TRP M 47 15.24 -6.58 6.26
C TRP M 47 15.46 -5.62 7.42
N MET M 48 16.57 -5.78 8.11
CA MET M 48 16.73 -5.05 9.36
C MET M 48 18.14 -4.51 9.58
N GLY M 49 19.00 -4.54 8.58
CA GLY M 49 20.35 -4.02 8.73
C GLY M 49 21.29 -4.73 7.80
N TRP M 50 22.24 -3.95 7.26
CA TRP M 50 23.26 -4.48 6.35
C TRP M 50 24.58 -3.82 6.70
N ILE M 51 25.61 -4.63 6.92
CA ILE M 51 26.98 -4.13 7.00
C ILE M 51 27.74 -4.52 5.75
N SER M 52 28.63 -3.63 5.31
CA SER M 52 29.71 -4.01 4.42
C SER M 52 30.78 -4.66 5.26
N ALA M 53 31.27 -5.81 4.82
CA ALA M 53 32.44 -6.39 5.46
C ALA M 53 33.71 -5.68 5.06
N TYR M 54 33.64 -4.82 4.04
CA TYR M 54 34.80 -4.08 3.55
C TYR M 54 35.34 -3.14 4.63
N ASN M 55 34.53 -2.19 5.08
CA ASN M 55 34.94 -1.35 6.20
C ASN M 55 33.71 -0.94 7.02
N GLY M 56 33.35 -1.77 8.00
CA GLY M 56 32.51 -1.46 9.15
C GLY M 56 31.30 -0.56 9.01
N ASN M 57 30.70 -0.50 7.83
CA ASN M 57 29.66 0.47 7.53
C ASN M 57 28.35 -0.09 8.09
N THR M 58 27.86 0.54 9.16
CA THR M 58 26.83 -0.08 10.00
C THR M 58 25.49 -0.16 9.29
N ASN M 59 24.89 1.01 8.97
CA ASN M 59 23.77 1.16 8.03
C ASN M 59 22.54 0.35 8.44
N TYR M 60 21.96 0.72 9.58
CA TYR M 60 20.83 -0.05 10.11
C TYR M 60 19.53 0.39 9.47
N ALA M 61 18.42 -0.11 9.98
CA ALA M 61 17.09 0.11 9.41
C ALA M 61 16.24 0.99 10.32
N GLN M 62 15.00 1.21 9.87
CA GLN M 62 14.06 2.00 10.63
C GLN M 62 13.35 1.13 11.67
N LYS M 63 12.93 1.76 12.78
CA LYS M 63 12.22 1.28 13.97
C LYS M 63 13.15 0.53 14.91
N LEU M 64 14.43 0.38 14.56
CA LEU M 64 15.42 -0.25 15.42
C LEU M 64 16.78 0.23 14.94
N GLN M 65 17.46 1.02 15.77
CA GLN M 65 18.55 1.88 15.30
C GLN M 65 19.93 1.56 15.87
N GLY M 66 20.18 1.56 17.20
CA GLY M 66 19.27 1.58 18.33
C GLY M 66 19.20 0.20 18.94
N ARG M 67 18.14 -0.52 18.59
CA ARG M 67 17.98 -1.88 19.09
C ARG M 67 19.02 -2.82 18.48
N VAL M 68 19.31 -2.69 17.20
CA VAL M 68 20.26 -3.56 16.52
C VAL M 68 21.69 -3.12 16.75
N THR M 69 22.60 -4.10 16.81
CA THR M 69 24.04 -3.93 16.62
C THR M 69 24.49 -5.00 15.64
N MET M 70 25.41 -4.64 14.73
CA MET M 70 25.95 -5.55 13.74
C MET M 70 27.42 -5.25 13.50
N THR M 71 28.27 -6.25 13.70
CA THR M 71 29.70 -6.11 13.49
C THR M 71 30.18 -7.21 12.56
N THR M 72 31.48 -7.16 12.25
CA THR M 72 32.15 -8.21 11.51
C THR M 72 33.12 -8.95 12.43
N ASP M 73 33.60 -10.08 11.96
CA ASP M 73 34.57 -10.88 12.68
C ASP M 73 35.60 -11.44 11.70
N THR M 74 35.99 -10.62 10.72
CA THR M 74 36.51 -11.12 9.44
C THR M 74 37.84 -11.85 9.45
N SER M 75 38.36 -12.22 10.64
CA SER M 75 39.29 -13.34 10.71
C SER M 75 38.65 -14.59 10.13
N THR M 76 37.61 -15.08 10.78
CA THR M 76 36.73 -16.10 10.23
C THR M 76 35.55 -15.37 9.62
N SER M 77 35.12 -15.80 8.44
CA SER M 77 34.21 -15.04 7.58
C SER M 77 32.77 -14.77 8.19
N THR M 78 32.55 -15.16 9.44
CA THR M 78 31.33 -14.91 10.19
C THR M 78 31.01 -13.42 10.28
N ALA M 79 29.72 -13.13 10.43
CA ALA M 79 29.23 -11.82 10.80
C ALA M 79 28.19 -12.01 11.89
N TYR M 80 27.88 -10.94 12.62
CA TYR M 80 27.03 -11.08 13.79
C TYR M 80 25.96 -10.00 13.86
N MET M 81 24.88 -10.31 14.56
CA MET M 81 23.79 -9.39 14.84
C MET M 81 23.25 -9.67 16.22
N GLU M 82 23.36 -8.70 17.12
CA GLU M 82 22.65 -8.76 18.37
C GLU M 82 21.35 -7.96 18.29
N LEU M 83 20.75 -7.73 19.44
CA LEU M 83 19.58 -6.88 19.54
C LEU M 83 19.67 -6.20 20.90
N ARG M 84 18.74 -5.30 21.16
CA ARG M 84 18.65 -4.64 22.45
C ARG M 84 17.21 -4.26 22.71
N SER M 85 16.81 -4.33 23.99
CA SER M 85 15.44 -4.13 24.47
C SER M 85 14.47 -5.03 23.71
N LEU M 86 14.64 -6.34 23.95
CA LEU M 86 13.93 -7.36 23.19
C LEU M 86 12.46 -7.36 23.59
N ARG M 87 11.64 -7.99 22.75
CA ARG M 87 10.20 -7.76 22.80
C ARG M 87 9.51 -8.90 22.06
N SER M 88 8.29 -9.21 22.49
CA SER M 88 7.53 -10.34 21.98
C SER M 88 6.99 -10.15 20.56
N ASP M 89 7.24 -9.00 19.93
CA ASP M 89 7.03 -8.90 18.50
C ASP M 89 8.14 -9.57 17.70
N ASP M 90 9.30 -9.75 18.32
CA ASP M 90 10.47 -10.35 17.67
C ASP M 90 10.48 -11.86 17.85
N THR M 91 9.35 -12.49 17.59
CA THR M 91 9.25 -13.95 17.55
C THR M 91 9.41 -14.32 16.08
N ALA M 92 10.65 -14.24 15.59
CA ALA M 92 10.89 -14.25 14.16
C ALA M 92 12.07 -15.14 13.86
N VAL M 93 12.06 -15.68 12.65
CA VAL M 93 13.19 -16.42 12.11
C VAL M 93 14.15 -15.36 11.56
N TYR M 94 15.39 -15.41 11.99
CA TYR M 94 16.36 -14.42 11.56
C TYR M 94 17.26 -15.03 10.50
N TYR M 95 17.19 -14.49 9.30
CA TYR M 95 18.04 -14.93 8.21
C TYR M 95 19.12 -13.90 7.94
N CYS M 96 20.32 -14.36 7.66
CA CYS M 96 21.36 -13.51 7.12
C CYS M 96 21.64 -13.92 5.68
N ALA M 97 21.97 -12.94 4.85
CA ALA M 97 22.35 -13.18 3.47
C ALA M 97 23.27 -12.07 3.00
N ARG M 98 23.75 -12.21 1.76
CA ARG M 98 24.91 -11.48 1.26
C ARG M 98 24.43 -10.48 0.22
N GLU M 99 24.34 -9.21 0.62
CA GLU M 99 23.92 -8.17 -0.29
C GLU M 99 25.04 -7.69 -1.18
N GLY M 100 26.27 -8.13 -0.93
CA GLY M 100 27.42 -7.57 -1.60
C GLY M 100 27.83 -6.28 -0.96
N ALA M 101 29.13 -6.09 -0.79
CA ALA M 101 29.63 -4.86 -0.20
C ALA M 101 29.41 -3.71 -1.17
N TYR M 102 28.80 -2.65 -0.69
CA TYR M 102 28.55 -1.49 -1.54
C TYR M 102 29.64 -0.44 -1.35
N GLY M 103 30.86 -0.92 -1.46
CA GLY M 103 32.03 -0.09 -1.41
C GLY M 103 32.52 0.22 -2.80
N TYR M 104 33.83 0.15 -2.96
CA TYR M 104 34.42 0.55 -4.22
C TYR M 104 35.11 -0.59 -4.96
N ARG M 105 35.74 -1.53 -4.25
CA ARG M 105 36.38 -2.66 -4.88
C ARG M 105 35.48 -3.88 -4.98
N SER M 106 34.20 -3.73 -4.72
CA SER M 106 33.37 -4.90 -4.51
C SER M 106 32.38 -5.07 -5.67
N PRO M 107 32.24 -6.28 -6.19
CA PRO M 107 31.46 -6.49 -7.41
C PRO M 107 29.98 -6.20 -7.24
N TYR M 108 29.38 -5.88 -8.37
CA TYR M 108 27.98 -5.50 -8.47
C TYR M 108 27.10 -6.63 -7.98
N HIS M 109 26.24 -6.33 -7.01
CA HIS M 109 25.48 -7.34 -6.31
C HIS M 109 24.28 -6.63 -5.73
N ASN M 110 23.10 -7.21 -5.90
CA ASN M 110 21.88 -6.58 -5.41
C ASN M 110 20.94 -7.60 -4.79
N TRP M 111 21.39 -8.84 -4.61
CA TRP M 111 20.44 -9.91 -4.80
C TRP M 111 20.46 -11.10 -3.84
N PHE M 112 21.26 -11.07 -2.76
CA PHE M 112 21.19 -12.04 -1.67
C PHE M 112 21.44 -13.48 -2.14
N ASP M 113 22.69 -13.76 -2.52
CA ASP M 113 22.96 -15.14 -2.98
C ASP M 113 23.84 -16.03 -2.08
N PRO M 114 23.59 -16.17 -0.75
CA PRO M 114 24.10 -17.37 -0.06
C PRO M 114 23.07 -18.27 0.63
N TRP M 115 21.82 -17.84 0.72
CA TRP M 115 21.03 -17.78 1.97
C TRP M 115 21.28 -18.80 3.07
N GLY M 116 21.49 -18.28 4.29
CA GLY M 116 21.58 -19.10 5.46
C GLY M 116 20.28 -19.79 5.81
N GLN M 117 20.39 -20.81 6.65
CA GLN M 117 19.30 -21.74 6.92
C GLN M 117 18.29 -21.20 7.93
N GLY M 118 18.62 -20.16 8.68
CA GLY M 118 17.69 -19.57 9.60
C GLY M 118 18.00 -19.81 11.06
N THR M 119 17.26 -19.10 11.90
CA THR M 119 17.53 -19.08 13.35
C THR M 119 16.21 -18.83 14.05
N LEU M 120 15.68 -19.84 14.72
CA LEU M 120 14.38 -19.76 15.38
C LEU M 120 14.52 -19.00 16.69
N VAL M 121 14.06 -17.76 16.72
CA VAL M 121 14.11 -16.91 17.90
C VAL M 121 12.70 -16.42 18.21
N THR M 122 12.22 -16.77 19.39
CA THR M 122 10.91 -16.26 19.83
C THR M 122 11.15 -15.53 21.16
N VAL M 123 10.74 -14.26 21.22
CA VAL M 123 11.09 -13.54 22.48
C VAL M 123 9.95 -13.73 23.47
N SER M 124 10.07 -14.76 24.31
CA SER M 124 9.02 -15.12 25.29
C SER M 124 9.67 -15.38 26.64
N SER M 125 9.02 -14.93 27.72
CA SER M 125 9.63 -15.07 29.06
C SER M 125 9.02 -16.27 29.80
N ALA M 126 8.34 -17.16 29.08
CA ALA M 126 7.74 -18.31 29.71
C ALA M 126 8.82 -19.29 30.17
N LYS M 127 8.40 -20.28 30.94
CA LYS M 127 9.31 -21.29 31.43
C LYS M 127 9.24 -22.55 30.57
N THR M 128 10.40 -23.15 30.35
CA THR M 128 10.51 -24.37 29.56
C THR M 128 9.82 -25.51 30.31
N THR M 129 8.79 -26.07 29.69
CA THR M 129 7.92 -27.00 30.38
C THR M 129 7.55 -28.18 29.48
N ALA M 130 7.16 -29.26 30.12
CA ALA M 130 6.64 -30.44 29.46
C ALA M 130 5.26 -30.13 28.88
N PRO M 131 4.85 -30.86 27.84
CA PRO M 131 3.47 -30.73 27.36
C PRO M 131 2.50 -31.46 28.27
N SER M 132 1.23 -31.35 27.92
CA SER M 132 0.15 -32.01 28.66
C SER M 132 -0.82 -32.58 27.63
N VAL M 133 -0.76 -33.89 27.43
CA VAL M 133 -1.45 -34.54 26.32
C VAL M 133 -2.88 -34.84 26.73
N TYR M 134 -3.84 -34.34 25.94
CA TYR M 134 -5.25 -34.44 26.29
C TYR M 134 -6.15 -34.92 25.14
N PRO M 135 -6.18 -36.23 24.87
CA PRO M 135 -7.09 -36.75 23.84
C PRO M 135 -8.42 -37.32 24.33
N LEU M 136 -9.27 -37.67 23.38
CA LEU M 136 -9.80 -39.02 23.31
C LEU M 136 -9.77 -39.53 21.89
N ALA M 137 -10.07 -40.81 21.78
CA ALA M 137 -10.17 -41.62 20.59
C ALA M 137 -11.00 -42.83 21.00
N PRO M 138 -12.31 -42.81 20.76
CA PRO M 138 -13.01 -44.05 20.46
C PRO M 138 -12.20 -44.94 19.55
N THR M 143 -21.77 -39.87 15.75
CA THR M 143 -21.80 -41.23 16.26
C THR M 143 -22.61 -42.14 15.33
N THR M 144 -22.79 -41.69 14.09
CA THR M 144 -23.33 -42.53 13.03
C THR M 144 -22.47 -42.51 11.76
N GLY M 145 -21.45 -41.67 11.71
CA GLY M 145 -20.64 -41.57 10.50
C GLY M 145 -19.71 -42.77 10.34
N SER M 146 -19.61 -43.23 9.09
CA SER M 146 -18.71 -44.33 8.77
C SER M 146 -17.25 -43.91 8.91
N SER M 147 -16.95 -42.63 8.63
CA SER M 147 -15.60 -42.13 8.79
C SER M 147 -15.37 -41.70 10.24
N VAL M 148 -14.44 -42.36 10.91
CA VAL M 148 -14.04 -42.01 12.26
C VAL M 148 -12.54 -41.75 12.24
N THR M 149 -12.15 -40.50 12.47
CA THR M 149 -10.75 -40.13 12.59
C THR M 149 -10.24 -40.50 13.98
N LEU M 150 -9.11 -39.89 14.39
CA LEU M 150 -8.82 -39.64 15.80
C LEU M 150 -7.67 -38.65 15.92
N GLY M 151 -7.32 -38.35 17.17
CA GLY M 151 -6.12 -37.59 17.44
C GLY M 151 -5.99 -37.27 18.90
N CYS M 152 -4.90 -36.57 19.22
CA CYS M 152 -4.64 -36.03 20.55
C CYS M 152 -4.68 -34.51 20.53
N LEU M 153 -4.66 -33.92 21.73
CA LEU M 153 -4.33 -32.52 21.91
C LEU M 153 -3.04 -32.44 22.72
N VAL M 154 -2.23 -31.43 22.44
CA VAL M 154 -0.98 -31.19 23.16
C VAL M 154 -1.08 -29.82 23.81
N LYS M 155 -1.14 -29.80 25.14
CA LYS M 155 -1.39 -28.56 25.87
C LYS M 155 -0.16 -28.11 26.64
N GLY M 156 0.13 -26.81 26.54
CA GLY M 156 0.98 -26.11 27.48
C GLY M 156 2.43 -26.54 27.50
N TYR M 157 3.11 -26.47 26.36
CA TYR M 157 4.53 -26.74 26.33
C TYR M 157 5.27 -25.49 25.91
N PHE M 158 6.55 -25.45 26.25
CA PHE M 158 7.41 -24.33 25.93
C PHE M 158 8.83 -24.86 25.96
N PRO M 159 9.69 -24.50 25.01
CA PRO M 159 9.35 -23.75 23.80
C PRO M 159 8.92 -24.67 22.67
N GLU M 160 9.03 -24.17 21.44
CA GLU M 160 8.88 -25.01 20.26
C GLU M 160 10.04 -25.99 20.17
N PRO M 161 9.83 -27.13 19.48
CA PRO M 161 8.59 -27.78 19.07
C PRO M 161 8.36 -29.10 19.79
N VAL M 162 7.24 -29.76 19.50
CA VAL M 162 7.02 -31.15 19.87
C VAL M 162 7.14 -32.01 18.63
N THR M 163 7.18 -33.32 18.85
CA THR M 163 7.12 -34.32 17.79
C THR M 163 5.95 -35.25 18.07
N LEU M 164 5.10 -35.47 17.07
CA LEU M 164 3.90 -36.27 17.23
C LEU M 164 3.92 -37.39 16.20
N THR M 165 4.16 -38.61 16.66
CA THR M 165 4.07 -39.79 15.81
C THR M 165 2.95 -40.69 16.32
N TRP M 166 2.54 -41.63 15.47
CA TRP M 166 1.28 -42.32 15.62
C TRP M 166 1.49 -43.82 15.44
N ASN M 167 1.20 -44.57 16.50
CA ASN M 167 1.63 -45.96 16.67
C ASN M 167 3.14 -46.07 16.41
N SER M 168 3.87 -45.18 17.09
CA SER M 168 5.30 -44.92 16.87
C SER M 168 5.60 -44.59 15.41
N GLY M 169 4.70 -43.83 14.77
CA GLY M 169 4.89 -43.44 13.39
C GLY M 169 4.46 -44.47 12.36
N SER M 170 4.13 -45.70 12.77
CA SER M 170 3.78 -46.75 11.81
C SER M 170 2.46 -46.48 11.14
N LEU M 171 1.47 -46.01 11.90
CA LEU M 171 0.31 -45.37 11.29
C LEU M 171 0.79 -44.08 10.64
N SER M 172 0.71 -44.02 9.31
CA SER M 172 1.29 -42.92 8.56
C SER M 172 0.31 -42.23 7.61
N SER M 173 -0.59 -42.97 6.97
CA SER M 173 -1.64 -42.36 6.17
C SER M 173 -2.65 -41.72 7.11
N GLY M 174 -3.05 -40.49 6.78
CA GLY M 174 -3.89 -39.72 7.66
C GLY M 174 -3.14 -38.92 8.71
N VAL M 175 -1.83 -39.12 8.85
CA VAL M 175 -1.07 -38.33 9.81
C VAL M 175 -0.91 -36.92 9.28
N HIS M 176 -1.35 -35.94 10.06
CA HIS M 176 -1.21 -34.53 9.75
C HIS M 176 -0.88 -33.88 11.08
N THR M 177 0.36 -33.36 11.20
CA THR M 177 0.92 -32.98 12.49
C THR M 177 1.22 -31.49 12.49
N PHE M 178 0.79 -30.80 13.54
CA PHE M 178 0.38 -29.42 13.31
C PHE M 178 1.32 -28.42 13.95
N PRO M 179 1.59 -27.32 13.25
CA PRO M 179 2.27 -26.18 13.88
C PRO M 179 1.44 -25.61 15.00
N ALA M 180 2.13 -25.08 16.00
CA ALA M 180 1.45 -24.66 17.20
C ALA M 180 0.89 -23.25 17.09
N VAL M 181 0.47 -22.73 18.24
CA VAL M 181 0.05 -21.35 18.39
C VAL M 181 0.45 -20.93 19.79
N LEU M 182 0.84 -19.67 19.93
CA LEU M 182 1.35 -19.14 21.18
C LEU M 182 0.17 -18.65 22.01
N GLN M 183 0.11 -19.05 23.28
CA GLN M 183 -1.03 -18.75 24.14
C GLN M 183 -1.11 -17.26 24.47
N SER M 184 -2.21 -16.90 25.11
CA SER M 184 -2.24 -15.65 25.87
C SER M 184 -1.30 -15.70 27.06
N ASP M 185 -1.08 -16.89 27.63
CA ASP M 185 -0.16 -17.09 28.74
C ASP M 185 1.25 -17.44 28.29
N LEU M 186 1.58 -17.15 27.03
CA LEU M 186 2.91 -17.32 26.42
C LEU M 186 3.37 -18.77 26.36
N TYR M 187 2.45 -19.73 26.29
CA TYR M 187 2.82 -21.12 26.07
C TYR M 187 2.28 -21.57 24.71
N THR M 188 2.57 -22.82 24.36
CA THR M 188 2.25 -23.31 23.02
C THR M 188 1.38 -24.56 23.07
N LEU M 189 0.58 -24.72 22.02
CA LEU M 189 -0.55 -25.64 21.97
C LEU M 189 -0.63 -26.29 20.60
N SER M 190 -0.75 -27.61 20.56
CA SER M 190 -0.84 -28.27 19.26
C SER M 190 -1.68 -29.53 19.33
N SER M 191 -1.73 -30.24 18.21
CA SER M 191 -2.54 -31.44 18.01
C SER M 191 -2.06 -32.14 16.75
N SER M 192 -2.71 -33.26 16.43
CA SER M 192 -2.47 -33.98 15.18
C SER M 192 -3.63 -34.93 14.90
N VAL M 193 -3.91 -35.16 13.62
CA VAL M 193 -5.00 -36.06 13.22
C VAL M 193 -4.43 -37.36 12.70
N THR M 194 -5.26 -38.41 12.77
CA THR M 194 -5.13 -39.65 12.01
C THR M 194 -6.51 -40.08 11.57
N VAL M 195 -6.59 -41.11 10.73
CA VAL M 195 -7.86 -41.59 10.19
C VAL M 195 -7.97 -43.09 10.38
N THR M 196 -9.15 -43.53 10.84
CA THR M 196 -9.67 -44.88 10.77
C THR M 196 -11.00 -44.82 10.04
N SER M 197 -11.76 -45.90 10.11
CA SER M 197 -13.19 -45.79 9.83
C SER M 197 -13.97 -46.18 11.09
N SER M 198 -15.29 -46.27 10.97
CA SER M 198 -16.13 -46.88 11.98
C SER M 198 -15.91 -48.39 12.09
N THR M 199 -15.26 -48.99 11.09
CA THR M 199 -15.04 -50.43 11.03
C THR M 199 -13.69 -50.84 11.61
N TRP M 200 -13.09 -50.03 12.49
CA TRP M 200 -11.81 -50.37 13.11
C TRP M 200 -11.86 -50.25 14.63
N PRO M 201 -12.65 -51.10 15.31
CA PRO M 201 -12.64 -51.04 16.79
C PRO M 201 -11.37 -51.62 17.39
N SER M 202 -10.67 -52.49 16.67
CA SER M 202 -9.41 -53.05 17.12
C SER M 202 -8.20 -52.34 16.52
N GLN M 203 -8.15 -51.01 16.64
CA GLN M 203 -6.97 -50.24 16.28
C GLN M 203 -6.60 -49.38 17.47
N SER M 204 -5.84 -49.98 18.39
CA SER M 204 -5.28 -49.25 19.51
C SER M 204 -4.21 -48.29 19.02
N ILE M 205 -4.50 -46.99 19.08
CA ILE M 205 -3.67 -45.99 18.44
C ILE M 205 -3.23 -44.98 19.49
N THR M 206 -1.92 -44.72 19.56
CA THR M 206 -1.34 -43.78 20.51
C THR M 206 -0.73 -42.62 19.75
N CYS M 207 -0.89 -41.41 20.27
CA CYS M 207 0.05 -40.35 19.94
C CYS M 207 1.31 -40.51 20.76
N ASN M 208 2.44 -40.36 20.11
CA ASN M 208 3.73 -40.60 20.72
C ASN M 208 4.45 -39.26 20.75
N VAL M 209 4.33 -38.57 21.88
CA VAL M 209 4.68 -37.17 21.99
C VAL M 209 6.09 -37.09 22.57
N ALA M 210 6.89 -36.17 22.04
CA ALA M 210 8.20 -35.89 22.62
C ALA M 210 8.53 -34.43 22.42
N HIS M 211 8.71 -33.71 23.53
CA HIS M 211 9.16 -32.33 23.53
C HIS M 211 10.62 -32.34 23.99
N PRO M 212 11.57 -32.31 23.06
CA PRO M 212 12.98 -32.51 23.44
C PRO M 212 13.60 -31.34 24.17
N ALA M 213 13.03 -30.14 24.08
CA ALA M 213 13.57 -29.01 24.83
C ALA M 213 13.27 -29.16 26.32
N SER M 214 12.19 -29.84 26.67
CA SER M 214 11.98 -30.30 28.03
C SER M 214 12.42 -31.75 28.23
N SER M 215 12.76 -32.44 27.13
CA SER M 215 13.18 -33.85 27.12
C SER M 215 12.15 -34.77 27.76
N THR M 216 10.87 -34.47 27.53
CA THR M 216 9.77 -35.22 28.11
C THR M 216 8.99 -35.93 27.02
N LYS M 217 8.57 -37.16 27.31
CA LYS M 217 7.93 -38.03 26.35
C LYS M 217 6.64 -38.61 26.94
N VAL M 218 5.55 -38.47 26.20
CA VAL M 218 4.27 -39.08 26.57
C VAL M 218 3.81 -39.94 25.40
N ASP M 219 3.56 -41.21 25.67
CA ASP M 219 2.99 -42.11 24.68
C ASP M 219 1.58 -42.48 25.15
N LYS M 220 0.61 -41.68 24.72
CA LYS M 220 -0.72 -41.68 25.31
C LYS M 220 -1.55 -42.82 24.73
N LYS M 221 -1.74 -43.88 25.51
CA LYS M 221 -2.69 -44.92 25.13
C LYS M 221 -4.11 -44.42 25.34
N ILE M 222 -4.94 -44.54 24.32
CA ILE M 222 -6.25 -43.89 24.32
C ILE M 222 -7.32 -44.97 24.20
N GLU M 223 -8.40 -44.82 24.97
CA GLU M 223 -9.50 -45.78 25.01
C GLU M 223 -10.81 -45.03 25.24
N PRO M 224 -11.87 -45.41 24.53
CA PRO M 224 -13.21 -44.88 24.87
C PRO M 224 -13.74 -45.43 26.18
N ARG M 225 -14.85 -44.90 26.66
CA ARG M 225 -15.48 -45.36 27.88
C ARG M 225 -16.70 -46.20 27.52
N GLY M 226 -17.46 -46.60 28.54
CA GLY M 226 -18.55 -47.51 28.37
C GLY M 226 -19.76 -46.91 27.68
N PRO M 227 -20.20 -47.53 26.59
CA PRO M 227 -21.46 -47.11 25.95
C PRO M 227 -22.64 -47.87 26.55
N THR M 228 -23.83 -47.49 26.07
CA THR M 228 -25.14 -48.07 26.44
C THR M 228 -25.38 -48.11 27.95
N GLN N 1 35.54 14.62 58.43
CA GLN N 1 36.38 13.80 57.56
C GLN N 1 35.90 13.86 56.12
N VAL N 2 36.18 12.79 55.39
CA VAL N 2 35.71 12.66 54.01
C VAL N 2 34.22 12.37 54.04
N GLN N 3 33.41 13.29 53.54
CA GLN N 3 31.97 13.13 53.53
C GLN N 3 31.40 13.54 52.18
N LEU N 4 30.07 13.40 52.06
CA LEU N 4 29.28 14.14 51.09
C LEU N 4 27.98 14.55 51.76
N VAL N 5 27.78 15.84 51.95
CA VAL N 5 26.51 16.36 52.41
C VAL N 5 25.65 16.59 51.18
N GLN N 6 24.59 15.80 51.04
CA GLN N 6 23.70 15.95 49.91
C GLN N 6 22.57 16.91 50.25
N SER N 7 21.82 17.28 49.22
CA SER N 7 20.59 18.03 49.34
C SER N 7 19.86 17.91 48.01
N GLY N 8 18.57 17.60 48.04
CA GLY N 8 17.80 17.29 49.24
C GLY N 8 16.52 16.61 48.79
N ALA N 9 15.81 15.98 49.72
CA ALA N 9 14.64 15.15 49.42
C ALA N 9 13.53 16.01 48.80
N GLU N 10 13.11 15.63 47.61
CA GLU N 10 12.24 16.46 46.77
C GLU N 10 11.50 15.57 45.78
N VAL N 11 10.23 15.90 45.53
CA VAL N 11 9.38 15.12 44.65
C VAL N 11 8.93 15.99 43.48
N LYS N 12 8.94 15.41 42.27
CA LYS N 12 8.55 16.11 41.04
C LYS N 12 7.62 15.23 40.22
N LYS N 13 6.77 15.88 39.42
CA LYS N 13 5.54 15.21 39.00
C LYS N 13 5.71 14.15 37.91
N PRO N 14 5.69 14.44 36.55
CA PRO N 14 6.75 13.92 35.68
C PRO N 14 7.67 15.01 35.17
N GLY N 15 7.55 16.21 35.72
CA GLY N 15 7.98 17.40 34.99
C GLY N 15 9.45 17.72 35.12
N ALA N 16 9.76 18.91 35.64
CA ALA N 16 11.14 19.35 35.79
C ALA N 16 11.87 18.49 36.82
N SER N 17 13.18 18.67 36.86
CA SER N 17 14.06 17.67 37.47
C SER N 17 14.41 18.08 38.89
N VAL N 18 15.27 17.27 39.51
CA VAL N 18 15.85 17.56 40.80
C VAL N 18 17.35 17.68 40.60
N LYS N 19 17.84 18.90 40.43
CA LYS N 19 19.27 19.12 40.52
C LYS N 19 19.71 18.82 41.95
N VAL N 20 20.37 17.69 42.16
CA VAL N 20 20.69 17.23 43.49
C VAL N 20 22.03 17.84 43.88
N SER N 21 22.01 18.67 44.92
CA SER N 21 23.25 19.19 45.47
C SER N 21 24.01 18.07 46.16
N CYS N 22 25.29 17.95 45.81
CA CYS N 22 26.16 16.92 46.37
C CYS N 22 27.43 17.62 46.84
N LYS N 23 27.41 18.16 48.05
CA LYS N 23 28.47 19.02 48.54
C LYS N 23 29.59 18.16 49.11
N ALA N 24 30.82 18.43 48.69
CA ALA N 24 31.99 17.71 49.15
C ALA N 24 32.81 18.56 50.11
N SER N 25 33.62 17.88 50.91
CA SER N 25 34.53 18.52 51.86
C SER N 25 35.56 17.49 52.27
N GLY N 26 36.42 17.87 53.21
CA GLY N 26 37.41 16.95 53.73
C GLY N 26 38.56 16.68 52.77
N TYR N 27 38.28 15.95 51.70
CA TYR N 27 39.28 15.65 50.70
C TYR N 27 39.39 16.80 49.72
N THR N 28 40.56 16.94 49.12
CA THR N 28 40.79 17.95 48.10
C THR N 28 39.99 17.62 46.84
N PHE N 29 39.27 18.61 46.34
CA PHE N 29 38.40 18.37 45.21
C PHE N 29 39.17 18.58 43.91
N THR N 30 38.65 17.99 42.82
CA THR N 30 39.30 17.83 41.49
C THR N 30 40.59 17.03 41.57
N ASN N 31 40.83 16.37 42.69
CA ASN N 31 41.81 15.30 42.75
C ASN N 31 41.06 13.99 42.67
N TYR N 32 39.74 14.05 42.60
CA TYR N 32 38.87 12.88 42.58
C TYR N 32 37.66 13.20 41.70
N GLY N 33 36.74 12.26 41.63
CA GLY N 33 35.58 12.41 40.77
C GLY N 33 34.30 11.82 41.33
N ILE N 34 33.20 12.54 41.20
CA ILE N 34 31.94 12.17 41.82
C ILE N 34 31.00 11.55 40.79
N SER N 35 30.35 10.45 41.17
CA SER N 35 29.36 9.77 40.35
C SER N 35 27.99 9.80 41.00
N TRP N 36 27.05 9.04 40.43
CA TRP N 36 25.66 9.00 40.87
C TRP N 36 25.10 7.60 40.72
N VAL N 37 24.18 7.25 41.62
CA VAL N 37 23.53 5.95 41.64
C VAL N 37 22.11 6.09 42.17
N ARG N 38 21.15 5.56 41.43
CA ARG N 38 19.75 5.45 41.83
C ARG N 38 19.53 4.17 42.63
N GLN N 39 18.57 4.24 43.56
CA GLN N 39 18.09 3.03 44.22
C GLN N 39 16.60 3.15 44.46
N ALA N 40 15.81 2.40 43.72
CA ALA N 40 14.42 2.24 44.09
C ALA N 40 14.34 1.37 45.34
N PRO N 41 13.38 1.64 46.23
CA PRO N 41 13.26 0.85 47.46
C PRO N 41 12.80 -0.56 47.15
N GLY N 42 13.37 -1.53 47.88
CA GLY N 42 13.09 -2.92 47.62
C GLY N 42 13.71 -3.44 46.35
N GLN N 43 14.72 -2.76 45.81
CA GLN N 43 15.34 -3.11 44.54
C GLN N 43 16.86 -3.12 44.70
N GLY N 44 17.53 -3.43 43.60
CA GLY N 44 18.97 -3.23 43.50
C GLY N 44 19.29 -1.77 43.24
N LEU N 45 20.54 -1.54 42.82
CA LEU N 45 21.02 -0.19 42.61
C LEU N 45 21.64 -0.10 41.22
N GLU N 46 21.44 1.03 40.56
CA GLU N 46 22.05 1.29 39.26
C GLU N 46 22.84 2.58 39.33
N TRP N 47 24.15 2.49 39.13
CA TRP N 47 24.97 3.63 38.79
C TRP N 47 24.45 4.28 37.50
N MET N 48 24.55 5.60 37.42
CA MET N 48 23.86 6.28 36.33
C MET N 48 24.67 7.42 35.72
N GLY N 49 25.94 7.54 36.03
CA GLY N 49 26.75 8.60 35.46
C GLY N 49 27.88 8.97 36.40
N TRP N 50 29.04 9.25 35.82
CA TRP N 50 30.22 9.66 36.56
C TRP N 50 30.91 10.77 35.80
N ILE N 51 31.17 11.89 36.48
CA ILE N 51 32.05 12.93 35.94
C ILE N 51 33.37 12.91 36.68
N SER N 52 34.44 13.18 35.96
CA SER N 52 35.69 13.61 36.56
C SER N 52 35.55 15.08 36.89
N ALA N 53 35.90 15.45 38.12
CA ALA N 53 35.99 16.87 38.45
C ALA N 53 37.23 17.52 37.85
N TYR N 54 38.17 16.70 37.36
CA TYR N 54 39.41 17.20 36.77
C TYR N 54 39.14 18.05 35.54
N ASN N 55 38.52 17.46 34.51
CA ASN N 55 38.10 18.25 33.36
C ASN N 55 36.84 17.66 32.74
N GLY N 56 35.68 18.09 33.24
CA GLY N 56 34.37 18.01 32.62
C GLY N 56 33.95 16.78 31.82
N ASN N 57 34.50 15.62 32.15
CA ASN N 57 34.33 14.43 31.33
C ASN N 57 32.99 13.81 31.72
N THR N 58 32.02 13.90 30.81
CA THR N 58 30.62 13.68 31.16
C THR N 58 30.32 12.22 31.49
N ASN N 59 30.49 11.32 30.50
CA ASN N 59 30.57 9.88 30.67
C ASN N 59 29.32 9.29 31.34
N TYR N 60 28.19 9.38 30.66
CA TYR N 60 26.93 8.95 31.26
C TYR N 60 26.74 7.45 31.07
N ALA N 61 25.55 6.96 31.41
CA ALA N 61 25.25 5.54 31.41
C ALA N 61 24.24 5.20 30.32
N GLN N 62 23.89 3.91 30.26
CA GLN N 62 22.92 3.42 29.30
C GLN N 62 21.51 3.63 29.83
N LYS N 63 20.56 3.79 28.89
CA LYS N 63 19.11 4.00 29.01
C LYS N 63 18.77 5.42 29.40
N LEU N 64 19.77 6.28 29.61
CA LEU N 64 19.56 7.69 29.93
C LEU N 64 20.86 8.40 29.59
N GLN N 65 20.83 9.25 28.57
CA GLN N 65 22.04 9.68 27.87
C GLN N 65 22.36 11.17 27.95
N GLY N 66 21.50 12.12 27.54
CA GLY N 66 20.08 12.04 27.19
C GLY N 66 19.26 12.60 28.32
N ARG N 67 18.72 11.70 29.14
CA ARG N 67 17.92 12.15 30.28
C ARG N 67 18.79 12.83 31.33
N VAL N 68 19.98 12.29 31.60
CA VAL N 68 20.87 12.85 32.61
C VAL N 68 21.66 14.03 32.09
N THR N 69 21.92 14.99 32.98
CA THR N 69 22.98 15.99 32.85
C THR N 69 23.76 16.02 34.15
N MET N 70 25.08 16.17 34.07
CA MET N 70 25.95 16.22 35.24
C MET N 70 27.09 17.19 34.98
N THR N 71 27.22 18.19 35.85
CA THR N 71 28.27 19.19 35.75
C THR N 71 29.03 19.26 37.07
N THR N 72 30.04 20.11 37.10
CA THR N 72 30.78 20.44 38.31
C THR N 72 30.48 21.88 38.69
N ASP N 73 30.87 22.24 39.91
CA ASP N 73 30.72 23.59 40.43
C ASP N 73 31.96 23.96 41.23
N THR N 74 33.12 23.56 40.75
CA THR N 74 34.30 23.34 41.61
C THR N 74 34.93 24.57 42.27
N SER N 75 34.25 25.73 42.23
CA SER N 75 34.49 26.74 43.25
C SER N 75 34.26 26.16 44.63
N THR N 76 33.01 25.79 44.93
CA THR N 76 32.68 24.98 46.09
C THR N 76 32.60 23.55 45.61
N SER N 77 33.14 22.62 46.39
CA SER N 77 33.42 21.25 45.97
C SER N 77 32.15 20.41 45.55
N THR N 78 30.96 21.02 45.55
CA THR N 78 29.73 20.42 45.10
C THR N 78 29.81 19.89 43.67
N ALA N 79 28.98 18.90 43.38
CA ALA N 79 28.71 18.45 42.02
C ALA N 79 27.21 18.28 41.89
N TYR N 80 26.71 18.23 40.66
CA TYR N 80 25.27 18.24 40.45
C TYR N 80 24.84 17.21 39.42
N MET N 81 23.58 16.81 39.54
CA MET N 81 22.93 15.90 38.59
C MET N 81 21.47 16.32 38.44
N GLU N 82 21.09 16.71 37.24
CA GLU N 82 19.67 16.87 36.93
C GLU N 82 19.16 15.62 36.23
N LEU N 83 17.97 15.74 35.67
CA LEU N 83 17.38 14.70 34.86
C LEU N 83 16.55 15.40 33.79
N ARG N 84 16.00 14.62 32.87
CA ARG N 84 15.12 15.15 31.85
C ARG N 84 14.14 14.07 31.44
N SER N 85 12.91 14.49 31.13
CA SER N 85 11.77 13.62 30.82
C SER N 85 11.56 12.61 31.94
N LEU N 86 11.16 13.14 33.09
CA LEU N 86 11.08 12.36 34.31
C LEU N 86 9.88 11.41 34.24
N ARG N 87 9.88 10.41 35.11
CA ARG N 87 9.05 9.24 34.91
C ARG N 87 8.93 8.50 36.24
N SER N 88 7.79 7.83 36.43
CA SER N 88 7.46 7.17 37.69
C SER N 88 8.25 5.91 37.95
N ASP N 89 9.15 5.51 37.05
CA ASP N 89 10.15 4.51 37.40
C ASP N 89 11.27 5.07 38.25
N ASP N 90 11.45 6.39 38.22
CA ASP N 90 12.51 7.08 38.95
C ASP N 90 12.03 7.50 40.34
N THR N 91 11.40 6.58 41.05
CA THR N 91 11.03 6.76 42.45
C THR N 91 12.16 6.15 43.24
N ALA N 92 13.29 6.84 43.28
CA ALA N 92 14.53 6.22 43.73
C ALA N 92 15.28 7.18 44.64
N VAL N 93 16.06 6.59 45.54
CA VAL N 93 16.98 7.34 46.37
C VAL N 93 18.21 7.58 45.52
N TYR N 94 18.63 8.83 45.40
CA TYR N 94 19.77 9.15 44.57
C TYR N 94 20.97 9.39 45.46
N TYR N 95 21.99 8.55 45.31
CA TYR N 95 23.22 8.70 46.06
C TYR N 95 24.32 9.19 45.12
N CYS N 96 25.15 10.08 45.63
CA CYS N 96 26.39 10.43 44.96
C CYS N 96 27.55 9.92 45.79
N ALA N 97 28.63 9.51 45.10
CA ALA N 97 29.85 9.08 45.75
C ALA N 97 31.02 9.32 44.82
N ARG N 98 32.22 9.03 45.32
CA ARG N 98 33.47 9.52 44.77
C ARG N 98 34.21 8.34 44.13
N GLU N 99 34.14 8.24 42.81
CA GLU N 99 34.83 7.17 42.12
C GLU N 99 36.30 7.47 41.91
N GLY N 100 36.73 8.68 42.22
CA GLY N 100 38.08 9.10 41.87
C GLY N 100 38.14 9.53 40.43
N ALA N 101 38.84 10.63 40.16
CA ALA N 101 38.97 11.11 38.80
C ALA N 101 39.85 10.14 38.02
N TYR N 102 39.37 9.72 36.87
CA TYR N 102 40.14 8.80 36.04
C TYR N 102 40.89 9.56 34.96
N GLY N 103 41.60 10.56 35.41
CA GLY N 103 42.46 11.36 34.58
C GLY N 103 43.88 10.90 34.70
N TYR N 104 44.78 11.86 34.80
CA TYR N 104 46.19 11.54 34.79
C TYR N 104 46.91 11.91 36.09
N ARG N 105 46.52 13.00 36.75
CA ARG N 105 47.13 13.39 38.01
C ARG N 105 46.37 12.87 39.22
N SER N 106 45.44 11.95 39.02
CA SER N 106 44.51 11.65 40.09
C SER N 106 44.76 10.25 40.62
N PRO N 107 44.78 10.08 41.95
CA PRO N 107 45.21 8.81 42.54
C PRO N 107 44.25 7.68 42.24
N TYR N 108 44.83 6.48 42.31
CA TYR N 108 44.14 5.23 42.01
C TYR N 108 42.98 5.04 42.96
N HIS N 109 41.79 4.84 42.39
CA HIS N 109 40.56 4.84 43.15
C HIS N 109 39.56 4.07 42.33
N ASN N 110 38.84 3.14 42.96
CA ASN N 110 37.88 2.32 42.24
C ASN N 110 36.61 2.14 43.04
N TRP N 111 36.45 2.85 44.15
CA TRP N 111 35.77 2.21 45.26
C TRP N 111 34.78 3.01 46.08
N PHE N 112 34.44 4.25 45.70
CA PHE N 112 33.34 5.01 46.28
C PHE N 112 33.51 5.23 47.80
N ASP N 113 34.48 6.08 48.16
CA ASP N 113 34.68 6.31 49.59
C ASP N 113 34.31 7.70 50.15
N PRO N 114 33.12 8.30 49.87
CA PRO N 114 32.62 9.34 50.77
C PRO N 114 31.27 9.10 51.45
N TRP N 115 30.53 8.05 51.05
CA TRP N 115 29.13 8.13 50.62
C TRP N 115 28.20 9.15 51.25
N GLY N 116 27.51 9.91 50.37
CA GLY N 116 26.48 10.81 50.79
C GLY N 116 25.27 10.11 51.36
N GLN N 117 24.46 10.89 52.07
CA GLN N 117 23.38 10.36 52.89
C GLN N 117 22.13 10.01 52.09
N GLY N 118 22.00 10.50 50.87
CA GLY N 118 20.87 10.15 50.04
C GLY N 118 19.88 11.28 49.82
N THR N 119 18.97 11.03 48.88
CA THR N 119 18.03 12.05 48.42
C THR N 119 16.75 11.34 48.00
N LEU N 120 15.68 11.52 48.77
CA LEU N 120 14.42 10.83 48.51
C LEU N 120 13.67 11.54 47.38
N VAL N 121 13.66 10.91 46.20
CA VAL N 121 13.00 11.46 45.03
C VAL N 121 12.03 10.41 44.51
N THR N 122 10.74 10.76 44.49
CA THR N 122 9.74 9.86 43.89
C THR N 122 9.05 10.66 42.78
N VAL N 123 9.05 10.12 41.57
CA VAL N 123 8.47 10.95 40.48
C VAL N 123 6.98 10.65 40.39
N SER N 124 6.17 11.43 41.10
CA SER N 124 4.71 11.21 41.16
C SER N 124 4.01 12.55 40.97
N SER N 125 2.90 12.56 40.23
CA SER N 125 2.21 13.84 39.94
C SER N 125 1.00 14.01 40.86
N ALA N 126 0.93 13.24 41.94
CA ALA N 126 -0.19 13.36 42.86
C ALA N 126 -0.11 14.68 43.63
N LYS N 127 -1.18 14.99 44.34
CA LYS N 127 -1.24 16.21 45.12
C LYS N 127 -0.92 15.91 46.58
N THR N 128 -0.19 16.84 47.20
CA THR N 128 0.18 16.72 48.60
C THR N 128 -1.06 16.83 49.47
N THR N 129 -1.34 15.77 50.23
CA THR N 129 -2.62 15.66 50.92
C THR N 129 -2.42 15.10 52.32
N ALA N 130 -3.40 15.38 53.16
CA ALA N 130 -3.49 14.82 54.49
C ALA N 130 -3.80 13.33 54.42
N PRO N 131 -3.42 12.56 55.44
CA PRO N 131 -3.86 11.17 55.50
C PRO N 131 -5.31 11.06 55.93
N SER N 132 -5.78 9.82 55.97
CA SER N 132 -7.14 9.52 56.39
C SER N 132 -7.07 8.28 57.27
N VAL N 133 -7.20 8.47 58.58
CA VAL N 133 -6.92 7.43 59.55
C VAL N 133 -8.16 6.57 59.75
N TYR N 134 -8.02 5.26 59.54
CA TYR N 134 -9.16 4.35 59.56
C TYR N 134 -8.93 3.09 60.39
N PRO N 135 -9.06 3.17 61.72
CA PRO N 135 -8.94 1.97 62.56
C PRO N 135 -10.24 1.32 62.97
N LEU N 136 -10.11 0.17 63.63
CA LEU N 136 -10.70 -0.02 64.95
C LEU N 136 -9.71 -0.70 65.88
N ALA N 137 -10.11 -0.74 67.13
CA ALA N 137 -9.46 -1.33 68.27
C ALA N 137 -10.54 -1.51 69.32
N PRO N 138 -11.14 -2.70 69.40
CA PRO N 138 -11.62 -3.18 70.69
C PRO N 138 -10.65 -2.86 71.81
N THR N 143 -12.34 -13.68 68.38
CA THR N 143 -13.05 -13.14 69.53
C THR N 143 -13.05 -14.12 70.69
N THR N 144 -12.10 -15.07 70.65
CA THR N 144 -11.81 -15.93 71.79
C THR N 144 -10.33 -15.97 72.13
N GLY N 145 -9.47 -15.35 71.33
CA GLY N 145 -8.05 -15.41 71.60
C GLY N 145 -7.64 -14.52 72.76
N SER N 146 -6.73 -15.05 73.58
CA SER N 146 -6.20 -14.29 74.70
C SER N 146 -5.32 -13.13 74.23
N SER N 147 -4.65 -13.31 73.10
CA SER N 147 -3.84 -12.25 72.53
C SER N 147 -4.70 -11.33 71.67
N VAL N 148 -4.80 -10.08 72.07
CA VAL N 148 -5.51 -9.06 71.30
C VAL N 148 -4.54 -7.93 71.04
N THR N 149 -4.19 -7.74 69.77
CA THR N 149 -3.34 -6.63 69.35
C THR N 149 -4.18 -5.36 69.26
N LEU N 150 -3.67 -4.36 68.52
CA LEU N 150 -4.51 -3.37 67.83
C LEU N 150 -3.68 -2.59 66.84
N GLY N 151 -4.35 -1.67 66.15
CA GLY N 151 -3.66 -0.71 65.32
C GLY N 151 -4.63 0.17 64.56
N CYS N 152 -4.05 1.06 63.76
CA CYS N 152 -4.77 1.92 62.84
C CYS N 152 -4.43 1.56 61.39
N LEU N 153 -5.19 2.14 60.47
CA LEU N 153 -4.82 2.22 59.07
C LEU N 153 -4.64 3.68 58.72
N VAL N 154 -3.71 3.97 57.82
CA VAL N 154 -3.43 5.32 57.35
C VAL N 154 -3.67 5.33 55.84
N LYS N 155 -4.71 6.04 55.41
CA LYS N 155 -5.14 5.99 54.01
C LYS N 155 -4.88 7.32 53.31
N GLY N 156 -4.33 7.22 52.10
CA GLY N 156 -4.37 8.29 51.12
C GLY N 156 -3.62 9.56 51.49
N TYR N 157 -2.33 9.43 51.76
CA TYR N 157 -1.51 10.61 52.00
C TYR N 157 -0.44 10.69 50.91
N PHE N 158 0.08 11.91 50.74
CA PHE N 158 1.10 12.18 49.76
C PHE N 158 1.81 13.45 50.22
N PRO N 159 3.14 13.51 50.15
CA PRO N 159 4.04 12.40 49.82
C PRO N 159 4.42 11.60 51.06
N GLU N 160 5.53 10.90 50.96
CA GLU N 160 6.16 10.28 52.12
C GLU N 160 6.69 11.35 53.06
N PRO N 161 6.83 11.03 54.36
CA PRO N 161 6.24 9.94 55.13
C PRO N 161 5.25 10.44 56.18
N VAL N 162 4.64 9.51 56.91
CA VAL N 162 3.90 9.83 58.12
C VAL N 162 4.71 9.41 59.33
N THR N 163 4.26 9.83 60.50
CA THR N 163 4.81 9.37 61.78
C THR N 163 3.67 8.79 62.60
N LEU N 164 3.88 7.60 63.14
CA LEU N 164 2.84 6.90 63.89
C LEU N 164 3.37 6.55 65.27
N THR N 165 2.89 7.26 66.29
CA THR N 165 3.21 6.95 67.66
C THR N 165 1.94 6.53 68.39
N TRP N 166 2.12 5.91 69.55
CA TRP N 166 1.07 5.14 70.19
C TRP N 166 0.99 5.50 71.66
N ASN N 167 -0.17 6.03 72.07
CA ASN N 167 -0.35 6.75 73.32
C ASN N 167 0.72 7.83 73.47
N SER N 168 0.85 8.62 72.41
CA SER N 168 1.94 9.58 72.19
C SER N 168 3.31 8.92 72.31
N GLY N 169 3.44 7.69 71.82
CA GLY N 169 4.69 6.97 71.88
C GLY N 169 4.98 6.26 73.18
N SER N 170 4.19 6.49 74.22
CA SER N 170 4.46 5.88 75.53
C SER N 170 4.24 4.38 75.51
N LEU N 171 3.17 3.93 74.86
CA LEU N 171 3.08 2.53 74.46
C LEU N 171 4.18 2.28 73.43
N SER N 172 5.16 1.45 73.78
CA SER N 172 6.33 1.26 72.94
C SER N 172 6.63 -0.20 72.61
N SER N 173 6.41 -1.13 73.54
CA SER N 173 6.52 -2.55 73.22
C SER N 173 5.34 -2.96 72.35
N GLY N 174 5.65 -3.72 71.31
CA GLY N 174 4.65 -4.03 70.32
C GLY N 174 4.48 -3.01 69.21
N VAL N 175 5.11 -1.84 69.33
CA VAL N 175 5.03 -0.85 68.26
C VAL N 175 5.86 -1.32 67.09
N HIS N 176 5.22 -1.43 65.92
CA HIS N 176 5.88 -1.78 64.67
C HIS N 176 5.21 -0.89 63.62
N THR N 177 5.99 0.06 63.07
CA THR N 177 5.43 1.16 62.30
C THR N 177 5.96 1.10 60.87
N PHE N 178 5.06 1.20 59.90
CA PHE N 178 5.30 0.46 58.67
C PHE N 178 5.63 1.38 57.50
N PRO N 179 6.58 0.96 56.66
CA PRO N 179 6.77 1.63 55.37
C PRO N 179 5.55 1.48 54.50
N ALA N 180 5.32 2.48 53.67
CA ALA N 180 4.09 2.55 52.92
C ALA N 180 4.18 1.76 51.62
N VAL N 181 3.16 1.96 50.79
CA VAL N 181 3.11 1.43 49.43
C VAL N 181 2.38 2.46 48.59
N LEU N 182 2.81 2.59 47.33
CA LEU N 182 2.28 3.60 46.44
C LEU N 182 1.05 3.02 45.74
N GLN N 183 -0.04 3.78 45.74
CA GLN N 183 -1.32 3.30 45.21
C GLN N 183 -1.27 3.12 43.69
N SER N 184 -2.35 2.53 43.17
CA SER N 184 -2.64 2.67 41.76
C SER N 184 -3.01 4.11 41.41
N ASP N 185 -3.58 4.85 42.36
CA ASP N 185 -3.93 6.25 42.20
C ASP N 185 -2.81 7.19 42.63
N LEU N 186 -1.57 6.69 42.73
CA LEU N 186 -0.35 7.43 43.05
C LEU N 186 -0.36 8.07 44.44
N TYR N 187 -1.09 7.49 45.39
CA TYR N 187 -1.02 7.94 46.78
C TYR N 187 -0.42 6.84 47.64
N THR N 188 -0.26 7.12 48.92
CA THR N 188 0.45 6.22 49.81
C THR N 188 -0.40 5.80 51.00
N LEU N 189 -0.13 4.60 51.50
CA LEU N 189 -0.98 3.86 52.42
C LEU N 189 -0.13 3.15 53.46
N SER N 190 -0.47 3.29 54.74
CA SER N 190 0.31 2.63 55.77
C SER N 190 -0.56 2.26 56.96
N SER N 191 0.10 1.73 57.99
CA SER N 191 -0.51 1.22 59.20
C SER N 191 0.58 1.02 60.25
N SER N 192 0.17 0.55 61.43
CA SER N 192 1.10 0.18 62.50
C SER N 192 0.39 -0.71 63.51
N VAL N 193 1.14 -1.62 64.15
CA VAL N 193 0.59 -2.53 65.14
C VAL N 193 1.03 -2.09 66.54
N THR N 194 0.22 -2.50 67.51
CA THR N 194 0.59 -2.57 68.93
C THR N 194 0.00 -3.84 69.51
N VAL N 195 0.35 -4.16 70.75
CA VAL N 195 -0.11 -5.38 71.41
C VAL N 195 -0.67 -5.07 72.78
N THR N 196 -1.83 -5.64 73.07
CA THR N 196 -2.41 -5.83 74.40
C THR N 196 -2.64 -7.32 74.59
N SER N 197 -3.41 -7.67 75.62
CA SER N 197 -4.03 -8.98 75.64
C SER N 197 -5.55 -8.81 75.63
N SER N 198 -6.27 -9.92 75.79
CA SER N 198 -7.70 -9.90 76.08
C SER N 198 -8.00 -9.34 77.47
N THR N 199 -6.99 -9.26 78.34
CA THR N 199 -7.13 -8.82 79.72
C THR N 199 -6.86 -7.33 79.89
N TRP N 200 -6.99 -6.53 78.85
CA TRP N 200 -6.77 -5.09 78.94
C TRP N 200 -7.93 -4.28 78.37
N PRO N 201 -9.12 -4.36 78.98
CA PRO N 201 -10.23 -3.53 78.46
C PRO N 201 -10.07 -2.05 78.80
N SER N 202 -9.30 -1.73 79.83
CA SER N 202 -9.01 -0.34 80.19
C SER N 202 -7.65 0.13 79.67
N GLN N 203 -7.41 -0.04 78.37
CA GLN N 203 -6.24 0.54 77.72
C GLN N 203 -6.73 1.35 76.53
N SER N 204 -7.10 2.59 76.79
CA SER N 204 -7.46 3.52 75.73
C SER N 204 -6.21 3.91 74.95
N ILE N 205 -6.14 3.45 73.71
CA ILE N 205 -4.91 3.54 72.92
C ILE N 205 -5.22 4.27 71.63
N THR N 206 -4.41 5.31 71.34
CA THR N 206 -4.57 6.12 70.14
C THR N 206 -3.35 5.93 69.26
N CYS N 207 -3.57 5.85 67.95
CA CYS N 207 -2.50 6.19 67.02
C CYS N 207 -2.41 7.70 66.88
N ASN N 208 -1.19 8.20 66.91
CA ASN N 208 -0.93 9.63 66.93
C ASN N 208 -0.22 9.95 65.63
N VAL N 209 -0.99 10.33 64.63
CA VAL N 209 -0.54 10.41 63.25
C VAL N 209 -0.11 11.84 62.97
N ALA N 210 1.00 11.99 62.23
CA ALA N 210 1.41 13.30 61.76
C ALA N 210 2.11 13.16 60.41
N HIS N 211 1.52 13.78 59.39
CA HIS N 211 2.12 13.86 58.06
C HIS N 211 2.64 15.28 57.89
N PRO N 212 3.94 15.51 58.13
CA PRO N 212 4.45 16.89 58.18
C PRO N 212 4.54 17.56 56.82
N ALA N 213 4.54 16.80 55.72
CA ALA N 213 4.56 17.43 54.40
C ALA N 213 3.21 18.07 54.08
N SER N 214 2.13 17.55 54.65
CA SER N 214 0.85 18.25 54.68
C SER N 214 0.63 19.00 55.98
N SER N 215 1.52 18.80 56.97
CA SER N 215 1.45 19.41 58.31
C SER N 215 0.12 19.14 58.99
N THR N 216 -0.41 17.93 58.82
CA THR N 216 -1.68 17.54 59.38
C THR N 216 -1.48 16.44 60.42
N LYS N 217 -2.24 16.53 61.50
CA LYS N 217 -2.10 15.64 62.65
C LYS N 217 -3.45 15.07 63.03
N VAL N 218 -3.53 13.75 63.16
CA VAL N 218 -4.72 13.06 63.66
C VAL N 218 -4.31 12.21 64.85
N ASP N 219 -4.96 12.43 65.98
CA ASP N 219 -4.76 11.59 67.16
C ASP N 219 -6.04 10.81 67.39
N LYS N 220 -6.12 9.62 66.80
CA LYS N 220 -7.38 8.90 66.64
C LYS N 220 -7.69 8.14 67.92
N LYS N 221 -8.65 8.65 68.69
CA LYS N 221 -9.17 7.89 69.82
C LYS N 221 -10.08 6.78 69.32
N ILE N 222 -9.82 5.55 69.76
CA ILE N 222 -10.46 4.38 69.19
C ILE N 222 -11.27 3.68 70.28
N GLU N 223 -12.47 3.23 69.92
CA GLU N 223 -13.39 2.56 70.83
C GLU N 223 -14.18 1.50 70.09
N PRO N 224 -14.38 0.32 70.70
CA PRO N 224 -15.30 -0.66 70.12
C PRO N 224 -16.75 -0.22 70.25
N ARG N 225 -17.67 -0.95 69.62
CA ARG N 225 -19.09 -0.67 69.70
C ARG N 225 -19.74 -1.67 70.64
N GLY N 226 -21.07 -1.61 70.72
CA GLY N 226 -21.81 -2.40 71.67
C GLY N 226 -21.86 -3.88 71.33
N PRO N 227 -21.45 -4.73 72.27
CA PRO N 227 -21.63 -6.16 72.11
C PRO N 227 -22.97 -6.62 72.67
N THR N 228 -23.23 -7.92 72.48
CA THR N 228 -24.44 -8.62 72.96
C THR N 228 -25.74 -7.96 72.53
MN MN O . -42.05 0.34 -39.85
MN MN P . -39.29 -1.81 -39.57
MN MN Q . -7.86 16.92 -31.81
MN MN R . -10.85 15.14 -31.45
MN MN S . -9.01 -18.52 -47.74
MN MN T . -8.82 -15.95 -45.37
MN MN U . 50.31 7.38 26.96
MN MN V . 47.74 9.71 26.56
MN MN W . 34.24 9.64 -8.32
MN MN X . 34.71 8.91 -4.93
MN MN Y . 30.83 39.33 16.55
MN MN Z . 30.12 36.41 14.75
#